data_7VF9
#
_entry.id   7VF9
#
_cell.length_a   1.00
_cell.length_b   1.00
_cell.length_c   1.00
_cell.angle_alpha   90.00
_cell.angle_beta   90.00
_cell.angle_gamma   90.00
#
_symmetry.space_group_name_H-M   'P 1'
#
loop_
_entity.id
_entity.type
_entity.pdbx_description
1 polymer 'DNA-directed RNA polymerase subunit alpha'
2 polymer 'DNA-directed RNA polymerase subunit beta'
3 polymer "DNA-directed RNA polymerase subunit beta'"
4 polymer 'DNA-directed RNA polymerase subunit omega'
5 polymer 'RNA polymerase sigma factor RpoS'
6 non-polymer 'ZINC ION'
7 non-polymer 'MAGNESIUM ION'
#
loop_
_entity_poly.entity_id
_entity_poly.type
_entity_poly.pdbx_seq_one_letter_code
_entity_poly.pdbx_strand_id
1 'polypeptide(L)'
;MGHHHHHHHHHHMQSSVNEFLTPRHIDVQVVSQTRAKITLEPLERGFGHTLGNALRRILLSSMPGCAVVEAEIDGVLHEY
SAIEGVQEDVIEILLNLKGLAIKLHGRDEVTLTLAKKGSGVVTAADIQLDHDVEIINGDHVIANLADNGALNMKLKVARG
RGYEPADARQSDEDESRSIGRLQLDASFSPVRRVSYVVENARVEQRTNLDKLVLDLETNGTLDPEEAIRRAATILQQQLA
AFVDLKGDSEPVVEEQEDEIDPILLRPVDDLELTVRSANCLKAENIYYIGDLIQRTEVELLKTPNLGKKSLTEIKDVLAS
RGLSLGMRLDNWPPASLKKDDKATA
;
A,B
2 'polypeptide(L)'
;MGMAYSYTEKKRIRKDFSKLPDVMDVPYLLAIQLDSYREFLQAGATKEQFRDVGLHAAFKSVFPIISYSGNAALEYVGYR
LGEPAFDVKECVLRGVTFAVPLRVKVRLIIFDRESSNKAIKDIKEQEVYMGEIPLMTENGTFIINGTERVIVSQLHRSPG
VFFDHDRGKTHSSGKLLYSARIIPYRGSWLDFEFDPKDCVFVRIDRRRKLPASVLLRALGYSTEEILNAFYATNVFHIKG
ETLNLELVPQRLRGEVASIDIKDGSGKVIVEQGRRITARHINQLEKAGVSQLEVPFDYLIGRTIAKAIVHPATGEIIAEC
NTELTLDLLAKVAKAQVVRIETLYTNDIDCGPFISDTLKIDNTSNQLEALVEIYRMMRPGEPPTKEAAETLFGNLFFSAE
RYDLSAVGRMKFNRRIGRTEIEGPGVLSKEDIIDVLKTLVDIRNGKGIVDDIDHLGNRRVRCVGEMAENQFRVGLVRVER
AVKERLSMAESEGLMPQDLINAKPVAAAIKEFFGSSQLSQFMDQNNPLSEITHKRRVSALGPGGLTRERAGFEVRDVHPT
HYGRVCPIETPEGPNIGLINSLATYARTNKYGFLESPYRVVKDSLVTDEIVFLSAIEEADHVIAQASATLNEKGQLVDEL
VAVRHLNEFTVKAPEDVTLMDVSPKQVVSVAASLIPFLEHDDANRALMGSNMQRQAVPTLRADKPLVGTGMERNVARDSG
VCVVARRGGVIDSVDASRVVVRVADDEVETGEAGVDIYNLTKYTRSNQNTCINQRPLVSKGDVVARGDILADGPSTDMGE
LALGQNMRVAFMPWNGFNFEDSICLSERVVQEDRFTTIHIQELTCVARDTKLGPEEITADIPNVGEAALNKLDEAGIVYV
GAEVQAGDILVGKVTPKGETQLTPEEKLLRAIFGEKASDVKDTSLRVPTGTKGTVIDVQVFTRDGVERDSRALSIEKMQL
DQIRKDLNEEFRIVEGATFERLRAALVGAKAEGGPALKKGTEITDDYLDGLERGQWFKLRMADDALNEQLEKAQAYISDR
RQLLDDKFEDKKRKLQQGDDLAPGVLKIVKVYLAIKRRIQPGDKMAGRHGNKGVVSVIMPVEDMPHDANGTPVDIVLNPL
GVPSRMNVGQILETHLGLAAKGLGEKINRMLEEQRKVAELRKFLHEIYNEIGGREENLDELGDNEILALAKNLRGGVPMA
TPVFDGAKEREIKAMLKLADLPESGQMRLFDGRTGNQFERPTTVGYMYMLKLNHLVDDKMHARSTGSYSLVTQQPLGGKA
QFGGQRFGEMEVWALEAYGAAYTLQEMLTVKSDDVNGRTKMYKNIVDGDHRMEAGMPESFNVLIKEIRSLGIDIELETE
;
C
3 'polypeptide(L)'
;MLKDLLNLLKNQGQIEEFDAIRIGLASPEMIRSWSFGEVKKPETINYRTFKPERDGLFCAKIFGPVKDYECLCGKYKRLK
HRGVICEKCGVEVALAKVRRERMGHIELASPVAHIWFLKSLPSRIGLLLDMTLRDIERVLYFESYVVIDPGMTTLEKGQL
LNDEQYFEALEEFGDDFDARMGAEAVHELLNAIDLEHEIGRLREEIPQTNSETKIKKLSKRLKLMEAFQGSGNKPEWMVL
TVLPVLPPDLRPLVPLDGGRFATSDLNDLYRRVINRNNRLKRLLDLAAPDIIVRNEKRMLQEAVDALLDNGRRGRAITGS
NKRPLKSLADMIKGKQGRFRQNLLGKRVDYSGRSVITVGPTLRLHQCGLPKKMALELFKPFIFGKLEGRGMATTIKAAKK
MVERELPEVWDVLAEVIREHPVLLNRAPTLHRLGIQAFEPVLIEGKAIQLHPLVCAAYNADFDGDQMAVHVPLTLEAQLE
ARALMMSTNNILSPANGEPIIVPSQDVVMGLYYMTREAINAKGEGMAFADLQEVDRAYRSGQASLHARVKVRINEKIKGE
DGQLTANTRIVDTTVGRALLFQVVPAGLPFDVVNQSMKKKAISKLINHCYRVVGLKDTVIFADQLMYTGFAYSTISGVSI
GVNDFVIPDEKARIINAATDEVKEIESQYASGLVTQGEKYNKVIDLWSKANDEVSKAMMANLSKEKVVDREGKEVDQESF
NSMYMMADSGARGSAAQIRQLAGMRGLMAKPDGSIIETPITANFREGLNVLQYFISTHGARKGLADTALKTANSGYLTRR
LVDVAQDLVVTEIDCGTEHGLLMSPHIEGGDVVEPLGERVLGRVIARDVFKPGSDEVIVPAGTLIDEKWVDFLEVMSVDE
VVVRSPITCETRHGICAMCYGRDLARGHRVNIGEAVGVIAAQSIGEPGTQLTMRTFHIGGAASRTSAADNVQVKNGGTIR
LHNLKHVVRADGALVAVSRSGELAVADDFGRERERYKLPYGAVISVKEGDKVDPGAIVAKWDPHTHPIVTEVDGTVAFVG
MEEGITVKRQTDELTGLTNIEVMDPKDRPAAGKDIRPAVKLIDAAGKDLLLPGTDVPAQYFLPANALVNLTDGAKVSIGD
VVARIPQETSKTRDITGGLPRVADLFEARRPKEPSILAEISGTISFGKETKGKRRLVITPNDGSDPYEELIPKWRHLNVF
EGEQVNRGEVISDGPSNPHDILRLLGVSSLAKYIVNEIQDVYRLQGVKINDKHIETILRQMLRKVEVSESGDSSFIKGDQ
VELTQVLEENEQLGTEDKFPAKYERVLLGITKASLSTESFISAASFQETTRVLTEAAVTGKRDFLRGLKENVVVGRLIPA
GTGLAYHSERKRQRDLGKPQRVSASEAEAALTEALNSSGNGSGSWSHPQFEK
;
D
4 'polypeptide(L)'
;MARVTVEDCLDNVDNRFELVMLATKRARQLATGGKEPKVAWENDKPTVVALREIASGLVDENVVQQEDIVEDEPLFAAFD
DEANTEAL
;
E
5 'polypeptide(L)'
;GAMGMALKKEGPEFDHDDEVLLLEPGIMLDESSADEQPSPRATPKATTSFSSKQHKHIDYTRALDATQLYLNEIGFSPLL
TPEEEVHFARLAQKGDPAGRKRMIESNLRLVVKIARRYVNRGLSLLDLIEEGNLGLIRAVEKFDPERGFRFSTYATWWIR
QTIERAIMNQTRTIRLPIHVVKELNVYLRAARELTHKLDHEPSPEEIANLLEKPVAEVKRMLGLNERVTSVDVSLGPDSD
KTLLDTLTDDRPTDPCELLQDDDLSESIDQWLTELTDKQREVVIRRFGLRGHESSTLEEVGQEIGLTRERVRQIQVEALK
RLREILEKNGLSSDALFQ
;
F
#
# COMPACT_ATOMS: atom_id res chain seq x y z
N PHE A 20 -25.22 39.10 -51.41
CA PHE A 20 -25.27 37.65 -51.22
C PHE A 20 -25.12 36.93 -52.56
N LEU A 21 -23.88 36.59 -52.91
CA LEU A 21 -23.57 35.91 -54.16
C LEU A 21 -23.08 34.49 -53.84
N THR A 22 -23.68 33.51 -54.51
CA THR A 22 -23.32 32.11 -54.30
C THR A 22 -22.57 31.56 -55.51
N PRO A 23 -21.53 30.76 -55.29
CA PRO A 23 -20.77 30.19 -56.42
C PRO A 23 -21.58 29.10 -57.12
N ARG A 24 -21.84 29.31 -58.41
CA ARG A 24 -22.55 28.31 -59.20
C ARG A 24 -21.62 27.25 -59.78
N HIS A 25 -20.36 27.59 -60.02
CA HIS A 25 -19.36 26.66 -60.52
C HIS A 25 -18.20 26.60 -59.55
N ILE A 26 -17.75 25.37 -59.24
CA ILE A 26 -16.65 25.15 -58.31
C ILE A 26 -15.41 24.81 -59.11
N ASP A 27 -14.33 25.55 -58.89
CA ASP A 27 -13.08 25.30 -59.58
C ASP A 27 -12.30 24.20 -58.87
N VAL A 28 -11.86 23.21 -59.63
CA VAL A 28 -11.11 22.07 -59.11
C VAL A 28 -9.77 22.00 -59.82
N GLN A 29 -8.69 22.05 -59.05
CA GLN A 29 -7.34 21.97 -59.58
C GLN A 29 -6.68 20.69 -59.07
N VAL A 30 -6.04 19.96 -59.98
CA VAL A 30 -5.39 18.69 -59.68
C VAL A 30 -3.88 18.89 -59.77
N VAL A 31 -3.19 18.66 -58.65
CA VAL A 31 -1.73 18.76 -58.63
C VAL A 31 -1.06 17.39 -58.64
N SER A 32 -1.75 16.35 -58.19
CA SER A 32 -1.20 15.00 -58.20
C SER A 32 -2.36 14.02 -58.21
N GLN A 33 -2.04 12.72 -58.20
CA GLN A 33 -3.07 11.70 -58.20
C GLN A 33 -3.85 11.66 -56.89
N THR A 34 -3.28 12.18 -55.80
CA THR A 34 -3.93 12.19 -54.50
C THR A 34 -4.25 13.58 -54.01
N ARG A 35 -3.27 14.49 -54.04
CA ARG A 35 -3.48 15.85 -53.55
C ARG A 35 -4.25 16.68 -54.58
N ALA A 36 -5.13 17.54 -54.10
CA ALA A 36 -5.91 18.41 -54.96
C ALA A 36 -6.34 19.64 -54.17
N LYS A 37 -6.56 20.73 -54.89
CA LYS A 37 -6.96 22.00 -54.30
C LYS A 37 -8.32 22.43 -54.87
N ILE A 38 -9.18 22.92 -53.99
CA ILE A 38 -10.51 23.39 -54.37
C ILE A 38 -10.63 24.84 -53.96
N THR A 39 -11.01 25.70 -54.90
CA THR A 39 -11.13 27.14 -54.67
C THR A 39 -12.57 27.57 -54.87
N LEU A 40 -13.01 28.50 -54.03
CA LEU A 40 -14.37 29.08 -54.11
C LEU A 40 -14.22 30.59 -54.00
N GLU A 41 -14.22 31.29 -55.14
CA GLU A 41 -13.96 32.71 -55.17
C GLU A 41 -15.16 33.54 -54.67
N PRO A 42 -16.36 33.42 -55.27
CA PRO A 42 -17.43 34.35 -54.84
C PRO A 42 -18.12 33.95 -53.53
N LEU A 43 -17.48 34.31 -52.42
CA LEU A 43 -18.02 34.06 -51.09
C LEU A 43 -17.91 35.32 -50.24
N GLU A 44 -18.85 35.45 -49.30
CA GLU A 44 -18.85 36.61 -48.42
C GLU A 44 -17.75 36.49 -47.38
N ARG A 45 -17.55 37.59 -46.62
CA ARG A 45 -16.52 37.61 -45.61
C ARG A 45 -16.96 36.86 -44.34
N GLY A 46 -18.23 36.96 -43.99
CA GLY A 46 -18.73 36.28 -42.80
C GLY A 46 -18.87 34.79 -43.00
N PHE A 47 -19.18 34.35 -44.22
CA PHE A 47 -19.35 32.93 -44.51
C PHE A 47 -18.09 32.29 -45.09
N GLY A 48 -17.05 33.07 -45.37
CA GLY A 48 -15.82 32.50 -45.87
C GLY A 48 -15.10 31.64 -44.85
N HIS A 49 -15.20 31.99 -43.57
CA HIS A 49 -14.59 31.21 -42.51
C HIS A 49 -15.52 30.16 -41.93
N THR A 50 -16.83 30.34 -42.02
CA THR A 50 -17.78 29.37 -41.49
C THR A 50 -17.89 28.16 -42.42
N LEU A 51 -18.01 28.40 -43.73
CA LEU A 51 -18.11 27.30 -44.68
C LEU A 51 -16.81 26.51 -44.76
N GLY A 52 -15.68 27.15 -44.47
CA GLY A 52 -14.41 26.43 -44.50
C GLY A 52 -14.26 25.48 -43.33
N ASN A 53 -14.75 25.87 -42.15
CA ASN A 53 -14.68 25.00 -40.98
C ASN A 53 -15.77 23.95 -40.98
N ALA A 54 -16.92 24.24 -41.60
CA ALA A 54 -18.01 23.27 -41.64
C ALA A 54 -17.71 22.14 -42.60
N LEU A 55 -17.09 22.45 -43.74
CA LEU A 55 -16.77 21.43 -44.73
C LEU A 55 -15.59 20.56 -44.32
N ARG A 56 -14.81 20.99 -43.32
CA ARG A 56 -13.66 20.19 -42.89
C ARG A 56 -14.09 19.01 -42.03
N ARG A 57 -15.06 19.22 -41.13
CA ARG A 57 -15.48 18.15 -40.24
C ARG A 57 -16.34 17.12 -40.97
N ILE A 58 -17.07 17.55 -42.00
CA ILE A 58 -17.90 16.61 -42.75
C ILE A 58 -17.06 15.75 -43.67
N LEU A 59 -16.03 16.34 -44.30
CA LEU A 59 -15.17 15.61 -45.21
C LEU A 59 -14.25 14.62 -44.52
N LEU A 60 -14.20 14.63 -43.18
CA LEU A 60 -13.34 13.72 -42.44
C LEU A 60 -14.09 12.59 -41.77
N SER A 61 -15.31 12.83 -41.29
CA SER A 61 -16.04 11.80 -40.57
C SER A 61 -16.76 10.84 -41.52
N SER A 62 -17.66 11.37 -42.33
CA SER A 62 -18.53 10.57 -43.19
C SER A 62 -18.15 10.80 -44.64
N MET A 63 -17.51 9.80 -45.26
CA MET A 63 -17.13 9.84 -46.66
C MET A 63 -17.21 8.41 -47.20
N PRO A 64 -17.84 8.21 -48.36
CA PRO A 64 -17.92 6.85 -48.90
C PRO A 64 -16.56 6.33 -49.31
N GLY A 65 -16.31 5.07 -48.98
CA GLY A 65 -15.04 4.44 -49.30
C GLY A 65 -15.17 2.93 -49.34
N CYS A 66 -14.07 2.27 -49.65
CA CYS A 66 -14.04 0.83 -49.73
C CYS A 66 -12.69 0.32 -49.24
N ALA A 67 -12.70 -0.82 -48.56
CA ALA A 67 -11.48 -1.42 -48.03
C ALA A 67 -11.73 -2.91 -47.82
N VAL A 68 -10.64 -3.64 -47.62
CA VAL A 68 -10.72 -5.07 -47.38
C VAL A 68 -11.33 -5.34 -46.02
N VAL A 69 -12.34 -6.19 -45.96
CA VAL A 69 -13.06 -6.51 -44.73
C VAL A 69 -12.75 -7.93 -44.26
N GLU A 70 -12.97 -8.92 -45.13
CA GLU A 70 -12.78 -10.32 -44.77
C GLU A 70 -11.81 -10.98 -45.75
N ALA A 71 -10.90 -11.79 -45.22
CA ALA A 71 -9.95 -12.54 -46.02
C ALA A 71 -9.93 -13.98 -45.54
N GLU A 72 -9.74 -14.91 -46.49
CA GLU A 72 -9.73 -16.34 -46.20
C GLU A 72 -8.54 -16.98 -46.88
N ILE A 73 -7.64 -17.54 -46.09
CA ILE A 73 -6.46 -18.24 -46.59
C ILE A 73 -6.62 -19.72 -46.28
N ASP A 74 -6.44 -20.56 -47.29
CA ASP A 74 -6.62 -22.01 -47.12
C ASP A 74 -5.44 -22.68 -46.44
N GLY A 75 -4.30 -22.00 -46.36
CA GLY A 75 -3.11 -22.59 -45.77
C GLY A 75 -3.11 -22.59 -44.25
N VAL A 76 -3.64 -21.52 -43.66
CA VAL A 76 -3.65 -21.35 -42.21
C VAL A 76 -5.09 -21.48 -41.70
N LEU A 77 -5.22 -21.93 -40.46
CA LEU A 77 -6.52 -22.06 -39.82
C LEU A 77 -6.92 -20.80 -39.04
N HIS A 78 -5.94 -20.11 -38.46
CA HIS A 78 -6.18 -18.87 -37.74
C HIS A 78 -5.13 -17.84 -38.15
N GLU A 79 -5.34 -16.59 -37.72
CA GLU A 79 -4.46 -15.50 -38.11
C GLU A 79 -3.14 -15.53 -37.36
N TYR A 80 -3.06 -16.21 -36.21
CA TYR A 80 -1.82 -16.24 -35.45
C TYR A 80 -0.83 -17.28 -35.96
N SER A 81 -1.25 -18.14 -36.88
CA SER A 81 -0.36 -19.16 -37.41
C SER A 81 0.58 -18.55 -38.45
N ALA A 82 1.41 -19.41 -39.04
CA ALA A 82 2.35 -19.02 -40.07
C ALA A 82 2.20 -19.93 -41.28
N ILE A 83 2.82 -19.53 -42.38
CA ILE A 83 2.79 -20.28 -43.63
C ILE A 83 4.18 -20.81 -43.93
N GLU A 84 4.25 -22.06 -44.38
CA GLU A 84 5.53 -22.67 -44.71
C GLU A 84 5.95 -22.23 -46.11
N GLY A 85 6.98 -21.39 -46.19
CA GLY A 85 7.48 -20.88 -47.46
C GLY A 85 7.38 -19.39 -47.63
N VAL A 86 6.93 -18.64 -46.64
CA VAL A 86 6.82 -17.18 -46.74
C VAL A 86 7.86 -16.55 -45.82
N GLN A 87 8.17 -15.29 -46.11
CA GLN A 87 9.17 -14.56 -45.34
C GLN A 87 8.55 -13.83 -44.14
N GLU A 88 7.42 -13.17 -44.35
CA GLU A 88 6.75 -12.42 -43.30
C GLU A 88 5.60 -13.24 -42.72
N ASP A 89 5.15 -12.82 -41.54
CA ASP A 89 4.09 -13.53 -40.83
C ASP A 89 2.74 -13.23 -41.46
N VAL A 90 1.73 -13.98 -41.02
CA VAL A 90 0.37 -13.79 -41.54
C VAL A 90 -0.21 -12.48 -41.02
N ILE A 91 0.12 -12.11 -39.78
CA ILE A 91 -0.39 -10.87 -39.21
C ILE A 91 0.14 -9.67 -39.98
N GLU A 92 1.39 -9.75 -40.46
CA GLU A 92 1.94 -8.65 -41.25
C GLU A 92 1.29 -8.57 -42.62
N ILE A 93 0.82 -9.69 -43.15
CA ILE A 93 0.13 -9.67 -44.44
C ILE A 93 -1.24 -9.01 -44.28
N LEU A 94 -1.92 -9.28 -43.17
CA LEU A 94 -3.22 -8.65 -42.93
C LEU A 94 -3.10 -7.15 -42.72
N LEU A 95 -1.95 -6.69 -42.23
CA LEU A 95 -1.74 -5.25 -42.05
C LEU A 95 -1.42 -4.55 -43.37
N ASN A 96 -0.78 -5.26 -44.31
CA ASN A 96 -0.48 -4.66 -45.60
C ASN A 96 -1.72 -4.56 -46.49
N LEU A 97 -2.70 -5.44 -46.31
CA LEU A 97 -3.92 -5.39 -47.09
C LEU A 97 -4.83 -4.24 -46.67
N LYS A 98 -4.58 -3.61 -45.52
CA LYS A 98 -5.44 -2.52 -45.08
C LYS A 98 -5.18 -1.24 -45.87
N GLY A 99 -3.97 -1.10 -46.43
CA GLY A 99 -3.62 0.10 -47.16
C GLY A 99 -3.98 0.04 -48.63
N LEU A 100 -4.85 -0.89 -49.00
CA LEU A 100 -5.27 -1.02 -50.40
C LEU A 100 -6.39 -0.05 -50.70
N ALA A 101 -6.23 0.70 -51.79
CA ALA A 101 -7.22 1.68 -52.25
C ALA A 101 -7.97 1.07 -53.42
N ILE A 102 -9.19 0.59 -53.16
CA ILE A 102 -10.01 -0.07 -54.16
C ILE A 102 -11.20 0.82 -54.48
N LYS A 103 -11.43 1.07 -55.76
CA LYS A 103 -12.53 1.89 -56.24
C LYS A 103 -13.56 0.99 -56.91
N LEU A 104 -14.80 1.06 -56.45
CA LEU A 104 -15.89 0.26 -56.99
C LEU A 104 -16.87 1.15 -57.75
N HIS A 105 -17.16 0.78 -58.99
CA HIS A 105 -18.08 1.53 -59.83
C HIS A 105 -19.50 0.99 -59.81
N GLY A 106 -19.67 -0.32 -59.80
CA GLY A 106 -20.99 -0.92 -59.82
C GLY A 106 -21.44 -1.44 -58.48
N ARG A 107 -21.38 -2.76 -58.30
CA ARG A 107 -21.84 -3.36 -57.05
C ARG A 107 -20.88 -3.04 -55.91
N ASP A 108 -21.39 -3.21 -54.69
CA ASP A 108 -20.61 -2.90 -53.49
C ASP A 108 -19.88 -4.12 -52.94
N GLU A 109 -20.38 -5.32 -53.18
CA GLU A 109 -19.79 -6.55 -52.68
C GLU A 109 -19.17 -7.31 -53.86
N VAL A 110 -17.85 -7.44 -53.84
CA VAL A 110 -17.12 -8.16 -54.88
C VAL A 110 -16.00 -8.96 -54.22
N THR A 111 -15.79 -10.18 -54.70
CA THR A 111 -14.77 -11.07 -54.17
C THR A 111 -13.60 -11.15 -55.14
N LEU A 112 -12.39 -10.93 -54.64
CA LEU A 112 -11.18 -10.98 -55.43
C LEU A 112 -10.41 -12.26 -55.13
N THR A 113 -9.63 -12.72 -56.10
CA THR A 113 -8.83 -13.92 -55.97
C THR A 113 -7.35 -13.61 -56.21
N LEU A 114 -6.49 -14.31 -55.47
CA LEU A 114 -5.05 -14.13 -55.58
C LEU A 114 -4.37 -15.49 -55.68
N ALA A 115 -3.39 -15.59 -56.57
CA ALA A 115 -2.64 -16.82 -56.74
C ALA A 115 -1.24 -16.48 -57.23
N LYS A 116 -0.24 -17.02 -56.55
CA LYS A 116 1.15 -16.78 -56.90
C LYS A 116 2.01 -17.93 -56.38
N LYS A 117 2.82 -18.51 -57.26
CA LYS A 117 3.70 -19.61 -56.90
C LYS A 117 5.10 -19.33 -57.45
N GLY A 118 6.11 -19.52 -56.62
CA GLY A 118 7.49 -19.30 -57.00
C GLY A 118 8.07 -18.08 -56.31
N SER A 119 9.35 -17.85 -56.57
CA SER A 119 10.05 -16.72 -55.98
C SER A 119 9.62 -15.42 -56.64
N GLY A 120 9.48 -14.39 -55.83
CA GLY A 120 9.08 -13.08 -56.33
C GLY A 120 8.45 -12.26 -55.23
N VAL A 121 7.95 -11.09 -55.64
CA VAL A 121 7.30 -10.15 -54.75
C VAL A 121 5.86 -10.01 -55.21
N VAL A 122 4.92 -10.34 -54.32
CA VAL A 122 3.49 -10.24 -54.63
C VAL A 122 3.06 -8.78 -54.47
N THR A 123 2.72 -8.14 -55.58
CA THR A 123 2.30 -6.75 -55.58
C THR A 123 0.78 -6.67 -55.69
N ALA A 124 0.27 -5.44 -55.80
CA ALA A 124 -1.16 -5.23 -55.92
C ALA A 124 -1.69 -5.56 -57.31
N ALA A 125 -0.82 -5.62 -58.32
CA ALA A 125 -1.25 -5.93 -59.67
C ALA A 125 -1.41 -7.43 -59.91
N ASP A 126 -1.00 -8.28 -58.97
CA ASP A 126 -1.13 -9.72 -59.14
C ASP A 126 -2.56 -10.19 -58.97
N ILE A 127 -3.43 -9.39 -58.34
CA ILE A 127 -4.82 -9.76 -58.16
C ILE A 127 -5.54 -9.71 -59.50
N GLN A 128 -6.39 -10.70 -59.75
CA GLN A 128 -7.16 -10.74 -61.00
C GLN A 128 -8.13 -9.58 -61.03
N LEU A 129 -7.92 -8.66 -61.99
CA LEU A 129 -8.75 -7.48 -62.09
C LEU A 129 -10.10 -7.83 -62.72
N ASP A 130 -11.10 -6.99 -62.41
CA ASP A 130 -12.45 -7.18 -62.93
C ASP A 130 -12.94 -5.91 -63.61
N HIS A 131 -14.21 -5.89 -64.03
CA HIS A 131 -14.77 -4.73 -64.70
C HIS A 131 -15.21 -3.66 -63.70
N ASP A 132 -15.56 -4.05 -62.47
CA ASP A 132 -16.07 -3.12 -61.48
C ASP A 132 -15.04 -2.73 -60.43
N VAL A 133 -13.83 -3.29 -60.50
CA VAL A 133 -12.78 -2.98 -59.53
C VAL A 133 -11.62 -2.33 -60.27
N GLU A 134 -10.89 -1.49 -59.55
CA GLU A 134 -9.71 -0.82 -60.12
C GLU A 134 -8.81 -0.41 -58.96
N ILE A 135 -7.68 -1.09 -58.81
CA ILE A 135 -6.72 -0.76 -57.76
C ILE A 135 -5.90 0.44 -58.20
N ILE A 136 -5.80 1.44 -57.32
CA ILE A 136 -5.10 2.68 -57.67
C ILE A 136 -3.60 2.45 -57.72
N ASN A 137 -3.02 2.04 -56.60
CA ASN A 137 -1.57 1.87 -56.49
C ASN A 137 -1.20 0.40 -56.68
N GLY A 138 -0.12 0.16 -57.42
CA GLY A 138 0.36 -1.19 -57.67
C GLY A 138 1.75 -1.42 -57.13
N ASP A 139 2.32 -0.42 -56.47
CA ASP A 139 3.65 -0.51 -55.90
C ASP A 139 3.64 -1.00 -54.45
N HIS A 140 2.47 -1.27 -53.89
CA HIS A 140 2.40 -1.71 -52.51
C HIS A 140 2.85 -3.16 -52.40
N VAL A 141 3.77 -3.43 -51.47
CA VAL A 141 4.31 -4.76 -51.25
C VAL A 141 3.44 -5.47 -50.23
N ILE A 142 2.96 -6.67 -50.58
CA ILE A 142 2.12 -7.45 -49.68
C ILE A 142 3.00 -8.40 -48.86
N ALA A 143 3.74 -9.27 -49.55
CA ALA A 143 4.62 -10.20 -48.88
C ALA A 143 5.70 -10.65 -49.86
N ASN A 144 6.77 -11.21 -49.31
CA ASN A 144 7.89 -11.71 -50.09
C ASN A 144 7.88 -13.23 -50.03
N LEU A 145 7.79 -13.87 -51.20
CA LEU A 145 7.72 -15.32 -51.28
C LEU A 145 9.10 -15.91 -51.53
N ALA A 146 9.18 -17.24 -51.45
CA ALA A 146 10.39 -17.99 -51.69
C ALA A 146 10.16 -18.98 -52.82
N ASP A 147 11.15 -19.85 -53.06
CA ASP A 147 11.03 -20.84 -54.12
C ASP A 147 9.96 -21.88 -53.78
N ASN A 148 9.93 -22.35 -52.54
CA ASN A 148 8.96 -23.34 -52.10
C ASN A 148 7.66 -22.72 -51.61
N GLY A 149 7.57 -21.39 -51.56
CA GLY A 149 6.37 -20.74 -51.05
C GLY A 149 5.29 -20.64 -52.12
N ALA A 150 4.05 -20.84 -51.69
CA ALA A 150 2.91 -20.76 -52.60
C ALA A 150 1.67 -20.48 -51.77
N LEU A 151 0.96 -19.38 -52.07
CA LEU A 151 -0.22 -18.99 -51.33
C LEU A 151 -1.39 -18.82 -52.29
N ASN A 152 -2.59 -19.13 -51.79
CA ASN A 152 -3.83 -18.98 -52.55
C ASN A 152 -4.92 -18.55 -51.58
N MET A 153 -5.40 -17.32 -51.74
CA MET A 153 -6.40 -16.76 -50.84
C MET A 153 -7.43 -15.97 -51.64
N LYS A 154 -8.57 -15.71 -51.02
CA LYS A 154 -9.66 -14.95 -51.62
C LYS A 154 -9.91 -13.71 -50.77
N LEU A 155 -9.98 -12.55 -51.43
CA LEU A 155 -10.18 -11.28 -50.76
C LEU A 155 -11.62 -10.80 -50.96
N LYS A 156 -12.28 -10.45 -49.87
CA LYS A 156 -13.65 -9.94 -49.90
C LYS A 156 -13.67 -8.52 -49.35
N VAL A 157 -14.20 -7.59 -50.14
CA VAL A 157 -14.27 -6.19 -49.75
C VAL A 157 -15.74 -5.79 -49.63
N ALA A 158 -15.97 -4.61 -49.06
CA ALA A 158 -17.31 -4.09 -48.87
C ALA A 158 -17.26 -2.57 -48.91
N ARG A 159 -18.44 -1.97 -49.05
CA ARG A 159 -18.58 -0.52 -49.06
C ARG A 159 -19.12 -0.05 -47.71
N GLY A 160 -18.33 0.77 -47.02
CA GLY A 160 -18.70 1.28 -45.72
C GLY A 160 -18.62 2.79 -45.67
N ARG A 161 -18.94 3.32 -44.48
CA ARG A 161 -18.96 4.76 -44.24
C ARG A 161 -17.88 5.21 -43.27
N GLY A 162 -17.81 4.60 -42.08
CA GLY A 162 -16.83 5.00 -41.10
C GLY A 162 -16.03 3.84 -40.54
N TYR A 163 -15.48 4.02 -39.34
CA TYR A 163 -14.69 2.96 -38.71
C TYR A 163 -15.61 1.83 -38.26
N GLU A 164 -15.28 0.61 -38.68
CA GLU A 164 -16.05 -0.58 -38.33
C GLU A 164 -15.10 -1.65 -37.81
N PRO A 165 -15.05 -1.90 -36.51
CA PRO A 165 -14.15 -2.93 -35.98
C PRO A 165 -14.65 -4.34 -36.25
N ALA A 166 -13.89 -5.35 -35.82
CA ALA A 166 -14.28 -6.73 -36.05
C ALA A 166 -15.38 -7.20 -35.10
N ASP A 167 -15.61 -6.49 -33.99
CA ASP A 167 -16.65 -6.89 -33.05
C ASP A 167 -18.03 -6.53 -33.55
N ALA A 168 -18.17 -5.37 -34.19
CA ALA A 168 -19.48 -4.95 -34.69
C ALA A 168 -19.87 -5.68 -35.96
N ARG A 169 -18.90 -6.11 -36.76
CA ARG A 169 -19.18 -6.81 -38.00
C ARG A 169 -19.69 -8.23 -37.73
N SER A 178 -17.60 -21.02 -39.15
CA SER A 178 -16.68 -22.04 -39.65
C SER A 178 -15.25 -21.75 -39.21
N ILE A 179 -14.29 -22.44 -39.84
CA ILE A 179 -12.88 -22.27 -39.54
C ILE A 179 -12.16 -21.86 -40.82
N GLY A 180 -11.04 -21.15 -40.65
CA GLY A 180 -10.26 -20.69 -41.76
C GLY A 180 -10.58 -19.28 -42.24
N ARG A 181 -11.50 -18.59 -41.58
CA ARG A 181 -11.86 -17.22 -41.94
C ARG A 181 -11.17 -16.22 -41.02
N LEU A 182 -10.81 -15.08 -41.58
CA LEU A 182 -10.11 -14.03 -40.85
C LEU A 182 -10.90 -12.73 -40.97
N GLN A 183 -11.17 -12.09 -39.83
CA GLN A 183 -11.86 -10.82 -39.79
C GLN A 183 -10.86 -9.70 -39.58
N LEU A 184 -10.94 -8.67 -40.41
CA LEU A 184 -10.03 -7.54 -40.37
C LEU A 184 -10.74 -6.28 -39.94
N ASP A 185 -10.00 -5.40 -39.26
CA ASP A 185 -10.53 -4.11 -38.84
C ASP A 185 -10.50 -3.16 -40.03
N ALA A 186 -11.63 -3.04 -40.72
CA ALA A 186 -11.71 -2.23 -41.93
C ALA A 186 -12.00 -0.78 -41.59
N SER A 187 -11.35 0.12 -42.31
CA SER A 187 -11.54 1.56 -42.15
C SER A 187 -11.86 2.15 -43.52
N PHE A 188 -13.12 2.58 -43.70
CA PHE A 188 -13.60 3.07 -44.98
C PHE A 188 -13.45 4.58 -45.13
N SER A 189 -12.49 5.19 -44.44
CA SER A 189 -12.26 6.62 -44.54
C SER A 189 -11.22 6.89 -45.62
N PRO A 190 -11.60 7.46 -46.77
CA PRO A 190 -10.63 7.70 -47.85
C PRO A 190 -9.89 9.03 -47.76
N VAL A 191 -10.02 9.77 -46.67
CA VAL A 191 -9.37 11.06 -46.50
C VAL A 191 -8.25 10.95 -45.47
N ARG A 192 -7.19 11.72 -45.68
CA ARG A 192 -6.06 11.74 -44.77
C ARG A 192 -5.84 13.10 -44.12
N ARG A 193 -5.78 14.16 -44.92
CA ARG A 193 -5.48 15.49 -44.39
C ARG A 193 -6.27 16.53 -45.19
N VAL A 194 -6.98 17.40 -44.48
CA VAL A 194 -7.78 18.46 -45.10
C VAL A 194 -7.40 19.78 -44.46
N SER A 195 -7.25 20.82 -45.29
CA SER A 195 -6.90 22.15 -44.81
C SER A 195 -7.58 23.19 -45.67
N TYR A 196 -7.62 24.42 -45.17
CA TYR A 196 -8.24 25.53 -45.89
C TYR A 196 -7.66 26.84 -45.40
N VAL A 197 -7.56 27.80 -46.31
CA VAL A 197 -7.06 29.13 -46.00
C VAL A 197 -8.05 30.16 -46.53
N VAL A 198 -7.86 31.41 -46.10
CA VAL A 198 -8.72 32.52 -46.48
C VAL A 198 -7.86 33.58 -47.16
N GLU A 199 -8.26 33.99 -48.36
CA GLU A 199 -7.55 35.00 -49.12
C GLU A 199 -8.56 35.96 -49.76
N ASN A 200 -8.24 37.24 -49.73
CA ASN A 200 -9.13 38.25 -50.30
C ASN A 200 -9.09 38.19 -51.82
N ALA A 201 -10.25 38.06 -52.44
CA ALA A 201 -10.38 37.99 -53.89
C ALA A 201 -11.31 39.11 -54.34
N ARG A 202 -10.76 40.08 -55.06
CA ARG A 202 -11.55 41.23 -55.50
C ARG A 202 -12.47 40.83 -56.66
N VAL A 203 -13.68 41.38 -56.65
CA VAL A 203 -14.67 41.12 -57.68
C VAL A 203 -15.19 42.43 -58.28
N GLU A 204 -14.45 43.52 -58.08
CA GLU A 204 -14.79 44.86 -58.55
C GLU A 204 -16.08 45.39 -57.93
N GLN A 205 -16.50 44.82 -56.80
CA GLN A 205 -17.67 45.30 -56.07
C GLN A 205 -17.31 45.84 -54.69
N ARG A 206 -16.57 45.06 -53.90
CA ARG A 206 -16.14 45.50 -52.57
C ARG A 206 -14.88 44.73 -52.19
N THR A 207 -14.14 45.31 -51.25
CA THR A 207 -12.90 44.70 -50.78
C THR A 207 -13.14 43.65 -49.69
N ASN A 208 -14.39 43.43 -49.28
CA ASN A 208 -14.71 42.47 -48.24
C ASN A 208 -14.85 41.04 -48.76
N LEU A 209 -15.14 40.87 -50.04
CA LEU A 209 -15.31 39.53 -50.59
C LEU A 209 -13.97 38.80 -50.65
N ASP A 210 -13.93 37.60 -50.08
CA ASP A 210 -12.73 36.79 -50.03
C ASP A 210 -13.03 35.39 -50.55
N LYS A 211 -11.98 34.73 -51.05
CA LYS A 211 -12.09 33.39 -51.61
C LYS A 211 -11.68 32.35 -50.56
N LEU A 212 -12.08 31.10 -50.80
CA LEU A 212 -11.78 29.98 -49.93
C LEU A 212 -10.98 28.97 -50.71
N VAL A 213 -9.71 28.81 -50.36
CA VAL A 213 -8.81 27.85 -50.99
C VAL A 213 -8.69 26.65 -50.06
N LEU A 214 -9.27 25.53 -50.46
CA LEU A 214 -9.29 24.31 -49.65
C LEU A 214 -8.51 23.23 -50.37
N ASP A 215 -7.48 22.71 -49.72
CA ASP A 215 -6.68 21.61 -50.26
C ASP A 215 -7.17 20.28 -49.69
N LEU A 216 -7.14 19.25 -50.52
CA LEU A 216 -7.64 17.94 -50.15
C LEU A 216 -6.59 16.88 -50.47
N GLU A 217 -6.34 15.98 -49.52
CA GLU A 217 -5.42 14.87 -49.70
C GLU A 217 -6.15 13.58 -49.39
N THR A 218 -6.36 12.75 -50.40
CA THR A 218 -7.08 11.49 -50.27
C THR A 218 -6.18 10.34 -50.68
N ASN A 219 -6.75 9.13 -50.72
CA ASN A 219 -6.02 7.94 -51.13
C ASN A 219 -6.07 7.69 -52.62
N GLY A 220 -6.88 8.44 -53.36
CA GLY A 220 -7.02 8.27 -54.79
C GLY A 220 -8.18 7.40 -55.23
N THR A 221 -8.94 6.85 -54.29
CA THR A 221 -10.08 6.00 -54.64
C THR A 221 -11.31 6.81 -55.03
N LEU A 222 -11.32 8.11 -54.79
CA LEU A 222 -12.44 8.97 -55.15
C LEU A 222 -11.91 10.23 -55.84
N ASP A 223 -12.78 10.85 -56.64
CA ASP A 223 -12.36 12.06 -57.34
C ASP A 223 -12.59 13.28 -56.45
N PRO A 224 -11.68 14.26 -56.50
CA PRO A 224 -11.85 15.46 -55.67
C PRO A 224 -12.98 16.36 -56.13
N GLU A 225 -13.43 16.25 -57.39
CA GLU A 225 -14.54 17.07 -57.86
C GLU A 225 -15.87 16.61 -57.30
N GLU A 226 -15.96 15.37 -56.82
CA GLU A 226 -17.20 14.85 -56.24
C GLU A 226 -17.19 14.84 -54.72
N ALA A 227 -16.07 15.16 -54.09
CA ALA A 227 -16.01 15.17 -52.63
C ALA A 227 -16.76 16.37 -52.06
N ILE A 228 -16.70 17.52 -52.74
CA ILE A 228 -17.42 18.70 -52.28
C ILE A 228 -18.92 18.53 -52.50
N ARG A 229 -19.30 17.87 -53.60
CA ARG A 229 -20.72 17.64 -53.86
C ARG A 229 -21.32 16.66 -52.86
N ARG A 230 -20.52 15.72 -52.35
CA ARG A 230 -21.02 14.79 -51.36
C ARG A 230 -21.21 15.46 -50.00
N ALA A 231 -20.26 16.32 -49.61
CA ALA A 231 -20.38 17.00 -48.33
C ALA A 231 -21.48 18.05 -48.34
N ALA A 232 -21.70 18.69 -49.49
CA ALA A 232 -22.78 19.69 -49.57
C ALA A 232 -24.14 19.04 -49.53
N THR A 233 -24.26 17.79 -49.98
CA THR A 233 -25.55 17.09 -49.93
C THR A 233 -25.88 16.67 -48.51
N ILE A 234 -24.87 16.29 -47.72
CA ILE A 234 -25.12 15.89 -46.34
C ILE A 234 -25.54 17.09 -45.50
N LEU A 235 -24.93 18.25 -45.75
CA LEU A 235 -25.30 19.45 -45.00
C LEU A 235 -26.68 19.98 -45.39
N GLN A 236 -27.15 19.66 -46.59
CA GLN A 236 -28.48 20.13 -47.00
C GLN A 236 -29.59 19.33 -46.32
N GLN A 237 -29.36 18.04 -46.08
CA GLN A 237 -30.38 17.21 -45.45
C GLN A 237 -30.53 17.53 -43.97
N GLN A 238 -29.44 17.92 -43.30
CA GLN A 238 -29.53 18.24 -41.87
C GLN A 238 -30.19 19.59 -41.65
N LEU A 239 -29.89 20.57 -42.50
CA LEU A 239 -30.46 21.91 -42.34
C LEU A 239 -31.91 21.97 -42.78
N ALA A 240 -32.30 21.15 -43.76
CA ALA A 240 -33.70 21.16 -44.21
C ALA A 240 -34.63 20.64 -43.13
N ALA A 241 -34.18 19.66 -42.34
CA ALA A 241 -34.99 19.11 -41.25
C ALA A 241 -34.94 19.98 -39.99
N PHE A 242 -34.24 21.11 -40.03
CA PHE A 242 -34.14 21.99 -38.87
C PHE A 242 -35.38 22.87 -38.74
N ASN B 18 -25.53 7.55 -48.60
CA ASN B 18 -25.81 6.98 -47.29
C ASN B 18 -26.96 7.71 -46.61
N GLU B 19 -27.44 7.16 -45.50
CA GLU B 19 -28.52 7.73 -44.73
C GLU B 19 -28.06 8.00 -43.31
N PHE B 20 -28.32 9.21 -42.82
CA PHE B 20 -27.93 9.63 -41.48
C PHE B 20 -29.16 9.76 -40.60
N LEU B 21 -28.91 9.95 -39.31
CA LEU B 21 -29.97 10.12 -38.32
C LEU B 21 -30.33 11.60 -38.24
N THR B 22 -31.42 11.99 -38.89
CA THR B 22 -31.88 13.37 -38.93
C THR B 22 -33.32 13.44 -38.44
N PRO B 23 -33.59 14.14 -37.33
CA PRO B 23 -34.97 14.22 -36.85
C PRO B 23 -35.81 15.16 -37.70
N ARG B 24 -37.06 14.76 -37.92
CA ARG B 24 -37.99 15.54 -38.73
C ARG B 24 -38.88 16.45 -37.90
N HIS B 25 -38.76 16.41 -36.57
CA HIS B 25 -39.56 17.25 -35.68
C HIS B 25 -38.65 17.92 -34.67
N ILE B 26 -38.90 19.21 -34.43
CA ILE B 26 -38.14 19.98 -33.46
C ILE B 26 -39.09 20.47 -32.37
N ASP B 27 -38.51 20.73 -31.20
CA ASP B 27 -39.27 21.22 -30.04
C ASP B 27 -38.68 22.54 -29.58
N VAL B 28 -39.54 23.54 -29.39
CA VAL B 28 -39.14 24.87 -28.98
C VAL B 28 -39.72 25.14 -27.60
N GLN B 29 -38.86 25.42 -26.63
CA GLN B 29 -39.27 25.75 -25.28
C GLN B 29 -39.13 27.25 -25.07
N VAL B 30 -40.23 27.91 -24.72
CA VAL B 30 -40.26 29.35 -24.55
C VAL B 30 -40.25 29.68 -23.05
N VAL B 31 -39.47 30.69 -22.68
CA VAL B 31 -39.38 31.16 -21.31
C VAL B 31 -39.89 32.59 -21.17
N SER B 32 -39.44 33.48 -22.04
CA SER B 32 -39.88 34.87 -22.05
C SER B 32 -40.25 35.26 -23.48
N GLN B 33 -40.63 36.52 -23.67
CA GLN B 33 -40.99 37.02 -24.99
C GLN B 33 -39.77 37.24 -25.89
N THR B 34 -38.59 37.44 -25.32
CA THR B 34 -37.37 37.65 -26.08
C THR B 34 -36.31 36.59 -25.81
N ARG B 35 -36.68 35.49 -25.14
CA ARG B 35 -35.73 34.44 -24.82
C ARG B 35 -36.39 33.08 -25.04
N ALA B 36 -35.71 32.21 -25.79
CA ALA B 36 -36.22 30.88 -26.08
C ALA B 36 -35.10 29.87 -25.90
N LYS B 37 -35.46 28.59 -26.01
CA LYS B 37 -34.49 27.50 -25.86
C LYS B 37 -34.97 26.32 -26.68
N ILE B 38 -34.19 25.94 -27.68
CA ILE B 38 -34.51 24.83 -28.56
C ILE B 38 -33.47 23.74 -28.38
N THR B 39 -33.81 22.53 -28.84
CA THR B 39 -32.92 21.39 -28.70
C THR B 39 -33.17 20.42 -29.86
N LEU B 40 -32.13 19.65 -30.19
CA LEU B 40 -32.20 18.63 -31.24
C LEU B 40 -31.60 17.36 -30.66
N GLU B 41 -32.48 16.42 -30.27
CA GLU B 41 -32.00 15.24 -29.55
C GLU B 41 -31.21 14.28 -30.45
N PRO B 42 -31.75 13.76 -31.55
CA PRO B 42 -30.99 12.77 -32.33
C PRO B 42 -30.04 13.45 -33.29
N LEU B 43 -28.75 13.23 -33.11
CA LEU B 43 -27.72 13.77 -33.98
C LEU B 43 -26.49 12.87 -33.95
N GLU B 44 -25.79 12.80 -35.07
CA GLU B 44 -24.59 11.99 -35.15
C GLU B 44 -23.46 12.61 -34.34
N ARG B 45 -22.43 11.81 -34.08
CA ARG B 45 -21.31 12.28 -33.26
C ARG B 45 -20.53 13.38 -33.96
N GLY B 46 -20.41 13.31 -35.28
CA GLY B 46 -19.66 14.32 -36.02
C GLY B 46 -20.53 15.44 -36.55
N PHE B 47 -21.71 15.62 -35.96
CA PHE B 47 -22.62 16.67 -36.40
C PHE B 47 -23.26 17.44 -35.24
N GLY B 48 -22.96 17.10 -33.99
CA GLY B 48 -23.57 17.82 -32.89
C GLY B 48 -22.95 19.18 -32.68
N HIS B 49 -21.62 19.25 -32.59
CA HIS B 49 -20.93 20.51 -32.40
C HIS B 49 -20.69 21.27 -33.69
N THR B 50 -20.85 20.63 -34.85
CA THR B 50 -20.63 21.31 -36.12
C THR B 50 -21.76 22.28 -36.43
N LEU B 51 -23.00 21.87 -36.21
CA LEU B 51 -24.13 22.75 -36.48
C LEU B 51 -24.22 23.88 -35.47
N GLY B 52 -23.77 23.65 -34.24
CA GLY B 52 -23.79 24.71 -33.24
C GLY B 52 -22.76 25.79 -33.51
N ASN B 53 -21.62 25.43 -34.10
CA ASN B 53 -20.60 26.43 -34.42
C ASN B 53 -20.96 27.23 -35.66
N ALA B 54 -21.68 26.63 -36.60
CA ALA B 54 -22.05 27.35 -37.82
C ALA B 54 -23.18 28.34 -37.56
N LEU B 55 -24.13 27.97 -36.70
CA LEU B 55 -25.25 28.86 -36.41
C LEU B 55 -24.83 30.03 -35.51
N ARG B 56 -23.81 29.83 -34.68
CA ARG B 56 -23.37 30.90 -33.80
C ARG B 56 -22.60 31.98 -34.56
N ARG B 57 -21.83 31.59 -35.56
CA ARG B 57 -21.06 32.56 -36.33
C ARG B 57 -21.93 33.34 -37.31
N ILE B 58 -23.06 32.76 -37.73
CA ILE B 58 -23.95 33.47 -38.65
C ILE B 58 -24.81 34.47 -37.91
N LEU B 59 -25.38 34.07 -36.76
CA LEU B 59 -26.26 34.94 -36.00
C LEU B 59 -25.54 36.09 -35.31
N LEU B 60 -24.21 36.16 -35.41
CA LEU B 60 -23.45 37.22 -34.75
C LEU B 60 -22.52 37.99 -35.68
N SER B 61 -22.39 37.60 -36.95
CA SER B 61 -21.48 38.28 -37.86
C SER B 61 -22.18 38.67 -39.16
N SER B 62 -23.20 37.91 -39.57
CA SER B 62 -23.91 38.15 -40.82
C SER B 62 -25.40 38.03 -40.55
N MET B 63 -26.04 39.17 -40.24
CA MET B 63 -27.47 39.20 -39.97
C MET B 63 -28.05 40.56 -40.36
N PRO B 64 -29.06 40.60 -41.22
CA PRO B 64 -29.62 41.88 -41.62
C PRO B 64 -30.40 42.53 -40.48
N GLY B 65 -30.14 43.81 -40.25
CA GLY B 65 -30.82 44.54 -39.20
C GLY B 65 -30.58 46.02 -39.34
N CYS B 66 -31.15 46.78 -38.40
CA CYS B 66 -31.04 48.23 -38.39
C CYS B 66 -30.72 48.71 -36.99
N ALA B 67 -29.79 49.66 -36.91
CA ALA B 67 -29.41 50.24 -35.62
C ALA B 67 -28.80 51.61 -35.87
N VAL B 68 -28.71 52.41 -34.81
CA VAL B 68 -28.16 53.75 -34.92
C VAL B 68 -26.65 53.67 -35.15
N VAL B 69 -26.12 54.65 -35.88
CA VAL B 69 -24.71 54.70 -36.24
C VAL B 69 -24.06 56.00 -35.77
N GLU B 70 -24.70 57.13 -36.03
CA GLU B 70 -24.15 58.43 -35.70
C GLU B 70 -25.20 59.27 -34.98
N ALA B 71 -24.71 60.23 -34.19
CA ALA B 71 -25.57 61.14 -33.45
C ALA B 71 -24.91 62.51 -33.40
N GLU B 72 -25.74 63.55 -33.44
CA GLU B 72 -25.28 64.94 -33.43
C GLU B 72 -26.08 65.69 -32.37
N ILE B 73 -25.55 65.73 -31.15
CA ILE B 73 -26.18 66.45 -30.05
C ILE B 73 -25.76 67.90 -30.09
N ASP B 74 -26.70 68.80 -29.81
CA ASP B 74 -26.43 70.22 -29.83
C ASP B 74 -25.81 70.67 -28.50
N GLY B 75 -24.75 71.47 -28.58
CA GLY B 75 -24.08 71.96 -27.41
C GLY B 75 -23.05 71.02 -26.81
N VAL B 76 -22.85 69.84 -27.40
CA VAL B 76 -21.89 68.87 -26.91
C VAL B 76 -20.73 68.83 -27.91
N LEU B 77 -19.59 69.40 -27.51
CA LEU B 77 -18.42 69.41 -28.38
C LEU B 77 -17.70 68.07 -28.39
N HIS B 78 -17.68 67.36 -27.26
CA HIS B 78 -17.02 66.07 -27.17
C HIS B 78 -17.91 65.13 -26.37
N GLU B 79 -17.53 63.85 -26.38
CA GLU B 79 -18.33 62.84 -25.68
C GLU B 79 -18.13 62.92 -24.17
N TYR B 80 -16.98 63.42 -23.71
CA TYR B 80 -16.68 63.52 -22.30
C TYR B 80 -17.03 64.88 -21.71
N SER B 81 -17.34 65.87 -22.54
CA SER B 81 -17.72 67.18 -22.03
C SER B 81 -19.11 67.13 -21.40
N ALA B 82 -19.21 67.58 -20.16
CA ALA B 82 -20.48 67.52 -19.44
C ALA B 82 -21.46 68.57 -20.00
N ILE B 83 -22.75 68.29 -19.80
CA ILE B 83 -23.82 69.17 -20.25
C ILE B 83 -24.70 69.52 -19.05
N GLU B 84 -25.62 70.44 -19.27
CA GLU B 84 -26.54 70.90 -18.25
C GLU B 84 -27.98 70.54 -18.62
N GLY B 85 -28.83 70.49 -17.60
CA GLY B 85 -30.24 70.17 -17.78
C GLY B 85 -30.57 68.70 -17.77
N VAL B 86 -29.58 67.82 -17.86
CA VAL B 86 -29.80 66.37 -17.85
C VAL B 86 -29.12 65.80 -16.61
N GLN B 87 -29.84 64.94 -15.89
CA GLN B 87 -29.27 64.32 -14.69
C GLN B 87 -28.18 63.31 -15.06
N GLU B 88 -28.42 62.51 -16.10
CA GLU B 88 -27.44 61.52 -16.51
C GLU B 88 -26.29 62.18 -17.27
N ASP B 89 -25.17 61.48 -17.33
CA ASP B 89 -23.99 61.98 -18.02
C ASP B 89 -24.16 61.83 -19.54
N VAL B 90 -23.25 62.46 -20.28
CA VAL B 90 -23.30 62.36 -21.74
C VAL B 90 -22.92 60.96 -22.19
N ILE B 91 -22.00 60.30 -21.48
CA ILE B 91 -21.63 58.94 -21.83
C ILE B 91 -22.77 57.97 -21.53
N GLU B 92 -23.61 58.30 -20.55
CA GLU B 92 -24.74 57.44 -20.22
C GLU B 92 -25.83 57.51 -21.28
N ILE B 93 -25.91 58.62 -22.02
CA ILE B 93 -26.91 58.74 -23.07
C ILE B 93 -26.53 57.87 -24.27
N LEU B 94 -25.25 57.85 -24.62
CA LEU B 94 -24.80 57.01 -25.73
C LEU B 94 -24.93 55.53 -25.39
N LEU B 95 -24.76 55.17 -24.13
CA LEU B 95 -24.92 53.77 -23.73
C LEU B 95 -26.38 53.34 -23.75
N ASN B 96 -27.32 54.28 -23.63
CA ASN B 96 -28.74 53.94 -23.70
C ASN B 96 -29.23 53.85 -25.14
N LEU B 97 -28.62 54.59 -26.06
CA LEU B 97 -29.04 54.54 -27.46
C LEU B 97 -28.61 53.25 -28.14
N LYS B 98 -27.64 52.53 -27.59
CA LYS B 98 -27.18 51.29 -28.20
C LYS B 98 -28.20 50.16 -28.05
N GLY B 99 -29.17 50.31 -27.16
CA GLY B 99 -30.20 49.32 -26.95
C GLY B 99 -31.51 49.58 -27.66
N LEU B 100 -31.57 50.56 -28.55
CA LEU B 100 -32.79 50.87 -29.27
C LEU B 100 -33.02 49.87 -30.39
N ALA B 101 -34.29 49.52 -30.61
CA ALA B 101 -34.68 48.60 -31.66
C ALA B 101 -35.63 49.33 -32.61
N ILE B 102 -35.17 49.57 -33.84
CA ILE B 102 -35.94 50.28 -34.85
C ILE B 102 -35.78 49.56 -36.17
N LYS B 103 -36.89 49.27 -36.84
CA LYS B 103 -36.88 48.58 -38.12
C LYS B 103 -37.09 49.58 -39.25
N LEU B 104 -36.31 49.42 -40.32
CA LEU B 104 -36.39 50.27 -41.49
C LEU B 104 -36.88 49.46 -42.68
N HIS B 105 -37.89 49.98 -43.38
CA HIS B 105 -38.47 49.29 -44.53
C HIS B 105 -38.65 50.17 -45.76
N GLY B 106 -38.60 51.49 -45.63
CA GLY B 106 -38.80 52.36 -46.77
C GLY B 106 -37.51 52.83 -47.42
N ARG B 107 -36.58 53.32 -46.61
CA ARG B 107 -35.32 53.84 -47.10
C ARG B 107 -34.17 53.20 -46.34
N ASP B 108 -32.98 53.22 -46.96
CA ASP B 108 -31.81 52.64 -46.33
C ASP B 108 -31.33 53.47 -45.14
N GLU B 109 -31.12 54.77 -45.37
CA GLU B 109 -30.62 55.67 -44.33
C GLU B 109 -31.63 56.81 -44.15
N VAL B 110 -32.11 56.97 -42.91
CA VAL B 110 -33.02 58.04 -42.56
C VAL B 110 -32.49 58.74 -41.32
N THR B 111 -32.95 59.98 -41.13
CA THR B 111 -32.53 60.81 -40.01
C THR B 111 -33.72 61.06 -39.09
N LEU B 112 -33.52 60.82 -37.80
CA LEU B 112 -34.54 61.02 -36.78
C LEU B 112 -34.12 62.15 -35.86
N THR B 113 -34.94 63.19 -35.80
CA THR B 113 -34.65 64.38 -35.00
C THR B 113 -35.44 64.35 -33.71
N LEU B 114 -34.76 64.68 -32.61
CA LEU B 114 -35.38 64.72 -31.29
C LEU B 114 -35.40 66.16 -30.79
N ALA B 115 -36.51 66.56 -30.18
CA ALA B 115 -36.66 67.93 -29.68
C ALA B 115 -37.59 67.90 -28.47
N LYS B 116 -37.02 68.07 -27.28
CA LYS B 116 -37.80 68.10 -26.05
C LYS B 116 -37.00 68.85 -24.99
N LYS B 117 -37.52 69.98 -24.55
CA LYS B 117 -36.85 70.78 -23.53
C LYS B 117 -37.86 71.39 -22.57
N VAL B 121 -39.79 63.33 -18.59
CA VAL B 121 -38.84 62.27 -18.87
C VAL B 121 -38.78 62.02 -20.39
N VAL B 122 -37.56 61.97 -20.92
CA VAL B 122 -37.37 61.77 -22.35
C VAL B 122 -37.69 60.31 -22.68
N THR B 123 -38.79 60.11 -23.40
CA THR B 123 -39.25 58.78 -23.79
C THR B 123 -39.03 58.59 -25.29
N ALA B 124 -38.61 57.38 -25.68
CA ALA B 124 -38.37 57.09 -27.08
C ALA B 124 -39.62 57.25 -27.94
N ALA B 125 -40.81 57.16 -27.36
CA ALA B 125 -42.04 57.36 -28.11
C ALA B 125 -42.29 58.82 -28.44
N ASP B 126 -41.60 59.74 -27.77
CA ASP B 126 -41.77 61.17 -28.01
C ASP B 126 -41.04 61.66 -29.26
N ILE B 127 -40.24 60.81 -29.90
CA ILE B 127 -39.52 61.21 -31.09
C ILE B 127 -40.47 61.29 -32.26
N GLN B 128 -40.37 62.37 -33.03
CA GLN B 128 -41.20 62.54 -34.23
C GLN B 128 -40.79 61.51 -35.28
N LEU B 129 -41.70 60.61 -35.61
CA LEU B 129 -41.43 59.53 -36.55
C LEU B 129 -42.26 59.73 -37.82
N ASP B 130 -41.75 59.16 -38.92
CA ASP B 130 -42.41 59.22 -40.21
C ASP B 130 -43.22 57.95 -40.42
N HIS B 131 -43.76 57.79 -41.64
CA HIS B 131 -44.55 56.61 -41.94
C HIS B 131 -43.69 55.42 -42.36
N ASP B 132 -42.52 55.67 -42.95
CA ASP B 132 -41.67 54.58 -43.41
C ASP B 132 -40.88 53.95 -42.27
N VAL B 133 -40.63 54.69 -41.20
CA VAL B 133 -39.87 54.18 -40.07
C VAL B 133 -40.81 53.42 -39.13
N GLU B 134 -40.26 52.40 -38.47
CA GLU B 134 -41.02 51.58 -37.52
C GLU B 134 -40.21 51.41 -36.25
N ILE B 135 -40.84 51.70 -35.11
CA ILE B 135 -40.22 51.54 -33.80
C ILE B 135 -41.09 50.59 -32.98
N ILE B 136 -40.45 49.63 -32.31
CA ILE B 136 -41.17 48.61 -31.56
C ILE B 136 -41.15 48.93 -30.08
N ASN B 137 -40.01 49.39 -29.57
CA ASN B 137 -39.86 49.71 -28.15
C ASN B 137 -40.33 51.15 -27.92
N GLY B 138 -41.52 51.31 -27.36
CA GLY B 138 -42.06 52.63 -27.09
C GLY B 138 -41.89 53.05 -25.65
N ASP B 139 -41.63 52.09 -24.77
CA ASP B 139 -41.45 52.36 -23.35
C ASP B 139 -39.98 52.59 -22.97
N HIS B 140 -39.08 52.60 -23.95
CA HIS B 140 -37.66 52.80 -23.64
C HIS B 140 -37.40 54.26 -23.28
N VAL B 141 -36.49 54.47 -22.33
CA VAL B 141 -36.13 55.80 -21.86
C VAL B 141 -34.74 56.14 -22.39
N ILE B 142 -34.56 57.40 -22.78
CA ILE B 142 -33.29 57.89 -23.29
C ILE B 142 -32.51 58.63 -22.22
N ALA B 143 -33.14 59.62 -21.58
CA ALA B 143 -32.51 60.40 -20.53
C ALA B 143 -33.58 60.96 -19.62
N ASN B 144 -33.14 61.50 -18.49
CA ASN B 144 -34.02 62.12 -17.50
C ASN B 144 -33.69 63.59 -17.37
N LEU B 145 -34.72 64.43 -17.36
CA LEU B 145 -34.53 65.86 -17.25
C LEU B 145 -34.21 66.25 -15.82
N ALA B 146 -33.64 67.45 -15.66
CA ALA B 146 -33.29 67.97 -14.35
C ALA B 146 -34.50 68.61 -13.67
N LEU B 151 -33.54 69.09 -25.00
CA LEU B 151 -32.76 68.07 -25.71
C LEU B 151 -32.88 68.25 -27.21
N ASN B 152 -31.76 68.55 -27.86
CA ASN B 152 -31.70 68.75 -29.31
C ASN B 152 -30.61 67.86 -29.88
N MET B 153 -31.02 66.74 -30.49
CA MET B 153 -30.09 65.80 -31.08
C MET B 153 -30.67 65.24 -32.37
N LYS B 154 -29.79 64.72 -33.22
CA LYS B 154 -30.18 64.13 -34.50
C LYS B 154 -29.68 62.70 -34.54
N LEU B 155 -30.60 61.76 -34.69
CA LEU B 155 -30.27 60.33 -34.74
C LEU B 155 -30.14 59.87 -36.18
N LYS B 156 -29.18 58.98 -36.42
CA LYS B 156 -28.93 58.42 -37.75
C LYS B 156 -28.94 56.91 -37.66
N VAL B 157 -29.91 56.29 -38.31
CA VAL B 157 -30.07 54.83 -38.32
C VAL B 157 -29.94 54.33 -39.75
N ALA B 158 -29.27 53.20 -39.92
CA ALA B 158 -29.08 52.60 -41.23
C ALA B 158 -29.05 51.08 -41.07
N ARG B 159 -28.81 50.39 -42.18
CA ARG B 159 -28.75 48.94 -42.20
C ARG B 159 -27.30 48.46 -42.19
N GLY B 160 -27.12 47.20 -41.78
CA GLY B 160 -25.80 46.63 -41.70
C GLY B 160 -25.79 45.12 -41.83
N ARG B 161 -24.70 44.48 -41.41
CA ARG B 161 -24.56 43.03 -41.51
C ARG B 161 -24.27 42.36 -40.17
N GLY B 162 -23.50 43.01 -39.31
CA GLY B 162 -23.15 42.44 -38.00
C GLY B 162 -22.81 43.51 -37.01
N TYR B 163 -21.80 43.24 -36.19
CA TYR B 163 -21.34 44.18 -35.17
C TYR B 163 -20.24 45.06 -35.77
N GLU B 164 -20.53 46.34 -35.95
CA GLU B 164 -19.59 47.28 -36.53
C GLU B 164 -19.10 48.25 -35.46
N PRO B 165 -17.80 48.31 -35.20
CA PRO B 165 -17.29 49.25 -34.19
C PRO B 165 -17.24 50.67 -34.74
N ALA B 166 -17.04 51.62 -33.82
CA ALA B 166 -16.97 53.02 -34.18
C ALA B 166 -15.60 53.42 -34.70
N ASP B 167 -14.56 52.64 -34.43
CA ASP B 167 -13.22 52.99 -34.89
C ASP B 167 -13.04 52.70 -36.38
N ALA B 168 -13.46 51.52 -36.83
CA ALA B 168 -13.33 51.13 -38.23
C ALA B 168 -14.52 51.71 -39.01
N ARG B 169 -14.40 53.00 -39.30
CA ARG B 169 -15.43 53.75 -40.04
C ARG B 169 -16.80 53.64 -39.38
N ARG B 181 -19.34 62.15 -29.82
CA ARG B 181 -20.55 61.37 -29.96
C ARG B 181 -20.93 61.19 -31.43
N LEU B 182 -19.98 61.49 -32.31
CA LEU B 182 -20.24 61.37 -33.74
C LEU B 182 -20.25 59.91 -34.18
N GLN B 183 -19.39 59.09 -33.58
CA GLN B 183 -19.29 57.68 -33.92
C GLN B 183 -19.55 56.84 -32.68
N LEU B 184 -20.45 55.87 -32.79
CA LEU B 184 -20.78 54.96 -31.71
C LEU B 184 -20.79 53.53 -32.23
N ASP B 185 -20.78 52.59 -31.29
CA ASP B 185 -20.78 51.17 -31.62
C ASP B 185 -22.16 50.76 -32.15
N ALA B 186 -22.23 50.44 -33.44
CA ALA B 186 -23.48 50.05 -34.08
C ALA B 186 -23.59 48.53 -34.08
N SER B 187 -24.68 48.02 -33.50
CA SER B 187 -24.94 46.59 -33.43
C SER B 187 -26.16 46.30 -34.29
N PHE B 188 -25.92 45.95 -35.55
CA PHE B 188 -27.00 45.68 -36.49
C PHE B 188 -27.63 44.31 -36.28
N SER B 189 -26.94 43.38 -35.64
CA SER B 189 -27.46 42.04 -35.44
C SER B 189 -28.60 42.06 -34.42
N PRO B 190 -29.81 41.61 -34.79
CA PRO B 190 -30.91 41.61 -33.81
C PRO B 190 -30.72 40.59 -32.69
N VAL B 191 -29.87 39.59 -32.88
CA VAL B 191 -29.65 38.58 -31.86
C VAL B 191 -28.64 39.09 -30.84
N ARG B 192 -28.94 38.89 -29.56
CA ARG B 192 -28.11 39.41 -28.49
C ARG B 192 -27.02 38.42 -28.07
N ARG B 193 -27.41 37.20 -27.69
CA ARG B 193 -26.47 36.21 -27.18
C ARG B 193 -26.84 34.83 -27.71
N VAL B 194 -25.82 34.07 -28.11
CA VAL B 194 -25.99 32.70 -28.57
C VAL B 194 -25.05 31.80 -27.78
N SER B 195 -25.60 30.76 -27.15
CA SER B 195 -24.81 29.80 -26.39
C SER B 195 -25.33 28.40 -26.68
N TYR B 196 -24.42 27.44 -26.77
CA TYR B 196 -24.79 26.06 -27.06
C TYR B 196 -23.79 25.12 -26.43
N VAL B 197 -24.28 24.00 -25.91
CA VAL B 197 -23.46 22.96 -25.30
C VAL B 197 -23.93 21.62 -25.84
N VAL B 198 -22.98 20.72 -26.08
CA VAL B 198 -23.27 19.40 -26.63
C VAL B 198 -23.35 18.40 -25.49
N GLU B 199 -24.53 17.82 -25.30
CA GLU B 199 -24.77 16.83 -24.25
C GLU B 199 -25.06 15.48 -24.89
N ASN B 200 -24.98 14.43 -24.06
CA ASN B 200 -25.18 13.08 -24.55
C ASN B 200 -26.66 12.78 -24.71
N ALA B 201 -26.96 11.83 -25.60
CA ALA B 201 -28.32 11.39 -25.88
C ALA B 201 -28.47 9.92 -25.52
N ARG B 202 -29.70 9.43 -25.60
CA ARG B 202 -30.04 8.06 -25.25
C ARG B 202 -30.75 7.40 -26.44
N VAL B 203 -30.03 6.55 -27.16
CA VAL B 203 -30.59 5.80 -28.28
C VAL B 203 -30.09 4.36 -28.19
N GLU B 204 -31.02 3.40 -28.19
CA GLU B 204 -30.66 2.00 -28.02
C GLU B 204 -30.04 1.39 -29.27
N GLN B 205 -30.10 2.08 -30.42
CA GLN B 205 -29.56 1.53 -31.65
C GLN B 205 -28.04 1.75 -31.74
N ARG B 206 -27.61 3.00 -31.74
CA ARG B 206 -26.19 3.32 -31.86
C ARG B 206 -25.48 3.39 -30.52
N THR B 207 -26.18 3.83 -29.48
CA THR B 207 -25.68 3.95 -28.10
C THR B 207 -24.56 4.98 -27.96
N ASN B 208 -24.25 5.75 -28.99
CA ASN B 208 -23.27 6.83 -28.86
C ASN B 208 -23.70 7.96 -29.81
N LEU B 209 -24.45 8.91 -29.26
CA LEU B 209 -24.94 10.06 -30.01
C LEU B 209 -24.82 11.28 -29.12
N ASP B 210 -25.43 12.39 -29.57
CA ASP B 210 -25.38 13.63 -28.81
C ASP B 210 -26.54 14.52 -29.24
N LYS B 211 -26.90 15.45 -28.35
CA LYS B 211 -27.95 16.41 -28.62
C LYS B 211 -27.37 17.82 -28.56
N LEU B 212 -28.03 18.74 -29.26
CA LEU B 212 -27.58 20.13 -29.37
C LEU B 212 -28.68 21.05 -28.89
N VAL B 213 -28.40 21.81 -27.83
CA VAL B 213 -29.33 22.79 -27.27
C VAL B 213 -28.82 24.18 -27.61
N LEU B 214 -29.72 25.06 -28.02
CA LEU B 214 -29.37 26.41 -28.44
C LEU B 214 -30.13 27.43 -27.60
N ASP B 215 -29.44 28.50 -27.21
CA ASP B 215 -30.02 29.58 -26.44
C ASP B 215 -29.92 30.87 -27.26
N LEU B 216 -31.06 31.53 -27.46
CA LEU B 216 -31.13 32.72 -28.30
C LEU B 216 -31.81 33.85 -27.54
N GLU B 217 -31.40 35.07 -27.87
CA GLU B 217 -32.02 36.28 -27.31
C GLU B 217 -32.24 37.27 -28.44
N THR B 218 -33.39 37.94 -28.41
CA THR B 218 -33.77 38.90 -29.44
C THR B 218 -34.05 40.25 -28.80
N ASN B 219 -34.21 41.26 -29.66
CA ASN B 219 -34.51 42.62 -29.24
C ASN B 219 -36.01 42.92 -29.26
N GLY B 220 -36.85 41.91 -29.40
CA GLY B 220 -38.28 42.10 -29.45
C GLY B 220 -38.85 42.35 -30.83
N THR B 221 -38.00 42.59 -31.83
CA THR B 221 -38.49 42.83 -33.18
C THR B 221 -38.98 41.54 -33.84
N LEU B 222 -38.33 40.41 -33.57
CA LEU B 222 -38.70 39.13 -34.14
C LEU B 222 -38.53 38.04 -33.10
N ASP B 223 -39.38 37.03 -33.18
CA ASP B 223 -39.33 35.93 -32.23
C ASP B 223 -38.12 35.04 -32.51
N PRO B 224 -37.57 34.39 -31.48
CA PRO B 224 -36.40 33.51 -31.70
C PRO B 224 -36.71 32.31 -32.58
N GLU B 225 -37.98 31.92 -32.72
CA GLU B 225 -38.32 30.80 -33.58
C GLU B 225 -38.06 31.14 -35.05
N GLU B 226 -38.53 32.32 -35.48
CA GLU B 226 -38.27 32.77 -36.84
C GLU B 226 -36.89 33.38 -37.01
N ALA B 227 -36.22 33.75 -35.91
CA ALA B 227 -34.88 34.31 -36.01
C ALA B 227 -33.87 33.25 -36.44
N ILE B 228 -34.00 32.03 -35.90
CA ILE B 228 -33.09 30.96 -36.28
C ILE B 228 -33.54 30.26 -37.56
N ARG B 229 -34.80 30.44 -37.96
CA ARG B 229 -35.25 29.86 -39.22
C ARG B 229 -34.65 30.59 -40.42
N ARG B 230 -34.45 31.91 -40.30
CA ARG B 230 -33.79 32.65 -41.38
C ARG B 230 -32.31 32.30 -41.46
N ALA B 231 -31.71 31.86 -40.36
CA ALA B 231 -30.30 31.49 -40.38
C ALA B 231 -30.06 30.23 -41.20
N ALA B 232 -31.02 29.29 -41.18
CA ALA B 232 -30.88 28.09 -42.01
C ALA B 232 -31.13 28.39 -43.47
N THR B 233 -31.91 29.42 -43.78
CA THR B 233 -32.16 29.78 -45.16
C THR B 233 -30.93 30.43 -45.80
N ILE B 234 -30.26 31.31 -45.04
CA ILE B 234 -29.05 31.95 -45.57
C ILE B 234 -27.90 30.95 -45.66
N LEU B 235 -27.83 30.00 -44.72
CA LEU B 235 -26.78 29.00 -44.77
C LEU B 235 -26.97 28.09 -45.98
N GLN B 236 -28.22 27.78 -46.33
CA GLN B 236 -28.51 26.97 -47.51
C GLN B 236 -28.47 27.77 -48.80
N GLN B 237 -28.34 29.10 -48.72
CA GLN B 237 -28.28 29.93 -49.91
C GLN B 237 -26.87 29.99 -50.51
N GLN B 238 -25.88 29.43 -49.84
CA GLN B 238 -24.50 29.47 -50.33
C GLN B 238 -24.20 28.28 -51.24
N LEU B 239 -24.39 27.06 -50.73
CA LEU B 239 -24.10 25.85 -51.47
C LEU B 239 -25.32 25.29 -52.20
N ALA B 240 -26.30 26.14 -52.53
CA ALA B 240 -27.48 25.67 -53.25
C ALA B 240 -27.17 25.39 -54.71
N ALA B 241 -26.42 26.28 -55.36
CA ALA B 241 -26.07 26.13 -56.77
C ALA B 241 -24.83 25.27 -56.98
N PHE B 242 -24.07 24.98 -55.93
CA PHE B 242 -22.87 24.18 -56.08
C PHE B 242 -23.20 22.71 -56.28
N VAL B 243 -24.08 22.16 -55.45
CA VAL B 243 -24.48 20.76 -55.55
C VAL B 243 -25.95 20.64 -55.17
N ASP B 244 -26.60 19.61 -55.71
CA ASP B 244 -28.01 19.37 -55.43
C ASP B 244 -28.20 18.06 -54.68
N TYR C 5 32.60 -1.67 -37.95
CA TYR C 5 31.40 -1.35 -38.70
C TYR C 5 30.75 -2.62 -39.25
N SER C 6 29.82 -3.18 -38.48
CA SER C 6 29.20 -4.44 -38.82
C SER C 6 28.12 -4.25 -39.88
N TYR C 7 27.39 -5.32 -40.19
CA TYR C 7 26.35 -5.28 -41.20
C TYR C 7 25.02 -4.79 -40.65
N THR C 8 24.73 -5.09 -39.38
CA THR C 8 23.45 -4.67 -38.80
C THR C 8 23.37 -3.16 -38.63
N GLU C 9 24.50 -2.46 -38.60
CA GLU C 9 24.50 -1.01 -38.48
C GLU C 9 24.36 -0.31 -39.82
N LYS C 10 24.47 -1.04 -40.94
CA LYS C 10 24.32 -0.46 -42.26
C LYS C 10 22.88 -0.09 -42.60
N LYS C 11 21.92 -0.57 -41.81
CA LYS C 11 20.51 -0.28 -42.07
C LYS C 11 20.03 0.95 -41.33
N ARG C 12 20.47 1.15 -40.09
CA ARG C 12 20.05 2.28 -39.27
C ARG C 12 21.24 2.78 -38.47
N ILE C 13 21.54 4.08 -38.63
CA ILE C 13 22.65 4.73 -37.92
C ILE C 13 22.06 5.71 -36.92
N ARG C 14 22.58 5.68 -35.70
CA ARG C 14 22.10 6.52 -34.61
C ARG C 14 23.15 7.57 -34.30
N LYS C 15 22.77 8.85 -34.41
CA LYS C 15 23.67 9.94 -34.10
C LYS C 15 23.75 10.15 -32.60
N ASP C 16 24.97 10.19 -32.07
CA ASP C 16 25.21 10.33 -30.64
C ASP C 16 25.83 11.69 -30.35
N PHE C 17 25.41 12.30 -29.24
CA PHE C 17 25.94 13.58 -28.80
C PHE C 17 26.99 13.44 -27.70
N SER C 18 27.58 12.25 -27.56
CA SER C 18 28.60 12.03 -26.55
C SER C 18 29.90 12.70 -26.97
N LYS C 19 30.39 13.62 -26.15
CA LYS C 19 31.61 14.35 -26.44
C LYS C 19 32.84 13.78 -25.73
N LEU C 20 32.65 12.92 -24.73
CA LEU C 20 33.79 12.34 -24.05
C LEU C 20 34.23 11.05 -24.74
N PRO C 21 35.53 10.83 -24.86
CA PRO C 21 36.00 9.60 -25.52
C PRO C 21 35.78 8.37 -24.65
N ASP C 22 35.50 7.26 -25.31
CA ASP C 22 35.27 6.00 -24.61
C ASP C 22 36.60 5.30 -24.35
N VAL C 23 36.80 4.87 -23.10
CA VAL C 23 38.02 4.17 -22.72
C VAL C 23 37.77 2.69 -22.42
N MET C 24 36.62 2.33 -21.85
CA MET C 24 36.29 0.94 -21.56
C MET C 24 34.87 0.67 -22.00
N ASP C 25 34.69 -0.37 -22.82
CA ASP C 25 33.37 -0.72 -23.31
C ASP C 25 32.55 -1.39 -22.21
N VAL C 26 31.23 -1.35 -22.38
CA VAL C 26 30.32 -1.95 -21.41
C VAL C 26 30.49 -3.46 -21.42
N PRO C 27 30.79 -4.09 -20.28
CA PRO C 27 30.97 -5.54 -20.27
C PRO C 27 29.65 -6.30 -20.36
N TYR C 28 29.71 -7.62 -20.24
CA TYR C 28 28.50 -8.43 -20.27
C TYR C 28 27.59 -8.08 -19.10
N LEU C 29 26.33 -7.75 -19.41
CA LEU C 29 25.39 -7.34 -18.38
C LEU C 29 24.97 -8.48 -17.47
N LEU C 30 25.26 -9.73 -17.83
CA LEU C 30 24.92 -10.89 -17.00
C LEU C 30 26.18 -11.64 -16.57
N ALA C 31 27.30 -10.93 -16.42
CA ALA C 31 28.54 -11.57 -16.02
C ALA C 31 28.51 -12.00 -14.55
N ILE C 32 27.67 -11.37 -13.72
CA ILE C 32 27.58 -11.76 -12.32
C ILE C 32 26.77 -13.03 -12.10
N GLN C 33 26.07 -13.50 -13.12
CA GLN C 33 25.29 -14.73 -13.01
C GLN C 33 25.92 -15.91 -13.74
N LEU C 34 26.60 -15.66 -14.86
CA LEU C 34 27.22 -16.76 -15.61
C LEU C 34 28.51 -17.22 -14.94
N ASP C 35 29.37 -16.30 -14.52
CA ASP C 35 30.62 -16.67 -13.88
C ASP C 35 30.42 -17.15 -12.45
N SER C 36 29.32 -16.78 -11.80
CA SER C 36 29.07 -17.23 -10.44
C SER C 36 28.64 -18.69 -10.40
N TYR C 37 27.82 -19.10 -11.37
CA TYR C 37 27.37 -20.49 -11.42
C TYR C 37 28.37 -21.41 -12.11
N ARG C 38 29.29 -20.86 -12.92
CA ARG C 38 30.29 -21.69 -13.57
C ARG C 38 31.25 -22.29 -12.54
N GLU C 39 31.57 -21.55 -11.48
CA GLU C 39 32.40 -22.09 -10.43
C GLU C 39 31.69 -23.19 -9.65
N PHE C 40 30.36 -23.14 -9.61
CA PHE C 40 29.60 -24.20 -8.93
C PHE C 40 29.64 -25.50 -9.71
N LEU C 41 29.67 -25.42 -11.04
CA LEU C 41 29.73 -26.63 -11.85
C LEU C 41 31.16 -27.15 -11.99
N GLN C 42 32.08 -26.27 -12.36
CA GLN C 42 33.50 -26.62 -12.55
C GLN C 42 33.65 -27.73 -13.59
N ALA C 43 33.24 -27.40 -14.82
CA ALA C 43 33.30 -28.38 -15.90
C ALA C 43 34.72 -28.69 -16.34
N GLY C 44 35.69 -27.83 -16.01
CA GLY C 44 37.06 -28.09 -16.39
C GLY C 44 37.63 -29.27 -15.63
N ALA C 45 38.16 -30.24 -16.35
CA ALA C 45 38.73 -31.46 -15.77
C ALA C 45 40.24 -31.43 -15.98
N THR C 46 40.97 -31.11 -14.92
CA THR C 46 42.42 -31.06 -14.94
C THR C 46 42.96 -31.94 -13.82
N LYS C 47 44.28 -31.96 -13.67
CA LYS C 47 44.90 -32.74 -12.60
C LYS C 47 44.61 -32.13 -11.23
N GLU C 48 44.74 -30.81 -11.11
CA GLU C 48 44.47 -30.10 -9.87
C GLU C 48 43.20 -29.28 -10.07
N GLN C 49 42.09 -29.75 -9.50
CA GLN C 49 40.81 -29.08 -9.63
C GLN C 49 40.79 -27.85 -8.72
N PHE C 50 40.58 -26.68 -9.31
CA PHE C 50 40.52 -25.43 -8.56
C PHE C 50 39.26 -25.43 -7.69
N ARG C 51 39.44 -25.65 -6.40
CA ARG C 51 38.33 -25.77 -5.45
C ARG C 51 38.26 -24.48 -4.64
N ASP C 52 37.31 -23.62 -4.98
CA ASP C 52 37.09 -22.38 -4.24
C ASP C 52 35.62 -22.27 -3.86
N VAL C 53 34.74 -22.83 -4.69
CA VAL C 53 33.30 -22.81 -4.44
C VAL C 53 32.67 -23.89 -5.28
N GLY C 54 31.49 -24.35 -4.87
CA GLY C 54 30.77 -25.37 -5.58
C GLY C 54 30.64 -26.66 -4.78
N LEU C 55 30.21 -27.71 -5.49
CA LEU C 55 30.06 -29.02 -4.85
C LEU C 55 31.38 -29.71 -4.59
N HIS C 56 32.46 -29.27 -5.26
CA HIS C 56 33.76 -29.88 -5.04
C HIS C 56 34.32 -29.53 -3.67
N ALA C 57 33.93 -28.38 -3.11
CA ALA C 57 34.38 -28.01 -1.78
C ALA C 57 33.66 -28.79 -0.69
N ALA C 58 32.39 -29.14 -0.92
CA ALA C 58 31.66 -29.92 0.07
C ALA C 58 32.10 -31.39 0.08
N PHE C 59 32.61 -31.89 -1.05
CA PHE C 59 33.09 -33.26 -1.14
C PHE C 59 34.49 -33.43 -0.54
N LYS C 60 35.09 -32.37 0.01
CA LYS C 60 36.40 -32.45 0.64
C LYS C 60 36.38 -32.18 2.13
N SER C 61 35.30 -31.60 2.66
CA SER C 61 35.20 -31.33 4.09
C SER C 61 34.60 -32.50 4.86
N VAL C 62 33.48 -33.03 4.37
CA VAL C 62 32.81 -34.16 5.02
C VAL C 62 33.20 -35.49 4.38
N PHE C 63 34.30 -35.52 3.62
CA PHE C 63 34.72 -36.77 2.99
C PHE C 63 35.20 -37.80 4.01
N PRO C 64 36.11 -37.48 4.93
CA PRO C 64 36.51 -38.49 5.92
C PRO C 64 35.39 -38.74 6.92
N ILE C 65 35.13 -40.00 7.21
CA ILE C 65 34.09 -40.41 8.15
C ILE C 65 34.76 -41.06 9.35
N ILE C 66 34.53 -40.50 10.53
CA ILE C 66 35.08 -41.03 11.77
C ILE C 66 33.98 -41.88 12.41
N SER C 67 34.06 -43.19 12.21
CA SER C 67 33.06 -44.10 12.74
C SER C 67 33.25 -44.28 14.24
N TYR C 68 32.16 -44.17 15.00
CA TYR C 68 32.21 -44.34 16.43
C TYR C 68 32.26 -45.82 16.77
N SER C 69 33.26 -46.21 17.57
CA SER C 69 33.47 -47.61 17.96
C SER C 69 33.61 -48.52 16.74
N GLY C 70 34.39 -48.06 15.77
CA GLY C 70 34.60 -48.85 14.56
C GLY C 70 35.74 -48.26 13.75
N ASN C 71 36.05 -48.95 12.66
CA ASN C 71 37.12 -48.55 11.73
C ASN C 71 36.59 -48.63 10.31
N ALA C 72 36.02 -47.53 9.83
CA ALA C 72 35.48 -47.45 8.48
C ALA C 72 35.74 -46.05 7.95
N ALA C 73 36.64 -45.95 6.96
CA ALA C 73 37.02 -44.68 6.36
C ALA C 73 36.62 -44.67 4.89
N LEU C 74 35.97 -43.59 4.46
CA LEU C 74 35.56 -43.42 3.08
C LEU C 74 36.34 -42.28 2.45
N GLU C 75 37.00 -42.56 1.33
CA GLU C 75 37.79 -41.58 0.61
C GLU C 75 37.08 -41.24 -0.70
N TYR C 76 36.93 -39.94 -0.96
CA TYR C 76 36.24 -39.45 -2.16
C TYR C 76 37.28 -39.25 -3.26
N VAL C 77 37.17 -40.02 -4.33
CA VAL C 77 38.11 -39.90 -5.44
C VAL C 77 37.78 -38.68 -6.30
N GLY C 78 36.52 -38.52 -6.66
CA GLY C 78 36.12 -37.38 -7.47
C GLY C 78 34.68 -37.54 -7.93
N TYR C 79 34.30 -36.64 -8.84
CA TYR C 79 32.95 -36.65 -9.40
C TYR C 79 33.04 -36.44 -10.91
N ARG C 80 31.96 -36.79 -11.60
CA ARG C 80 31.88 -36.65 -13.05
C ARG C 80 30.48 -36.23 -13.44
N LEU C 81 30.38 -35.19 -14.26
CA LEU C 81 29.08 -34.68 -14.70
C LEU C 81 28.59 -35.47 -15.91
N GLY C 82 27.29 -35.79 -15.89
CA GLY C 82 26.69 -36.56 -16.97
C GLY C 82 26.02 -35.69 -18.01
N GLU C 83 25.57 -36.35 -19.08
CA GLU C 83 24.90 -35.65 -20.17
C GLU C 83 23.47 -35.30 -19.77
N PRO C 84 22.93 -34.19 -20.28
CA PRO C 84 21.56 -33.82 -19.94
C PRO C 84 20.54 -34.80 -20.49
N ALA C 85 19.35 -34.78 -19.87
CA ALA C 85 18.30 -35.70 -20.26
C ALA C 85 17.62 -35.27 -21.55
N PHE C 86 17.15 -34.03 -21.61
CA PHE C 86 16.45 -33.50 -22.77
C PHE C 86 17.04 -32.15 -23.15
N ASP C 87 16.59 -31.62 -24.28
CA ASP C 87 17.05 -30.32 -24.75
C ASP C 87 16.30 -29.20 -24.03
N VAL C 88 16.74 -27.96 -24.29
CA VAL C 88 16.11 -26.81 -23.66
C VAL C 88 14.71 -26.57 -24.21
N LYS C 89 14.41 -27.03 -25.42
CA LYS C 89 13.08 -26.88 -26.00
C LYS C 89 12.16 -28.04 -25.65
N GLU C 90 12.71 -29.23 -25.41
CA GLU C 90 11.90 -30.38 -25.04
C GLU C 90 11.58 -30.40 -23.55
N CYS C 91 12.40 -29.76 -22.71
CA CYS C 91 12.14 -29.76 -21.28
C CYS C 91 11.02 -28.80 -20.90
N VAL C 92 10.87 -27.69 -21.62
CA VAL C 92 9.80 -26.74 -21.32
C VAL C 92 8.43 -27.31 -21.66
N LEU C 93 8.37 -28.30 -22.55
CA LEU C 93 7.10 -28.92 -22.92
C LEU C 93 6.81 -30.21 -22.17
N ARG C 94 7.84 -30.88 -21.65
CA ARG C 94 7.65 -32.12 -20.91
C ARG C 94 7.76 -31.95 -19.40
N GLY C 95 8.52 -30.96 -18.95
CA GLY C 95 8.66 -30.71 -17.52
C GLY C 95 9.64 -31.65 -16.84
N VAL C 96 10.84 -31.79 -17.41
CA VAL C 96 11.86 -32.64 -16.82
C VAL C 96 12.83 -31.87 -15.93
N THR C 97 12.62 -30.55 -15.76
CA THR C 97 13.40 -29.69 -14.90
C THR C 97 14.87 -29.57 -15.32
N PHE C 98 15.23 -30.12 -16.50
CA PHE C 98 16.59 -30.05 -17.03
C PHE C 98 17.61 -30.56 -16.01
N ALA C 99 17.34 -31.75 -15.48
CA ALA C 99 18.20 -32.33 -14.46
C ALA C 99 19.51 -32.80 -15.08
N VAL C 100 20.53 -32.92 -14.22
CA VAL C 100 21.86 -33.38 -14.65
C VAL C 100 22.29 -34.53 -13.75
N PRO C 101 22.74 -35.65 -14.30
CA PRO C 101 23.18 -36.76 -13.45
C PRO C 101 24.45 -36.42 -12.70
N LEU C 102 24.53 -36.89 -11.46
CA LEU C 102 25.68 -36.67 -10.60
C LEU C 102 26.26 -38.03 -10.20
N ARG C 103 27.51 -38.27 -10.58
CA ARG C 103 28.20 -39.53 -10.30
C ARG C 103 29.39 -39.25 -9.40
N VAL C 104 29.45 -39.96 -8.27
CA VAL C 104 30.54 -39.80 -7.31
C VAL C 104 31.23 -41.14 -7.13
N LYS C 105 32.56 -41.10 -6.98
CA LYS C 105 33.38 -42.29 -6.79
C LYS C 105 33.89 -42.29 -5.35
N VAL C 106 33.46 -43.28 -4.58
CA VAL C 106 33.85 -43.41 -3.18
C VAL C 106 34.70 -44.66 -3.02
N ARG C 107 35.68 -44.59 -2.13
CA ARG C 107 36.59 -45.71 -1.85
C ARG C 107 36.34 -46.21 -0.44
N LEU C 108 36.04 -47.49 -0.31
CA LEU C 108 35.77 -48.11 0.99
C LEU C 108 37.08 -48.64 1.57
N ILE C 109 37.51 -48.06 2.68
CA ILE C 109 38.74 -48.47 3.37
C ILE C 109 38.34 -49.08 4.71
N ILE C 110 38.70 -50.35 4.91
CA ILE C 110 38.37 -51.06 6.13
C ILE C 110 39.63 -51.23 6.97
N PHE C 111 39.43 -51.40 8.27
CA PHE C 111 40.53 -51.59 9.20
C PHE C 111 40.03 -52.36 10.42
N ASP C 112 40.98 -52.93 11.17
CA ASP C 112 40.67 -53.72 12.34
C ASP C 112 40.65 -52.90 13.63
N ARG C 113 40.59 -51.56 13.51
CA ARG C 113 40.57 -50.66 14.66
C ARG C 113 41.77 -50.88 15.57
N GLU C 114 42.94 -51.11 14.97
CA GLU C 114 44.18 -51.33 15.71
C GLU C 114 45.23 -50.27 15.45
N SER C 115 44.90 -49.24 14.66
CA SER C 115 45.85 -48.16 14.34
C SER C 115 47.12 -48.71 13.68
N SER C 116 46.95 -49.71 12.82
CA SER C 116 48.06 -50.33 12.12
C SER C 116 47.66 -50.64 10.69
N ASN C 117 48.65 -50.82 9.83
CA ASN C 117 48.42 -51.14 8.42
C ASN C 117 48.39 -52.65 8.24
N LYS C 118 47.32 -53.26 8.76
CA LYS C 118 47.13 -54.69 8.67
C LYS C 118 45.68 -54.98 8.31
N ALA C 119 45.48 -55.94 7.40
CA ALA C 119 44.16 -56.33 6.91
C ALA C 119 43.41 -55.12 6.34
N ILE C 120 44.01 -54.52 5.32
CA ILE C 120 43.46 -53.34 4.67
C ILE C 120 42.61 -53.80 3.49
N LYS C 121 41.35 -53.40 3.48
CA LYS C 121 40.42 -53.73 2.39
C LYS C 121 40.11 -52.45 1.62
N ASP C 122 40.37 -52.47 0.31
CA ASP C 122 40.17 -51.31 -0.55
C ASP C 122 39.13 -51.66 -1.61
N ILE C 123 37.93 -51.12 -1.46
CA ILE C 123 36.84 -51.32 -2.42
C ILE C 123 36.56 -49.99 -3.09
N LYS C 124 36.62 -49.98 -4.42
CA LYS C 124 36.41 -48.77 -5.22
C LYS C 124 35.14 -48.96 -6.04
N GLU C 125 34.06 -48.30 -5.63
CA GLU C 125 32.78 -48.35 -6.32
C GLU C 125 32.28 -46.93 -6.54
N GLN C 126 31.89 -46.63 -7.78
CA GLN C 126 31.41 -45.30 -8.15
C GLN C 126 29.88 -45.29 -8.11
N GLU C 127 29.32 -44.42 -7.28
CA GLU C 127 27.87 -44.30 -7.18
C GLU C 127 27.33 -43.46 -8.33
N VAL C 128 26.19 -43.88 -8.86
CA VAL C 128 25.55 -43.22 -9.98
C VAL C 128 24.20 -42.65 -9.54
N TYR C 129 23.82 -41.53 -10.14
CA TYR C 129 22.56 -40.86 -9.84
C TYR C 129 22.45 -40.52 -8.36
N MET C 130 23.49 -39.88 -7.83
CA MET C 130 23.49 -39.48 -6.42
C MET C 130 22.65 -38.22 -6.20
N GLY C 131 22.69 -37.28 -7.14
CA GLY C 131 21.94 -36.05 -7.03
C GLY C 131 21.58 -35.54 -8.40
N GLU C 132 20.83 -34.43 -8.41
CA GLU C 132 20.39 -33.78 -9.64
C GLU C 132 20.81 -32.32 -9.60
N ILE C 133 21.63 -31.91 -10.56
CA ILE C 133 22.09 -30.54 -10.65
C ILE C 133 21.08 -29.72 -11.45
N PRO C 134 20.87 -28.44 -11.11
CA PRO C 134 19.92 -27.64 -11.89
C PRO C 134 20.35 -27.41 -13.32
N LEU C 135 21.62 -27.07 -13.54
CA LEU C 135 22.20 -26.89 -14.88
C LEU C 135 21.43 -25.82 -15.66
N MET C 136 21.55 -24.59 -15.16
CA MET C 136 20.87 -23.46 -15.79
C MET C 136 21.31 -23.29 -17.24
N THR C 137 20.51 -22.53 -17.99
CA THR C 137 20.74 -22.35 -19.41
C THR C 137 21.83 -21.29 -19.62
N GLU C 138 22.00 -20.87 -20.88
CA GLU C 138 23.05 -19.90 -21.20
C GLU C 138 22.64 -18.48 -20.82
N ASN C 139 21.34 -18.18 -20.82
CA ASN C 139 20.88 -16.84 -20.45
C ASN C 139 20.91 -16.60 -18.95
N GLY C 140 20.98 -17.65 -18.15
CA GLY C 140 20.99 -17.53 -16.71
C GLY C 140 19.69 -17.93 -16.02
N THR C 141 18.71 -18.41 -16.77
CA THR C 141 17.43 -18.81 -16.19
C THR C 141 17.45 -20.30 -15.85
N PHE C 142 16.71 -20.65 -14.81
CA PHE C 142 16.57 -22.04 -14.37
C PHE C 142 15.22 -22.58 -14.79
N ILE C 143 15.22 -23.81 -15.29
CA ILE C 143 14.01 -24.48 -15.74
C ILE C 143 13.61 -25.49 -14.67
N ILE C 144 12.53 -25.19 -13.94
CA ILE C 144 12.02 -26.06 -12.87
C ILE C 144 10.58 -26.40 -13.20
N ASN C 145 10.31 -27.68 -13.45
CA ASN C 145 8.96 -28.17 -13.76
C ASN C 145 8.39 -27.45 -14.98
N GLY C 146 9.25 -27.17 -15.96
CA GLY C 146 8.82 -26.51 -17.18
C GLY C 146 8.54 -25.03 -17.04
N THR C 147 8.83 -24.43 -15.89
CA THR C 147 8.61 -23.01 -15.66
C THR C 147 9.94 -22.30 -15.47
N GLU C 148 10.08 -21.13 -16.08
CA GLU C 148 11.32 -20.37 -16.01
C GLU C 148 11.46 -19.72 -14.63
N ARG C 149 12.63 -19.89 -14.03
CA ARG C 149 12.91 -19.32 -12.71
C ARG C 149 14.32 -18.76 -12.69
N VAL C 150 14.54 -17.79 -11.81
CA VAL C 150 15.85 -17.16 -11.64
C VAL C 150 16.20 -17.12 -10.16
N ILE C 151 17.48 -16.93 -9.89
CA ILE C 151 18.01 -16.86 -8.53
C ILE C 151 18.63 -15.48 -8.34
N VAL C 152 17.96 -14.63 -7.57
CA VAL C 152 18.48 -13.29 -7.31
C VAL C 152 19.56 -13.35 -6.26
N SER C 153 20.43 -12.34 -6.26
CA SER C 153 21.50 -12.27 -5.29
C SER C 153 20.99 -11.77 -3.94
N GLN C 154 21.79 -11.99 -2.90
CA GLN C 154 21.44 -11.59 -1.55
C GLN C 154 22.54 -10.73 -0.97
N LEU C 155 22.15 -9.63 -0.32
CA LEU C 155 23.06 -8.69 0.31
C LEU C 155 22.90 -8.81 1.82
N HIS C 156 23.87 -9.45 2.46
CA HIS C 156 23.82 -9.71 3.90
C HIS C 156 25.11 -9.18 4.53
N ARG C 157 25.21 -9.36 5.86
CA ARG C 157 26.38 -8.92 6.60
C ARG C 157 27.55 -9.86 6.39
N SER C 158 28.75 -9.29 6.40
CA SER C 158 29.95 -10.10 6.25
C SER C 158 30.33 -10.74 7.59
N PRO C 159 30.81 -11.97 7.58
CA PRO C 159 31.21 -12.62 8.84
C PRO C 159 32.44 -11.92 9.44
N GLY C 160 32.35 -11.59 10.71
CA GLY C 160 33.46 -10.93 11.39
C GLY C 160 33.00 -10.33 12.71
N VAL C 161 33.65 -9.23 13.08
CA VAL C 161 33.38 -8.53 14.33
C VAL C 161 32.98 -7.09 14.00
N PHE C 162 31.97 -6.59 14.72
CA PHE C 162 31.49 -5.24 14.52
C PHE C 162 31.22 -4.60 15.88
N PHE C 163 31.54 -3.31 15.98
CA PHE C 163 31.37 -2.55 17.22
C PHE C 163 30.26 -1.52 17.02
N ASP C 164 29.34 -1.47 17.97
CA ASP C 164 28.20 -0.57 17.91
C ASP C 164 28.27 0.44 19.05
N HIS C 165 27.65 1.60 18.83
CA HIS C 165 27.60 2.68 19.82
C HIS C 165 26.13 3.00 20.09
N ASP C 166 25.66 2.62 21.28
CA ASP C 166 24.26 2.89 21.64
C ASP C 166 24.06 4.37 21.92
N ARG C 167 22.88 4.88 21.56
CA ARG C 167 22.56 6.30 21.73
C ARG C 167 21.90 6.58 23.07
N GLY C 168 22.54 6.13 24.15
CA GLY C 168 22.03 6.39 25.49
C GLY C 168 20.65 5.79 25.75
N LYS C 169 20.36 4.63 25.20
CA LYS C 169 19.06 4.00 25.38
C LYS C 169 19.02 3.03 26.55
N THR C 170 20.16 2.72 27.16
CA THR C 170 20.17 1.78 28.28
C THR C 170 19.78 2.45 29.59
N HIS C 171 20.58 3.43 30.03
CA HIS C 171 20.30 4.12 31.28
C HIS C 171 20.53 5.63 31.17
N SER C 172 20.49 6.19 29.97
CA SER C 172 20.72 7.62 29.74
C SER C 172 22.08 8.05 30.27
N SER C 173 23.12 7.28 29.93
CA SER C 173 24.48 7.55 30.36
C SER C 173 25.30 8.26 29.30
N GLY C 174 24.66 9.08 28.47
CA GLY C 174 25.35 9.81 27.43
C GLY C 174 25.57 8.98 26.17
N LYS C 175 26.83 8.67 25.87
CA LYS C 175 27.19 7.88 24.70
C LYS C 175 28.03 6.69 25.15
N LEU C 176 27.62 5.50 24.74
CA LEU C 176 28.32 4.26 25.08
C LEU C 176 28.68 3.54 23.79
N LEU C 177 29.97 3.53 23.46
CA LEU C 177 30.47 2.90 22.25
C LEU C 177 31.20 1.58 22.56
N TYR C 178 30.66 0.82 23.53
CA TYR C 178 31.28 -0.42 23.97
C TYR C 178 30.42 -1.65 23.63
N SER C 179 29.54 -1.54 22.64
CA SER C 179 28.70 -2.65 22.23
C SER C 179 29.43 -3.44 21.15
N ALA C 180 30.02 -4.57 21.54
CA ALA C 180 30.77 -5.42 20.63
C ALA C 180 29.90 -6.59 20.20
N ARG C 181 29.85 -6.84 18.89
CA ARG C 181 29.05 -7.90 18.31
C ARG C 181 29.88 -8.68 17.32
N ILE C 182 29.92 -10.01 17.49
CA ILE C 182 30.65 -10.90 16.59
C ILE C 182 29.63 -11.81 15.92
N ILE C 183 29.65 -11.85 14.59
CA ILE C 183 28.72 -12.65 13.80
C ILE C 183 29.54 -13.61 12.95
N PRO C 184 29.71 -14.85 13.39
CA PRO C 184 30.44 -15.83 12.58
C PRO C 184 29.63 -16.34 11.41
N TYR C 185 30.23 -17.17 10.56
CA TYR C 185 29.53 -17.68 9.39
C TYR C 185 28.52 -18.76 9.78
N ARG C 186 28.93 -19.71 10.60
CA ARG C 186 28.05 -20.80 11.03
C ARG C 186 28.22 -21.01 12.53
N GLY C 187 27.12 -21.31 13.20
CA GLY C 187 27.12 -21.57 14.63
C GLY C 187 26.59 -20.40 15.43
N SER C 188 26.66 -20.55 16.75
CA SER C 188 26.18 -19.52 17.65
C SER C 188 27.15 -18.34 17.69
N TRP C 189 26.62 -17.17 17.99
CA TRP C 189 27.40 -15.94 18.07
C TRP C 189 27.52 -15.47 19.51
N LEU C 190 28.69 -14.92 19.85
CA LEU C 190 28.96 -14.39 21.18
C LEU C 190 29.07 -12.87 21.09
N ASP C 191 28.37 -12.18 21.98
CA ASP C 191 28.35 -10.73 22.00
C ASP C 191 28.80 -10.22 23.36
N PHE C 192 29.55 -9.12 23.36
CA PHE C 192 30.05 -8.49 24.58
C PHE C 192 29.37 -7.15 24.76
N GLU C 193 28.67 -6.98 25.87
CA GLU C 193 27.98 -5.74 26.20
C GLU C 193 28.45 -5.22 27.55
N PHE C 194 28.26 -3.92 27.76
CA PHE C 194 28.66 -3.25 28.99
C PHE C 194 27.43 -2.89 29.80
N ASP C 195 27.43 -3.25 31.07
CA ASP C 195 26.33 -2.93 31.96
C ASP C 195 26.38 -1.46 32.38
N PRO C 196 25.25 -0.88 32.76
CA PRO C 196 25.26 0.52 33.23
C PRO C 196 26.09 0.74 34.49
N LYS C 197 26.42 -0.32 35.23
CA LYS C 197 27.24 -0.22 36.42
C LYS C 197 28.73 -0.41 36.12
N ASP C 198 29.14 -0.18 34.87
CA ASP C 198 30.54 -0.31 34.45
C ASP C 198 31.06 -1.72 34.71
N CYS C 199 30.34 -2.71 34.21
CA CYS C 199 30.71 -4.11 34.36
C CYS C 199 30.56 -4.81 33.01
N VAL C 200 31.61 -5.52 32.60
CA VAL C 200 31.60 -6.24 31.33
C VAL C 200 30.74 -7.49 31.46
N PHE C 201 29.99 -7.81 30.40
CA PHE C 201 29.11 -8.96 30.40
C PHE C 201 29.12 -9.60 29.02
N VAL C 202 29.33 -10.91 28.97
CA VAL C 202 29.31 -11.66 27.72
C VAL C 202 27.93 -12.28 27.55
N ARG C 203 27.43 -12.28 26.32
CA ARG C 203 26.11 -12.78 25.99
C ARG C 203 26.22 -13.81 24.88
N ILE C 204 25.81 -15.04 25.17
CA ILE C 204 25.74 -16.09 24.16
C ILE C 204 24.49 -15.87 23.33
N ASP C 205 24.35 -16.60 22.22
CA ASP C 205 23.20 -16.41 21.33
C ASP C 205 21.94 -16.97 21.97
N ARG C 206 21.50 -16.35 23.07
CA ARG C 206 20.33 -16.76 23.83
C ARG C 206 20.05 -15.69 24.88
N ARG C 207 18.81 -15.65 25.34
CA ARG C 207 18.41 -14.67 26.36
C ARG C 207 19.02 -15.06 27.69
N ARG C 208 20.14 -14.42 28.04
CA ARG C 208 20.86 -14.71 29.28
C ARG C 208 21.84 -13.57 29.52
N LYS C 209 22.41 -13.58 30.73
CA LYS C 209 23.40 -12.58 31.13
C LYS C 209 24.54 -13.29 31.85
N LEU C 210 25.70 -13.36 31.20
CA LEU C 210 26.86 -14.03 31.77
C LEU C 210 27.97 -13.03 32.06
N PRO C 211 28.64 -13.15 33.20
CA PRO C 211 29.71 -12.20 33.52
C PRO C 211 30.96 -12.46 32.70
N ALA C 212 31.83 -11.44 32.65
CA ALA C 212 33.07 -11.56 31.90
C ALA C 212 34.10 -12.43 32.62
N SER C 213 33.99 -12.58 33.94
CA SER C 213 34.93 -13.43 34.67
C SER C 213 34.65 -14.91 34.41
N VAL C 214 33.42 -15.26 34.04
CA VAL C 214 33.10 -16.64 33.75
C VAL C 214 33.63 -17.05 32.39
N LEU C 215 33.72 -16.11 31.45
CA LEU C 215 34.26 -16.44 30.13
C LEU C 215 35.76 -16.69 30.18
N LEU C 216 36.48 -15.94 31.04
CA LEU C 216 37.91 -16.15 31.18
C LEU C 216 38.23 -17.41 31.98
N ARG C 217 37.36 -17.78 32.92
CA ARG C 217 37.58 -19.00 33.70
C ARG C 217 37.23 -20.26 32.92
N ALA C 218 36.26 -20.17 32.01
CA ALA C 218 35.89 -21.33 31.21
C ALA C 218 36.95 -21.66 30.16
N LEU C 219 37.73 -20.65 29.73
CA LEU C 219 38.78 -20.87 28.75
C LEU C 219 40.00 -21.56 29.35
N GLY C 220 40.14 -21.53 30.68
CA GLY C 220 41.28 -22.15 31.35
C GLY C 220 42.18 -21.19 32.09
N TYR C 221 41.98 -19.88 31.97
CA TYR C 221 42.82 -18.90 32.65
C TYR C 221 42.31 -18.65 34.05
N SER C 222 43.25 -18.49 34.99
CA SER C 222 42.91 -18.25 36.38
C SER C 222 42.59 -16.77 36.59
N THR C 223 42.34 -16.39 37.85
CA THR C 223 42.03 -15.00 38.16
C THR C 223 43.26 -14.12 38.08
N GLU C 224 44.44 -14.66 38.38
CA GLU C 224 45.66 -13.87 38.30
C GLU C 224 46.12 -13.64 36.87
N GLU C 225 45.90 -14.63 36.00
CA GLU C 225 46.31 -14.48 34.60
C GLU C 225 45.38 -13.52 33.85
N ILE C 226 44.09 -13.53 34.19
CA ILE C 226 43.15 -12.63 33.53
C ILE C 226 43.34 -11.20 34.00
N LEU C 227 43.74 -11.01 35.26
CA LEU C 227 43.96 -9.66 35.76
C LEU C 227 45.18 -9.01 35.13
N ASN C 228 46.17 -9.81 34.71
CA ASN C 228 47.35 -9.24 34.07
C ASN C 228 47.07 -8.78 32.65
N ALA C 229 46.05 -9.35 32.00
CA ALA C 229 45.71 -8.95 30.65
C ALA C 229 44.99 -7.61 30.61
N PHE C 230 44.21 -7.30 31.65
CA PHE C 230 43.49 -6.03 31.68
C PHE C 230 44.42 -4.89 32.04
N TYR C 231 45.10 -4.99 33.17
CA TYR C 231 46.01 -3.95 33.64
C TYR C 231 47.40 -4.54 33.85
N ALA C 232 48.42 -3.75 33.54
CA ALA C 232 49.80 -4.21 33.69
C ALA C 232 50.19 -4.26 35.17
N THR C 233 51.26 -4.99 35.44
CA THR C 233 51.76 -5.15 36.79
C THR C 233 52.78 -4.07 37.12
N ASN C 234 52.90 -3.77 38.42
CA ASN C 234 53.85 -2.79 38.91
C ASN C 234 54.78 -3.44 39.93
N VAL C 235 55.91 -2.79 40.17
CA VAL C 235 56.91 -3.27 41.10
C VAL C 235 56.96 -2.35 42.31
N PHE C 236 57.24 -2.94 43.48
CA PHE C 236 57.30 -2.20 44.72
C PHE C 236 58.26 -2.90 45.68
N HIS C 237 58.93 -2.10 46.51
CA HIS C 237 59.86 -2.61 47.50
C HIS C 237 59.81 -1.72 48.73
N ILE C 238 60.05 -2.33 49.88
CA ILE C 238 60.06 -1.61 51.16
C ILE C 238 61.48 -1.48 51.68
N LYS C 239 62.13 -0.37 51.33
CA LYS C 239 63.49 -0.08 51.78
C LYS C 239 63.60 1.42 52.02
N GLY C 240 64.41 1.78 53.03
CA GLY C 240 64.61 3.17 53.37
C GLY C 240 63.49 3.72 54.23
N GLU C 241 62.62 4.54 53.64
CA GLU C 241 61.48 5.10 54.36
C GLU C 241 60.28 4.16 54.35
N THR C 242 60.53 2.91 54.76
CA THR C 242 59.50 1.89 54.93
C THR C 242 58.80 1.53 53.63
N LEU C 243 59.20 2.13 52.51
CA LEU C 243 58.58 1.89 51.23
C LEU C 243 59.38 2.59 50.15
N ASN C 244 59.22 2.11 48.91
CA ASN C 244 59.86 2.72 47.75
C ASN C 244 58.95 2.51 46.54
N LEU C 245 58.54 3.62 45.93
CA LEU C 245 57.64 3.59 44.78
C LEU C 245 58.43 3.75 43.49
N GLU C 246 58.08 2.95 42.48
CA GLU C 246 58.70 3.04 41.17
C GLU C 246 57.93 4.08 40.36
N LEU C 247 58.49 5.29 40.26
CA LEU C 247 57.82 6.39 39.57
C LEU C 247 58.00 6.26 38.07
N VAL C 248 56.88 6.24 37.35
CA VAL C 248 56.87 6.18 35.89
C VAL C 248 56.36 7.53 35.38
N PRO C 249 57.15 8.26 34.59
CA PRO C 249 56.70 9.58 34.11
C PRO C 249 55.50 9.51 33.20
N GLN C 250 55.32 8.41 32.47
CA GLN C 250 54.20 8.28 31.55
C GLN C 250 52.88 8.03 32.28
N ARG C 251 52.92 7.30 33.40
CA ARG C 251 51.68 7.01 34.11
C ARG C 251 51.16 8.23 34.86
N LEU C 252 52.04 9.12 35.31
CA LEU C 252 51.63 10.30 36.06
C LEU C 252 51.21 11.45 35.15
N ARG C 253 51.16 11.25 33.84
CA ARG C 253 50.77 12.31 32.92
C ARG C 253 49.26 12.48 32.95
N GLY C 254 48.81 13.68 33.33
CA GLY C 254 47.39 13.97 33.36
C GLY C 254 46.67 13.56 34.62
N GLU C 255 47.41 13.30 35.71
CA GLU C 255 46.82 12.89 36.97
C GLU C 255 47.16 13.91 38.05
N VAL C 256 46.13 14.39 38.74
CA VAL C 256 46.34 15.35 39.83
C VAL C 256 46.89 14.61 41.04
N ALA C 257 47.89 15.22 41.69
CA ALA C 257 48.53 14.63 42.86
C ALA C 257 48.20 15.45 44.09
N SER C 258 47.58 14.81 45.08
CA SER C 258 47.28 15.44 46.36
C SER C 258 48.25 15.06 47.46
N ILE C 259 49.35 14.39 47.10
CA ILE C 259 50.34 13.94 48.08
C ILE C 259 51.65 14.67 47.84
N ASP C 260 52.64 14.43 48.69
CA ASP C 260 53.95 15.05 48.59
C ASP C 260 54.91 14.06 47.94
N ILE C 261 55.49 14.45 46.81
CA ILE C 261 56.45 13.62 46.09
C ILE C 261 57.79 14.35 46.09
N LYS C 262 58.03 15.11 47.16
CA LYS C 262 59.24 15.94 47.27
C LYS C 262 60.52 15.12 47.43
N ASP C 263 60.45 13.79 47.33
CA ASP C 263 61.65 12.96 47.43
C ASP C 263 62.60 13.26 46.27
N GLY C 264 63.84 12.80 46.42
CA GLY C 264 64.86 13.05 45.43
C GLY C 264 66.08 13.75 46.00
N SER C 265 66.30 13.57 47.31
CA SER C 265 67.44 14.16 48.02
C SER C 265 67.43 15.69 47.91
N GLY C 266 66.36 16.28 48.45
CA GLY C 266 66.24 17.73 48.48
C GLY C 266 65.75 18.37 47.20
N LYS C 267 65.11 17.61 46.31
CA LYS C 267 64.59 18.13 45.05
C LYS C 267 63.09 17.86 45.00
N VAL C 268 62.30 18.92 45.15
CA VAL C 268 60.85 18.80 45.09
C VAL C 268 60.40 18.71 43.64
N ILE C 269 59.32 17.96 43.42
CA ILE C 269 58.80 17.77 42.07
C ILE C 269 57.39 18.35 41.99
N VAL C 270 56.47 17.80 42.77
CA VAL C 270 55.08 18.24 42.79
C VAL C 270 54.67 18.49 44.24
N GLU C 271 54.18 19.69 44.51
CA GLU C 271 53.72 20.05 45.85
C GLU C 271 52.29 19.56 46.06
N GLN C 272 51.76 19.80 47.25
CA GLN C 272 50.40 19.38 47.58
C GLN C 272 49.39 20.28 46.90
N GLY C 273 48.57 19.71 46.03
CA GLY C 273 47.54 20.46 45.34
C GLY C 273 47.97 21.11 44.04
N ARG C 274 49.02 20.60 43.40
CA ARG C 274 49.51 21.16 42.14
C ARG C 274 49.30 20.14 41.03
N ARG C 275 48.68 20.58 39.94
CA ARG C 275 48.45 19.70 38.79
C ARG C 275 49.72 19.63 37.94
N ILE C 276 50.17 18.41 37.66
CA ILE C 276 51.39 18.22 36.88
C ILE C 276 51.15 18.69 35.45
N THR C 277 52.11 19.44 34.92
CA THR C 277 52.04 20.01 33.58
C THR C 277 53.18 19.47 32.74
N ALA C 278 53.19 19.86 31.45
CA ALA C 278 54.27 19.46 30.57
C ALA C 278 55.62 19.98 31.04
N ARG C 279 55.62 21.11 31.74
CA ARG C 279 56.88 21.62 32.30
C ARG C 279 57.36 20.73 33.44
N HIS C 280 56.44 20.22 34.26
CA HIS C 280 56.84 19.30 35.33
C HIS C 280 57.16 17.92 34.78
N ILE C 281 56.61 17.56 33.62
CA ILE C 281 56.94 16.29 33.01
C ILE C 281 58.39 16.26 32.56
N ASN C 282 58.84 17.33 31.91
CA ASN C 282 60.23 17.42 31.46
C ASN C 282 61.21 17.49 32.63
N GLN C 283 60.73 17.82 33.83
CA GLN C 283 61.62 17.90 34.98
C GLN C 283 62.04 16.53 35.48
N LEU C 284 61.26 15.48 35.16
CA LEU C 284 61.57 14.15 35.65
C LEU C 284 62.59 13.41 34.80
N GLU C 285 62.64 13.67 33.49
CA GLU C 285 63.58 12.96 32.63
C GLU C 285 65.01 13.44 32.85
N LYS C 286 65.19 14.74 33.14
CA LYS C 286 66.53 15.26 33.38
C LYS C 286 67.10 14.78 34.72
N ALA C 287 66.23 14.52 35.70
CA ALA C 287 66.70 14.05 36.99
C ALA C 287 66.93 12.55 36.99
N GLY C 288 66.00 11.79 36.42
CA GLY C 288 66.14 10.35 36.36
C GLY C 288 65.87 9.63 37.67
N VAL C 289 65.08 10.21 38.55
CA VAL C 289 64.78 9.59 39.83
C VAL C 289 63.76 8.48 39.63
N SER C 290 63.97 7.35 40.32
CA SER C 290 63.09 6.21 40.21
C SER C 290 62.38 5.85 41.51
N GLN C 291 62.86 6.34 42.65
CA GLN C 291 62.28 6.02 43.95
C GLN C 291 61.79 7.31 44.60
N LEU C 292 60.55 7.31 45.06
CA LEU C 292 59.96 8.46 45.72
C LEU C 292 59.28 8.01 47.01
N GLU C 293 58.96 8.99 47.86
CA GLU C 293 58.32 8.75 49.14
C GLU C 293 56.84 9.08 49.02
N VAL C 294 55.99 8.09 49.27
CA VAL C 294 54.54 8.25 49.17
C VAL C 294 53.91 7.77 50.46
N PRO C 295 53.00 8.53 51.07
CA PRO C 295 52.35 8.08 52.31
C PRO C 295 51.44 6.90 52.04
N PHE C 296 51.09 6.20 53.12
CA PHE C 296 50.26 5.00 53.02
C PHE C 296 48.81 5.32 52.68
N ASP C 297 48.41 6.58 52.69
CA ASP C 297 47.02 6.92 52.39
C ASP C 297 46.74 6.86 50.89
N TYR C 298 47.76 7.03 50.06
CA TYR C 298 47.56 6.98 48.61
C TYR C 298 47.42 5.56 48.10
N LEU C 299 48.02 4.58 48.78
CA LEU C 299 47.96 3.19 48.34
C LEU C 299 46.61 2.54 48.61
N ILE C 300 45.69 3.23 49.31
CA ILE C 300 44.41 2.63 49.63
C ILE C 300 43.55 2.45 48.38
N GLY C 301 43.66 3.38 47.43
CA GLY C 301 42.89 3.28 46.20
C GLY C 301 43.37 2.21 45.24
N ARG C 302 44.55 1.67 45.46
CA ARG C 302 45.10 0.64 44.58
C ARG C 302 44.65 -0.74 45.02
N THR C 303 44.83 -1.71 44.11
CA THR C 303 44.47 -3.09 44.37
C THR C 303 45.63 -4.01 43.98
N ILE C 304 45.66 -5.19 44.59
CA ILE C 304 46.73 -6.15 44.31
C ILE C 304 46.37 -6.97 43.08
N ALA C 305 47.39 -7.60 42.50
CA ALA C 305 47.21 -8.44 41.31
C ALA C 305 47.16 -9.93 41.64
N LYS C 306 48.04 -10.41 42.50
CA LYS C 306 48.08 -11.82 42.89
C LYS C 306 48.08 -11.92 44.41
N ALA C 307 47.94 -13.15 44.90
CA ALA C 307 47.90 -13.39 46.33
C ALA C 307 49.28 -13.20 46.94
N ILE C 308 49.32 -12.57 48.11
CA ILE C 308 50.56 -12.32 48.83
C ILE C 308 50.68 -13.34 49.95
N VAL C 309 51.57 -14.31 49.78
CA VAL C 309 51.81 -15.35 50.77
C VAL C 309 53.25 -15.22 51.23
N HIS C 310 53.43 -14.86 52.50
CA HIS C 310 54.78 -14.70 53.03
C HIS C 310 55.37 -16.06 53.41
N PRO C 311 56.65 -16.30 53.10
CA PRO C 311 57.25 -17.60 53.45
C PRO C 311 57.54 -17.77 54.93
N ALA C 312 57.68 -16.67 55.68
CA ALA C 312 57.94 -16.78 57.11
C ALA C 312 56.68 -17.06 57.90
N THR C 313 55.53 -16.52 57.48
CA THR C 313 54.28 -16.76 58.18
C THR C 313 53.74 -18.16 57.89
N GLY C 314 53.58 -18.48 56.60
CA GLY C 314 53.09 -19.78 56.19
C GLY C 314 51.63 -19.83 55.79
N GLU C 315 50.93 -18.70 55.83
CA GLU C 315 49.53 -18.65 55.47
C GLU C 315 49.28 -17.47 54.53
N ILE C 316 48.18 -17.56 53.78
CA ILE C 316 47.81 -16.52 52.83
C ILE C 316 47.19 -15.36 53.61
N ILE C 317 47.89 -14.22 53.63
CA ILE C 317 47.39 -13.04 54.33
C ILE C 317 46.66 -12.07 53.40
N ALA C 318 46.81 -12.22 52.08
CA ALA C 318 46.15 -11.34 51.12
C ALA C 318 45.71 -12.18 49.93
N GLU C 319 44.43 -12.07 49.58
CA GLU C 319 43.89 -12.81 48.45
C GLU C 319 44.27 -12.13 47.13
N CYS C 320 44.15 -12.89 46.05
CA CYS C 320 44.48 -12.39 44.72
C CYS C 320 43.33 -11.56 44.17
N ASN C 321 43.67 -10.43 43.56
CA ASN C 321 42.70 -9.51 42.95
C ASN C 321 41.66 -9.06 43.98
N THR C 322 42.14 -8.37 45.00
CA THR C 322 41.29 -7.84 46.06
C THR C 322 41.73 -6.42 46.39
N GLU C 323 40.76 -5.59 46.77
CA GLU C 323 41.07 -4.21 47.13
C GLU C 323 41.88 -4.15 48.40
N LEU C 324 42.67 -3.09 48.54
CA LEU C 324 43.54 -2.92 49.69
C LEU C 324 42.86 -2.04 50.74
N THR C 325 42.99 -2.44 52.00
CA THR C 325 42.40 -1.72 53.12
C THR C 325 43.48 -1.45 54.17
N LEU C 326 43.06 -0.86 55.29
CA LEU C 326 44.02 -0.52 56.34
C LEU C 326 44.54 -1.75 57.06
N ASP C 327 43.74 -2.82 57.13
CA ASP C 327 44.18 -4.03 57.82
C ASP C 327 45.17 -4.83 56.99
N LEU C 328 45.21 -4.61 55.68
CA LEU C 328 46.17 -5.34 54.84
C LEU C 328 47.59 -4.86 55.10
N LEU C 329 47.77 -3.56 55.40
CA LEU C 329 49.10 -3.06 55.72
C LEU C 329 49.61 -3.62 57.04
N ALA C 330 48.71 -3.85 58.00
CA ALA C 330 49.12 -4.41 59.28
C ALA C 330 49.63 -5.85 59.11
N LYS C 331 49.01 -6.61 58.20
CA LYS C 331 49.46 -7.96 57.94
C LYS C 331 50.73 -7.98 57.10
N VAL C 332 50.89 -7.00 56.20
CA VAL C 332 52.09 -6.96 55.36
C VAL C 332 53.27 -6.37 56.12
N ALA C 333 53.01 -5.51 57.11
CA ALA C 333 54.12 -4.94 57.88
C ALA C 333 54.76 -5.98 58.77
N LYS C 334 53.94 -6.78 59.47
CA LYS C 334 54.48 -7.82 60.33
C LYS C 334 55.14 -8.93 59.54
N ALA C 335 54.67 -9.17 58.31
CA ALA C 335 55.27 -10.20 57.46
C ALA C 335 56.55 -9.73 56.79
N GLN C 336 56.73 -8.41 56.63
CA GLN C 336 57.92 -7.83 56.01
C GLN C 336 58.12 -8.38 54.59
N VAL C 337 57.05 -8.39 53.81
CA VAL C 337 57.11 -8.88 52.43
C VAL C 337 57.88 -7.86 51.60
N VAL C 338 59.10 -8.23 51.19
CA VAL C 338 59.92 -7.33 50.39
C VAL C 338 59.29 -7.09 49.02
N ARG C 339 58.73 -8.13 48.41
CA ARG C 339 58.09 -8.02 47.11
C ARG C 339 56.60 -7.76 47.28
N ILE C 340 56.12 -6.71 46.63
CA ILE C 340 54.71 -6.33 46.68
C ILE C 340 54.17 -6.38 45.25
N GLU C 341 53.00 -6.99 45.09
CA GLU C 341 52.37 -7.15 43.79
C GLU C 341 51.07 -6.35 43.74
N THR C 342 50.85 -5.68 42.61
CA THR C 342 49.66 -4.86 42.43
C THR C 342 49.37 -4.75 40.95
N LEU C 343 48.23 -4.14 40.63
CA LEU C 343 47.80 -3.95 39.25
C LEU C 343 47.75 -2.46 38.92
N TYR C 344 47.79 -2.16 37.63
CA TYR C 344 47.76 -0.78 37.17
C TYR C 344 46.36 -0.20 37.31
N THR C 345 46.30 1.09 37.62
CA THR C 345 45.03 1.78 37.78
C THR C 345 45.25 3.27 37.52
N ASN C 346 44.30 3.88 36.83
CA ASN C 346 44.39 5.31 36.51
C ASN C 346 42.98 5.84 36.25
N ASP C 347 42.64 6.94 36.93
CA ASP C 347 41.33 7.55 36.76
C ASP C 347 41.27 8.51 35.57
N ILE C 348 42.42 8.97 35.07
CA ILE C 348 42.42 9.89 33.94
C ILE C 348 42.15 9.14 32.63
N ASP C 349 42.90 8.06 32.39
CA ASP C 349 42.73 7.28 31.19
C ASP C 349 42.95 5.81 31.52
N CYS C 350 42.43 4.94 30.64
CA CYS C 350 42.53 3.49 30.80
C CYS C 350 41.93 3.04 32.13
N GLY C 351 40.65 3.33 32.30
CA GLY C 351 39.94 2.98 33.51
C GLY C 351 39.73 1.48 33.64
N PRO C 352 39.84 0.97 34.87
CA PRO C 352 39.65 -0.47 35.11
C PRO C 352 38.17 -0.88 35.14
N PHE C 353 37.57 -0.94 33.95
CA PHE C 353 36.16 -1.30 33.84
C PHE C 353 35.96 -2.80 34.01
N ILE C 354 36.84 -3.61 33.45
CA ILE C 354 36.71 -5.06 33.57
C ILE C 354 37.28 -5.57 34.89
N SER C 355 38.07 -4.76 35.59
CA SER C 355 38.64 -5.21 36.87
C SER C 355 37.57 -5.30 37.95
N ASP C 356 36.54 -4.44 37.89
CA ASP C 356 35.46 -4.49 38.86
C ASP C 356 34.48 -5.62 38.59
N THR C 357 34.38 -6.08 37.33
CA THR C 357 33.46 -7.16 37.01
C THR C 357 33.99 -8.53 37.44
N LEU C 358 35.30 -8.67 37.60
CA LEU C 358 35.85 -9.95 38.03
C LEU C 358 35.53 -10.25 39.48
N LYS C 359 35.40 -9.21 40.32
CA LYS C 359 35.05 -9.39 41.72
C LYS C 359 33.56 -9.55 41.95
N ILE C 360 32.72 -9.29 40.94
CA ILE C 360 31.29 -9.41 41.11
C ILE C 360 30.85 -10.87 41.00
N ASP C 361 31.47 -11.63 40.08
CA ASP C 361 31.12 -13.02 39.88
C ASP C 361 31.96 -13.93 40.75
N ASN C 362 31.37 -15.05 41.16
CA ASN C 362 32.05 -16.03 42.00
C ASN C 362 32.75 -17.10 41.17
N THR C 363 33.60 -16.68 40.24
CA THR C 363 34.35 -17.60 39.39
C THR C 363 35.66 -17.95 40.09
N SER C 364 35.56 -18.85 41.06
CA SER C 364 36.74 -19.24 41.83
C SER C 364 37.55 -20.32 41.12
N ASN C 365 36.90 -21.32 40.55
CA ASN C 365 37.56 -22.43 39.88
C ASN C 365 37.16 -22.47 38.42
N GLN C 366 38.00 -23.11 37.61
CA GLN C 366 37.73 -23.24 36.18
C GLN C 366 36.66 -24.29 35.91
N LEU C 367 36.65 -25.38 36.69
CA LEU C 367 35.65 -26.41 36.49
C LEU C 367 34.28 -25.96 36.97
N GLU C 368 34.23 -25.04 37.94
CA GLU C 368 32.94 -24.54 38.42
C GLU C 368 32.27 -23.63 37.40
N ALA C 369 33.05 -22.95 36.57
CA ALA C 369 32.48 -22.08 35.55
C ALA C 369 31.97 -22.85 34.33
N LEU C 370 32.47 -24.05 34.10
CA LEU C 370 32.01 -24.84 32.96
C LEU C 370 30.59 -25.36 33.18
N VAL C 371 30.29 -25.79 34.42
CA VAL C 371 28.96 -26.28 34.72
C VAL C 371 27.94 -25.15 34.86
N GLU C 372 28.39 -23.93 35.15
CA GLU C 372 27.47 -22.81 35.27
C GLU C 372 27.00 -22.34 33.91
N ILE C 373 27.87 -22.37 32.90
CA ILE C 373 27.47 -21.96 31.55
C ILE C 373 26.54 -23.00 30.94
N TYR C 374 26.81 -24.29 31.18
CA TYR C 374 25.94 -25.34 30.65
C TYR C 374 24.56 -25.29 31.28
N ARG C 375 24.45 -24.78 32.51
CA ARG C 375 23.14 -24.67 33.15
C ARG C 375 22.33 -23.52 32.56
N MET C 376 23.01 -22.47 32.08
CA MET C 376 22.29 -21.35 31.47
C MET C 376 21.67 -21.74 30.14
N MET C 377 22.35 -22.61 29.38
CA MET C 377 21.83 -23.06 28.10
C MET C 377 20.81 -24.20 28.25
N ARG C 378 20.76 -24.83 29.41
CA ARG C 378 19.83 -25.94 29.65
C ARG C 378 19.47 -25.97 31.13
N PRO C 379 18.44 -25.23 31.54
CA PRO C 379 18.07 -25.21 32.95
C PRO C 379 17.44 -26.53 33.38
N GLY C 380 17.81 -26.99 34.57
CA GLY C 380 17.29 -28.23 35.10
C GLY C 380 17.96 -29.48 34.57
N GLU C 381 19.08 -29.35 33.88
CA GLU C 381 19.78 -30.51 33.32
C GLU C 381 20.61 -31.19 34.41
N PRO C 382 21.22 -32.33 34.08
CA PRO C 382 22.03 -33.04 35.07
C PRO C 382 23.39 -32.39 35.23
N PRO C 383 23.82 -32.12 36.45
CA PRO C 383 25.14 -31.47 36.67
C PRO C 383 26.30 -32.45 36.60
N THR C 384 26.70 -32.79 35.37
CA THR C 384 27.81 -33.69 35.13
C THR C 384 29.04 -32.90 34.69
N LYS C 385 30.21 -33.29 35.21
CA LYS C 385 31.44 -32.58 34.88
C LYS C 385 32.00 -33.04 33.53
N GLU C 386 31.92 -34.33 33.24
CA GLU C 386 32.46 -34.85 31.99
C GLU C 386 31.53 -34.59 30.80
N ALA C 387 30.22 -34.53 31.05
CA ALA C 387 29.27 -34.31 29.96
C ALA C 387 29.20 -32.84 29.56
N ALA C 388 29.24 -31.93 30.54
CA ALA C 388 29.16 -30.51 30.23
C ALA C 388 30.44 -29.99 29.61
N GLU C 389 31.58 -30.60 29.93
CA GLU C 389 32.85 -30.15 29.39
C GLU C 389 33.00 -30.50 27.91
N THR C 390 32.23 -31.47 27.41
CA THR C 390 32.31 -31.85 26.01
C THR C 390 31.49 -30.93 25.11
N LEU C 391 30.34 -30.44 25.61
CA LEU C 391 29.50 -29.57 24.80
C LEU C 391 30.09 -28.18 24.67
N PHE C 392 30.74 -27.68 25.72
CA PHE C 392 31.32 -26.34 25.66
C PHE C 392 32.53 -26.31 24.74
N GLY C 393 33.35 -27.36 24.75
CA GLY C 393 34.50 -27.40 23.88
C GLY C 393 34.15 -27.59 22.42
N ASN C 394 33.00 -28.18 22.14
CA ASN C 394 32.54 -28.42 20.77
C ASN C 394 31.73 -27.25 20.22
N LEU C 395 31.62 -26.15 20.95
CA LEU C 395 30.84 -24.99 20.52
C LEU C 395 31.70 -23.91 19.89
N PHE C 396 32.88 -23.64 20.45
CA PHE C 396 33.76 -22.58 19.94
C PHE C 396 35.18 -23.07 19.68
N PHE C 397 35.43 -24.38 19.74
CA PHE C 397 36.77 -24.91 19.52
C PHE C 397 36.78 -26.15 18.66
N SER C 398 35.68 -26.51 18.02
CA SER C 398 35.61 -27.70 17.18
C SER C 398 35.08 -27.32 15.80
N ALA C 399 35.40 -28.16 14.81
CA ALA C 399 34.95 -27.92 13.45
C ALA C 399 33.47 -28.20 13.27
N GLU C 400 32.86 -28.99 14.17
CA GLU C 400 31.45 -29.30 14.06
C GLU C 400 30.60 -28.17 14.63
N ARG C 401 29.51 -27.86 13.93
CA ARG C 401 28.53 -26.84 14.31
C ARG C 401 29.12 -25.45 14.41
N TYR C 402 30.34 -25.24 13.88
CA TYR C 402 30.97 -23.92 13.91
C TYR C 402 31.97 -23.87 12.76
N ASP C 403 31.59 -23.21 11.67
CA ASP C 403 32.43 -23.08 10.49
C ASP C 403 32.56 -21.61 10.13
N LEU C 404 33.79 -21.11 10.07
CA LEU C 404 34.09 -19.75 9.69
C LEU C 404 34.70 -19.75 8.29
N SER C 405 34.02 -19.08 7.36
CA SER C 405 34.47 -19.08 5.98
C SER C 405 35.76 -18.27 5.83
N ALA C 406 36.39 -18.39 4.66
CA ALA C 406 37.61 -17.65 4.38
C ALA C 406 37.37 -16.15 4.29
N VAL C 407 36.16 -15.73 3.96
CA VAL C 407 35.86 -14.30 3.92
C VAL C 407 35.77 -13.71 5.32
N GLY C 408 35.55 -14.54 6.34
CA GLY C 408 35.46 -14.07 7.71
C GLY C 408 36.83 -13.97 8.36
N ARG C 409 37.75 -14.85 7.98
CA ARG C 409 39.09 -14.81 8.56
C ARG C 409 39.89 -13.62 8.05
N MET C 410 39.65 -13.19 6.81
CA MET C 410 40.35 -12.03 6.28
C MET C 410 39.83 -10.74 6.89
N LYS C 411 38.52 -10.67 7.14
CA LYS C 411 37.94 -9.47 7.74
C LYS C 411 38.25 -9.37 9.23
N PHE C 412 38.41 -10.50 9.91
CA PHE C 412 38.70 -10.48 11.34
C PHE C 412 40.11 -9.98 11.60
N ASN C 413 41.05 -10.25 10.70
CA ASN C 413 42.42 -9.78 10.87
C ASN C 413 42.59 -8.30 10.57
N ARG C 414 41.72 -7.73 9.74
CA ARG C 414 41.82 -6.31 9.41
C ARG C 414 41.30 -5.44 10.55
N ARG C 415 40.23 -5.87 11.23
CA ARG C 415 39.68 -5.09 12.32
C ARG C 415 40.55 -5.18 13.57
N ILE C 416 41.04 -6.38 13.89
CA ILE C 416 41.87 -6.54 15.09
C ILE C 416 43.24 -5.93 14.86
N GLY C 417 43.87 -6.22 13.73
CA GLY C 417 45.18 -5.69 13.41
C GLY C 417 46.22 -6.75 13.15
N ARG C 418 45.78 -7.98 12.93
CA ARG C 418 46.70 -9.08 12.66
C ARG C 418 47.26 -8.98 11.25
N THR C 419 48.47 -9.51 11.06
CA THR C 419 49.15 -9.49 9.78
C THR C 419 48.90 -10.76 8.97
N GLU C 420 48.15 -11.71 9.50
CA GLU C 420 47.88 -12.96 8.79
C GLU C 420 46.67 -12.77 7.90
N ILE C 421 46.86 -12.97 6.59
CA ILE C 421 45.75 -12.81 5.65
C ILE C 421 44.80 -13.99 5.73
N GLU C 422 45.34 -15.19 5.88
CA GLU C 422 44.54 -16.41 5.97
C GLU C 422 44.67 -17.00 7.36
N GLY C 423 43.55 -17.41 7.95
CA GLY C 423 43.53 -17.99 9.26
C GLY C 423 42.68 -19.24 9.33
N PRO C 424 42.73 -19.94 10.46
CA PRO C 424 41.94 -21.16 10.61
C PRO C 424 40.47 -20.84 10.89
N GLY C 425 39.63 -21.82 10.57
CA GLY C 425 38.20 -21.66 10.77
C GLY C 425 37.77 -21.75 12.22
N VAL C 426 38.43 -22.61 12.99
CA VAL C 426 38.11 -22.77 14.41
C VAL C 426 38.75 -21.62 15.19
N LEU C 427 37.97 -21.03 16.08
CA LEU C 427 38.46 -19.92 16.88
C LEU C 427 39.45 -20.42 17.93
N SER C 428 40.51 -19.64 18.15
CA SER C 428 41.55 -19.99 19.11
C SER C 428 41.36 -19.22 20.40
N LYS C 429 42.21 -19.54 21.39
CA LYS C 429 42.13 -18.86 22.68
C LYS C 429 42.68 -17.45 22.60
N GLU C 430 43.63 -17.20 21.69
CA GLU C 430 44.17 -15.86 21.53
C GLU C 430 43.22 -14.93 20.81
N ASP C 431 42.32 -15.48 19.97
CA ASP C 431 41.37 -14.64 19.26
C ASP C 431 40.20 -14.24 20.13
N ILE C 432 39.89 -15.02 21.16
CA ILE C 432 38.78 -14.67 22.06
C ILE C 432 39.18 -13.56 23.02
N ILE C 433 40.42 -13.60 23.52
CA ILE C 433 40.89 -12.55 24.42
C ILE C 433 41.29 -11.28 23.67
N ASP C 434 41.58 -11.38 22.37
CA ASP C 434 41.95 -10.19 21.61
C ASP C 434 40.76 -9.28 21.37
N VAL C 435 39.55 -9.85 21.30
CA VAL C 435 38.36 -9.02 21.12
C VAL C 435 38.10 -8.19 22.37
N LEU C 436 38.32 -8.76 23.55
CA LEU C 436 38.10 -8.01 24.78
C LEU C 436 39.15 -6.94 24.97
N LYS C 437 40.35 -7.14 24.43
CA LYS C 437 41.38 -6.11 24.52
C LYS C 437 41.06 -4.92 23.63
N THR C 438 40.43 -5.15 22.48
CA THR C 438 40.04 -4.07 21.59
C THR C 438 38.76 -3.37 22.04
N LEU C 439 37.94 -4.03 22.86
CA LEU C 439 36.70 -3.41 23.32
C LEU C 439 36.96 -2.39 24.43
N VAL C 440 37.88 -2.70 25.34
CA VAL C 440 38.19 -1.77 26.42
C VAL C 440 38.98 -0.57 25.91
N ASP C 441 39.64 -0.69 24.76
CA ASP C 441 40.37 0.45 24.20
C ASP C 441 39.43 1.46 23.55
N ILE C 442 38.32 0.99 22.96
CA ILE C 442 37.36 1.91 22.36
C ILE C 442 36.54 2.63 23.43
N ARG C 443 36.40 2.05 24.61
CA ARG C 443 35.65 2.71 25.68
C ARG C 443 36.46 3.85 26.30
N ASN C 444 37.78 3.67 26.42
CA ASN C 444 38.61 4.71 27.01
C ASN C 444 38.78 5.91 26.09
N GLY C 445 38.60 5.74 24.78
CA GLY C 445 38.71 6.85 23.86
C GLY C 445 39.71 6.61 22.75
N LYS C 446 40.10 5.35 22.54
CA LYS C 446 41.04 4.96 21.50
C LYS C 446 40.29 4.16 20.44
N GLY C 447 39.93 4.82 19.35
CA GLY C 447 39.20 4.19 18.27
C GLY C 447 37.75 4.64 18.22
N ILE C 448 37.10 4.28 17.12
CA ILE C 448 35.71 4.62 16.87
C ILE C 448 34.94 3.34 16.53
N VAL C 449 33.63 3.43 16.58
CA VAL C 449 32.76 2.30 16.26
C VAL C 449 32.61 2.19 14.75
N ASP C 450 32.41 0.96 14.27
CA ASP C 450 32.26 0.71 12.86
C ASP C 450 30.82 1.02 12.41
N ASP C 451 30.67 1.21 11.10
CA ASP C 451 29.38 1.51 10.49
C ASP C 451 28.88 0.29 9.74
N ILE C 452 27.60 -0.06 9.97
CA ILE C 452 27.01 -1.22 9.31
C ILE C 452 26.52 -0.92 7.91
N ASP C 453 26.39 0.36 7.55
CA ASP C 453 25.94 0.74 6.21
C ASP C 453 27.07 0.83 5.20
N HIS C 454 28.32 0.68 5.64
CA HIS C 454 29.44 0.74 4.72
C HIS C 454 29.49 -0.53 3.87
N LEU C 455 29.72 -0.35 2.57
CA LEU C 455 29.78 -1.48 1.66
C LEU C 455 30.98 -2.39 1.93
N GLY C 456 32.00 -1.88 2.62
CA GLY C 456 33.12 -2.73 3.01
C GLY C 456 32.76 -3.75 4.07
N ASN C 457 31.67 -3.53 4.81
CA ASN C 457 31.21 -4.48 5.82
C ASN C 457 30.10 -5.38 5.32
N ARG C 458 29.54 -5.11 4.13
CA ARG C 458 28.50 -5.93 3.55
C ARG C 458 29.06 -6.85 2.47
N ARG C 459 28.29 -7.88 2.12
CA ARG C 459 28.70 -8.85 1.13
C ARG C 459 27.52 -9.19 0.23
N VAL C 460 27.77 -9.27 -1.06
CA VAL C 460 26.75 -9.58 -2.06
C VAL C 460 26.95 -11.04 -2.47
N ARG C 461 25.98 -11.88 -2.15
CA ARG C 461 26.04 -13.30 -2.50
C ARG C 461 25.76 -13.48 -3.99
N CYS C 462 25.71 -14.75 -4.42
CA CYS C 462 25.44 -15.09 -5.81
C CYS C 462 24.65 -16.39 -5.84
N VAL C 463 24.31 -16.82 -7.06
CA VAL C 463 23.56 -18.06 -7.21
C VAL C 463 24.43 -19.28 -6.95
N GLY C 464 25.75 -19.15 -7.07
CA GLY C 464 26.62 -20.28 -6.82
C GLY C 464 26.92 -20.51 -5.35
N GLU C 465 26.83 -19.45 -4.54
CA GLU C 465 27.10 -19.60 -3.10
C GLU C 465 25.90 -20.21 -2.38
N MET C 466 24.68 -19.82 -2.75
CA MET C 466 23.50 -20.37 -2.10
C MET C 466 23.30 -21.84 -2.45
N ALA C 467 23.65 -22.24 -3.67
CA ALA C 467 23.49 -23.63 -4.07
C ALA C 467 24.52 -24.53 -3.38
N GLU C 468 25.69 -23.99 -3.04
CA GLU C 468 26.70 -24.78 -2.35
C GLU C 468 26.38 -24.95 -0.88
N ASN C 469 25.78 -23.93 -0.25
CA ASN C 469 25.43 -24.05 1.16
C ASN C 469 24.21 -24.93 1.35
N GLN C 470 23.23 -24.84 0.45
CA GLN C 470 22.06 -25.71 0.53
C GLN C 470 22.41 -27.16 0.21
N PHE C 471 23.45 -27.38 -0.59
CA PHE C 471 23.89 -28.73 -0.89
C PHE C 471 24.73 -29.32 0.25
N ARG C 472 25.40 -28.47 1.03
CA ARG C 472 26.19 -28.97 2.15
C ARG C 472 25.31 -29.40 3.31
N VAL C 473 24.23 -28.65 3.58
CA VAL C 473 23.33 -29.02 4.66
C VAL C 473 22.55 -30.29 4.32
N GLY C 474 22.43 -30.62 3.04
CA GLY C 474 21.78 -31.86 2.64
C GLY C 474 22.76 -33.01 2.56
N LEU C 475 24.04 -32.69 2.30
CA LEU C 475 25.06 -33.73 2.24
C LEU C 475 25.44 -34.24 3.63
N VAL C 476 25.44 -33.35 4.64
CA VAL C 476 25.75 -33.77 5.99
C VAL C 476 24.67 -34.68 6.56
N ARG C 477 23.44 -34.59 6.06
CA ARG C 477 22.39 -35.49 6.50
C ARG C 477 22.55 -36.87 5.90
N VAL C 478 23.03 -36.97 4.66
CA VAL C 478 23.28 -38.27 4.06
C VAL C 478 24.60 -38.86 4.58
N GLU C 479 25.55 -38.01 4.96
CA GLU C 479 26.81 -38.50 5.52
C GLU C 479 26.61 -39.03 6.94
N ARG C 480 25.69 -38.44 7.69
CA ARG C 480 25.45 -38.91 9.06
C ARG C 480 24.67 -40.22 9.05
N ALA C 481 23.69 -40.35 8.16
CA ALA C 481 22.91 -41.58 8.08
C ALA C 481 23.75 -42.75 7.59
N VAL C 482 24.73 -42.50 6.72
CA VAL C 482 25.61 -43.55 6.26
C VAL C 482 26.63 -43.93 7.32
N LYS C 483 26.95 -43.02 8.24
CA LYS C 483 27.92 -43.33 9.29
C LYS C 483 27.31 -44.25 10.33
N GLU C 484 26.03 -44.05 10.66
CA GLU C 484 25.37 -44.89 11.66
C GLU C 484 25.03 -46.28 11.11
N ARG C 485 25.01 -46.44 9.79
CA ARG C 485 24.70 -47.73 9.17
C ARG C 485 25.95 -48.53 8.81
N LEU C 486 26.99 -47.87 8.30
CA LEU C 486 28.20 -48.57 7.90
C LEU C 486 29.07 -48.94 9.10
N SER C 487 28.94 -48.25 10.23
CA SER C 487 29.75 -48.57 11.40
C SER C 487 29.27 -49.84 12.09
N MET C 488 27.95 -50.08 12.11
CA MET C 488 27.38 -51.25 12.74
C MET C 488 27.24 -52.43 11.79
N ALA C 489 27.70 -52.29 10.55
CA ALA C 489 27.61 -53.36 9.55
C ALA C 489 28.99 -53.68 9.00
N GLU C 490 29.16 -54.91 8.55
CA GLU C 490 30.44 -55.34 7.99
C GLU C 490 30.63 -54.74 6.59
N SER C 491 31.90 -54.49 6.25
CA SER C 491 32.21 -53.95 4.93
C SER C 491 31.89 -54.93 3.82
N GLU C 492 32.06 -56.24 4.09
CA GLU C 492 31.75 -57.24 3.08
C GLU C 492 30.27 -57.55 3.00
N GLY C 493 29.52 -57.35 4.09
CA GLY C 493 28.10 -57.63 4.08
C GLY C 493 27.27 -56.51 3.47
N LEU C 494 27.76 -55.28 3.52
CA LEU C 494 27.04 -54.12 2.99
C LEU C 494 27.74 -53.65 1.71
N MET C 495 26.94 -53.40 0.68
CA MET C 495 27.48 -52.92 -0.59
C MET C 495 27.84 -51.44 -0.50
N PRO C 496 28.86 -51.01 -1.24
CA PRO C 496 29.22 -49.58 -1.21
C PRO C 496 28.13 -48.66 -1.73
N GLN C 497 27.31 -49.13 -2.67
CA GLN C 497 26.23 -48.30 -3.20
C GLN C 497 25.07 -48.19 -2.23
N ASP C 498 24.77 -49.27 -1.50
CA ASP C 498 23.68 -49.27 -0.53
C ASP C 498 24.06 -48.63 0.81
N LEU C 499 25.35 -48.32 1.01
CA LEU C 499 25.76 -47.71 2.26
C LEU C 499 25.32 -46.25 2.35
N ILE C 500 25.36 -45.54 1.24
CA ILE C 500 24.97 -44.14 1.18
C ILE C 500 23.56 -44.03 0.63
N ASN C 501 22.82 -43.05 1.14
CA ASN C 501 21.44 -42.81 0.73
C ASN C 501 21.36 -41.48 -0.03
N ALA C 502 20.64 -41.48 -1.15
CA ALA C 502 20.48 -40.31 -1.98
C ALA C 502 19.15 -39.60 -1.73
N LYS C 503 18.45 -39.94 -0.65
CA LYS C 503 17.17 -39.31 -0.34
C LYS C 503 17.35 -37.90 0.23
N PRO C 504 18.21 -37.68 1.24
CA PRO C 504 18.36 -36.31 1.75
C PRO C 504 19.01 -35.35 0.77
N VAL C 505 19.80 -35.87 -0.18
CA VAL C 505 20.47 -35.00 -1.14
C VAL C 505 19.48 -34.53 -2.21
N ALA C 506 18.69 -35.46 -2.74
CA ALA C 506 17.73 -35.09 -3.79
C ALA C 506 16.59 -34.26 -3.24
N ALA C 507 16.28 -34.40 -1.95
CA ALA C 507 15.19 -33.63 -1.36
C ALA C 507 15.60 -32.20 -1.03
N ALA C 508 16.89 -31.96 -0.80
CA ALA C 508 17.36 -30.62 -0.46
C ALA C 508 17.35 -29.71 -1.68
N ILE C 509 17.49 -30.27 -2.88
CA ILE C 509 17.49 -29.45 -4.09
C ILE C 509 16.07 -29.05 -4.47
N LYS C 510 15.10 -29.95 -4.28
CA LYS C 510 13.72 -29.65 -4.65
C LYS C 510 13.12 -28.60 -3.74
N GLU C 511 13.47 -28.63 -2.45
CA GLU C 511 12.91 -27.66 -1.51
C GLU C 511 13.56 -26.29 -1.61
N PHE C 512 14.74 -26.19 -2.23
CA PHE C 512 15.40 -24.90 -2.36
C PHE C 512 14.75 -24.04 -3.44
N PHE C 513 14.20 -24.66 -4.48
CA PHE C 513 13.56 -23.95 -5.58
C PHE C 513 12.05 -23.86 -5.43
N GLY C 514 11.51 -24.30 -4.30
CA GLY C 514 10.07 -24.27 -4.10
C GLY C 514 9.64 -23.74 -2.76
N SER C 515 10.59 -23.47 -1.87
CA SER C 515 10.26 -22.98 -0.53
C SER C 515 11.18 -21.85 -0.09
N SER C 516 11.87 -21.18 -1.01
CA SER C 516 12.77 -20.08 -0.69
C SER C 516 12.19 -18.78 -1.22
N GLN C 517 12.36 -17.70 -0.44
CA GLN C 517 11.86 -16.40 -0.86
C GLN C 517 12.70 -15.79 -1.98
N LEU C 518 13.95 -16.24 -2.14
CA LEU C 518 14.80 -15.70 -3.20
C LEU C 518 14.42 -16.25 -4.56
N SER C 519 14.24 -17.56 -4.65
CA SER C 519 13.83 -18.19 -5.91
C SER C 519 12.36 -17.86 -6.18
N GLN C 520 12.13 -16.97 -7.16
CA GLN C 520 10.80 -16.50 -7.48
C GLN C 520 10.57 -16.59 -8.99
N PHE C 521 9.34 -16.33 -9.40
CA PHE C 521 9.00 -16.34 -10.81
C PHE C 521 9.67 -15.19 -11.54
N MET C 522 10.06 -15.44 -12.79
CA MET C 522 10.72 -14.43 -13.61
C MET C 522 9.69 -13.74 -14.49
N ASP C 523 9.52 -12.44 -14.29
CA ASP C 523 8.59 -11.68 -15.12
C ASP C 523 9.16 -11.50 -16.51
N GLN C 524 8.39 -11.86 -17.53
CA GLN C 524 8.83 -11.83 -18.92
C GLN C 524 7.84 -10.99 -19.72
N ASN C 525 8.09 -9.67 -19.76
CA ASN C 525 7.29 -8.74 -20.53
C ASN C 525 8.08 -8.11 -21.68
N ASN C 526 9.23 -7.53 -21.38
CA ASN C 526 10.11 -6.92 -22.36
C ASN C 526 11.54 -7.30 -22.02
N PRO C 527 12.45 -7.24 -22.99
CA PRO C 527 13.86 -7.58 -22.69
C PRO C 527 14.49 -6.71 -21.61
N LEU C 528 13.89 -5.56 -21.29
CA LEU C 528 14.43 -4.72 -20.22
C LEU C 528 14.13 -5.31 -18.85
N SER C 529 12.98 -5.96 -18.69
CA SER C 529 12.64 -6.58 -17.42
C SER C 529 13.38 -7.89 -17.18
N GLU C 530 13.90 -8.51 -18.22
CA GLU C 530 14.64 -9.77 -18.05
C GLU C 530 16.02 -9.52 -17.45
N ILE C 531 16.70 -8.48 -17.91
CA ILE C 531 18.03 -8.18 -17.40
C ILE C 531 17.97 -7.54 -16.01
N THR C 532 16.93 -6.74 -15.75
CA THR C 532 16.82 -6.08 -14.45
C THR C 532 16.54 -7.08 -13.34
N HIS C 533 15.77 -8.14 -13.64
CA HIS C 533 15.44 -9.11 -12.60
C HIS C 533 16.62 -10.02 -12.27
N LYS C 534 17.44 -10.34 -13.27
CA LYS C 534 18.62 -11.17 -13.01
C LYS C 534 19.68 -10.41 -12.23
N ARG C 535 19.78 -9.10 -12.46
CA ARG C 535 20.76 -8.27 -11.76
C ARG C 535 20.27 -7.79 -10.40
N ARG C 536 18.97 -7.77 -10.18
CA ARG C 536 18.41 -7.26 -8.93
C ARG C 536 18.93 -8.06 -7.74
N VAL C 537 19.47 -7.35 -6.75
CA VAL C 537 19.97 -7.94 -5.52
C VAL C 537 19.13 -7.42 -4.37
N SER C 538 18.65 -8.33 -3.53
CA SER C 538 17.79 -7.98 -2.41
C SER C 538 18.52 -8.25 -1.09
N ALA C 539 17.98 -7.67 -0.02
CA ALA C 539 18.55 -7.83 1.32
C ALA C 539 17.70 -8.73 2.20
N LEU C 540 16.54 -9.17 1.74
CA LEU C 540 15.67 -10.03 2.53
C LEU C 540 15.98 -11.50 2.25
N GLY C 541 15.24 -12.39 2.91
CA GLY C 541 15.43 -13.80 2.74
C GLY C 541 16.10 -14.46 3.93
N PRO C 542 16.61 -15.67 3.74
CA PRO C 542 17.30 -16.36 4.85
C PRO C 542 18.60 -15.66 5.20
N GLY C 543 18.81 -15.43 6.49
CA GLY C 543 20.01 -14.77 6.95
C GLY C 543 20.05 -13.27 6.70
N GLY C 544 18.88 -12.62 6.67
CA GLY C 544 18.83 -11.19 6.45
C GLY C 544 17.66 -10.57 7.20
N LEU C 545 17.67 -9.24 7.24
CA LEU C 545 16.63 -8.51 7.93
C LEU C 545 15.35 -8.48 7.10
N THR C 546 14.21 -8.49 7.79
CA THR C 546 12.92 -8.45 7.13
C THR C 546 12.51 -6.99 6.89
N ARG C 547 11.26 -6.78 6.49
CA ARG C 547 10.80 -5.43 6.16
C ARG C 547 10.49 -4.61 7.41
N GLU C 548 10.09 -5.25 8.50
CA GLU C 548 9.66 -4.52 9.70
C GLU C 548 10.83 -4.08 10.57
N ARG C 549 11.79 -4.96 10.82
CA ARG C 549 12.92 -4.65 11.69
C ARG C 549 14.05 -3.92 10.97
N ALA C 550 13.79 -3.39 9.78
CA ALA C 550 14.82 -2.66 9.04
C ALA C 550 15.08 -1.30 9.67
N GLY C 551 14.04 -0.50 9.84
CA GLY C 551 14.18 0.82 10.43
C GLY C 551 14.41 1.88 9.37
N PHE C 552 15.42 2.72 9.59
CA PHE C 552 15.75 3.78 8.65
C PHE C 552 17.19 3.74 8.14
N GLU C 553 18.10 3.04 8.83
CA GLU C 553 19.47 2.98 8.37
C GLU C 553 19.61 2.08 7.15
N VAL C 554 18.90 0.95 7.15
CA VAL C 554 18.98 0.03 6.02
C VAL C 554 18.26 0.60 4.81
N ARG C 555 17.21 1.39 5.03
CA ARG C 555 16.43 1.97 3.95
C ARG C 555 16.95 3.33 3.49
N ASP C 556 18.24 3.60 3.68
CA ASP C 556 18.84 4.86 3.29
C ASP C 556 20.04 4.62 2.39
N VAL C 557 20.41 5.64 1.64
CA VAL C 557 21.54 5.57 0.72
C VAL C 557 22.79 6.04 1.44
N HIS C 558 23.91 5.42 1.11
CA HIS C 558 25.20 5.75 1.70
C HIS C 558 26.14 6.31 0.63
N PRO C 559 27.01 7.26 1.00
CA PRO C 559 27.94 7.84 0.00
C PRO C 559 28.89 6.83 -0.62
N THR C 560 28.98 5.61 -0.08
CA THR C 560 29.83 4.58 -0.66
C THR C 560 29.16 3.82 -1.80
N HIS C 561 27.94 4.19 -2.18
CA HIS C 561 27.21 3.54 -3.26
C HIS C 561 27.55 4.13 -4.63
N TYR C 562 28.64 4.88 -4.74
CA TYR C 562 29.02 5.52 -5.99
C TYR C 562 29.67 4.49 -6.92
N GLY C 563 28.95 4.12 -7.98
CA GLY C 563 29.47 3.21 -8.96
C GLY C 563 29.24 1.73 -8.67
N ARG C 564 28.64 1.39 -7.54
CA ARG C 564 28.38 0.01 -7.17
C ARG C 564 26.90 -0.31 -7.11
N VAL C 565 26.12 0.45 -6.36
CA VAL C 565 24.69 0.23 -6.22
C VAL C 565 23.96 1.45 -6.78
N CYS C 566 22.92 1.20 -7.57
CA CYS C 566 22.15 2.27 -8.18
C CYS C 566 21.38 3.04 -7.11
N PRO C 567 21.60 4.34 -6.95
CA PRO C 567 20.89 5.10 -5.91
C PRO C 567 19.46 5.44 -6.31
N ILE C 568 19.21 5.54 -7.61
CA ILE C 568 17.91 5.98 -8.10
C ILE C 568 16.97 4.83 -8.45
N GLU C 569 17.48 3.63 -8.66
CA GLU C 569 16.66 2.48 -9.01
C GLU C 569 16.27 1.74 -7.73
N THR C 570 15.00 1.85 -7.35
CA THR C 570 14.49 1.18 -6.16
C THR C 570 12.98 0.98 -6.30
N PRO C 571 12.48 -0.24 -6.13
CA PRO C 571 11.04 -0.49 -6.27
C PRO C 571 10.27 0.17 -5.14
N GLU C 572 9.28 0.99 -5.50
CA GLU C 572 8.47 1.68 -4.52
C GLU C 572 7.49 0.71 -3.86
N GLY C 573 7.00 1.11 -2.69
CA GLY C 573 6.07 0.30 -1.94
C GLY C 573 6.50 0.11 -0.50
N PRO C 574 6.24 -1.07 0.05
CA PRO C 574 6.64 -1.35 1.43
C PRO C 574 8.14 -1.60 1.55
N ASN C 575 8.73 -2.20 0.53
CA ASN C 575 10.16 -2.53 0.51
C ASN C 575 10.90 -1.48 -0.31
N ILE C 576 11.19 -0.35 0.33
CA ILE C 576 11.95 0.74 -0.27
C ILE C 576 13.32 0.77 0.39
N GLY C 577 14.37 0.52 -0.40
CA GLY C 577 15.72 0.48 0.08
C GLY C 577 16.25 -0.91 0.33
N LEU C 578 15.36 -1.87 0.62
CA LEU C 578 15.80 -3.24 0.83
C LEU C 578 16.25 -3.87 -0.48
N ILE C 579 15.53 -3.60 -1.57
CA ILE C 579 15.84 -4.13 -2.89
C ILE C 579 16.46 -3.01 -3.72
N ASN C 580 17.69 -3.22 -4.18
CA ASN C 580 18.40 -2.23 -4.98
C ASN C 580 19.21 -2.96 -6.05
N SER C 581 19.10 -2.48 -7.29
CA SER C 581 19.80 -3.11 -8.40
C SER C 581 21.27 -2.68 -8.41
N LEU C 582 22.08 -3.44 -9.14
CA LEU C 582 23.49 -3.16 -9.25
C LEU C 582 23.74 -2.05 -10.26
N ALA C 583 25.01 -1.68 -10.44
CA ALA C 583 25.39 -0.66 -11.39
C ALA C 583 25.68 -1.29 -12.75
N THR C 584 26.09 -0.46 -13.70
CA THR C 584 26.40 -0.95 -15.04
C THR C 584 27.78 -1.62 -15.07
N TYR C 585 28.78 -0.98 -14.48
CA TYR C 585 30.14 -1.51 -14.43
C TYR C 585 30.43 -2.22 -13.12
N ALA C 586 29.41 -2.75 -12.46
CA ALA C 586 29.61 -3.42 -11.18
C ALA C 586 30.24 -4.80 -11.39
N ARG C 587 31.22 -5.12 -10.55
CA ARG C 587 31.93 -6.39 -10.63
C ARG C 587 32.22 -6.88 -9.23
N THR C 588 31.95 -8.16 -8.98
CA THR C 588 32.19 -8.75 -7.68
C THR C 588 33.68 -8.98 -7.46
N ASN C 589 34.09 -8.89 -6.19
CA ASN C 589 35.47 -9.07 -5.81
C ASN C 589 35.79 -10.55 -5.60
N LYS C 590 37.01 -10.85 -5.16
CA LYS C 590 37.38 -12.23 -4.89
C LYS C 590 36.71 -12.76 -3.63
N TYR C 591 36.61 -11.92 -2.60
CA TYR C 591 35.97 -12.35 -1.36
C TYR C 591 34.46 -12.28 -1.44
N GLY C 592 33.92 -11.40 -2.29
CA GLY C 592 32.49 -11.28 -2.43
C GLY C 592 31.99 -9.85 -2.34
N PHE C 593 32.92 -8.90 -2.21
CA PHE C 593 32.55 -7.50 -2.11
C PHE C 593 32.32 -6.91 -3.50
N LEU C 594 31.84 -5.68 -3.54
CA LEU C 594 31.59 -4.98 -4.79
C LEU C 594 32.79 -4.13 -5.18
N GLU C 595 33.13 -4.15 -6.46
CA GLU C 595 34.26 -3.40 -6.99
C GLU C 595 33.81 -2.58 -8.18
N SER C 596 34.44 -1.41 -8.33
CA SER C 596 34.13 -0.49 -9.42
C SER C 596 35.41 -0.13 -10.16
N PRO C 597 35.36 -0.02 -11.48
CA PRO C 597 36.56 0.33 -12.25
C PRO C 597 36.90 1.81 -12.14
N TYR C 598 38.20 2.08 -12.14
CA TYR C 598 38.70 3.45 -12.07
C TYR C 598 39.97 3.55 -12.92
N ARG C 599 40.26 4.77 -13.38
CA ARG C 599 41.43 5.03 -14.19
C ARG C 599 42.59 5.49 -13.30
N VAL C 600 43.80 5.26 -13.78
CA VAL C 600 45.01 5.64 -13.05
C VAL C 600 45.44 7.01 -13.53
N VAL C 601 45.56 7.96 -12.60
CA VAL C 601 45.93 9.34 -12.90
C VAL C 601 47.29 9.63 -12.27
N LYS C 602 48.21 10.13 -13.09
CA LYS C 602 49.53 10.52 -12.63
C LYS C 602 49.56 12.02 -12.38
N ASP C 603 50.74 12.52 -12.01
CA ASP C 603 50.89 13.95 -11.74
C ASP C 603 50.96 14.77 -13.02
N SER C 604 51.44 14.20 -14.11
CA SER C 604 51.60 14.91 -15.37
C SER C 604 50.44 14.66 -16.33
N LEU C 605 50.03 13.41 -16.50
CA LEU C 605 48.97 13.06 -17.43
C LEU C 605 48.18 11.89 -16.87
N VAL C 606 47.14 11.49 -17.59
CA VAL C 606 46.28 10.38 -17.20
C VAL C 606 46.61 9.19 -18.09
N THR C 607 47.09 8.11 -17.47
CA THR C 607 47.43 6.90 -18.20
C THR C 607 46.16 6.13 -18.56
N ASP C 608 46.33 5.12 -19.41
CA ASP C 608 45.22 4.29 -19.86
C ASP C 608 45.07 3.02 -19.02
N GLU C 609 45.75 2.94 -17.88
CA GLU C 609 45.65 1.77 -17.01
C GLU C 609 44.36 1.84 -16.20
N ILE C 610 43.52 0.83 -16.33
CA ILE C 610 42.24 0.75 -15.63
C ILE C 610 42.35 -0.32 -14.56
N VAL C 611 42.06 0.05 -13.31
CA VAL C 611 42.12 -0.87 -12.19
C VAL C 611 40.76 -0.90 -11.51
N PHE C 612 40.47 -2.04 -10.86
CA PHE C 612 39.23 -2.23 -10.14
C PHE C 612 39.48 -2.00 -8.66
N LEU C 613 38.81 -0.99 -8.10
CA LEU C 613 39.02 -0.59 -6.71
C LEU C 613 37.91 -1.16 -5.83
N SER C 614 38.28 -1.56 -4.62
CA SER C 614 37.33 -2.11 -3.67
C SER C 614 36.64 -0.99 -2.91
N ALA C 615 35.90 -1.34 -1.85
CA ALA C 615 35.16 -0.35 -1.07
C ALA C 615 36.01 0.27 0.04
N ILE C 616 36.74 -0.56 0.79
CA ILE C 616 37.51 -0.03 1.91
C ILE C 616 38.76 0.69 1.44
N GLU C 617 39.27 0.34 0.26
CA GLU C 617 40.50 0.92 -0.26
C GLU C 617 40.25 2.20 -1.05
N GLU C 618 39.00 2.65 -1.16
CA GLU C 618 38.69 3.87 -1.90
C GLU C 618 38.82 5.14 -1.05
N ALA C 619 38.96 5.00 0.27
CA ALA C 619 39.06 6.16 1.14
C ALA C 619 40.43 6.84 1.08
N ASP C 620 41.46 6.13 0.62
CA ASP C 620 42.80 6.71 0.58
C ASP C 620 42.99 7.60 -0.65
N HIS C 621 42.67 7.08 -1.83
CA HIS C 621 42.86 7.84 -3.06
C HIS C 621 41.74 8.88 -3.22
N VAL C 622 42.05 9.91 -4.01
CA VAL C 622 41.11 10.98 -4.30
C VAL C 622 40.48 10.70 -5.66
N ILE C 623 39.22 10.31 -5.67
CA ILE C 623 38.50 9.99 -6.89
C ILE C 623 37.97 11.29 -7.49
N ALA C 624 38.34 11.56 -8.73
CA ALA C 624 37.92 12.77 -9.42
C ALA C 624 36.56 12.55 -10.09
N GLN C 625 36.14 13.50 -10.92
CA GLN C 625 34.87 13.41 -11.62
C GLN C 625 35.06 12.79 -12.99
N ALA C 626 34.00 12.16 -13.49
CA ALA C 626 34.06 11.52 -14.80
C ALA C 626 34.25 12.53 -15.93
N SER C 627 33.69 13.72 -15.78
CA SER C 627 33.79 14.78 -16.77
C SER C 627 34.64 15.91 -16.21
N ALA C 628 35.74 16.22 -16.89
CA ALA C 628 36.63 17.30 -16.47
C ALA C 628 37.23 17.95 -17.70
N THR C 629 37.90 19.09 -17.49
CA THR C 629 38.52 19.81 -18.58
C THR C 629 39.76 19.07 -19.06
N LEU C 630 39.82 18.80 -20.35
CA LEU C 630 40.94 18.10 -20.97
C LEU C 630 41.52 18.95 -22.08
N ASN C 631 42.83 19.18 -22.03
CA ASN C 631 43.53 20.01 -23.00
C ASN C 631 44.23 19.18 -24.07
N GLU C 632 43.65 18.03 -24.43
CA GLU C 632 44.19 17.13 -25.46
C GLU C 632 45.60 16.65 -25.12
N LYS C 633 45.96 16.63 -23.84
CA LYS C 633 47.28 16.18 -23.41
C LYS C 633 47.22 15.22 -22.23
N GLY C 634 46.04 14.89 -21.73
CA GLY C 634 45.90 13.99 -20.60
C GLY C 634 45.97 14.67 -19.24
N GLN C 635 46.11 15.98 -19.19
CA GLN C 635 46.20 16.72 -17.95
C GLN C 635 44.97 17.60 -17.77
N LEU C 636 44.48 17.68 -16.54
CA LEU C 636 43.32 18.51 -16.23
C LEU C 636 43.69 19.98 -16.23
N VAL C 637 42.96 20.78 -17.02
CA VAL C 637 43.23 22.21 -17.13
C VAL C 637 42.33 23.04 -16.22
N ASP C 638 41.48 22.40 -15.43
CA ASP C 638 40.57 23.14 -14.55
C ASP C 638 41.30 23.60 -13.29
N GLU C 639 40.87 24.76 -12.78
CA GLU C 639 41.47 25.28 -11.55
C GLU C 639 40.99 24.49 -10.34
N LEU C 640 39.71 24.09 -10.33
CA LEU C 640 39.14 23.29 -9.26
C LEU C 640 38.28 22.19 -9.85
N VAL C 641 38.50 20.96 -9.40
CA VAL C 641 37.78 19.79 -9.88
C VAL C 641 37.08 19.13 -8.70
N ALA C 642 35.86 18.67 -8.92
CA ALA C 642 35.08 18.02 -7.88
C ALA C 642 35.66 16.63 -7.60
N VAL C 643 36.17 16.44 -6.38
CA VAL C 643 36.80 15.18 -5.98
C VAL C 643 36.12 14.68 -4.71
N ARG C 644 36.51 13.48 -4.30
CA ARG C 644 36.00 12.86 -3.08
C ARG C 644 37.18 12.27 -2.31
N HIS C 645 37.41 12.79 -1.10
CA HIS C 645 38.55 12.34 -0.31
C HIS C 645 38.19 11.21 0.64
N LEU C 646 37.28 11.46 1.57
CA LEU C 646 36.83 10.44 2.53
C LEU C 646 35.31 10.52 2.65
N ASN C 647 34.61 9.82 1.76
CA ASN C 647 33.15 9.71 1.79
C ASN C 647 32.48 11.08 1.81
N GLU C 648 33.12 12.09 1.22
CA GLU C 648 32.60 13.44 1.21
C GLU C 648 32.80 14.04 -0.17
N PHE C 649 32.02 15.08 -0.46
CA PHE C 649 32.08 15.80 -1.73
C PHE C 649 32.63 17.20 -1.49
N THR C 650 33.78 17.48 -2.08
CA THR C 650 34.43 18.78 -1.92
C THR C 650 35.39 19.01 -3.06
N VAL C 651 35.58 20.28 -3.41
CA VAL C 651 36.49 20.67 -4.48
C VAL C 651 37.92 20.61 -3.97
N LYS C 652 38.82 20.10 -4.81
CA LYS C 652 40.23 19.97 -4.47
C LYS C 652 41.09 20.50 -5.59
N ALA C 653 42.40 20.54 -5.36
CA ALA C 653 43.34 21.02 -6.34
C ALA C 653 43.56 19.98 -7.44
N PRO C 654 43.84 20.42 -8.67
CA PRO C 654 44.07 19.44 -9.75
C PRO C 654 45.36 18.65 -9.60
N GLU C 655 46.28 19.08 -8.74
CA GLU C 655 47.53 18.38 -8.52
C GLU C 655 47.42 17.27 -7.49
N ASP C 656 46.22 17.03 -6.94
CA ASP C 656 46.01 15.98 -5.94
C ASP C 656 45.13 14.85 -6.47
N VAL C 657 44.80 14.87 -7.75
CA VAL C 657 43.95 13.82 -8.33
C VAL C 657 44.77 12.55 -8.50
N THR C 658 44.25 11.44 -8.00
CA THR C 658 44.91 10.15 -8.10
C THR C 658 44.13 9.13 -8.92
N LEU C 659 42.81 9.21 -8.96
CA LEU C 659 41.99 8.29 -9.74
C LEU C 659 40.92 9.07 -10.47
N MET C 660 40.33 8.44 -11.47
CA MET C 660 39.29 9.07 -12.28
C MET C 660 38.28 8.01 -12.71
N ASP C 661 37.03 8.44 -12.84
CA ASP C 661 35.97 7.52 -13.23
C ASP C 661 36.14 7.10 -14.70
N VAL C 662 35.45 6.02 -15.06
CA VAL C 662 35.54 5.49 -16.42
C VAL C 662 34.46 6.09 -17.30
N SER C 663 33.22 6.17 -16.82
CA SER C 663 32.11 6.70 -17.60
C SER C 663 31.09 7.27 -16.65
N PRO C 664 30.40 8.35 -17.02
CA PRO C 664 29.39 8.93 -16.12
C PRO C 664 28.20 8.02 -15.86
N LYS C 665 27.97 7.00 -16.70
CA LYS C 665 26.85 6.09 -16.54
C LYS C 665 27.19 4.90 -15.65
N GLN C 666 28.30 4.95 -14.93
CA GLN C 666 28.68 3.86 -14.04
C GLN C 666 27.93 3.88 -12.72
N VAL C 667 27.12 4.91 -12.46
CA VAL C 667 26.36 5.01 -11.23
C VAL C 667 24.94 4.48 -11.40
N VAL C 668 24.31 4.77 -12.54
CA VAL C 668 22.94 4.31 -12.78
C VAL C 668 22.96 2.86 -13.22
N SER C 669 21.78 2.23 -13.16
CA SER C 669 21.63 0.83 -13.52
C SER C 669 21.28 0.71 -15.01
N VAL C 670 20.89 -0.49 -15.43
CA VAL C 670 20.52 -0.69 -16.84
C VAL C 670 19.14 -0.10 -17.11
N ALA C 671 18.20 -0.27 -16.18
CA ALA C 671 16.87 0.27 -16.38
C ALA C 671 16.86 1.80 -16.35
N ALA C 672 17.75 2.40 -15.58
CA ALA C 672 17.85 3.85 -15.50
C ALA C 672 18.71 4.45 -16.59
N SER C 673 19.43 3.63 -17.35
CA SER C 673 20.26 4.10 -18.45
C SER C 673 19.48 4.26 -19.75
N LEU C 674 18.16 4.11 -19.71
CA LEU C 674 17.32 4.22 -20.90
C LEU C 674 16.44 5.45 -20.88
N ILE C 675 16.56 6.32 -19.87
CA ILE C 675 15.77 7.54 -19.76
C ILE C 675 16.61 8.69 -20.33
N PRO C 676 16.26 9.23 -21.49
CA PRO C 676 17.04 10.34 -22.04
C PRO C 676 16.84 11.61 -21.22
N PHE C 677 17.88 12.45 -21.22
CA PHE C 677 17.89 13.71 -20.46
C PHE C 677 17.61 13.46 -18.98
N LEU C 678 18.36 12.51 -18.41
CA LEU C 678 18.18 12.18 -17.00
C LEU C 678 18.75 13.27 -16.09
N GLU C 679 19.72 14.05 -16.58
CA GLU C 679 20.33 15.08 -15.76
C GLU C 679 19.40 16.26 -15.49
N HIS C 680 18.30 16.38 -16.24
CA HIS C 680 17.36 17.47 -16.05
C HIS C 680 16.18 17.10 -15.15
N ASP C 681 15.90 15.82 -14.96
CA ASP C 681 14.78 15.38 -14.15
C ASP C 681 15.18 15.30 -12.68
N ASP C 682 14.17 15.18 -11.83
CA ASP C 682 14.40 15.05 -10.39
C ASP C 682 14.67 13.60 -10.02
N ALA C 683 15.23 13.39 -8.84
CA ALA C 683 15.52 12.04 -8.37
C ALA C 683 14.25 11.27 -8.03
N ASN C 684 13.17 11.97 -7.69
CA ASN C 684 11.91 11.30 -7.40
C ASN C 684 11.25 10.78 -8.68
N ARG C 685 11.28 11.58 -9.74
CA ARG C 685 10.68 11.15 -11.00
C ARG C 685 11.55 10.12 -11.71
N ALA C 686 12.85 10.10 -11.44
CA ALA C 686 13.71 9.09 -12.02
C ALA C 686 13.44 7.72 -11.44
N LEU C 687 13.01 7.67 -10.16
CA LEU C 687 12.65 6.38 -9.56
C LEU C 687 11.33 5.86 -10.12
N MET C 688 10.37 6.76 -10.35
CA MET C 688 9.10 6.35 -10.93
C MET C 688 9.22 6.10 -12.44
N GLY C 689 10.15 6.80 -13.11
CA GLY C 689 10.33 6.57 -14.53
C GLY C 689 10.97 5.23 -14.83
N SER C 690 11.76 4.70 -13.89
CA SER C 690 12.39 3.40 -14.10
C SER C 690 11.40 2.26 -13.96
N ASN C 691 10.26 2.49 -13.32
CA ASN C 691 9.23 1.46 -13.18
C ASN C 691 8.26 1.42 -14.34
N MET C 692 8.09 2.54 -15.06
CA MET C 692 7.19 2.53 -16.21
C MET C 692 7.76 1.72 -17.37
N GLN C 693 9.08 1.75 -17.53
CA GLN C 693 9.73 0.94 -18.56
C GLN C 693 9.82 -0.52 -18.20
N ARG C 694 9.69 -0.86 -16.91
CA ARG C 694 9.78 -2.25 -16.48
C ARG C 694 8.48 -2.99 -16.77
N GLN C 695 7.35 -2.37 -16.49
CA GLN C 695 6.04 -2.99 -16.72
C GLN C 695 5.45 -2.55 -18.05
N ALA C 696 6.20 -2.81 -19.12
CA ALA C 696 5.80 -2.47 -20.47
C ALA C 696 5.36 -3.73 -21.22
N VAL C 697 4.33 -3.59 -22.05
CA VAL C 697 3.76 -4.69 -22.82
C VAL C 697 4.19 -4.53 -24.26
N PRO C 698 4.70 -5.57 -24.92
CA PRO C 698 5.09 -5.44 -26.33
C PRO C 698 3.87 -5.26 -27.22
N THR C 699 3.91 -4.23 -28.06
CA THR C 699 2.80 -3.92 -28.95
C THR C 699 2.88 -4.78 -30.20
N LEU C 700 1.93 -4.57 -31.11
CA LEU C 700 1.90 -5.33 -32.36
C LEU C 700 2.93 -4.80 -33.36
N ARG C 701 3.10 -3.48 -33.43
CA ARG C 701 4.08 -2.85 -34.31
C ARG C 701 5.17 -2.23 -33.44
N ALA C 702 6.42 -2.61 -33.69
CA ALA C 702 7.56 -2.12 -32.95
C ALA C 702 8.19 -0.96 -33.71
N ASP C 703 8.32 0.20 -33.05
CA ASP C 703 8.91 1.38 -33.64
C ASP C 703 10.07 1.85 -32.77
N LYS C 704 11.22 2.07 -33.39
CA LYS C 704 12.39 2.52 -32.64
C LYS C 704 12.19 3.96 -32.16
N PRO C 705 12.61 4.29 -30.94
CA PRO C 705 12.43 5.66 -30.44
C PRO C 705 13.29 6.65 -31.22
N LEU C 706 12.75 7.84 -31.43
CA LEU C 706 13.50 8.89 -32.12
C LEU C 706 14.67 9.38 -31.28
N VAL C 707 14.52 9.40 -29.96
CA VAL C 707 15.57 9.82 -29.04
C VAL C 707 15.93 8.63 -28.16
N GLY C 708 17.23 8.37 -28.01
CA GLY C 708 17.71 7.27 -27.21
C GLY C 708 18.90 7.69 -26.36
N THR C 709 19.42 6.73 -25.61
CA THR C 709 20.54 6.97 -24.72
C THR C 709 21.81 6.23 -25.11
N GLY C 710 21.76 5.38 -26.14
CA GLY C 710 22.89 4.61 -26.57
C GLY C 710 22.94 3.21 -25.98
N MET C 711 22.33 3.00 -24.82
CA MET C 711 22.29 1.70 -24.19
C MET C 711 21.14 0.83 -24.71
N GLU C 712 20.30 1.36 -25.60
CA GLU C 712 19.21 0.57 -26.15
C GLU C 712 19.69 -0.47 -27.15
N ARG C 713 20.90 -0.31 -27.67
CA ARG C 713 21.46 -1.29 -28.61
C ARG C 713 22.17 -2.43 -27.90
N ASN C 714 22.87 -2.13 -26.80
CA ASN C 714 23.59 -3.15 -26.04
C ASN C 714 22.70 -3.89 -25.06
N VAL C 715 21.42 -3.51 -24.94
CA VAL C 715 20.51 -4.19 -24.02
C VAL C 715 19.74 -5.32 -24.69
N ALA C 716 19.59 -5.29 -26.01
CA ALA C 716 18.89 -6.34 -26.71
C ALA C 716 19.78 -7.53 -27.05
N ARG C 717 21.08 -7.31 -27.20
CA ARG C 717 21.99 -8.41 -27.52
C ARG C 717 22.21 -9.31 -26.30
N ASP C 718 22.32 -8.72 -25.11
CA ASP C 718 22.54 -9.51 -23.91
C ASP C 718 21.31 -10.32 -23.51
N SER C 719 20.12 -9.89 -23.92
CA SER C 719 18.91 -10.64 -23.61
C SER C 719 18.82 -11.88 -24.50
N GLY C 720 18.12 -12.88 -24.00
CA GLY C 720 17.98 -14.15 -24.70
C GLY C 720 16.89 -14.22 -25.72
N VAL C 721 16.14 -13.13 -25.94
CA VAL C 721 15.06 -13.16 -26.92
C VAL C 721 15.53 -12.88 -28.33
N CYS C 722 16.71 -12.28 -28.49
CA CYS C 722 17.24 -11.96 -29.81
C CYS C 722 18.10 -13.11 -30.33
N VAL C 723 18.01 -13.36 -31.63
CA VAL C 723 18.78 -14.42 -32.27
C VAL C 723 20.08 -13.80 -32.81
N VAL C 724 21.21 -14.26 -32.28
CA VAL C 724 22.52 -13.76 -32.66
C VAL C 724 23.23 -14.83 -33.48
N ALA C 725 23.77 -14.42 -34.63
CA ALA C 725 24.46 -15.38 -35.50
C ALA C 725 25.78 -15.80 -34.87
N ARG C 726 25.97 -17.11 -34.71
CA ARG C 726 27.19 -17.63 -34.13
C ARG C 726 28.32 -17.69 -35.16
N ARG C 727 28.07 -18.35 -36.29
CA ARG C 727 29.04 -18.49 -37.36
C ARG C 727 28.65 -17.57 -38.50
N GLY C 728 29.56 -16.70 -38.92
CA GLY C 728 29.28 -15.80 -40.01
C GLY C 728 29.39 -16.47 -41.37
N GLY C 729 28.61 -15.96 -42.32
CA GLY C 729 28.62 -16.52 -43.65
C GLY C 729 27.51 -15.94 -44.50
N VAL C 730 27.18 -16.64 -45.57
CA VAL C 730 26.16 -16.22 -46.51
C VAL C 730 24.85 -16.91 -46.15
N ILE C 731 23.77 -16.14 -46.11
CA ILE C 731 22.45 -16.68 -45.80
C ILE C 731 21.95 -17.45 -47.02
N ASP C 732 21.82 -18.77 -46.89
CA ASP C 732 21.39 -19.59 -48.01
C ASP C 732 19.88 -19.49 -48.22
N SER C 733 19.10 -19.69 -47.17
CA SER C 733 17.65 -19.63 -47.27
C SER C 733 17.09 -19.09 -45.96
N VAL C 734 16.14 -18.17 -46.07
CA VAL C 734 15.50 -17.56 -44.91
C VAL C 734 13.99 -17.76 -45.03
N ASP C 735 13.34 -18.00 -43.89
CA ASP C 735 11.90 -18.18 -43.84
C ASP C 735 11.36 -17.57 -42.57
N ALA C 736 10.04 -17.49 -42.47
CA ALA C 736 9.40 -16.94 -41.29
C ALA C 736 9.48 -17.87 -40.09
N SER C 737 9.83 -19.13 -40.30
CA SER C 737 9.93 -20.11 -39.23
C SER C 737 11.37 -20.45 -38.86
N ARG C 738 12.28 -20.51 -39.84
CA ARG C 738 13.67 -20.85 -39.58
C ARG C 738 14.58 -20.03 -40.48
N VAL C 739 15.82 -19.87 -40.05
CA VAL C 739 16.84 -19.15 -40.79
C VAL C 739 18.06 -20.05 -40.92
N VAL C 740 18.44 -20.39 -42.14
CA VAL C 740 19.56 -21.25 -42.43
C VAL C 740 20.68 -20.43 -43.05
N VAL C 741 21.88 -20.52 -42.47
CA VAL C 741 23.04 -19.80 -42.95
C VAL C 741 24.12 -20.79 -43.33
N ARG C 742 24.93 -20.42 -44.32
CA ARG C 742 26.04 -21.23 -44.80
C ARG C 742 27.34 -20.70 -44.21
N VAL C 743 28.07 -21.57 -43.52
CA VAL C 743 29.32 -21.18 -42.87
C VAL C 743 30.42 -21.12 -43.90
N ALA C 744 31.25 -20.07 -43.80
CA ALA C 744 32.37 -19.92 -44.72
C ALA C 744 33.44 -20.98 -44.45
N ASP C 745 34.33 -21.16 -45.43
CA ASP C 745 35.38 -22.17 -45.32
C ASP C 745 36.50 -21.75 -44.37
N ASP C 746 36.57 -20.47 -44.00
CA ASP C 746 37.63 -20.01 -43.11
C ASP C 746 37.35 -20.41 -41.67
N GLU C 747 36.21 -19.97 -41.13
CA GLU C 747 35.86 -20.26 -39.73
C GLU C 747 34.94 -21.49 -39.69
N VAL C 748 35.53 -22.63 -40.04
CA VAL C 748 34.82 -23.90 -40.05
C VAL C 748 35.83 -25.02 -39.85
N GLU C 749 35.32 -26.19 -39.45
CA GLU C 749 36.15 -27.37 -39.24
C GLU C 749 36.37 -28.09 -40.57
N THR C 750 36.96 -29.28 -40.51
CA THR C 750 37.21 -30.04 -41.72
C THR C 750 35.93 -30.66 -42.28
N GLY C 751 35.08 -31.20 -41.41
CA GLY C 751 33.84 -31.82 -41.83
C GLY C 751 32.64 -31.12 -41.23
N GLU C 752 31.51 -31.19 -41.94
CA GLU C 752 30.25 -30.58 -41.52
C GLU C 752 30.42 -29.07 -41.28
N ALA C 753 30.80 -28.37 -42.35
CA ALA C 753 31.04 -26.94 -42.25
C ALA C 753 29.72 -26.17 -42.19
N GLY C 754 28.90 -26.29 -43.22
CA GLY C 754 27.64 -25.57 -43.28
C GLY C 754 26.49 -26.30 -42.62
N VAL C 755 26.56 -26.47 -41.30
CA VAL C 755 25.51 -27.14 -40.53
C VAL C 755 25.12 -26.19 -39.40
N ASP C 756 24.11 -25.37 -39.66
CA ASP C 756 23.62 -24.42 -38.66
C ASP C 756 22.15 -24.14 -38.96
N ILE C 757 21.27 -24.54 -38.05
CA ILE C 757 19.83 -24.37 -38.21
C ILE C 757 19.32 -23.51 -37.06
N TYR C 758 18.81 -22.33 -37.38
CA TYR C 758 18.24 -21.41 -36.39
C TYR C 758 16.72 -21.49 -36.50
N ASN C 759 16.10 -22.15 -35.53
CA ASN C 759 14.65 -22.32 -35.52
C ASN C 759 14.03 -21.21 -34.67
N LEU C 760 13.25 -20.34 -35.32
CA LEU C 760 12.60 -19.24 -34.62
C LEU C 760 11.36 -19.75 -33.90
N THR C 761 11.20 -19.35 -32.65
CA THR C 761 10.05 -19.76 -31.86
C THR C 761 8.83 -18.93 -32.22
N LYS C 762 7.65 -19.57 -32.20
CA LYS C 762 6.40 -18.90 -32.50
C LYS C 762 5.77 -18.39 -31.20
N TYR C 763 4.50 -17.97 -31.28
CA TYR C 763 3.79 -17.42 -30.13
C TYR C 763 3.63 -18.49 -29.06
N THR C 764 4.28 -18.30 -27.91
CA THR C 764 4.15 -19.20 -26.77
C THR C 764 3.64 -18.42 -25.56
N ARG C 765 3.00 -19.14 -24.65
CA ARG C 765 2.46 -18.53 -23.44
C ARG C 765 3.60 -18.18 -22.49
N SER C 766 3.80 -16.90 -22.23
CA SER C 766 4.83 -16.45 -21.32
C SER C 766 4.33 -16.53 -19.88
N ASN C 767 5.19 -16.13 -18.93
CA ASN C 767 4.82 -16.17 -17.53
C ASN C 767 3.79 -15.11 -17.18
N GLN C 768 3.78 -13.99 -17.91
CA GLN C 768 2.85 -12.90 -17.66
C GLN C 768 1.71 -12.87 -18.68
N ASN C 769 1.47 -13.98 -19.37
CA ASN C 769 0.39 -14.10 -20.36
C ASN C 769 0.54 -13.05 -21.47
N THR C 770 1.71 -13.04 -22.10
CA THR C 770 2.00 -12.14 -23.20
C THR C 770 2.65 -12.90 -24.33
N CYS C 771 2.32 -12.53 -25.57
CA CYS C 771 2.85 -13.23 -26.73
C CYS C 771 4.33 -12.94 -26.91
N ILE C 772 5.05 -13.93 -27.43
CA ILE C 772 6.48 -13.82 -27.71
C ILE C 772 6.73 -14.46 -29.08
N ASN C 773 7.24 -13.66 -30.02
CA ASN C 773 7.50 -14.14 -31.37
C ASN C 773 8.78 -13.48 -31.89
N GLN C 774 9.34 -14.08 -32.92
CA GLN C 774 10.57 -13.60 -33.54
C GLN C 774 10.34 -13.45 -35.04
N ARG C 775 10.78 -12.31 -35.59
CA ARG C 775 10.59 -12.02 -37.00
C ARG C 775 11.94 -11.86 -37.69
N PRO C 776 12.12 -12.44 -38.87
CA PRO C 776 13.38 -12.27 -39.59
C PRO C 776 13.54 -10.86 -40.12
N LEU C 777 14.79 -10.41 -40.22
CA LEU C 777 15.11 -9.10 -40.75
C LEU C 777 16.25 -9.12 -41.75
N VAL C 778 16.65 -10.30 -42.22
CA VAL C 778 17.72 -10.45 -43.19
C VAL C 778 17.16 -11.14 -44.43
N SER C 779 17.75 -10.84 -45.58
CA SER C 779 17.33 -11.40 -46.85
C SER C 779 18.37 -12.38 -47.38
N LYS C 780 17.99 -13.11 -48.42
CA LYS C 780 18.88 -14.09 -49.01
C LYS C 780 19.95 -13.40 -49.84
N GLY C 781 21.21 -13.81 -49.62
CA GLY C 781 22.33 -13.24 -50.34
C GLY C 781 23.12 -12.19 -49.60
N ASP C 782 22.82 -11.96 -48.32
CA ASP C 782 23.53 -10.97 -47.52
C ASP C 782 24.49 -11.68 -46.57
N VAL C 783 25.76 -11.30 -46.61
CA VAL C 783 26.78 -11.92 -45.78
C VAL C 783 26.69 -11.37 -44.38
N VAL C 784 26.83 -12.24 -43.38
CA VAL C 784 26.82 -11.86 -41.98
C VAL C 784 28.13 -12.29 -41.34
N ALA C 785 28.38 -11.76 -40.15
CA ALA C 785 29.60 -12.05 -39.40
C ALA C 785 29.22 -12.52 -38.00
N ARG C 786 30.23 -12.77 -37.18
CA ARG C 786 29.99 -13.22 -35.81
C ARG C 786 29.46 -12.07 -34.98
N GLY C 787 28.35 -12.31 -34.27
CA GLY C 787 27.72 -11.30 -33.46
C GLY C 787 26.66 -10.49 -34.15
N ASP C 788 26.29 -10.84 -35.37
CA ASP C 788 25.25 -10.11 -36.10
C ASP C 788 23.86 -10.54 -35.62
N ILE C 789 22.88 -9.70 -35.90
CA ILE C 789 21.49 -9.94 -35.50
C ILE C 789 20.74 -10.45 -36.72
N LEU C 790 20.24 -11.69 -36.63
CA LEU C 790 19.47 -12.28 -37.72
C LEU C 790 17.98 -12.06 -37.55
N ALA C 791 17.45 -12.20 -36.34
CA ALA C 791 16.05 -12.00 -36.06
C ALA C 791 15.89 -11.36 -34.69
N ASP C 792 14.87 -10.52 -34.55
CA ASP C 792 14.62 -9.82 -33.30
C ASP C 792 13.46 -10.47 -32.56
N GLY C 793 13.47 -10.32 -31.23
CA GLY C 793 12.42 -10.86 -30.39
C GLY C 793 11.34 -9.82 -30.12
N PRO C 794 10.63 -9.99 -29.01
CA PRO C 794 9.58 -9.02 -28.66
C PRO C 794 10.18 -7.71 -28.20
N SER C 795 9.50 -6.61 -28.55
CA SER C 795 9.93 -5.25 -28.19
C SER C 795 11.35 -4.96 -28.70
N THR C 796 11.66 -5.47 -29.90
CA THR C 796 12.96 -5.26 -30.50
C THR C 796 12.77 -4.93 -31.98
N ASP C 797 13.48 -3.92 -32.46
CA ASP C 797 13.39 -3.47 -33.85
C ASP C 797 14.81 -3.26 -34.38
N MET C 798 15.28 -4.22 -35.19
CA MET C 798 16.61 -4.16 -35.81
C MET C 798 17.70 -4.03 -34.75
N GLY C 799 17.57 -4.79 -33.66
CA GLY C 799 18.56 -4.79 -32.60
C GLY C 799 18.38 -3.72 -31.55
N GLU C 800 17.49 -2.77 -31.76
CA GLU C 800 17.24 -1.70 -30.81
C GLU C 800 15.97 -1.98 -30.02
N LEU C 801 16.00 -1.67 -28.73
CA LEU C 801 14.85 -1.93 -27.87
C LEU C 801 13.73 -0.95 -28.18
N ALA C 802 12.56 -1.48 -28.51
CA ALA C 802 11.38 -0.67 -28.84
C ALA C 802 10.23 -1.12 -27.93
N LEU C 803 10.13 -0.47 -26.77
CA LEU C 803 9.11 -0.83 -25.81
C LEU C 803 7.73 -0.37 -26.28
N GLY C 804 7.57 0.93 -26.52
CA GLY C 804 6.30 1.46 -26.98
C GLY C 804 6.40 2.10 -28.35
N GLN C 805 5.52 3.07 -28.63
CA GLN C 805 5.51 3.77 -29.89
C GLN C 805 5.49 5.28 -29.64
N ASN C 806 5.70 6.04 -30.71
CA ASN C 806 5.75 7.49 -30.65
C ASN C 806 4.65 8.11 -31.51
N MET C 807 4.28 9.34 -31.19
CA MET C 807 3.24 10.05 -31.91
C MET C 807 3.36 11.53 -31.61
N ARG C 808 2.55 12.32 -32.32
CA ARG C 808 2.56 13.76 -32.13
C ARG C 808 1.88 14.12 -30.81
N VAL C 809 2.57 14.90 -29.99
CA VAL C 809 2.10 15.26 -28.66
C VAL C 809 2.08 16.78 -28.53
N ALA C 810 1.08 17.30 -27.82
CA ALA C 810 0.94 18.72 -27.54
C ALA C 810 0.87 18.94 -26.03
N PHE C 811 0.84 20.21 -25.63
CA PHE C 811 0.80 20.59 -24.21
C PHE C 811 -0.19 21.75 -24.05
N MET C 812 -1.44 21.40 -23.76
CA MET C 812 -2.48 22.41 -23.55
C MET C 812 -3.70 21.78 -22.88
N PRO C 813 -4.30 22.45 -21.89
CA PRO C 813 -5.53 21.93 -21.29
C PRO C 813 -6.69 21.96 -22.27
N TRP C 814 -7.18 20.79 -22.67
CA TRP C 814 -8.23 20.68 -23.69
C TRP C 814 -9.55 20.30 -23.02
N ASN C 815 -10.36 21.32 -22.73
CA ASN C 815 -11.70 21.13 -22.16
C ASN C 815 -11.68 20.35 -20.85
N GLY C 816 -10.58 20.45 -20.11
CA GLY C 816 -10.49 19.80 -18.82
C GLY C 816 -10.40 18.29 -18.87
N PHE C 817 -10.27 17.69 -20.06
CA PHE C 817 -10.13 16.24 -20.14
C PHE C 817 -8.84 15.76 -19.50
N ASN C 818 -7.76 16.51 -19.68
CA ASN C 818 -6.50 16.25 -18.97
C ASN C 818 -6.51 17.09 -17.69
N PHE C 819 -7.18 16.54 -16.67
CA PHE C 819 -7.40 17.30 -15.45
C PHE C 819 -6.16 17.32 -14.56
N GLU C 820 -5.75 16.15 -14.06
CA GLU C 820 -4.53 16.05 -13.26
C GLU C 820 -3.47 15.19 -13.94
N ASP C 821 -3.79 13.94 -14.27
CA ASP C 821 -2.87 13.05 -14.96
C ASP C 821 -3.48 12.38 -16.18
N SER C 822 -4.76 12.63 -16.47
CA SER C 822 -5.44 11.95 -17.56
C SER C 822 -4.87 12.37 -18.90
N ILE C 823 -4.92 11.45 -19.86
CA ILE C 823 -4.40 11.66 -21.20
C ILE C 823 -5.56 11.57 -22.18
N CYS C 824 -5.63 12.52 -23.11
CA CYS C 824 -6.65 12.53 -24.15
C CYS C 824 -6.03 12.02 -25.45
N LEU C 825 -6.69 11.05 -26.07
CA LEU C 825 -6.19 10.42 -27.28
C LEU C 825 -7.12 10.71 -28.45
N SER C 826 -6.58 10.58 -29.65
CA SER C 826 -7.31 10.82 -30.88
C SER C 826 -7.85 9.48 -31.41
N GLU C 827 -8.39 9.50 -32.62
CA GLU C 827 -8.91 8.29 -33.24
C GLU C 827 -7.90 7.58 -34.12
N ARG C 828 -6.84 8.28 -34.55
CA ARG C 828 -5.83 7.64 -35.40
C ARG C 828 -4.93 6.70 -34.62
N VAL C 829 -4.87 6.85 -33.29
CA VAL C 829 -4.02 5.95 -32.49
C VAL C 829 -4.66 4.58 -32.37
N VAL C 830 -5.99 4.52 -32.38
CA VAL C 830 -6.68 3.23 -32.33
C VAL C 830 -7.02 2.69 -33.72
N GLN C 831 -7.10 3.55 -34.73
CA GLN C 831 -7.41 3.10 -36.07
C GLN C 831 -6.21 2.43 -36.74
N GLU C 832 -5.00 2.88 -36.44
CA GLU C 832 -3.79 2.30 -37.01
C GLU C 832 -3.30 1.08 -36.25
N ASP C 833 -3.95 0.71 -35.14
CA ASP C 833 -3.57 -0.44 -34.32
C ASP C 833 -2.13 -0.31 -33.83
N ARG C 834 -1.89 0.77 -33.08
CA ARG C 834 -0.55 1.03 -32.55
C ARG C 834 -0.34 0.39 -31.18
N PHE C 835 -1.32 0.49 -30.29
CA PHE C 835 -1.22 -0.06 -28.94
C PHE C 835 -1.96 -1.37 -28.79
N THR C 836 -2.35 -2.01 -29.89
CA THR C 836 -3.05 -3.28 -29.83
C THR C 836 -2.06 -4.38 -29.47
N THR C 837 -2.32 -5.07 -28.37
CA THR C 837 -1.45 -6.13 -27.87
C THR C 837 -2.11 -7.49 -28.03
N ILE C 838 -1.33 -8.54 -27.80
CA ILE C 838 -1.79 -9.91 -27.93
C ILE C 838 -1.54 -10.62 -26.60
N HIS C 839 -2.60 -11.17 -26.02
CA HIS C 839 -2.52 -11.91 -24.77
C HIS C 839 -2.73 -13.39 -25.03
N ILE C 840 -1.95 -14.23 -24.33
CA ILE C 840 -2.01 -15.67 -24.47
C ILE C 840 -2.39 -16.26 -23.11
N GLN C 841 -3.55 -16.91 -23.05
CA GLN C 841 -4.06 -17.51 -21.82
C GLN C 841 -3.98 -19.03 -21.92
N GLU C 842 -3.67 -19.68 -20.81
CA GLU C 842 -3.53 -21.13 -20.77
C GLU C 842 -4.64 -21.73 -19.91
N LEU C 843 -5.32 -22.73 -20.45
CA LEU C 843 -6.38 -23.45 -19.74
C LEU C 843 -6.05 -24.93 -19.77
N THR C 844 -5.98 -25.54 -18.58
CA THR C 844 -5.60 -26.94 -18.45
C THR C 844 -6.72 -27.73 -17.77
N CYS C 845 -6.82 -29.00 -18.13
CA CYS C 845 -7.79 -29.91 -17.54
C CYS C 845 -7.09 -31.22 -17.17
N VAL C 846 -7.48 -31.78 -16.04
CA VAL C 846 -6.88 -33.01 -15.53
C VAL C 846 -8.00 -34.02 -15.23
N ALA C 847 -7.74 -35.28 -15.56
CA ALA C 847 -8.68 -36.37 -15.32
C ALA C 847 -8.29 -37.05 -14.01
N ARG C 848 -9.10 -36.85 -12.98
CA ARG C 848 -8.81 -37.40 -11.66
C ARG C 848 -9.22 -38.88 -11.60
N ASP C 849 -9.06 -39.46 -10.40
CA ASP C 849 -9.42 -40.86 -10.14
C ASP C 849 -10.30 -40.87 -8.90
N THR C 850 -11.61 -40.72 -9.10
CA THR C 850 -12.53 -40.69 -7.97
C THR C 850 -12.69 -42.09 -7.36
N LYS C 851 -13.11 -42.12 -6.10
CA LYS C 851 -13.31 -43.39 -5.42
C LYS C 851 -14.58 -44.10 -5.86
N LEU C 852 -15.50 -43.38 -6.52
CA LEU C 852 -16.74 -44.00 -6.99
C LEU C 852 -16.51 -44.83 -8.25
N GLY C 853 -16.06 -44.19 -9.32
CA GLY C 853 -15.79 -44.87 -10.56
C GLY C 853 -14.72 -44.18 -11.38
N PRO C 854 -13.72 -44.95 -11.82
CA PRO C 854 -12.65 -44.36 -12.63
C PRO C 854 -13.00 -44.36 -14.11
N GLU C 855 -12.95 -43.18 -14.73
CA GLU C 855 -13.27 -43.03 -16.14
C GLU C 855 -12.30 -42.04 -16.78
N GLU C 856 -11.94 -42.31 -18.04
CA GLU C 856 -11.01 -41.47 -18.76
C GLU C 856 -11.77 -40.35 -19.49
N ILE C 857 -11.07 -39.64 -20.38
CA ILE C 857 -11.67 -38.54 -21.12
C ILE C 857 -12.49 -39.11 -22.27
N THR C 858 -13.79 -38.82 -22.28
CA THR C 858 -14.69 -39.26 -23.32
C THR C 858 -15.46 -38.07 -23.87
N ALA C 859 -15.62 -38.04 -25.20
CA ALA C 859 -16.29 -36.91 -25.84
C ALA C 859 -17.80 -36.99 -25.70
N ASP C 860 -18.37 -38.18 -25.65
CA ASP C 860 -19.82 -38.35 -25.54
C ASP C 860 -20.25 -38.04 -24.11
N ILE C 861 -21.03 -36.97 -23.94
CA ILE C 861 -21.51 -36.56 -22.62
C ILE C 861 -23.03 -36.42 -22.67
N PRO C 862 -23.74 -36.78 -21.61
CA PRO C 862 -25.20 -36.61 -21.60
C PRO C 862 -25.58 -35.18 -21.21
N ASN C 863 -26.86 -34.87 -21.46
CA ASN C 863 -27.43 -33.56 -21.17
C ASN C 863 -26.64 -32.44 -21.86
N VAL C 864 -26.65 -32.50 -23.19
CA VAL C 864 -25.93 -31.53 -24.02
C VAL C 864 -26.78 -31.21 -25.24
N GLY C 865 -26.60 -30.00 -25.77
CA GLY C 865 -27.33 -29.57 -26.95
C GLY C 865 -26.56 -29.85 -28.24
N GLU C 866 -27.27 -29.67 -29.35
CA GLU C 866 -26.67 -29.91 -30.66
C GLU C 866 -25.71 -28.80 -31.08
N ALA C 867 -25.68 -27.67 -30.36
CA ALA C 867 -24.76 -26.60 -30.70
C ALA C 867 -23.33 -26.93 -30.28
N ALA C 868 -23.16 -27.73 -29.22
CA ALA C 868 -21.82 -28.10 -28.78
C ALA C 868 -21.24 -29.25 -29.58
N LEU C 869 -22.11 -30.08 -30.18
CA LEU C 869 -21.61 -31.21 -30.96
C LEU C 869 -20.94 -30.74 -32.25
N ASN C 870 -21.40 -29.63 -32.84
CA ASN C 870 -20.82 -29.15 -34.08
C ASN C 870 -19.40 -28.63 -33.85
N LYS C 871 -19.15 -27.99 -32.71
CA LYS C 871 -17.82 -27.44 -32.43
C LYS C 871 -16.88 -28.50 -31.88
N LEU C 872 -17.36 -29.34 -30.97
CA LEU C 872 -16.52 -30.36 -30.37
C LEU C 872 -16.25 -31.50 -31.35
N ASP C 873 -15.01 -31.99 -31.34
CA ASP C 873 -14.63 -33.09 -32.22
C ASP C 873 -15.08 -34.42 -31.63
N GLU C 874 -14.88 -35.49 -32.41
CA GLU C 874 -15.24 -36.82 -31.95
C GLU C 874 -14.31 -37.33 -30.85
N ALA C 875 -13.11 -36.76 -30.73
CA ALA C 875 -12.18 -37.17 -29.70
C ALA C 875 -12.41 -36.44 -28.38
N GLY C 876 -12.79 -35.16 -28.45
CA GLY C 876 -13.05 -34.39 -27.25
C GLY C 876 -12.17 -33.16 -27.13
N ILE C 877 -11.67 -32.67 -28.26
CA ILE C 877 -10.80 -31.50 -28.30
C ILE C 877 -11.31 -30.57 -29.40
N VAL C 878 -11.47 -29.28 -29.05
CA VAL C 878 -11.93 -28.30 -30.02
C VAL C 878 -10.88 -28.13 -31.12
N TYR C 879 -11.35 -27.86 -32.33
CA TYR C 879 -10.45 -27.65 -33.46
C TYR C 879 -9.59 -26.42 -33.24
N VAL C 880 -8.41 -26.42 -33.84
CA VAL C 880 -7.48 -25.30 -33.73
C VAL C 880 -7.89 -24.22 -34.73
N GLY C 881 -8.29 -23.06 -34.20
CA GLY C 881 -8.71 -21.95 -35.03
C GLY C 881 -10.16 -21.53 -34.89
N ALA C 882 -10.91 -22.13 -33.97
CA ALA C 882 -12.30 -21.75 -33.77
C ALA C 882 -12.42 -20.57 -32.82
N GLU C 883 -13.54 -19.86 -32.94
CA GLU C 883 -13.81 -18.69 -32.09
C GLU C 883 -14.51 -19.15 -30.82
N VAL C 884 -13.70 -19.57 -29.85
CA VAL C 884 -14.22 -20.06 -28.58
C VAL C 884 -14.57 -18.88 -27.70
N GLN C 885 -15.79 -18.87 -27.16
CA GLN C 885 -16.26 -17.77 -26.32
C GLN C 885 -16.81 -18.30 -25.00
N ALA C 886 -17.43 -17.42 -24.22
CA ALA C 886 -17.98 -17.82 -22.93
C ALA C 886 -19.17 -18.76 -23.14
N GLY C 887 -19.15 -19.89 -22.42
CA GLY C 887 -20.18 -20.89 -22.54
C GLY C 887 -19.83 -22.05 -23.44
N ASP C 888 -18.69 -22.00 -24.12
CA ASP C 888 -18.25 -23.08 -24.99
C ASP C 888 -17.38 -24.04 -24.20
N ILE C 889 -17.52 -25.33 -24.49
CA ILE C 889 -16.79 -26.36 -23.76
C ILE C 889 -15.49 -26.68 -24.50
N LEU C 890 -14.45 -26.98 -23.73
CA LEU C 890 -13.14 -27.29 -24.30
C LEU C 890 -12.95 -28.80 -24.48
N VAL C 891 -13.06 -29.55 -23.38
CA VAL C 891 -12.90 -30.99 -23.40
C VAL C 891 -14.14 -31.63 -22.80
N GLY C 892 -14.29 -32.94 -23.05
CA GLY C 892 -15.40 -33.69 -22.50
C GLY C 892 -14.96 -34.60 -21.36
N LYS C 893 -15.49 -34.38 -20.17
CA LYS C 893 -15.14 -35.15 -18.99
C LYS C 893 -16.41 -35.58 -18.27
N VAL C 894 -16.64 -36.88 -18.20
CA VAL C 894 -17.80 -37.44 -17.54
C VAL C 894 -17.44 -37.72 -16.08
N THR C 895 -18.44 -37.60 -15.21
CA THR C 895 -18.26 -37.82 -13.78
C THR C 895 -19.35 -38.78 -13.30
N PRO C 896 -19.01 -39.96 -12.81
CA PRO C 896 -20.03 -40.88 -12.31
C PRO C 896 -20.62 -40.40 -11.00
N LYS C 897 -21.90 -40.70 -10.80
CA LYS C 897 -22.62 -40.28 -9.60
C LYS C 897 -23.55 -41.41 -9.16
N GLY C 898 -24.09 -41.26 -7.95
CA GLY C 898 -25.01 -42.24 -7.42
C GLY C 898 -25.90 -41.63 -6.38
N GLU C 899 -27.00 -42.34 -6.08
CA GLU C 899 -28.00 -41.90 -5.11
C GLU C 899 -28.54 -40.51 -5.48
N THR C 900 -29.19 -40.46 -6.65
CA THR C 900 -29.70 -39.19 -7.15
C THR C 900 -30.83 -38.66 -6.27
N GLN C 901 -31.73 -39.54 -5.82
CA GLN C 901 -32.87 -39.17 -4.99
C GLN C 901 -33.73 -38.11 -5.67
N LEU C 902 -34.31 -38.51 -6.81
CA LEU C 902 -35.10 -37.59 -7.62
C LEU C 902 -36.33 -37.13 -6.86
N THR C 903 -36.49 -35.81 -6.74
CA THR C 903 -37.65 -35.25 -6.08
C THR C 903 -38.88 -35.34 -6.99
N PRO C 904 -40.08 -35.28 -6.41
CA PRO C 904 -41.28 -35.30 -7.26
C PRO C 904 -41.35 -34.12 -8.22
N GLU C 905 -40.73 -32.99 -7.88
CA GLU C 905 -40.67 -31.87 -8.81
C GLU C 905 -39.76 -32.18 -9.99
N GLU C 906 -38.75 -33.03 -9.79
CA GLU C 906 -37.86 -33.41 -10.88
C GLU C 906 -38.45 -34.52 -11.74
N LYS C 907 -39.31 -35.36 -11.16
CA LYS C 907 -39.92 -36.44 -11.94
C LYS C 907 -40.86 -35.89 -13.01
N LEU C 908 -41.56 -34.79 -12.70
CA LEU C 908 -42.44 -34.17 -13.68
C LEU C 908 -41.66 -33.57 -14.84
N LEU C 909 -40.46 -33.05 -14.56
CA LEU C 909 -39.65 -32.45 -15.63
C LEU C 909 -39.11 -33.51 -16.57
N ARG C 910 -38.69 -34.66 -16.04
CA ARG C 910 -38.15 -35.72 -16.89
C ARG C 910 -39.23 -36.40 -17.72
N ALA C 911 -40.50 -36.22 -17.37
CA ALA C 911 -41.59 -36.80 -18.15
C ALA C 911 -42.03 -35.89 -19.30
N ILE C 912 -41.98 -34.57 -19.09
CA ILE C 912 -42.38 -33.64 -20.14
C ILE C 912 -41.33 -33.54 -21.23
N PHE C 913 -40.10 -33.98 -20.95
CA PHE C 913 -39.04 -33.92 -21.95
C PHE C 913 -39.03 -35.15 -22.85
N GLY C 914 -39.29 -36.33 -22.30
CA GLY C 914 -39.31 -37.57 -23.04
C GLY C 914 -38.01 -38.35 -23.01
N GLU C 915 -36.89 -37.68 -22.73
CA GLU C 915 -35.60 -38.35 -22.67
C GLU C 915 -35.48 -39.18 -21.39
N LYS C 916 -34.60 -40.18 -21.44
CA LYS C 916 -34.38 -41.04 -20.30
C LYS C 916 -33.52 -40.34 -19.25
N ALA C 917 -33.51 -40.91 -18.05
CA ALA C 917 -32.74 -40.34 -16.94
C ALA C 917 -31.27 -40.72 -17.08
N SER C 918 -30.40 -39.75 -16.83
CA SER C 918 -28.95 -39.94 -16.91
C SER C 918 -28.34 -39.54 -15.56
N ASP C 919 -27.65 -40.49 -14.92
CA ASP C 919 -27.03 -40.24 -13.64
C ASP C 919 -25.65 -39.62 -13.75
N VAL C 920 -25.01 -39.71 -14.92
CA VAL C 920 -23.68 -39.15 -15.11
C VAL C 920 -23.80 -37.64 -15.26
N LYS C 921 -23.05 -36.90 -14.45
CA LYS C 921 -23.07 -35.45 -14.47
C LYS C 921 -22.09 -34.91 -15.51
N ASP C 922 -22.23 -33.62 -15.82
CA ASP C 922 -21.38 -32.93 -16.78
C ASP C 922 -20.57 -31.88 -16.03
N THR C 923 -19.29 -32.18 -15.82
CA THR C 923 -18.36 -31.29 -15.13
C THR C 923 -17.20 -30.91 -16.04
N SER C 924 -17.50 -30.68 -17.32
CA SER C 924 -16.47 -30.36 -18.29
C SER C 924 -15.97 -28.92 -18.09
N LEU C 925 -14.76 -28.67 -18.56
CA LEU C 925 -14.16 -27.35 -18.44
C LEU C 925 -14.77 -26.40 -19.46
N ARG C 926 -15.04 -25.17 -19.01
CA ARG C 926 -15.62 -24.14 -19.86
C ARG C 926 -14.82 -22.84 -19.71
N VAL C 927 -15.17 -21.87 -20.53
CA VAL C 927 -14.49 -20.57 -20.49
C VAL C 927 -15.14 -19.70 -19.43
N PRO C 928 -14.36 -19.03 -18.58
CA PRO C 928 -14.97 -18.13 -17.58
C PRO C 928 -15.72 -16.99 -18.24
N THR C 929 -16.60 -16.37 -17.46
CA THR C 929 -17.41 -15.26 -17.96
C THR C 929 -16.53 -14.06 -18.27
N GLY C 930 -16.70 -13.51 -19.47
CA GLY C 930 -15.94 -12.34 -19.89
C GLY C 930 -14.63 -12.64 -20.58
N THR C 931 -14.39 -13.88 -21.00
CA THR C 931 -13.15 -14.27 -21.66
C THR C 931 -13.49 -14.78 -23.05
N LYS C 932 -12.89 -14.17 -24.07
CA LYS C 932 -13.09 -14.56 -25.46
C LYS C 932 -11.74 -14.61 -26.16
N GLY C 933 -11.51 -15.66 -26.94
CA GLY C 933 -10.25 -15.79 -27.64
C GLY C 933 -10.34 -16.82 -28.74
N THR C 934 -9.18 -17.13 -29.31
CA THR C 934 -9.07 -18.09 -30.40
C THR C 934 -8.02 -19.13 -30.03
N VAL C 935 -8.36 -20.41 -30.23
CA VAL C 935 -7.41 -21.48 -29.95
C VAL C 935 -6.30 -21.46 -30.98
N ILE C 936 -5.07 -21.56 -30.52
CA ILE C 936 -3.91 -21.51 -31.41
C ILE C 936 -3.11 -22.80 -31.33
N ASP C 937 -3.21 -23.49 -30.19
CA ASP C 937 -2.46 -24.72 -30.00
C ASP C 937 -3.08 -25.53 -28.88
N VAL C 938 -3.00 -26.85 -29.00
CA VAL C 938 -3.52 -27.78 -28.00
C VAL C 938 -2.46 -28.84 -27.75
N GLN C 939 -2.10 -29.02 -26.48
CA GLN C 939 -1.10 -29.99 -26.07
C GLN C 939 -1.75 -31.07 -25.23
N VAL C 940 -1.37 -32.32 -25.46
CA VAL C 940 -1.91 -33.46 -24.74
C VAL C 940 -0.77 -34.17 -24.01
N PHE C 941 -1.12 -34.84 -22.92
CA PHE C 941 -0.15 -35.58 -22.12
C PHE C 941 -0.77 -36.90 -21.68
N THR C 942 -0.06 -38.00 -21.96
CA THR C 942 -0.51 -39.34 -21.62
C THR C 942 0.53 -40.02 -20.75
N ARG C 943 0.06 -40.66 -19.67
CA ARG C 943 0.97 -41.35 -18.76
C ARG C 943 1.57 -42.57 -19.43
N ASP C 944 2.61 -43.11 -18.79
CA ASP C 944 3.29 -44.29 -19.33
C ASP C 944 2.43 -45.53 -19.15
N GLY C 945 2.35 -46.34 -20.21
CA GLY C 945 1.59 -47.57 -20.19
C GLY C 945 0.17 -47.45 -20.71
N VAL C 946 -0.37 -46.24 -20.80
CA VAL C 946 -1.73 -46.05 -21.29
C VAL C 946 -1.74 -46.09 -22.82
N GLU C 947 -2.93 -46.30 -23.37
CA GLU C 947 -3.11 -46.36 -24.81
C GLU C 947 -3.33 -44.96 -25.38
N ARG C 948 -2.68 -44.69 -26.51
CA ARG C 948 -2.80 -43.40 -27.16
C ARG C 948 -4.13 -43.29 -27.89
N ASP C 949 -4.80 -42.16 -27.72
CA ASP C 949 -6.09 -41.91 -28.35
C ASP C 949 -5.88 -41.34 -29.76
N SER C 950 -6.96 -40.88 -30.38
CA SER C 950 -6.87 -40.33 -31.73
C SER C 950 -6.24 -38.95 -31.76
N ARG C 951 -6.12 -38.28 -30.62
CA ARG C 951 -5.52 -36.95 -30.58
C ARG C 951 -4.02 -36.99 -30.41
N ALA C 952 -3.49 -37.97 -29.67
CA ALA C 952 -2.05 -38.04 -29.44
C ALA C 952 -1.28 -38.39 -30.71
N LEU C 953 -1.94 -38.97 -31.71
CA LEU C 953 -1.27 -39.35 -32.95
C LEU C 953 -1.29 -38.26 -34.01
N SER C 954 -2.20 -37.29 -33.89
CA SER C 954 -2.28 -36.23 -34.88
C SER C 954 -1.15 -35.20 -34.71
N ILE C 955 -0.87 -34.81 -33.47
CA ILE C 955 0.20 -33.84 -33.23
C ILE C 955 1.57 -34.50 -33.33
N GLU C 956 1.69 -35.73 -32.83
CA GLU C 956 2.98 -36.42 -32.87
C GLU C 956 3.43 -36.66 -34.30
N LYS C 957 2.49 -36.94 -35.21
CA LYS C 957 2.85 -37.17 -36.60
C LYS C 957 3.29 -35.87 -37.26
N MET C 958 2.65 -34.75 -36.92
CA MET C 958 3.01 -33.48 -37.53
C MET C 958 4.36 -32.96 -37.01
N GLN C 959 4.76 -33.38 -35.82
CA GLN C 959 6.04 -32.94 -35.27
C GLN C 959 7.21 -33.67 -35.93
N LEU C 960 7.10 -34.99 -36.11
CA LEU C 960 8.18 -35.74 -36.72
C LEU C 960 8.30 -35.43 -38.21
N ASP C 961 7.20 -35.03 -38.86
CA ASP C 961 7.28 -34.66 -40.27
C ASP C 961 8.01 -33.33 -40.45
N GLN C 962 7.89 -32.41 -39.50
CA GLN C 962 8.63 -31.16 -39.58
C GLN C 962 10.11 -31.37 -39.31
N ILE C 963 10.45 -32.30 -38.41
CA ILE C 963 11.86 -32.59 -38.14
C ILE C 963 12.48 -33.31 -39.32
N ARG C 964 11.74 -34.19 -39.98
CA ARG C 964 12.27 -34.90 -41.13
C ARG C 964 12.49 -33.96 -42.31
N LYS C 965 11.54 -33.05 -42.56
CA LYS C 965 11.72 -32.09 -43.64
C LYS C 965 12.83 -31.09 -43.34
N ASP C 966 13.06 -30.80 -42.05
CA ASP C 966 14.15 -29.92 -41.67
C ASP C 966 15.50 -30.63 -41.75
N LEU C 967 15.53 -31.94 -41.49
CA LEU C 967 16.78 -32.69 -41.59
C LEU C 967 17.13 -33.01 -43.03
N ASN C 968 16.11 -33.30 -43.86
CA ASN C 968 16.37 -33.55 -45.27
C ASN C 968 16.78 -32.29 -46.01
N GLU C 969 16.32 -31.12 -45.55
CA GLU C 969 16.71 -29.87 -46.18
C GLU C 969 18.18 -29.57 -45.90
N GLU C 970 18.62 -29.77 -44.66
CA GLU C 970 20.03 -29.59 -44.34
C GLU C 970 20.90 -30.65 -45.01
N PHE C 971 20.34 -31.86 -45.22
CA PHE C 971 21.09 -32.89 -45.91
C PHE C 971 21.29 -32.57 -47.38
N ARG C 972 20.35 -31.83 -47.98
CA ARG C 972 20.49 -31.44 -49.38
C ARG C 972 21.52 -30.33 -49.56
N ILE C 973 21.67 -29.46 -48.56
CA ILE C 973 22.66 -28.38 -48.68
C ILE C 973 24.07 -28.93 -48.60
N VAL C 974 24.32 -29.82 -47.64
CA VAL C 974 25.66 -30.40 -47.50
C VAL C 974 25.95 -31.40 -48.62
N GLU C 975 24.92 -31.91 -49.29
CA GLU C 975 25.14 -32.83 -50.40
C GLU C 975 25.62 -32.07 -51.64
N GLY C 976 24.93 -30.99 -51.99
CA GLY C 976 25.35 -30.19 -53.13
C GLY C 976 26.65 -29.45 -52.90
N ALA C 977 26.96 -29.13 -51.64
CA ALA C 977 28.21 -28.45 -51.33
C ALA C 977 29.41 -29.39 -51.48
N THR C 978 29.23 -30.68 -51.16
CA THR C 978 30.32 -31.63 -51.31
C THR C 978 30.54 -31.98 -52.78
N PHE C 979 29.47 -32.00 -53.58
CA PHE C 979 29.62 -32.27 -55.00
C PHE C 979 30.16 -31.05 -55.76
N GLU C 980 29.79 -29.84 -55.33
CA GLU C 980 30.30 -28.65 -55.98
C GLU C 980 31.79 -28.48 -55.74
N ARG C 981 32.25 -28.73 -54.51
CA ARG C 981 33.67 -28.65 -54.21
C ARG C 981 34.45 -29.76 -54.90
N LEU C 982 33.81 -30.90 -55.15
CA LEU C 982 34.47 -31.99 -55.85
C LEU C 982 34.56 -31.72 -57.35
N ARG C 983 33.51 -31.16 -57.94
CA ARG C 983 33.53 -30.85 -59.36
C ARG C 983 34.42 -29.66 -59.69
N ALA C 984 34.73 -28.83 -58.70
CA ALA C 984 35.62 -27.68 -58.89
C ALA C 984 37.08 -28.04 -58.70
N ALA C 985 37.41 -29.32 -58.53
CA ALA C 985 38.78 -29.76 -58.31
C ALA C 985 39.39 -30.44 -59.52
N LEU C 986 38.66 -31.31 -60.20
CA LEU C 986 39.18 -32.00 -61.37
C LEU C 986 39.02 -31.13 -62.61
N VAL C 987 39.67 -31.57 -63.69
CA VAL C 987 39.61 -30.86 -64.97
C VAL C 987 38.30 -31.21 -65.66
N GLY C 988 37.94 -30.45 -66.70
CA GLY C 988 36.72 -30.71 -67.42
C GLY C 988 36.82 -31.96 -68.28
N ALA C 989 35.70 -32.65 -68.42
CA ALA C 989 35.66 -33.87 -69.21
C ALA C 989 35.70 -33.53 -70.70
N LYS C 990 36.59 -34.18 -71.43
CA LYS C 990 36.76 -33.97 -72.86
C LYS C 990 36.42 -35.26 -73.61
N ALA C 991 35.72 -35.11 -74.73
CA ALA C 991 35.31 -36.24 -75.57
C ALA C 991 34.54 -37.29 -74.78
N ALA C 1022 46.33 -36.82 -61.45
CA ALA C 1022 46.26 -38.20 -61.90
C ALA C 1022 44.85 -38.75 -61.76
N ASP C 1023 44.57 -39.82 -62.52
CA ASP C 1023 43.23 -40.43 -62.45
C ASP C 1023 43.02 -41.19 -61.15
N ASP C 1024 44.09 -41.75 -60.58
CA ASP C 1024 43.97 -42.49 -59.33
C ASP C 1024 43.65 -41.57 -58.16
N ALA C 1025 44.16 -40.33 -58.19
CA ALA C 1025 43.86 -39.39 -57.12
C ALA C 1025 42.43 -38.88 -57.19
N LEU C 1026 41.86 -38.78 -58.40
CA LEU C 1026 40.48 -38.34 -58.54
C LEU C 1026 39.50 -39.42 -58.13
N ASN C 1027 39.86 -40.69 -58.33
CA ASN C 1027 38.98 -41.78 -57.90
C ASN C 1027 38.93 -41.89 -56.38
N GLU C 1028 40.02 -41.54 -55.70
CA GLU C 1028 40.00 -41.53 -54.24
C GLU C 1028 39.11 -40.42 -53.71
N GLN C 1029 39.08 -39.27 -54.40
CA GLN C 1029 38.18 -38.20 -54.02
C GLN C 1029 36.73 -38.59 -54.24
N LEU C 1030 36.46 -39.40 -55.27
CA LEU C 1030 35.11 -39.91 -55.48
C LEU C 1030 34.75 -40.95 -54.43
N GLU C 1031 35.73 -41.77 -54.02
CA GLU C 1031 35.49 -42.72 -52.94
C GLU C 1031 35.35 -42.01 -51.60
N LYS C 1032 36.04 -40.88 -51.42
CA LYS C 1032 35.86 -40.09 -50.20
C LYS C 1032 34.50 -39.41 -50.19
N ALA C 1033 34.04 -38.95 -51.35
CA ALA C 1033 32.72 -38.34 -51.44
C ALA C 1033 31.62 -39.38 -51.21
N GLN C 1034 31.84 -40.62 -51.65
CA GLN C 1034 30.86 -41.68 -51.39
C GLN C 1034 30.86 -42.06 -49.92
N ALA C 1035 32.01 -42.01 -49.26
CA ALA C 1035 32.08 -42.28 -47.83
C ALA C 1035 31.63 -41.09 -46.99
N TYR C 1036 31.68 -39.88 -47.55
CA TYR C 1036 31.23 -38.70 -46.82
C TYR C 1036 29.71 -38.69 -46.70
N ILE C 1037 29.01 -39.00 -47.79
CA ILE C 1037 27.55 -39.05 -47.75
C ILE C 1037 27.05 -40.24 -46.94
N SER C 1038 27.89 -41.25 -46.73
CA SER C 1038 27.51 -42.37 -45.89
C SER C 1038 27.63 -42.05 -44.41
N ASP C 1039 28.57 -41.17 -44.04
CA ASP C 1039 28.69 -40.76 -42.65
C ASP C 1039 27.52 -39.88 -42.24
N ARG C 1040 27.07 -38.99 -43.13
CA ARG C 1040 25.91 -38.16 -42.83
C ARG C 1040 24.63 -38.97 -42.87
N ARG C 1041 24.59 -40.04 -43.66
CA ARG C 1041 23.41 -40.90 -43.70
C ARG C 1041 23.30 -41.77 -42.46
N GLN C 1042 24.43 -42.29 -41.97
CA GLN C 1042 24.41 -43.08 -40.74
C GLN C 1042 24.07 -42.22 -39.53
N LEU C 1043 24.47 -40.94 -39.54
CA LEU C 1043 24.06 -40.03 -38.48
C LEU C 1043 22.65 -39.50 -38.67
N LEU C 1044 22.08 -39.65 -39.87
CA LEU C 1044 20.71 -39.20 -40.10
C LEU C 1044 19.71 -40.07 -39.36
N ASP C 1045 19.94 -41.39 -39.33
CA ASP C 1045 19.03 -42.29 -38.65
C ASP C 1045 19.19 -42.23 -37.15
N ASP C 1046 20.41 -42.01 -36.65
CA ASP C 1046 20.61 -41.89 -35.21
C ASP C 1046 19.98 -40.62 -34.66
N LYS C 1047 19.99 -39.54 -35.45
CA LYS C 1047 19.32 -38.32 -35.03
C LYS C 1047 17.81 -38.41 -35.21
N PHE C 1048 17.33 -39.37 -36.00
CA PHE C 1048 15.90 -39.54 -36.21
C PHE C 1048 15.31 -40.64 -35.32
N GLU C 1049 16.12 -41.60 -34.89
CA GLU C 1049 15.61 -42.67 -34.04
C GLU C 1049 15.46 -42.22 -32.59
N ASP C 1050 16.43 -41.44 -32.09
CA ASP C 1050 16.34 -40.96 -30.71
C ASP C 1050 15.24 -39.93 -30.54
N LYS C 1051 14.98 -39.12 -31.57
CA LYS C 1051 13.91 -38.14 -31.49
C LYS C 1051 12.54 -38.81 -31.49
N LYS C 1052 12.40 -39.88 -32.27
CA LYS C 1052 11.17 -40.66 -32.23
C LYS C 1052 11.03 -41.41 -30.91
N ARG C 1053 12.15 -41.73 -30.27
CA ARG C 1053 12.10 -42.41 -28.98
C ARG C 1053 11.63 -41.48 -27.88
N LYS C 1054 12.09 -40.22 -27.91
CA LYS C 1054 11.70 -39.26 -26.88
C LYS C 1054 10.22 -38.90 -27.01
N LEU C 1055 9.73 -38.75 -28.25
CA LEU C 1055 8.34 -38.37 -28.44
C LEU C 1055 7.38 -39.50 -28.05
N GLN C 1056 7.79 -40.75 -28.25
CA GLN C 1056 6.95 -41.88 -27.88
C GLN C 1056 7.03 -42.21 -26.40
N GLN C 1057 8.05 -41.72 -25.70
CA GLN C 1057 8.20 -41.98 -24.27
C GLN C 1057 7.25 -41.07 -23.49
N GLY C 1058 6.46 -41.67 -22.59
CA GLY C 1058 5.53 -40.91 -21.80
C GLY C 1058 6.21 -40.12 -20.69
N ASP C 1059 5.47 -39.15 -20.17
CA ASP C 1059 5.96 -38.30 -19.10
C ASP C 1059 5.57 -38.86 -17.73
N ASP C 1060 6.36 -38.49 -16.72
CA ASP C 1060 6.12 -38.94 -15.36
C ASP C 1060 5.23 -37.93 -14.66
N LEU C 1061 3.92 -38.13 -14.77
CA LEU C 1061 2.95 -37.23 -14.17
C LEU C 1061 2.75 -37.57 -12.68
N ALA C 1062 1.93 -36.77 -12.01
CA ALA C 1062 1.65 -37.00 -10.60
C ALA C 1062 0.69 -38.17 -10.43
N PRO C 1063 0.81 -38.91 -9.33
CA PRO C 1063 -0.09 -40.04 -9.10
C PRO C 1063 -1.52 -39.58 -8.88
N GLY C 1064 -2.45 -40.27 -9.52
CA GLY C 1064 -3.85 -39.93 -9.44
C GLY C 1064 -4.43 -39.21 -10.64
N VAL C 1065 -3.67 -39.10 -11.73
CA VAL C 1065 -4.12 -38.43 -12.94
C VAL C 1065 -3.91 -39.38 -14.12
N LEU C 1066 -4.88 -39.40 -15.03
CA LEU C 1066 -4.84 -40.27 -16.20
C LEU C 1066 -4.39 -39.53 -17.46
N LYS C 1067 -4.96 -38.36 -17.72
CA LYS C 1067 -4.61 -37.59 -18.91
C LYS C 1067 -4.76 -36.12 -18.60
N ILE C 1068 -3.77 -35.32 -18.99
CA ILE C 1068 -3.77 -33.88 -18.78
C ILE C 1068 -3.67 -33.20 -20.14
N VAL C 1069 -4.66 -32.37 -20.45
CA VAL C 1069 -4.69 -31.61 -21.70
C VAL C 1069 -4.58 -30.14 -21.38
N LYS C 1070 -3.90 -29.40 -22.26
CA LYS C 1070 -3.69 -27.97 -22.10
C LYS C 1070 -4.04 -27.26 -23.40
N VAL C 1071 -5.00 -26.34 -23.34
CA VAL C 1071 -5.43 -25.57 -24.50
C VAL C 1071 -5.06 -24.11 -24.27
N TYR C 1072 -4.58 -23.46 -25.32
CA TYR C 1072 -4.17 -22.07 -25.26
C TYR C 1072 -5.19 -21.19 -25.98
N LEU C 1073 -5.46 -20.02 -25.43
CA LEU C 1073 -6.38 -19.05 -26.00
C LEU C 1073 -5.63 -17.75 -26.28
N ALA C 1074 -5.85 -17.19 -27.46
CA ALA C 1074 -5.21 -15.95 -27.88
C ALA C 1074 -6.24 -14.83 -27.84
N ILE C 1075 -6.00 -13.84 -26.98
CA ILE C 1075 -6.89 -12.68 -26.83
C ILE C 1075 -6.16 -11.45 -27.35
N LYS C 1076 -6.79 -10.74 -28.28
CA LYS C 1076 -6.23 -9.52 -28.86
C LYS C 1076 -6.92 -8.34 -28.19
N ARG C 1077 -6.34 -7.87 -27.10
CA ARG C 1077 -6.92 -6.78 -26.32
C ARG C 1077 -6.57 -5.44 -26.95
N ARG C 1078 -7.59 -4.70 -27.36
CA ARG C 1078 -7.41 -3.38 -27.95
C ARG C 1078 -7.46 -2.30 -26.87
N ILE C 1079 -6.85 -1.15 -27.16
CA ILE C 1079 -6.85 -0.05 -26.22
C ILE C 1079 -8.26 0.53 -26.10
N GLN C 1080 -8.68 0.78 -24.87
CA GLN C 1080 -10.01 1.28 -24.57
C GLN C 1080 -9.90 2.34 -23.48
N PRO C 1081 -10.91 3.21 -23.36
CA PRO C 1081 -10.88 4.21 -22.29
C PRO C 1081 -10.79 3.55 -20.91
N GLY C 1082 -9.95 4.12 -20.06
CA GLY C 1082 -9.66 3.56 -18.76
C GLY C 1082 -8.30 2.89 -18.65
N ASP C 1083 -7.64 2.66 -19.77
CA ASP C 1083 -6.32 2.01 -19.76
C ASP C 1083 -5.29 2.94 -19.12
N LYS C 1084 -4.19 2.34 -18.67
CA LYS C 1084 -3.11 3.07 -18.01
C LYS C 1084 -1.95 3.22 -18.99
N MET C 1085 -1.61 4.47 -19.30
CA MET C 1085 -0.50 4.78 -20.20
C MET C 1085 0.45 5.75 -19.51
N ALA C 1086 1.75 5.57 -19.74
CA ALA C 1086 2.76 6.42 -19.13
C ALA C 1086 3.90 6.62 -20.12
N GLY C 1087 4.78 7.55 -19.77
CA GLY C 1087 5.95 7.86 -20.58
C GLY C 1087 7.21 7.21 -20.04
N ARG C 1088 8.32 7.93 -20.13
CA ARG C 1088 9.60 7.44 -19.65
C ARG C 1088 10.19 8.30 -18.54
N HIS C 1089 9.52 9.39 -18.13
CA HIS C 1089 10.01 10.26 -17.08
C HIS C 1089 9.15 10.17 -15.82
N GLY C 1090 8.36 9.11 -15.69
CA GLY C 1090 7.52 8.94 -14.52
C GLY C 1090 6.26 9.79 -14.54
N ASN C 1091 5.53 9.73 -15.65
CA ASN C 1091 4.30 10.49 -15.84
C ASN C 1091 3.18 9.50 -16.15
N LYS C 1092 2.54 8.99 -15.11
CA LYS C 1092 1.43 8.06 -15.30
C LYS C 1092 0.21 8.79 -15.87
N GLY C 1093 -0.71 8.02 -16.43
CA GLY C 1093 -1.90 8.59 -17.02
C GLY C 1093 -2.96 7.55 -17.38
N VAL C 1094 -4.22 7.98 -17.40
CA VAL C 1094 -5.35 7.13 -17.76
C VAL C 1094 -6.11 7.81 -18.89
N VAL C 1095 -6.31 7.08 -19.99
CA VAL C 1095 -7.05 7.62 -21.12
C VAL C 1095 -8.51 7.81 -20.72
N SER C 1096 -9.06 8.97 -21.07
CA SER C 1096 -10.42 9.34 -20.66
C SER C 1096 -11.43 9.12 -21.78
N VAL C 1097 -11.24 9.80 -22.91
CA VAL C 1097 -12.18 9.73 -24.03
C VAL C 1097 -11.38 9.67 -25.32
N ILE C 1098 -11.76 8.76 -26.21
CA ILE C 1098 -11.14 8.66 -27.53
C ILE C 1098 -11.92 9.62 -28.43
N MET C 1099 -11.41 10.85 -28.54
CA MET C 1099 -12.08 11.88 -29.32
C MET C 1099 -11.83 11.67 -30.81
N PRO C 1100 -12.77 12.10 -31.67
CA PRO C 1100 -12.56 11.95 -33.12
C PRO C 1100 -11.43 12.81 -33.65
N VAL C 1101 -11.13 12.68 -34.94
CA VAL C 1101 -10.00 13.39 -35.54
C VAL C 1101 -10.30 14.85 -35.83
N GLU C 1102 -11.57 15.27 -35.79
CA GLU C 1102 -11.91 16.65 -36.11
C GLU C 1102 -11.76 17.57 -34.90
N ASP C 1103 -11.93 17.03 -33.68
CA ASP C 1103 -11.84 17.85 -32.48
C ASP C 1103 -10.40 18.09 -32.03
N MET C 1104 -9.45 17.33 -32.54
CA MET C 1104 -8.07 17.49 -32.11
C MET C 1104 -7.46 18.76 -32.72
N PRO C 1105 -6.63 19.47 -31.97
CA PRO C 1105 -6.01 20.69 -32.52
C PRO C 1105 -5.04 20.35 -33.65
N HIS C 1106 -5.16 21.06 -34.76
CA HIS C 1106 -4.31 20.86 -35.92
C HIS C 1106 -3.53 22.12 -36.24
N ASP C 1107 -2.50 21.97 -37.07
CA ASP C 1107 -1.67 23.09 -37.49
C ASP C 1107 -2.27 23.70 -38.76
N ALA C 1108 -1.53 24.65 -39.35
CA ALA C 1108 -2.00 25.26 -40.60
C ALA C 1108 -1.91 24.29 -41.77
N ASN C 1109 -1.00 23.32 -41.69
CA ASN C 1109 -0.87 22.35 -42.78
C ASN C 1109 -1.95 21.28 -42.73
N GLY C 1110 -2.45 20.97 -41.54
CA GLY C 1110 -3.52 19.99 -41.41
C GLY C 1110 -3.07 18.68 -40.80
N THR C 1111 -2.04 18.72 -39.95
CA THR C 1111 -1.54 17.54 -39.26
C THR C 1111 -2.02 17.56 -37.82
N PRO C 1112 -3.07 16.83 -37.46
CA PRO C 1112 -3.56 16.86 -36.09
C PRO C 1112 -2.68 16.06 -35.14
N VAL C 1113 -2.76 16.43 -33.87
CA VAL C 1113 -2.00 15.75 -32.83
C VAL C 1113 -2.81 14.55 -32.33
N ASP C 1114 -2.10 13.58 -31.76
CA ASP C 1114 -2.72 12.36 -31.25
C ASP C 1114 -2.87 12.33 -29.74
N ILE C 1115 -1.87 12.79 -29.01
CA ILE C 1115 -1.87 12.77 -27.54
C ILE C 1115 -1.77 14.22 -27.05
N VAL C 1116 -2.66 14.58 -26.13
CA VAL C 1116 -2.65 15.90 -25.50
C VAL C 1116 -2.40 15.71 -24.01
N LEU C 1117 -1.35 16.35 -23.51
CA LEU C 1117 -0.94 16.21 -22.12
C LEU C 1117 -1.39 17.43 -21.31
N ASN C 1118 -1.07 17.41 -20.02
CA ASN C 1118 -1.39 18.52 -19.13
C ASN C 1118 -0.11 19.27 -18.78
N PRO C 1119 -0.01 20.56 -19.12
CA PRO C 1119 1.22 21.30 -18.82
C PRO C 1119 1.35 21.75 -17.36
N LEU C 1120 0.33 21.53 -16.53
CA LEU C 1120 0.39 21.95 -15.14
C LEU C 1120 1.21 21.01 -14.25
N GLY C 1121 1.58 19.84 -14.76
CA GLY C 1121 2.37 18.89 -14.00
C GLY C 1121 3.86 19.10 -14.05
N VAL C 1122 4.32 20.13 -14.75
CA VAL C 1122 5.76 20.41 -14.88
C VAL C 1122 6.31 21.08 -13.62
N PRO C 1123 5.68 22.13 -13.07
CA PRO C 1123 6.28 22.78 -11.90
C PRO C 1123 6.39 21.88 -10.68
N SER C 1124 5.31 21.20 -10.30
CA SER C 1124 5.35 20.33 -9.14
C SER C 1124 6.23 19.11 -9.40
N ARG C 1125 5.84 18.29 -10.37
CA ARG C 1125 6.67 17.16 -10.80
C ARG C 1125 7.73 17.71 -11.73
N MET C 1126 8.84 18.15 -11.14
CA MET C 1126 9.90 18.83 -11.90
C MET C 1126 10.63 17.82 -12.78
N ASN C 1127 10.28 17.78 -14.06
CA ASN C 1127 10.95 16.95 -15.05
C ASN C 1127 11.21 17.83 -16.28
N VAL C 1128 12.36 18.50 -16.29
CA VAL C 1128 12.68 19.38 -17.41
C VAL C 1128 13.04 18.56 -18.64
N GLY C 1129 13.60 17.36 -18.44
CA GLY C 1129 13.95 16.50 -19.55
C GLY C 1129 12.77 16.05 -20.39
N GLN C 1130 11.55 16.13 -19.84
CA GLN C 1130 10.37 15.77 -20.60
C GLN C 1130 10.07 16.81 -21.68
N ILE C 1131 10.32 18.08 -21.37
CA ILE C 1131 10.09 19.13 -22.36
C ILE C 1131 11.23 19.17 -23.38
N LEU C 1132 12.47 18.94 -22.92
CA LEU C 1132 13.59 18.91 -23.85
C LEU C 1132 13.51 17.70 -24.78
N GLU C 1133 12.84 16.63 -24.35
CA GLU C 1133 12.65 15.48 -25.23
C GLU C 1133 11.62 15.78 -26.31
N THR C 1134 10.60 16.57 -26.00
CA THR C 1134 9.60 16.93 -26.99
C THR C 1134 10.19 17.83 -28.06
N HIS C 1135 11.05 18.76 -27.67
CA HIS C 1135 11.68 19.65 -28.64
C HIS C 1135 12.68 18.90 -29.52
N LEU C 1136 13.46 18.00 -28.92
CA LEU C 1136 14.41 17.21 -29.70
C LEU C 1136 13.69 16.22 -30.61
N GLY C 1137 12.55 15.68 -30.16
CA GLY C 1137 11.78 14.77 -31.00
C GLY C 1137 11.17 15.42 -32.22
N LEU C 1138 10.97 16.74 -32.20
CA LEU C 1138 10.44 17.43 -33.36
C LEU C 1138 11.49 17.53 -34.47
N ALA C 1139 12.76 17.73 -34.09
CA ALA C 1139 13.82 17.79 -35.08
C ALA C 1139 14.13 16.42 -35.67
N ALA C 1140 13.84 15.34 -34.94
CA ALA C 1140 14.07 14.00 -35.48
C ALA C 1140 13.06 13.67 -36.57
N LYS C 1141 11.79 13.97 -36.33
CA LYS C 1141 10.76 13.75 -37.35
C LYS C 1141 10.76 14.85 -38.40
N GLY C 1142 11.21 16.05 -38.04
CA GLY C 1142 11.26 17.13 -39.02
C GLY C 1142 12.30 16.89 -40.09
N LEU C 1143 13.47 16.35 -39.71
CA LEU C 1143 14.48 16.01 -40.70
C LEU C 1143 14.13 14.77 -41.50
N GLY C 1144 13.30 13.89 -40.94
CA GLY C 1144 12.89 12.70 -41.67
C GLY C 1144 11.96 12.99 -42.83
N GLU C 1145 11.21 14.09 -42.75
CA GLU C 1145 10.31 14.44 -43.84
C GLU C 1145 11.08 15.01 -45.03
N LYS C 1146 12.20 15.69 -44.77
CA LYS C 1146 12.99 16.24 -45.88
C LYS C 1146 13.71 15.15 -46.65
N ILE C 1147 14.10 14.06 -45.98
CA ILE C 1147 14.75 12.95 -46.66
C ILE C 1147 13.75 12.16 -47.49
N ASN C 1148 12.56 11.93 -46.94
CA ASN C 1148 11.53 11.19 -47.67
C ASN C 1148 11.02 11.99 -48.85
N ARG C 1149 10.92 13.31 -48.71
CA ARG C 1149 10.48 14.14 -49.83
C ARG C 1149 11.56 14.27 -50.89
N MET C 1150 12.83 14.18 -50.50
CA MET C 1150 13.91 14.26 -51.47
C MET C 1150 13.96 13.03 -52.36
N LEU C 1151 13.50 11.88 -51.86
CA LEU C 1151 13.49 10.67 -52.68
C LEU C 1151 12.44 10.74 -53.78
N GLU C 1152 11.33 11.44 -53.54
CA GLU C 1152 10.27 11.53 -54.53
C GLU C 1152 10.64 12.42 -55.70
N GLU C 1153 11.63 13.29 -55.53
CA GLU C 1153 12.10 14.17 -56.60
C GLU C 1153 13.14 13.52 -57.49
N GLN C 1154 13.52 12.27 -57.20
CA GLN C 1154 14.51 11.53 -57.99
C GLN C 1154 15.83 12.29 -58.06
N ARG C 1155 16.36 12.66 -56.90
CA ARG C 1155 17.61 13.40 -56.83
C ARG C 1155 18.80 12.45 -57.02
N LYS C 1156 19.94 13.03 -57.33
CA LYS C 1156 21.16 12.25 -57.54
C LYS C 1156 21.70 11.73 -56.21
N VAL C 1157 22.44 10.64 -56.28
CA VAL C 1157 23.03 10.05 -55.07
C VAL C 1157 24.05 11.00 -54.46
N ALA C 1158 24.74 11.79 -55.28
CA ALA C 1158 25.72 12.73 -54.76
C ALA C 1158 25.08 13.85 -53.94
N GLU C 1159 23.80 14.14 -54.18
CA GLU C 1159 23.12 15.17 -53.40
C GLU C 1159 22.66 14.65 -52.04
N LEU C 1160 22.33 13.37 -51.96
CA LEU C 1160 21.90 12.80 -50.68
C LEU C 1160 23.06 12.62 -49.71
N ARG C 1161 24.26 12.31 -50.23
CA ARG C 1161 25.42 12.17 -49.37
C ARG C 1161 25.82 13.50 -48.75
N LYS C 1162 25.51 14.61 -49.41
CA LYS C 1162 25.81 15.91 -48.84
C LYS C 1162 24.84 16.26 -47.71
N PHE C 1163 23.57 15.87 -47.86
CA PHE C 1163 22.59 16.14 -46.81
C PHE C 1163 22.87 15.28 -45.58
N LEU C 1164 23.30 14.03 -45.78
CA LEU C 1164 23.65 13.20 -44.64
C LEU C 1164 24.91 13.69 -43.95
N HIS C 1165 25.83 14.30 -44.70
CA HIS C 1165 27.02 14.88 -44.11
C HIS C 1165 26.71 16.15 -43.32
N GLU C 1166 25.61 16.82 -43.64
CA GLU C 1166 25.19 18.02 -42.91
C GLU C 1166 24.45 17.69 -41.62
N ILE C 1167 24.34 16.41 -41.26
CA ILE C 1167 23.65 15.98 -40.05
C ILE C 1167 24.61 15.32 -39.06
N TYR C 1168 25.40 14.37 -39.53
CA TYR C 1168 26.31 13.65 -38.64
C TYR C 1168 27.63 14.39 -38.44
N ASN C 1169 28.10 15.11 -39.46
CA ASN C 1169 29.40 15.78 -39.41
C ASN C 1169 29.28 17.27 -39.12
N GLU C 1170 28.13 17.73 -38.63
CA GLU C 1170 27.92 19.13 -38.32
C GLU C 1170 27.92 19.41 -36.82
N ILE C 1171 27.07 18.72 -36.06
CA ILE C 1171 27.02 18.92 -34.62
C ILE C 1171 28.14 18.13 -33.95
N GLY C 1172 28.41 18.50 -32.69
CA GLY C 1172 29.46 17.83 -31.95
C GLY C 1172 29.04 16.44 -31.50
N GLY C 1173 29.98 15.50 -31.57
CA GLY C 1173 29.75 14.14 -31.17
C GLY C 1173 30.47 13.19 -32.10
N ARG C 1174 29.90 11.99 -32.26
CA ARG C 1174 30.47 10.98 -33.13
C ARG C 1174 29.98 11.19 -34.56
N GLU C 1175 30.91 11.14 -35.52
CA GLU C 1175 30.59 11.31 -36.93
C GLU C 1175 31.17 10.14 -37.71
N GLU C 1176 30.31 9.40 -38.40
CA GLU C 1176 30.71 8.23 -39.17
C GLU C 1176 30.07 8.30 -40.55
N ASN C 1177 30.90 8.36 -41.58
CA ASN C 1177 30.42 8.40 -42.96
C ASN C 1177 31.61 8.11 -43.86
N LEU C 1178 31.37 8.16 -45.18
CA LEU C 1178 32.40 7.95 -46.19
C LEU C 1178 33.05 6.57 -46.06
N ASP C 1179 32.23 5.58 -45.66
CA ASP C 1179 32.73 4.22 -45.50
C ASP C 1179 31.76 3.19 -46.05
N GLU C 1180 30.77 3.59 -46.85
CA GLU C 1180 29.76 2.68 -47.38
C GLU C 1180 29.76 2.76 -48.90
N LEU C 1181 28.97 1.89 -49.51
CA LEU C 1181 28.83 1.88 -50.96
C LEU C 1181 28.03 3.09 -51.43
N GLY C 1182 28.31 3.54 -52.64
CA GLY C 1182 27.67 4.72 -53.19
C GLY C 1182 26.18 4.53 -53.46
N ASP C 1183 25.84 3.62 -54.37
CA ASP C 1183 24.46 3.43 -54.77
C ASP C 1183 23.71 2.46 -53.85
N ASN C 1184 24.37 1.40 -53.40
CA ASN C 1184 23.66 0.34 -52.66
C ASN C 1184 23.24 0.82 -51.27
N GLU C 1185 24.15 1.49 -50.56
CA GLU C 1185 23.90 1.84 -49.16
C GLU C 1185 23.13 3.14 -49.00
N ILE C 1186 23.08 4.00 -50.02
CA ILE C 1186 22.35 5.26 -49.90
C ILE C 1186 20.85 5.03 -49.95
N LEU C 1187 20.39 4.20 -50.89
CA LEU C 1187 18.97 3.91 -50.97
C LEU C 1187 18.50 3.07 -49.79
N ALA C 1188 19.41 2.32 -49.16
CA ALA C 1188 19.04 1.52 -47.99
C ALA C 1188 18.86 2.39 -46.75
N LEU C 1189 19.69 3.41 -46.58
CA LEU C 1189 19.55 4.29 -45.42
C LEU C 1189 18.42 5.29 -45.60
N ALA C 1190 18.20 5.76 -46.83
CA ALA C 1190 17.14 6.73 -47.07
C ALA C 1190 15.76 6.12 -46.88
N LYS C 1191 15.60 4.83 -47.17
CA LYS C 1191 14.31 4.18 -46.97
C LYS C 1191 14.07 3.81 -45.52
N ASN C 1192 15.13 3.65 -44.72
CA ASN C 1192 14.99 3.33 -43.32
C ASN C 1192 14.86 4.58 -42.44
N LEU C 1193 15.47 5.69 -42.85
CA LEU C 1193 15.39 6.94 -42.11
C LEU C 1193 14.28 7.86 -42.61
N ARG C 1194 13.32 7.32 -43.37
CA ARG C 1194 12.20 8.10 -43.85
C ARG C 1194 11.11 8.29 -42.79
N GLY C 1195 11.25 7.65 -41.64
CA GLY C 1195 10.27 7.80 -40.57
C GLY C 1195 10.86 8.40 -39.32
N GLY C 1196 11.99 9.07 -39.45
CA GLY C 1196 12.63 9.71 -38.32
C GLY C 1196 14.09 9.34 -38.15
N VAL C 1197 14.92 10.32 -37.82
CA VAL C 1197 16.34 10.10 -37.59
C VAL C 1197 16.55 9.78 -36.12
N PRO C 1198 17.05 8.59 -35.78
CA PRO C 1198 17.24 8.26 -34.36
C PRO C 1198 18.38 9.07 -33.76
N MET C 1199 18.15 9.58 -32.55
CA MET C 1199 19.11 10.39 -31.83
C MET C 1199 19.50 9.69 -30.54
N ALA C 1200 20.79 9.79 -30.18
CA ALA C 1200 21.32 9.21 -28.97
C ALA C 1200 21.75 10.31 -28.02
N THR C 1201 21.24 10.29 -26.80
CA THR C 1201 21.54 11.29 -25.79
C THR C 1201 21.93 10.59 -24.50
N PRO C 1202 23.20 10.66 -24.08
CA PRO C 1202 23.62 9.94 -22.88
C PRO C 1202 22.91 10.46 -21.63
N VAL C 1203 23.07 9.69 -20.55
CA VAL C 1203 22.38 10.02 -19.30
C VAL C 1203 22.99 11.24 -18.64
N PHE C 1204 24.27 11.52 -18.90
CA PHE C 1204 24.94 12.68 -18.31
C PHE C 1204 25.79 13.46 -19.30
N ASP C 1205 25.80 13.08 -20.58
CA ASP C 1205 26.53 13.80 -21.62
C ASP C 1205 25.56 14.28 -22.70
N GLY C 1206 24.39 14.76 -22.29
CA GLY C 1206 23.37 15.17 -23.22
C GLY C 1206 23.73 16.45 -23.96
N ALA C 1207 22.95 16.72 -25.00
CA ALA C 1207 23.14 17.92 -25.81
C ALA C 1207 22.61 19.15 -25.08
N LYS C 1208 23.33 20.25 -25.20
CA LYS C 1208 22.93 21.49 -24.57
C LYS C 1208 21.77 22.12 -25.35
N GLU C 1209 21.31 23.27 -24.86
CA GLU C 1209 20.20 23.96 -25.51
C GLU C 1209 20.61 24.61 -26.82
N ARG C 1210 21.89 24.94 -26.99
CA ARG C 1210 22.34 25.54 -28.24
C ARG C 1210 22.39 24.53 -29.37
N GLU C 1211 22.61 23.24 -29.05
CA GLU C 1211 22.67 22.23 -30.09
C GLU C 1211 21.29 21.77 -30.53
N ILE C 1212 20.30 21.83 -29.63
CA ILE C 1212 18.94 21.45 -30.01
C ILE C 1212 18.34 22.49 -30.96
N LYS C 1213 18.58 23.77 -30.70
CA LYS C 1213 18.07 24.81 -31.59
C LYS C 1213 18.78 24.83 -32.93
N ALA C 1214 20.00 24.31 -33.01
CA ALA C 1214 20.71 24.26 -34.28
C ALA C 1214 20.10 23.22 -35.22
N MET C 1215 19.52 22.16 -34.67
CA MET C 1215 18.89 21.14 -35.50
C MET C 1215 17.56 21.62 -36.08
N LEU C 1216 16.81 22.43 -35.32
CA LEU C 1216 15.55 22.94 -35.83
C LEU C 1216 15.76 23.94 -36.97
N LYS C 1217 16.90 24.64 -36.97
CA LYS C 1217 17.20 25.57 -38.06
C LYS C 1217 17.47 24.83 -39.36
N LEU C 1218 18.02 23.62 -39.28
CA LEU C 1218 18.31 22.86 -40.50
C LEU C 1218 17.04 22.32 -41.14
N ALA C 1219 16.03 21.98 -40.33
CA ALA C 1219 14.77 21.45 -40.84
C ALA C 1219 13.75 22.54 -41.15
N ASP C 1220 14.18 23.80 -41.21
CA ASP C 1220 13.29 24.93 -41.48
C ASP C 1220 12.13 24.98 -40.50
N LEU C 1221 12.44 24.79 -39.21
CA LEU C 1221 11.46 24.82 -38.14
C LEU C 1221 11.80 25.93 -37.16
N PRO C 1222 10.80 26.47 -36.45
CA PRO C 1222 11.08 27.52 -35.48
C PRO C 1222 11.95 27.00 -34.34
N GLU C 1223 13.02 27.75 -34.04
CA GLU C 1223 13.95 27.34 -32.99
C GLU C 1223 13.34 27.43 -31.60
N SER C 1224 12.26 28.20 -31.44
CA SER C 1224 11.61 28.30 -30.13
C SER C 1224 10.86 27.04 -29.75
N GLY C 1225 10.55 26.17 -30.72
CA GLY C 1225 9.85 24.94 -30.45
C GLY C 1225 8.36 25.08 -30.21
N GLN C 1226 7.81 26.28 -30.37
CA GLN C 1226 6.39 26.52 -30.15
C GLN C 1226 5.76 27.07 -31.43
N MET C 1227 4.50 26.72 -31.65
CA MET C 1227 3.76 27.18 -32.81
C MET C 1227 2.28 27.26 -32.47
N ARG C 1228 1.60 28.23 -33.07
CA ARG C 1228 0.17 28.42 -32.81
C ARG C 1228 -0.65 27.40 -33.59
N LEU C 1229 -1.51 26.69 -32.88
CA LEU C 1229 -2.35 25.66 -33.48
C LEU C 1229 -3.78 26.16 -33.63
N PHE C 1230 -4.46 25.67 -34.66
CA PHE C 1230 -5.83 26.03 -34.95
C PHE C 1230 -6.77 24.99 -34.36
N ASP C 1231 -7.83 25.44 -33.70
CA ASP C 1231 -8.80 24.53 -33.12
C ASP C 1231 -9.64 23.88 -34.22
N GLY C 1232 -10.18 22.71 -33.90
CA GLY C 1232 -10.97 21.96 -34.87
C GLY C 1232 -12.47 22.12 -34.69
N ARG C 1233 -12.88 22.47 -33.47
CA ARG C 1233 -14.31 22.61 -33.16
C ARG C 1233 -14.80 24.03 -33.44
N THR C 1234 -14.16 25.03 -32.82
CA THR C 1234 -14.55 26.41 -33.02
C THR C 1234 -13.93 27.04 -34.26
N GLY C 1235 -12.75 26.57 -34.67
CA GLY C 1235 -12.08 27.09 -35.84
C GLY C 1235 -11.23 28.31 -35.61
N ASN C 1236 -11.27 28.90 -34.42
CA ASN C 1236 -10.47 30.07 -34.13
C ASN C 1236 -9.06 29.69 -33.71
N GLN C 1237 -8.11 30.56 -34.03
CA GLN C 1237 -6.71 30.33 -33.67
C GLN C 1237 -6.49 30.64 -32.20
N PHE C 1238 -5.61 29.87 -31.56
CA PHE C 1238 -5.31 30.09 -30.16
C PHE C 1238 -4.55 31.38 -29.97
N GLU C 1239 -4.68 31.96 -28.77
CA GLU C 1239 -4.03 33.24 -28.49
C GLU C 1239 -2.53 33.05 -28.23
N ARG C 1240 -2.16 32.03 -27.46
CA ARG C 1240 -0.77 31.77 -27.14
C ARG C 1240 -0.25 30.57 -27.91
N PRO C 1241 1.01 30.58 -28.31
CA PRO C 1241 1.57 29.42 -29.03
C PRO C 1241 1.77 28.24 -28.10
N THR C 1242 1.52 27.04 -28.63
CA THR C 1242 1.66 25.81 -27.87
C THR C 1242 2.89 25.04 -28.33
N THR C 1243 3.31 24.10 -27.48
CA THR C 1243 4.48 23.27 -27.75
C THR C 1243 4.04 21.93 -28.33
N VAL C 1244 4.54 21.60 -29.51
CA VAL C 1244 4.24 20.34 -30.17
C VAL C 1244 5.55 19.58 -30.36
N GLY C 1245 5.41 18.29 -30.66
CA GLY C 1245 6.58 17.46 -30.88
C GLY C 1245 6.20 15.99 -30.89
N TYR C 1246 7.21 15.14 -30.70
CA TYR C 1246 7.03 13.70 -30.70
C TYR C 1246 7.64 13.13 -29.42
N MET C 1247 6.83 12.41 -28.64
CA MET C 1247 7.27 11.83 -27.38
C MET C 1247 7.02 10.33 -27.40
N TYR C 1248 8.02 9.58 -26.94
CA TYR C 1248 7.93 8.12 -26.89
C TYR C 1248 7.06 7.71 -25.70
N MET C 1249 5.90 7.14 -26.00
CA MET C 1249 4.94 6.72 -24.99
C MET C 1249 4.97 5.20 -24.83
N LEU C 1250 4.50 4.74 -23.66
CA LEU C 1250 4.47 3.33 -23.33
C LEU C 1250 3.05 2.94 -22.94
N LYS C 1251 2.85 1.63 -22.77
CA LYS C 1251 1.58 1.07 -22.30
C LYS C 1251 1.87 0.06 -21.21
N LEU C 1252 1.22 0.22 -20.06
CA LEU C 1252 1.45 -0.62 -18.91
C LEU C 1252 0.40 -1.73 -18.84
N ASN C 1253 0.74 -2.80 -18.11
CA ASN C 1253 -0.14 -3.95 -17.99
C ASN C 1253 -1.12 -3.72 -16.84
N HIS C 1254 -2.04 -2.79 -17.07
CA HIS C 1254 -3.10 -2.44 -16.14
C HIS C 1254 -4.44 -2.34 -16.86
N LEU C 1255 -4.74 -3.35 -17.68
CA LEU C 1255 -5.97 -3.37 -18.44
C LEU C 1255 -7.18 -3.35 -17.53
N VAL C 1256 -8.28 -2.78 -18.03
CA VAL C 1256 -9.51 -2.67 -17.25
C VAL C 1256 -10.36 -3.93 -17.33
N ASP C 1257 -10.02 -4.89 -18.19
CA ASP C 1257 -10.79 -6.12 -18.26
C ASP C 1257 -10.59 -6.98 -17.02
N ASP C 1258 -9.41 -6.94 -16.42
CA ASP C 1258 -9.11 -7.68 -15.21
C ASP C 1258 -9.37 -6.88 -13.94
N LYS C 1259 -9.77 -5.61 -14.07
CA LYS C 1259 -10.04 -4.76 -12.92
C LYS C 1259 -11.52 -4.54 -12.68
N MET C 1260 -12.34 -4.50 -13.74
CA MET C 1260 -13.77 -4.28 -13.59
C MET C 1260 -14.44 -5.55 -13.10
N HIS C 1261 -15.21 -5.43 -12.02
CA HIS C 1261 -15.91 -6.57 -11.44
C HIS C 1261 -17.24 -6.11 -10.88
N ALA C 1262 -18.22 -7.01 -10.91
CA ALA C 1262 -19.54 -6.73 -10.38
C ALA C 1262 -20.23 -8.04 -10.05
N ARG C 1263 -20.90 -8.08 -8.91
CA ARG C 1263 -21.57 -9.30 -8.47
C ARG C 1263 -22.74 -8.93 -7.57
N SER C 1264 -23.93 -9.44 -7.90
CA SER C 1264 -25.12 -9.22 -7.09
C SER C 1264 -25.33 -10.35 -6.08
N THR C 1265 -25.45 -11.58 -6.57
CA THR C 1265 -25.63 -12.76 -5.73
C THR C 1265 -24.71 -13.86 -6.21
N GLY C 1266 -24.14 -14.60 -5.26
CA GLY C 1266 -23.23 -15.69 -5.57
C GLY C 1266 -23.33 -16.78 -4.55
N SER C 1267 -22.20 -17.39 -4.20
CA SER C 1267 -22.14 -18.46 -3.23
C SER C 1267 -21.53 -17.96 -1.92
N TYR C 1268 -21.75 -18.74 -0.86
CA TYR C 1268 -21.27 -18.40 0.48
C TYR C 1268 -20.52 -19.58 1.06
N SER C 1269 -19.87 -19.33 2.20
CA SER C 1269 -19.10 -20.36 2.89
C SER C 1269 -20.01 -21.15 3.82
N LEU C 1270 -19.41 -21.98 4.68
CA LEU C 1270 -20.16 -22.82 5.62
C LEU C 1270 -20.15 -22.26 7.04
N VAL C 1271 -18.96 -21.99 7.58
CA VAL C 1271 -18.88 -21.48 8.95
C VAL C 1271 -19.44 -20.07 9.04
N THR C 1272 -19.04 -19.19 8.12
CA THR C 1272 -19.54 -17.83 8.06
C THR C 1272 -20.17 -17.59 6.71
N GLN C 1273 -21.46 -17.23 6.71
CA GLN C 1273 -22.22 -17.03 5.47
C GLN C 1273 -21.82 -15.68 4.85
N GLN C 1274 -20.61 -15.66 4.29
CA GLN C 1274 -20.06 -14.48 3.65
C GLN C 1274 -19.85 -14.74 2.16
N PRO C 1275 -19.98 -13.71 1.33
CA PRO C 1275 -19.73 -13.90 -0.11
C PRO C 1275 -18.28 -14.27 -0.37
N LEU C 1276 -18.08 -15.11 -1.38
CA LEU C 1276 -16.76 -15.61 -1.73
C LEU C 1276 -16.13 -14.77 -2.85
N GLY C 1277 -14.86 -15.04 -3.10
CA GLY C 1277 -14.14 -14.35 -4.15
C GLY C 1277 -12.98 -15.19 -4.64
N GLY C 1278 -12.64 -15.00 -5.91
CA GLY C 1278 -11.57 -15.74 -6.54
C GLY C 1278 -12.01 -16.92 -7.39
N LYS C 1279 -13.31 -17.23 -7.41
CA LYS C 1279 -13.83 -18.33 -8.21
C LYS C 1279 -14.07 -17.85 -9.64
N ALA C 1280 -14.78 -18.66 -10.43
CA ALA C 1280 -15.11 -18.26 -11.79
C ALA C 1280 -15.92 -16.98 -11.81
N GLN C 1281 -16.94 -16.90 -10.98
CA GLN C 1281 -17.74 -15.69 -10.80
C GLN C 1281 -17.37 -15.09 -9.45
N PHE C 1282 -16.92 -13.85 -9.45
CA PHE C 1282 -16.46 -13.18 -8.23
C PHE C 1282 -16.54 -11.68 -8.45
N GLY C 1283 -15.93 -10.93 -7.54
CA GLY C 1283 -15.93 -9.48 -7.62
C GLY C 1283 -16.71 -8.83 -6.49
N GLY C 1284 -16.01 -8.33 -5.48
CA GLY C 1284 -16.65 -7.70 -4.35
C GLY C 1284 -15.67 -6.84 -3.59
N GLN C 1285 -16.23 -5.90 -2.83
CA GLN C 1285 -15.45 -4.96 -2.04
C GLN C 1285 -15.59 -5.30 -0.56
N ARG C 1286 -14.46 -5.40 0.14
CA ARG C 1286 -14.47 -5.69 1.56
C ARG C 1286 -14.83 -4.43 2.34
N PHE C 1287 -15.91 -4.48 3.10
CA PHE C 1287 -16.35 -3.35 3.92
C PHE C 1287 -15.52 -3.33 5.20
N GLY C 1288 -14.38 -2.66 5.14
CA GLY C 1288 -13.46 -2.60 6.25
C GLY C 1288 -13.99 -1.79 7.42
N GLU C 1289 -13.16 -1.72 8.46
CA GLU C 1289 -13.54 -0.99 9.67
C GLU C 1289 -13.55 0.52 9.43
N MET C 1290 -12.61 1.02 8.61
CA MET C 1290 -12.59 2.44 8.31
C MET C 1290 -13.79 2.87 7.48
N GLU C 1291 -14.41 1.95 6.76
CA GLU C 1291 -15.65 2.27 6.05
C GLU C 1291 -16.81 2.43 7.03
N VAL C 1292 -16.74 1.76 8.19
CA VAL C 1292 -17.81 1.87 9.17
C VAL C 1292 -17.77 3.21 9.87
N TRP C 1293 -16.57 3.69 10.21
CA TRP C 1293 -16.45 4.98 10.88
C TRP C 1293 -16.85 6.14 9.99
N ALA C 1294 -16.85 5.95 8.67
CA ALA C 1294 -17.31 7.00 7.76
C ALA C 1294 -18.83 7.13 7.78
N LEU C 1295 -19.54 6.01 7.94
CA LEU C 1295 -20.99 6.06 8.02
C LEU C 1295 -21.47 6.54 9.38
N GLU C 1296 -20.74 6.22 10.45
CA GLU C 1296 -21.09 6.71 11.78
C GLU C 1296 -20.90 8.20 11.91
N ALA C 1297 -20.02 8.80 11.11
CA ALA C 1297 -19.83 10.24 11.15
C ALA C 1297 -21.05 10.99 10.63
N TYR C 1298 -21.77 10.40 9.68
CA TYR C 1298 -23.01 10.98 9.20
C TYR C 1298 -24.14 10.61 10.16
N GLY C 1299 -25.38 10.89 9.75
CA GLY C 1299 -26.53 10.49 10.54
C GLY C 1299 -27.15 9.21 10.01
N ALA C 1300 -26.41 8.50 9.16
CA ALA C 1300 -26.92 7.29 8.54
C ALA C 1300 -26.95 6.15 9.54
N ALA C 1301 -28.12 5.52 9.67
CA ALA C 1301 -28.30 4.37 10.54
C ALA C 1301 -28.87 3.16 9.82
N TYR C 1302 -29.80 3.38 8.88
CA TYR C 1302 -30.37 2.26 8.13
C TYR C 1302 -29.41 1.72 7.09
N THR C 1303 -28.51 2.57 6.58
CA THR C 1303 -27.55 2.11 5.58
C THR C 1303 -26.43 1.29 6.20
N LEU C 1304 -25.98 1.67 7.41
CA LEU C 1304 -24.93 0.93 8.07
C LEU C 1304 -25.41 -0.45 8.51
N GLN C 1305 -26.67 -0.54 8.96
CA GLN C 1305 -27.24 -1.82 9.36
C GLN C 1305 -27.63 -2.68 8.16
N GLU C 1306 -27.82 -2.07 6.99
CA GLU C 1306 -28.23 -2.84 5.81
C GLU C 1306 -27.06 -3.66 5.28
N MET C 1307 -25.90 -3.03 5.09
CA MET C 1307 -24.72 -3.69 4.53
C MET C 1307 -23.94 -4.47 5.57
N LEU C 1308 -24.47 -4.66 6.76
CA LEU C 1308 -23.82 -5.44 7.80
C LEU C 1308 -24.65 -6.60 8.33
N THR C 1309 -25.96 -6.53 8.23
CA THR C 1309 -26.85 -7.58 8.74
C THR C 1309 -27.69 -8.23 7.66
N VAL C 1310 -28.26 -7.44 6.75
CA VAL C 1310 -29.17 -7.98 5.74
C VAL C 1310 -28.42 -8.41 4.49
N LYS C 1311 -27.53 -7.57 3.98
CA LYS C 1311 -26.79 -7.87 2.76
C LYS C 1311 -25.71 -8.93 2.97
N SER C 1312 -25.43 -9.31 4.20
CA SER C 1312 -24.42 -10.33 4.48
C SER C 1312 -24.72 -10.98 5.82
N ASP C 1313 -24.33 -12.25 5.94
CA ASP C 1313 -24.47 -13.01 7.18
C ASP C 1313 -25.94 -13.13 7.59
N ASP C 1314 -26.79 -13.48 6.63
CA ASP C 1314 -28.21 -13.66 6.92
C ASP C 1314 -28.78 -14.61 5.85
N VAL C 1315 -28.99 -15.87 6.25
CA VAL C 1315 -29.55 -16.85 5.32
C VAL C 1315 -31.02 -16.58 5.07
N ASN C 1316 -31.83 -16.59 6.14
CA ASN C 1316 -33.24 -16.32 6.01
C ASN C 1316 -33.55 -14.85 5.78
N GLY C 1317 -32.59 -13.96 6.03
CA GLY C 1317 -32.78 -12.54 5.79
C GLY C 1317 -32.62 -12.18 4.33
N ARG C 1318 -31.60 -12.73 3.68
CA ARG C 1318 -31.38 -12.45 2.26
C ARG C 1318 -32.44 -13.12 1.39
N THR C 1319 -33.00 -14.24 1.86
CA THR C 1319 -34.04 -14.92 1.09
C THR C 1319 -35.33 -14.10 1.04
N LYS C 1320 -35.75 -13.57 2.20
CA LYS C 1320 -36.95 -12.74 2.23
C LYS C 1320 -36.71 -11.36 1.63
N MET C 1321 -35.47 -10.88 1.66
CA MET C 1321 -35.18 -9.56 1.08
C MET C 1321 -35.20 -9.64 -0.44
N TYR C 1322 -34.71 -10.73 -1.01
CA TYR C 1322 -34.72 -10.88 -2.47
C TYR C 1322 -36.14 -11.00 -3.01
N LYS C 1323 -37.05 -11.60 -2.24
CA LYS C 1323 -38.42 -11.73 -2.69
C LYS C 1323 -39.18 -10.42 -2.61
N ASN C 1324 -38.77 -9.53 -1.69
CA ASN C 1324 -39.43 -8.23 -1.58
C ASN C 1324 -39.04 -7.28 -2.70
N ILE C 1325 -37.85 -7.46 -3.28
CA ILE C 1325 -37.42 -6.59 -4.37
C ILE C 1325 -38.13 -6.96 -5.67
N VAL C 1326 -38.33 -8.26 -5.91
CA VAL C 1326 -38.99 -8.69 -7.14
C VAL C 1326 -40.46 -8.27 -7.14
N ASP C 1327 -41.13 -8.39 -5.99
CA ASP C 1327 -42.53 -8.00 -5.91
C ASP C 1327 -42.71 -6.50 -6.02
N GLY C 1328 -41.75 -5.72 -5.55
CA GLY C 1328 -41.82 -4.28 -5.65
C GLY C 1328 -42.13 -3.61 -4.33
N ASP C 1329 -41.74 -4.25 -3.22
CA ASP C 1329 -41.97 -3.73 -1.88
C ASP C 1329 -40.62 -3.58 -1.18
N HIS C 1330 -40.19 -2.33 -0.99
CA HIS C 1330 -38.91 -2.05 -0.36
C HIS C 1330 -39.10 -2.04 1.14
N ARG C 1331 -38.81 -3.17 1.80
CA ARG C 1331 -38.91 -3.28 3.24
C ARG C 1331 -37.77 -4.16 3.75
N MET C 1332 -37.44 -3.99 5.03
CA MET C 1332 -36.33 -4.69 5.64
C MET C 1332 -36.77 -5.34 6.94
N GLU C 1333 -36.33 -6.58 7.15
CA GLU C 1333 -36.59 -7.31 8.38
C GLU C 1333 -35.36 -7.24 9.28
N ALA C 1334 -35.59 -7.46 10.58
CA ALA C 1334 -34.51 -7.37 11.56
C ALA C 1334 -33.48 -8.48 11.35
N GLY C 1335 -33.91 -9.73 11.46
CA GLY C 1335 -33.01 -10.85 11.28
C GLY C 1335 -31.95 -10.93 12.38
N MET C 1336 -31.01 -11.85 12.17
CA MET C 1336 -29.92 -12.08 13.10
C MET C 1336 -28.64 -12.28 12.29
N PRO C 1337 -27.57 -11.55 12.59
CA PRO C 1337 -26.33 -11.72 11.84
C PRO C 1337 -25.71 -13.09 12.09
N GLU C 1338 -25.31 -13.76 11.00
CA GLU C 1338 -24.68 -15.06 11.12
C GLU C 1338 -23.29 -14.99 11.76
N SER C 1339 -22.66 -13.82 11.72
CA SER C 1339 -21.36 -13.67 12.36
C SER C 1339 -21.46 -13.57 13.88
N PHE C 1340 -22.66 -13.34 14.41
CA PHE C 1340 -22.86 -13.27 15.85
C PHE C 1340 -23.27 -14.61 16.45
N ASN C 1341 -23.99 -15.44 15.69
CA ASN C 1341 -24.36 -16.75 16.19
C ASN C 1341 -23.16 -17.66 16.35
N VAL C 1342 -22.11 -17.44 15.56
CA VAL C 1342 -20.90 -18.25 15.69
C VAL C 1342 -20.17 -17.91 16.98
N LEU C 1343 -20.17 -16.63 17.36
CA LEU C 1343 -19.50 -16.23 18.60
C LEU C 1343 -20.24 -16.74 19.83
N ILE C 1344 -21.56 -16.98 19.71
CA ILE C 1344 -22.33 -17.48 20.84
C ILE C 1344 -22.02 -18.94 21.09
N LYS C 1345 -21.99 -19.75 20.03
CA LYS C 1345 -21.74 -21.17 20.20
C LYS C 1345 -20.30 -21.46 20.58
N GLU C 1346 -19.36 -20.66 20.09
CA GLU C 1346 -17.95 -20.88 20.41
C GLU C 1346 -17.62 -20.45 21.84
N ILE C 1347 -18.32 -19.44 22.37
CA ILE C 1347 -18.06 -18.99 23.73
C ILE C 1347 -18.76 -19.85 24.77
N ARG C 1348 -19.75 -20.65 24.36
CA ARG C 1348 -20.44 -21.53 25.31
C ARG C 1348 -19.70 -22.83 25.55
N SER C 1349 -18.88 -23.29 24.60
CA SER C 1349 -18.11 -24.50 24.80
C SER C 1349 -17.02 -24.33 25.85
N LEU C 1350 -16.58 -23.10 26.10
CA LEU C 1350 -15.57 -22.84 27.11
C LEU C 1350 -16.13 -22.91 28.53
N GLY C 1351 -17.45 -22.99 28.69
CA GLY C 1351 -18.07 -22.99 29.99
C GLY C 1351 -18.71 -21.68 30.40
N ILE C 1352 -18.67 -20.66 29.55
CA ILE C 1352 -19.24 -19.37 29.85
C ILE C 1352 -20.69 -19.35 29.38
N ASP C 1353 -21.59 -18.93 30.26
CA ASP C 1353 -23.01 -18.84 29.94
C ASP C 1353 -23.32 -17.46 29.36
N ILE C 1354 -24.20 -17.45 28.35
CA ILE C 1354 -24.63 -16.22 27.69
C ILE C 1354 -26.15 -16.18 27.70
N GLU C 1355 -26.72 -15.16 28.34
CA GLU C 1355 -28.17 -14.98 28.37
C GLU C 1355 -28.58 -14.00 27.27
N LEU C 1356 -28.54 -14.50 26.04
CA LEU C 1356 -28.87 -13.67 24.89
C LEU C 1356 -30.34 -13.27 24.89
N GLU C 1357 -31.22 -14.19 25.30
CA GLU C 1357 -32.65 -13.88 25.33
C GLU C 1357 -32.98 -12.94 26.49
N THR C 1358 -32.70 -13.38 27.71
CA THR C 1358 -32.97 -12.59 28.92
C THR C 1358 -34.42 -12.15 29.00
N GLU D 17 -38.09 -8.34 20.75
CA GLU D 17 -36.71 -7.85 20.84
C GLU D 17 -35.96 -8.55 21.95
N PHE D 18 -34.68 -8.20 22.11
CA PHE D 18 -33.84 -8.80 23.14
C PHE D 18 -32.74 -7.82 23.52
N ASP D 19 -32.33 -7.89 24.78
CA ASP D 19 -31.27 -7.03 25.31
C ASP D 19 -30.82 -7.62 26.64
N ALA D 20 -29.91 -6.91 27.30
CA ALA D 20 -29.39 -7.28 28.62
C ALA D 20 -28.78 -8.68 28.61
N ILE D 21 -27.72 -8.83 27.81
CA ILE D 21 -26.98 -10.09 27.75
C ILE D 21 -26.13 -10.22 29.00
N ARG D 22 -26.00 -11.46 29.49
CA ARG D 22 -25.29 -11.73 30.72
C ARG D 22 -24.13 -12.69 30.46
N ILE D 23 -23.15 -12.65 31.36
CA ILE D 23 -21.98 -13.52 31.31
C ILE D 23 -21.81 -14.17 32.69
N GLY D 24 -21.85 -15.49 32.74
CA GLY D 24 -21.69 -16.19 34.00
C GLY D 24 -21.18 -17.60 33.77
N LEU D 25 -20.88 -18.26 34.88
CA LEU D 25 -20.40 -19.63 34.84
C LEU D 25 -21.56 -20.60 34.62
N ALA D 26 -21.30 -21.67 33.88
CA ALA D 26 -22.33 -22.64 33.57
C ALA D 26 -22.50 -23.64 34.72
N SER D 27 -23.76 -23.98 35.02
CA SER D 27 -24.08 -24.93 36.06
C SER D 27 -24.23 -26.33 35.47
N PRO D 28 -23.92 -27.38 36.25
CA PRO D 28 -24.08 -28.74 35.74
C PRO D 28 -25.52 -29.09 35.38
N GLU D 29 -26.50 -28.43 35.99
CA GLU D 29 -27.89 -28.68 35.66
C GLU D 29 -28.32 -27.96 34.38
N MET D 30 -27.66 -26.85 34.06
CA MET D 30 -28.03 -26.09 32.86
C MET D 30 -27.41 -26.68 31.60
N ILE D 31 -26.22 -27.27 31.71
CA ILE D 31 -25.57 -27.87 30.54
C ILE D 31 -26.39 -29.05 30.02
N ARG D 32 -26.99 -29.82 30.92
CA ARG D 32 -27.81 -30.96 30.52
C ARG D 32 -29.14 -30.55 29.92
N SER D 33 -29.47 -29.26 29.92
CA SER D 33 -30.72 -28.78 29.34
C SER D 33 -30.57 -28.41 27.87
N TRP D 34 -29.42 -27.82 27.49
CA TRP D 34 -29.20 -27.50 26.10
C TRP D 34 -28.89 -28.73 25.27
N SER D 35 -28.29 -29.75 25.88
CA SER D 35 -27.91 -30.95 25.16
C SER D 35 -29.13 -31.78 24.78
N PHE D 36 -29.04 -32.44 23.62
CA PHE D 36 -30.08 -33.35 23.16
C PHE D 36 -29.70 -34.81 23.27
N GLY D 37 -28.44 -35.12 23.55
CA GLY D 37 -28.01 -36.50 23.68
C GLY D 37 -26.63 -36.56 24.29
N GLU D 38 -26.17 -37.79 24.51
CA GLU D 38 -24.86 -38.05 25.10
C GLU D 38 -24.00 -38.80 24.09
N VAL D 39 -22.78 -38.32 23.88
CA VAL D 39 -21.84 -38.94 22.95
C VAL D 39 -20.80 -39.71 23.74
N LYS D 40 -20.50 -40.93 23.28
CA LYS D 40 -19.54 -41.78 23.96
C LYS D 40 -18.60 -42.53 23.02
N LYS D 41 -18.74 -42.37 21.71
CA LYS D 41 -17.94 -43.11 20.74
C LYS D 41 -17.27 -42.14 19.79
N PRO D 42 -15.95 -42.26 19.56
CA PRO D 42 -15.28 -41.34 18.63
C PRO D 42 -15.60 -41.61 17.17
N GLU D 43 -16.14 -42.78 16.84
CA GLU D 43 -16.49 -43.09 15.46
C GLU D 43 -17.70 -42.26 15.04
N THR D 44 -17.60 -41.61 13.87
CA THR D 44 -18.66 -40.74 13.39
C THR D 44 -19.09 -41.01 11.96
N ILE D 45 -18.24 -41.60 11.12
CA ILE D 45 -18.58 -41.90 9.73
C ILE D 45 -18.13 -43.31 9.40
N ASN D 46 -18.58 -43.79 8.25
CA ASN D 46 -18.25 -45.13 7.77
C ASN D 46 -17.54 -45.05 6.43
N TYR D 47 -16.68 -46.04 6.18
CA TYR D 47 -15.92 -46.06 4.94
C TYR D 47 -16.72 -46.66 3.78
N ARG D 48 -17.67 -47.54 4.07
CA ARG D 48 -18.47 -48.14 3.01
C ARG D 48 -19.42 -47.12 2.39
N THR D 49 -20.07 -46.30 3.22
CA THR D 49 -20.98 -45.26 2.76
C THR D 49 -20.75 -44.01 3.58
N PHE D 50 -20.62 -42.86 2.91
CA PHE D 50 -20.35 -41.59 3.58
C PHE D 50 -21.62 -41.07 4.23
N LYS D 51 -22.05 -41.78 5.28
CA LYS D 51 -23.22 -41.41 6.06
C LYS D 51 -22.89 -41.62 7.54
N PRO D 52 -23.30 -40.69 8.40
CA PRO D 52 -22.97 -40.81 9.82
C PRO D 52 -23.74 -41.93 10.48
N GLU D 53 -23.20 -42.39 11.61
CA GLU D 53 -23.79 -43.45 12.42
C GLU D 53 -24.25 -42.89 13.76
N ARG D 54 -24.75 -43.78 14.60
CA ARG D 54 -25.26 -43.38 15.91
C ARG D 54 -24.11 -43.15 16.88
N ASP D 55 -24.33 -42.19 17.79
CA ASP D 55 -23.37 -41.84 18.84
C ASP D 55 -22.02 -41.44 18.25
N GLY D 56 -22.05 -40.36 17.45
CA GLY D 56 -20.85 -39.86 16.81
C GLY D 56 -20.81 -38.35 16.84
N LEU D 57 -19.67 -37.81 16.40
CA LEU D 57 -19.50 -36.36 16.38
C LEU D 57 -20.40 -35.70 15.35
N PHE D 58 -20.69 -36.38 14.24
CA PHE D 58 -21.58 -35.89 13.21
C PHE D 58 -22.88 -36.69 13.15
N CYS D 59 -23.26 -37.31 14.28
CA CYS D 59 -24.42 -38.17 14.32
C CYS D 59 -25.70 -37.38 14.11
N ALA D 60 -26.76 -38.10 13.75
CA ALA D 60 -28.06 -37.51 13.50
C ALA D 60 -29.05 -37.74 14.64
N LYS D 61 -28.70 -38.56 15.64
CA LYS D 61 -29.57 -38.75 16.78
C LYS D 61 -29.54 -37.56 17.72
N ILE D 62 -28.35 -37.02 17.99
CA ILE D 62 -28.24 -35.86 18.86
C ILE D 62 -28.44 -34.57 18.07
N PHE D 63 -27.68 -34.41 16.99
CA PHE D 63 -27.78 -33.25 16.13
C PHE D 63 -28.83 -33.49 15.04
N GLY D 64 -28.87 -32.61 14.04
CA GLY D 64 -29.84 -32.71 12.99
C GLY D 64 -29.40 -33.62 11.86
N PRO D 65 -30.31 -33.90 10.93
CA PRO D 65 -29.98 -34.78 9.81
C PRO D 65 -29.03 -34.09 8.83
N VAL D 66 -28.47 -34.90 7.92
CA VAL D 66 -27.54 -34.36 6.93
C VAL D 66 -28.27 -33.56 5.86
N LYS D 67 -29.57 -33.75 5.71
CA LYS D 67 -30.36 -33.00 4.73
C LYS D 67 -31.72 -32.69 5.34
N ASP D 68 -32.52 -31.94 4.58
CA ASP D 68 -33.79 -31.44 5.08
C ASP D 68 -34.85 -32.54 5.06
N TYR D 69 -35.45 -32.77 6.23
CA TYR D 69 -36.58 -33.69 6.39
C TYR D 69 -36.23 -35.10 5.90
N GLU D 70 -35.20 -35.67 6.51
CA GLU D 70 -34.75 -37.01 6.18
C GLU D 70 -34.28 -37.71 7.44
N CYS D 71 -34.20 -39.04 7.36
CA CYS D 71 -33.74 -39.85 8.49
C CYS D 71 -32.74 -40.89 8.01
N LEU D 72 -32.35 -41.82 8.90
CA LEU D 72 -31.38 -42.84 8.53
C LEU D 72 -32.03 -43.96 7.72
N CYS D 73 -33.21 -44.44 8.15
CA CYS D 73 -33.86 -45.52 7.44
C CYS D 73 -34.47 -45.01 6.13
N GLY D 74 -35.04 -43.82 6.13
CA GLY D 74 -35.66 -43.27 4.94
C GLY D 74 -37.09 -43.67 4.71
N LYS D 75 -37.85 -43.93 5.78
CA LYS D 75 -39.24 -44.33 5.62
C LYS D 75 -40.16 -43.12 5.46
N TYR D 76 -39.97 -42.10 6.29
CA TYR D 76 -40.80 -40.89 6.26
C TYR D 76 -40.00 -39.76 5.62
N LYS D 77 -40.48 -39.29 4.46
CA LYS D 77 -39.84 -38.19 3.76
C LYS D 77 -40.82 -37.09 3.38
N ARG D 78 -42.02 -37.08 3.96
CA ARG D 78 -43.05 -36.11 3.62
C ARG D 78 -42.87 -34.84 4.44
N LEU D 79 -43.65 -33.81 4.08
CA LEU D 79 -43.63 -32.52 4.75
C LEU D 79 -44.86 -32.29 5.61
N LYS D 80 -45.67 -33.32 5.84
CA LYS D 80 -46.88 -33.14 6.62
C LYS D 80 -46.58 -32.95 8.10
N HIS D 81 -45.71 -33.80 8.65
CA HIS D 81 -45.35 -33.74 10.07
C HIS D 81 -43.84 -33.52 10.16
N ARG D 82 -43.43 -32.26 10.32
CA ARG D 82 -42.02 -31.93 10.43
C ARG D 82 -41.47 -32.23 11.81
N GLY D 83 -42.31 -32.14 12.85
CA GLY D 83 -41.90 -32.40 14.20
C GLY D 83 -41.99 -33.85 14.65
N VAL D 84 -42.39 -34.75 13.75
CA VAL D 84 -42.51 -36.16 14.12
C VAL D 84 -41.13 -36.76 14.31
N ILE D 85 -41.06 -37.82 15.11
CA ILE D 85 -39.81 -38.53 15.38
C ILE D 85 -39.90 -39.92 14.78
N CYS D 86 -38.75 -40.43 14.34
CA CYS D 86 -38.68 -41.74 13.73
C CYS D 86 -38.75 -42.83 14.79
N GLU D 87 -39.43 -43.93 14.47
CA GLU D 87 -39.56 -45.05 15.40
C GLU D 87 -38.49 -46.12 15.19
N LYS D 88 -37.92 -46.23 14.00
CA LYS D 88 -36.88 -47.22 13.76
C LYS D 88 -35.56 -46.82 14.41
N CYS D 89 -35.21 -45.53 14.35
CA CYS D 89 -33.98 -45.04 14.95
C CYS D 89 -34.26 -43.81 15.80
N GLY D 90 -33.22 -43.18 16.32
CA GLY D 90 -33.36 -42.00 17.15
C GLY D 90 -33.25 -40.68 16.43
N VAL D 91 -32.95 -40.70 15.13
CA VAL D 91 -32.82 -39.47 14.35
C VAL D 91 -34.20 -39.05 13.86
N GLU D 92 -34.59 -37.82 14.17
CA GLU D 92 -35.87 -37.27 13.76
C GLU D 92 -35.70 -36.37 12.56
N VAL D 93 -36.82 -36.04 11.92
CA VAL D 93 -36.81 -35.17 10.76
C VAL D 93 -36.81 -33.71 11.20
N ALA D 94 -36.02 -32.89 10.51
CA ALA D 94 -35.91 -31.47 10.83
C ALA D 94 -35.37 -30.75 9.60
N LEU D 95 -35.01 -29.49 9.76
CA LEU D 95 -34.47 -28.69 8.67
C LEU D 95 -32.96 -28.88 8.59
N ALA D 96 -32.32 -28.16 7.66
CA ALA D 96 -30.88 -28.23 7.48
C ALA D 96 -30.13 -27.24 8.35
N LYS D 97 -30.77 -26.17 8.80
CA LYS D 97 -30.15 -25.16 9.65
C LYS D 97 -30.22 -25.50 11.13
N VAL D 98 -30.76 -26.67 11.49
CA VAL D 98 -30.86 -27.06 12.90
C VAL D 98 -29.55 -27.59 13.45
N ARG D 99 -28.59 -27.92 12.58
CA ARG D 99 -27.29 -28.43 13.03
C ARG D 99 -26.39 -27.34 13.59
N ARG D 100 -26.82 -26.08 13.60
CA ARG D 100 -26.02 -24.99 14.13
C ARG D 100 -26.39 -24.62 15.56
N GLU D 101 -27.55 -25.05 16.05
CA GLU D 101 -28.00 -24.73 17.40
C GLU D 101 -27.92 -25.91 18.36
N ARG D 102 -28.18 -27.12 17.89
CA ARG D 102 -28.09 -28.29 18.76
C ARG D 102 -26.64 -28.59 19.10
N MET D 103 -26.43 -29.12 20.30
CA MET D 103 -25.09 -29.44 20.77
C MET D 103 -25.19 -30.59 21.77
N GLY D 104 -24.03 -31.14 22.11
CA GLY D 104 -23.96 -32.24 23.06
C GLY D 104 -22.99 -32.00 24.18
N HIS D 105 -22.77 -33.02 25.01
CA HIS D 105 -21.85 -32.92 26.14
C HIS D 105 -21.30 -34.29 26.46
N ILE D 106 -20.08 -34.32 26.99
CA ILE D 106 -19.41 -35.56 27.36
C ILE D 106 -19.45 -35.70 28.87
N GLU D 107 -19.54 -36.95 29.33
CA GLU D 107 -19.57 -37.27 30.76
C GLU D 107 -18.16 -37.66 31.18
N LEU D 108 -17.59 -36.90 32.12
CA LEU D 108 -16.26 -37.16 32.63
C LEU D 108 -16.32 -37.93 33.93
N ALA D 109 -15.35 -38.82 34.12
CA ALA D 109 -15.29 -39.61 35.35
C ALA D 109 -14.76 -38.79 36.51
N SER D 110 -13.85 -37.85 36.24
CA SER D 110 -13.28 -37.00 37.27
C SER D 110 -13.36 -35.55 36.81
N PRO D 111 -13.80 -34.62 37.66
CA PRO D 111 -13.85 -33.22 37.24
C PRO D 111 -12.45 -32.65 37.04
N VAL D 112 -12.33 -31.75 36.07
CA VAL D 112 -11.07 -31.11 35.73
C VAL D 112 -11.26 -29.60 35.78
N ALA D 113 -10.30 -28.90 36.36
CA ALA D 113 -10.37 -27.45 36.47
C ALA D 113 -10.01 -26.79 35.15
N HIS D 114 -10.69 -25.69 34.84
CA HIS D 114 -10.44 -24.99 33.59
C HIS D 114 -9.12 -24.23 33.66
N ILE D 115 -8.71 -23.68 32.51
CA ILE D 115 -7.47 -22.94 32.41
C ILE D 115 -7.68 -21.43 32.37
N TRP D 116 -8.93 -20.97 32.19
CA TRP D 116 -9.19 -19.53 32.16
C TRP D 116 -8.88 -18.87 33.50
N PHE D 117 -9.08 -19.59 34.60
CA PHE D 117 -8.80 -19.05 35.92
C PHE D 117 -7.33 -19.17 36.32
N LEU D 118 -6.51 -19.83 35.51
CA LEU D 118 -5.09 -19.99 35.79
C LEU D 118 -4.18 -19.39 34.71
N LYS D 119 -4.72 -19.06 33.54
CA LYS D 119 -3.88 -18.50 32.48
C LYS D 119 -3.54 -17.04 32.75
N SER D 120 -4.49 -16.29 33.30
CA SER D 120 -4.24 -14.88 33.60
C SER D 120 -3.27 -14.75 34.77
N LEU D 121 -2.66 -13.57 34.89
CA LEU D 121 -1.64 -13.38 35.93
C LEU D 121 -2.23 -13.44 37.33
N PRO D 122 -3.30 -12.70 37.68
CA PRO D 122 -3.95 -12.92 38.98
C PRO D 122 -4.86 -14.15 38.92
N SER D 123 -4.44 -15.23 39.59
CA SER D 123 -5.20 -16.46 39.57
C SER D 123 -6.51 -16.28 40.33
N ARG D 124 -7.63 -16.53 39.65
CA ARG D 124 -8.94 -16.34 40.27
C ARG D 124 -9.19 -17.36 41.37
N ILE D 125 -8.57 -18.53 41.29
CA ILE D 125 -8.75 -19.54 42.33
C ILE D 125 -7.87 -19.23 43.53
N GLY D 126 -6.66 -18.72 43.29
CA GLY D 126 -5.75 -18.45 44.38
C GLY D 126 -6.17 -17.29 45.27
N LEU D 127 -6.81 -16.27 44.68
CA LEU D 127 -7.27 -15.14 45.49
C LEU D 127 -8.43 -15.54 46.40
N LEU D 128 -9.25 -16.49 45.97
CA LEU D 128 -10.37 -16.96 46.78
C LEU D 128 -9.97 -18.10 47.72
N LEU D 129 -8.82 -18.73 47.50
CA LEU D 129 -8.34 -19.81 48.35
C LEU D 129 -7.13 -19.42 49.18
N ASP D 130 -6.64 -18.20 49.03
CA ASP D 130 -5.45 -17.72 49.75
C ASP D 130 -4.23 -18.59 49.45
N MET D 131 -4.13 -19.05 48.20
CA MET D 131 -3.02 -19.87 47.74
C MET D 131 -2.31 -19.17 46.59
N THR D 132 -1.13 -19.69 46.25
CA THR D 132 -0.35 -19.15 45.16
C THR D 132 -0.70 -19.87 43.85
N LEU D 133 -0.07 -19.42 42.76
CA LEU D 133 -0.34 -20.02 41.45
C LEU D 133 0.33 -21.39 41.32
N ARG D 134 1.52 -21.54 41.88
CA ARG D 134 2.21 -22.82 41.81
C ARG D 134 1.61 -23.85 42.76
N ASP D 135 1.12 -23.42 43.91
CA ASP D 135 0.59 -24.36 44.90
C ASP D 135 -0.73 -24.95 44.44
N ILE D 136 -1.58 -24.16 43.77
CA ILE D 136 -2.85 -24.68 43.28
C ILE D 136 -2.65 -25.66 42.14
N GLU D 137 -1.50 -25.61 41.47
CA GLU D 137 -1.19 -26.57 40.41
C GLU D 137 -0.55 -27.85 40.95
N ARG D 138 0.16 -27.76 42.08
CA ARG D 138 0.78 -28.95 42.65
C ARG D 138 -0.25 -29.92 43.19
N VAL D 139 -1.43 -29.44 43.56
CA VAL D 139 -2.47 -30.30 44.10
C VAL D 139 -3.22 -31.03 42.99
N LEU D 140 -3.43 -30.36 41.86
CA LEU D 140 -4.18 -30.96 40.77
C LEU D 140 -3.40 -32.06 40.05
N TYR D 141 -2.07 -32.02 40.15
CA TYR D 141 -1.21 -33.00 39.48
C TYR D 141 -0.78 -34.13 40.41
N PHE D 142 -1.46 -34.30 41.54
CA PHE D 142 -1.19 -35.39 42.49
C PHE D 142 0.25 -35.38 42.97
N GLU D 143 0.84 -34.18 43.10
CA GLU D 143 2.23 -34.06 43.54
C GLU D 143 2.37 -33.81 45.03
N SER D 144 1.30 -33.38 45.70
CA SER D 144 1.35 -33.11 47.13
C SER D 144 -0.02 -33.35 47.74
N TYR D 145 -0.03 -33.71 49.01
CA TYR D 145 -1.26 -33.99 49.74
C TYR D 145 -1.69 -32.78 50.56
N VAL D 146 -3.00 -32.57 50.64
CA VAL D 146 -3.59 -31.51 51.44
C VAL D 146 -4.65 -32.11 52.35
N VAL D 147 -4.93 -31.41 53.45
CA VAL D 147 -5.92 -31.83 54.43
C VAL D 147 -7.07 -30.85 54.41
N ILE D 148 -8.29 -31.38 54.56
CA ILE D 148 -9.51 -30.57 54.59
C ILE D 148 -10.33 -30.98 55.80
N ASP D 149 -11.12 -30.03 56.30
CA ASP D 149 -11.98 -30.24 57.46
C ASP D 149 -11.17 -30.75 58.66
N PRO D 150 -10.15 -30.01 59.10
CA PRO D 150 -9.34 -30.51 60.22
C PRO D 150 -10.08 -30.51 61.54
N GLY D 151 -10.79 -29.42 61.85
CA GLY D 151 -11.52 -29.33 63.11
C GLY D 151 -10.60 -29.23 64.30
N MET D 152 -10.54 -30.30 65.10
CA MET D 152 -9.68 -30.33 66.29
C MET D 152 -8.32 -30.95 65.94
N THR D 153 -7.64 -30.31 65.00
CA THR D 153 -6.33 -30.76 64.54
C THR D 153 -5.42 -29.56 64.32
N THR D 154 -4.12 -29.77 64.50
CA THR D 154 -3.15 -28.70 64.33
C THR D 154 -2.86 -28.40 62.87
N LEU D 155 -3.19 -29.31 61.96
CA LEU D 155 -2.92 -29.08 60.54
C LEU D 155 -3.87 -28.04 59.97
N GLU D 156 -3.34 -27.20 59.08
CA GLU D 156 -4.12 -26.15 58.44
C GLU D 156 -4.50 -26.54 57.02
N LYS D 157 -5.48 -25.83 56.47
CA LYS D 157 -5.94 -26.13 55.11
C LYS D 157 -4.95 -25.63 54.08
N GLY D 158 -4.32 -24.48 54.33
CA GLY D 158 -3.36 -23.94 53.38
C GLY D 158 -2.01 -24.62 53.38
N GLN D 159 -1.68 -25.33 54.45
CA GLN D 159 -0.39 -26.01 54.53
C GLN D 159 -0.40 -27.28 53.69
N LEU D 160 0.78 -27.63 53.18
CA LEU D 160 0.93 -28.80 52.33
C LEU D 160 1.35 -30.01 53.17
N LEU D 161 1.35 -31.17 52.52
CA LEU D 161 1.75 -32.42 53.17
C LEU D 161 2.24 -33.39 52.10
N ASN D 162 3.22 -34.21 52.47
CA ASN D 162 3.78 -35.21 51.59
C ASN D 162 3.21 -36.58 51.92
N ASP D 163 3.74 -37.62 51.27
CA ASP D 163 3.28 -38.98 51.55
C ASP D 163 3.69 -39.42 52.94
N GLU D 164 4.94 -39.18 53.32
CA GLU D 164 5.39 -39.53 54.67
C GLU D 164 4.90 -38.56 55.72
N GLN D 165 4.66 -37.30 55.34
CA GLN D 165 4.18 -36.32 56.30
C GLN D 165 2.72 -36.54 56.66
N TYR D 166 1.90 -37.00 55.71
CA TYR D 166 0.50 -37.25 56.00
C TYR D 166 0.33 -38.49 56.88
N PHE D 167 1.20 -39.49 56.73
CA PHE D 167 1.09 -40.68 57.56
C PHE D 167 1.46 -40.38 59.00
N GLU D 168 2.46 -39.52 59.22
CA GLU D 168 2.84 -39.16 60.58
C GLU D 168 1.79 -38.25 61.23
N ALA D 169 1.02 -37.53 60.42
CA ALA D 169 -0.03 -36.68 60.97
C ALA D 169 -1.19 -37.51 61.52
N LEU D 170 -1.48 -38.65 60.91
CA LEU D 170 -2.56 -39.51 61.38
C LEU D 170 -2.19 -40.29 62.64
N GLU D 171 -0.89 -40.44 62.92
CA GLU D 171 -0.48 -41.16 64.11
C GLU D 171 -0.59 -40.30 65.37
N GLU D 172 -0.22 -39.02 65.28
CA GLU D 172 -0.30 -38.14 66.43
C GLU D 172 -1.72 -37.63 66.67
N PHE D 173 -2.54 -37.56 65.61
CA PHE D 173 -3.92 -37.11 65.75
C PHE D 173 -4.85 -38.28 66.07
N GLY D 174 -4.87 -39.29 65.21
CA GLY D 174 -5.70 -40.47 65.44
C GLY D 174 -7.02 -40.42 64.71
N ASP D 175 -7.65 -39.26 64.67
CA ASP D 175 -8.95 -39.10 64.02
C ASP D 175 -9.13 -37.63 63.66
N ASP D 176 -10.26 -37.33 63.01
CA ASP D 176 -10.59 -35.97 62.60
C ASP D 176 -9.53 -35.38 61.67
N PHE D 177 -9.01 -36.20 60.77
CA PHE D 177 -7.99 -35.78 59.82
C PHE D 177 -8.19 -36.57 58.53
N ASP D 178 -8.69 -35.88 57.49
CA ASP D 178 -8.92 -36.48 56.19
C ASP D 178 -8.06 -35.75 55.15
N ALA D 179 -7.10 -36.48 54.58
CA ALA D 179 -6.17 -35.92 53.60
C ALA D 179 -6.55 -36.45 52.21
N ARG D 180 -7.02 -35.56 51.34
CA ARG D 180 -7.39 -35.91 49.99
C ARG D 180 -6.47 -35.21 48.99
N MET D 181 -6.22 -35.87 47.87
CA MET D 181 -5.32 -35.36 46.84
C MET D 181 -5.99 -35.52 45.48
N GLY D 182 -5.95 -34.46 44.67
CA GLY D 182 -6.50 -34.44 43.35
C GLY D 182 -7.42 -33.27 43.16
N ALA D 183 -8.21 -33.33 42.08
CA ALA D 183 -9.17 -32.25 41.79
C ALA D 183 -10.38 -32.30 42.71
N GLU D 184 -10.70 -33.46 43.28
CA GLU D 184 -11.84 -33.56 44.18
C GLU D 184 -11.55 -32.89 45.52
N ALA D 185 -10.28 -32.83 45.92
CA ALA D 185 -9.93 -32.16 47.16
C ALA D 185 -10.10 -30.65 47.04
N VAL D 186 -9.90 -30.09 45.85
CA VAL D 186 -10.11 -28.66 45.65
C VAL D 186 -11.59 -28.33 45.57
N HIS D 187 -12.37 -29.19 44.91
CA HIS D 187 -13.81 -28.96 44.82
C HIS D 187 -14.50 -29.16 46.16
N GLU D 188 -13.94 -30.02 47.02
CA GLU D 188 -14.53 -30.23 48.34
C GLU D 188 -14.37 -29.02 49.24
N LEU D 189 -13.42 -28.14 48.95
CA LEU D 189 -13.22 -26.93 49.75
C LEU D 189 -14.10 -25.78 49.28
N LEU D 190 -14.39 -25.70 47.98
CA LEU D 190 -15.20 -24.61 47.46
C LEU D 190 -16.65 -24.72 47.92
N ASN D 191 -17.11 -25.94 48.21
CA ASN D 191 -18.48 -26.11 48.68
C ASN D 191 -18.64 -25.62 50.12
N ALA D 192 -17.58 -25.69 50.91
CA ALA D 192 -17.59 -25.25 52.30
C ALA D 192 -16.56 -24.15 52.53
N ILE D 193 -16.49 -23.20 51.58
CA ILE D 193 -15.52 -22.11 51.71
C ILE D 193 -16.00 -21.03 52.67
N ASP D 194 -17.30 -20.96 52.96
CA ASP D 194 -17.88 -19.97 53.87
C ASP D 194 -17.53 -18.54 53.42
N LEU D 195 -18.04 -18.19 52.23
CA LEU D 195 -17.77 -16.87 51.69
C LEU D 195 -18.40 -15.77 52.54
N GLU D 196 -19.51 -16.06 53.22
CA GLU D 196 -20.13 -15.07 54.09
C GLU D 196 -19.29 -14.83 55.33
N HIS D 197 -18.59 -15.84 55.83
CA HIS D 197 -17.73 -15.69 56.98
C HIS D 197 -16.29 -15.33 56.63
N GLU D 198 -15.87 -15.59 55.39
CA GLU D 198 -14.51 -15.26 54.99
C GLU D 198 -14.31 -13.76 54.83
N ILE D 199 -15.38 -13.04 54.49
CA ILE D 199 -15.26 -11.58 54.35
C ILE D 199 -15.16 -10.91 55.72
N GLY D 200 -15.72 -11.55 56.76
CA GLY D 200 -15.63 -10.96 58.09
C GLY D 200 -14.25 -11.05 58.69
N ARG D 201 -13.46 -12.03 58.28
CA ARG D 201 -12.09 -12.15 58.81
C ARG D 201 -11.18 -11.06 58.24
N LEU D 202 -11.39 -10.69 56.98
CA LEU D 202 -10.57 -9.65 56.37
C LEU D 202 -11.04 -8.25 56.77
N ARG D 203 -12.35 -8.08 57.00
CA ARG D 203 -12.85 -6.77 57.40
C ARG D 203 -12.51 -6.45 58.85
N GLU D 204 -12.48 -7.46 59.72
CA GLU D 204 -12.14 -7.22 61.12
C GLU D 204 -10.66 -6.94 61.29
N GLU D 205 -9.81 -7.51 60.44
CA GLU D 205 -8.38 -7.30 60.50
C GLU D 205 -7.90 -6.19 59.55
N ILE D 206 -8.83 -5.39 59.03
CA ILE D 206 -8.49 -4.30 58.11
C ILE D 206 -7.76 -3.19 58.86
N PRO D 207 -8.27 -2.66 59.97
CA PRO D 207 -7.52 -1.61 60.69
C PRO D 207 -6.35 -2.12 61.50
N GLN D 208 -6.21 -3.44 61.66
CA GLN D 208 -5.11 -3.98 62.45
C GLN D 208 -3.79 -3.93 61.68
N THR D 209 -3.80 -4.32 60.42
CA THR D 209 -2.60 -4.31 59.61
C THR D 209 -2.34 -2.92 59.02
N ASN D 210 -1.06 -2.60 58.84
CA ASN D 210 -0.64 -1.32 58.28
C ASN D 210 0.52 -1.60 57.33
N SER D 211 0.21 -1.82 56.06
CA SER D 211 1.22 -2.10 55.06
C SER D 211 0.68 -1.70 53.69
N GLU D 212 1.61 -1.50 52.74
CA GLU D 212 1.22 -1.12 51.39
C GLU D 212 0.88 -2.34 50.55
N THR D 213 1.67 -3.41 50.68
CA THR D 213 1.39 -4.63 49.92
C THR D 213 0.24 -5.43 50.50
N LYS D 214 -0.14 -5.17 51.74
CA LYS D 214 -1.27 -5.87 52.36
C LYS D 214 -2.58 -5.13 52.17
N ILE D 215 -2.54 -3.81 51.99
CA ILE D 215 -3.77 -3.05 51.76
C ILE D 215 -4.30 -3.29 50.35
N LYS D 216 -3.40 -3.38 49.37
CA LYS D 216 -3.83 -3.65 48.00
C LYS D 216 -4.42 -5.04 47.87
N LYS D 217 -3.88 -6.01 48.59
CA LYS D 217 -4.44 -7.36 48.58
C LYS D 217 -5.80 -7.39 49.27
N LEU D 218 -6.03 -6.49 50.22
CA LEU D 218 -7.30 -6.45 50.93
C LEU D 218 -8.41 -5.83 50.09
N SER D 219 -8.07 -4.89 49.22
CA SER D 219 -9.08 -4.27 48.37
C SER D 219 -9.62 -5.25 47.33
N LYS D 220 -8.74 -6.07 46.75
CA LYS D 220 -9.16 -7.04 45.75
C LYS D 220 -10.00 -8.16 46.34
N ARG D 221 -9.87 -8.43 47.64
CA ARG D 221 -10.66 -9.49 48.26
C ARG D 221 -12.10 -9.07 48.46
N LEU D 222 -12.33 -7.81 48.83
CA LEU D 222 -13.68 -7.35 49.12
C LEU D 222 -14.44 -6.94 47.86
N LYS D 223 -13.74 -6.42 46.85
CA LYS D 223 -14.43 -5.99 45.63
C LYS D 223 -14.86 -7.17 44.78
N LEU D 224 -14.21 -8.33 44.91
CA LEU D 224 -14.58 -9.50 44.13
C LEU D 224 -15.61 -10.37 44.83
N MET D 225 -15.54 -10.48 46.16
CA MET D 225 -16.53 -11.27 46.87
C MET D 225 -17.89 -10.59 46.91
N GLU D 226 -17.91 -9.25 46.88
CA GLU D 226 -19.18 -8.54 46.84
C GLU D 226 -19.87 -8.72 45.50
N ALA D 227 -19.12 -8.67 44.40
CA ALA D 227 -19.70 -8.91 43.09
C ALA D 227 -19.99 -10.38 42.84
N PHE D 228 -19.35 -11.28 43.60
CA PHE D 228 -19.61 -12.71 43.43
C PHE D 228 -20.98 -13.08 44.00
N GLN D 229 -21.37 -12.46 45.11
CA GLN D 229 -22.67 -12.76 45.70
C GLN D 229 -23.79 -11.95 45.07
N GLY D 230 -23.51 -10.70 44.70
CA GLY D 230 -24.52 -9.85 44.09
C GLY D 230 -24.93 -10.27 42.69
N SER D 231 -24.21 -11.20 42.07
CA SER D 231 -24.55 -11.67 40.72
C SER D 231 -25.27 -13.01 40.73
N GLY D 232 -25.41 -13.66 41.88
CA GLY D 232 -26.08 -14.94 41.94
C GLY D 232 -25.24 -16.11 41.46
N ASN D 233 -23.92 -15.98 41.50
CA ASN D 233 -23.03 -17.05 41.07
C ASN D 233 -22.74 -18.01 42.23
N LYS D 234 -22.39 -19.24 41.87
CA LYS D 234 -22.08 -20.26 42.86
C LYS D 234 -20.60 -20.62 42.82
N PRO D 235 -19.99 -20.92 43.98
CA PRO D 235 -18.57 -21.25 43.98
C PRO D 235 -18.25 -22.56 43.28
N GLU D 236 -19.16 -23.54 43.32
CA GLU D 236 -18.93 -24.83 42.68
C GLU D 236 -19.05 -24.77 41.16
N TRP D 237 -19.40 -23.62 40.60
CA TRP D 237 -19.54 -23.49 39.14
C TRP D 237 -18.21 -23.24 38.44
N MET D 238 -17.11 -23.11 39.19
CA MET D 238 -15.82 -22.87 38.55
C MET D 238 -15.34 -24.11 37.80
N VAL D 239 -15.30 -25.24 38.47
CA VAL D 239 -14.94 -26.51 37.84
C VAL D 239 -16.20 -27.14 37.25
N LEU D 240 -16.05 -27.70 36.05
CA LEU D 240 -17.17 -28.30 35.34
C LEU D 240 -16.97 -29.81 35.23
N THR D 241 -18.01 -30.57 35.58
CA THR D 241 -17.95 -32.02 35.47
C THR D 241 -18.16 -32.48 34.03
N VAL D 242 -19.01 -31.80 33.28
CA VAL D 242 -19.27 -32.14 31.89
C VAL D 242 -18.73 -31.03 31.00
N LEU D 243 -18.41 -31.39 29.76
CA LEU D 243 -17.86 -30.45 28.80
C LEU D 243 -18.74 -30.40 27.56
N PRO D 244 -19.38 -29.28 27.26
CA PRO D 244 -20.19 -29.20 26.04
C PRO D 244 -19.33 -29.27 24.79
N VAL D 245 -19.94 -29.76 23.71
CA VAL D 245 -19.25 -29.92 22.43
C VAL D 245 -19.83 -28.93 21.44
N LEU D 246 -18.99 -28.52 20.49
CA LEU D 246 -19.42 -27.58 19.46
C LEU D 246 -20.32 -28.27 18.45
N PRO D 247 -21.32 -27.57 17.91
CA PRO D 247 -22.16 -28.16 16.87
C PRO D 247 -21.32 -28.56 15.68
N PRO D 248 -21.72 -29.61 14.96
CA PRO D 248 -20.88 -30.12 13.87
C PRO D 248 -20.82 -29.21 12.66
N ASP D 249 -21.74 -28.27 12.52
CA ASP D 249 -21.73 -27.40 11.34
C ASP D 249 -20.59 -26.40 11.36
N LEU D 250 -20.05 -26.09 12.53
CA LEU D 250 -18.91 -25.18 12.63
C LEU D 250 -17.59 -25.87 12.34
N ARG D 251 -17.58 -27.20 12.20
CA ARG D 251 -16.37 -27.96 11.88
C ARG D 251 -16.76 -29.08 10.92
N PRO D 252 -17.06 -28.73 9.67
CA PRO D 252 -17.58 -29.72 8.72
C PRO D 252 -16.48 -30.50 8.02
N LEU D 253 -16.89 -31.52 7.28
CA LEU D 253 -16.01 -32.34 6.46
C LEU D 253 -16.48 -32.20 5.02
N VAL D 254 -15.87 -31.28 4.28
CA VAL D 254 -16.26 -30.97 2.91
C VAL D 254 -15.34 -31.71 1.96
N PRO D 255 -15.86 -32.59 1.10
CA PRO D 255 -15.00 -33.25 0.11
C PRO D 255 -14.68 -32.32 -1.05
N LEU D 256 -13.53 -32.58 -1.69
CA LEU D 256 -13.11 -31.80 -2.85
C LEU D 256 -12.80 -32.72 -4.02
N ASP D 257 -12.25 -32.16 -5.09
CA ASP D 257 -11.96 -32.96 -6.28
C ASP D 257 -10.88 -33.99 -5.99
N GLY D 258 -11.07 -35.19 -6.53
CA GLY D 258 -10.13 -36.27 -6.33
C GLY D 258 -10.51 -37.27 -5.26
N GLY D 259 -11.74 -37.25 -4.76
CA GLY D 259 -12.17 -38.16 -3.73
C GLY D 259 -11.68 -37.83 -2.34
N ARG D 260 -10.91 -36.76 -2.17
CA ARG D 260 -10.38 -36.36 -0.88
C ARG D 260 -11.37 -35.46 -0.15
N PHE D 261 -11.17 -35.36 1.17
CA PHE D 261 -11.99 -34.51 2.03
C PHE D 261 -11.06 -33.78 3.00
N ALA D 262 -11.65 -32.88 3.78
CA ALA D 262 -10.89 -32.06 4.73
C ALA D 262 -11.52 -32.16 6.11
N THR D 263 -10.68 -32.22 7.13
CA THR D 263 -11.12 -32.28 8.52
C THR D 263 -10.49 -31.13 9.29
N SER D 264 -11.31 -30.45 10.10
CA SER D 264 -10.82 -29.32 10.87
C SER D 264 -9.92 -29.79 12.01
N ASP D 265 -9.12 -28.86 12.52
CA ASP D 265 -8.22 -29.17 13.62
C ASP D 265 -8.96 -29.41 14.93
N LEU D 266 -10.23 -28.98 15.01
CA LEU D 266 -11.00 -29.21 16.23
C LEU D 266 -11.48 -30.64 16.35
N ASN D 267 -11.67 -31.34 15.22
CA ASN D 267 -12.11 -32.72 15.26
C ASN D 267 -11.06 -33.64 15.89
N ASP D 268 -9.79 -33.29 15.73
CA ASP D 268 -8.73 -34.10 16.35
C ASP D 268 -8.65 -33.86 17.85
N LEU D 269 -8.94 -32.64 18.30
CA LEU D 269 -8.92 -32.36 19.74
C LEU D 269 -10.07 -33.04 20.46
N TYR D 270 -11.26 -33.05 19.84
CA TYR D 270 -12.39 -33.73 20.44
C TYR D 270 -12.21 -35.25 20.44
N ARG D 271 -11.53 -35.79 19.43
CA ARG D 271 -11.27 -37.22 19.39
C ARG D 271 -10.27 -37.64 20.47
N ARG D 272 -9.31 -36.76 20.80
CA ARG D 272 -8.31 -37.10 21.81
C ARG D 272 -8.90 -37.10 23.20
N VAL D 273 -9.88 -36.23 23.48
CA VAL D 273 -10.48 -36.17 24.80
C VAL D 273 -11.56 -37.22 25.00
N ILE D 274 -12.11 -37.77 23.90
CA ILE D 274 -13.18 -38.76 24.03
C ILE D 274 -12.60 -40.14 24.29
N ASN D 275 -11.57 -40.53 23.53
CA ASN D 275 -10.98 -41.85 23.73
C ASN D 275 -10.28 -41.97 25.07
N ARG D 276 -9.67 -40.89 25.55
CA ARG D 276 -9.05 -40.93 26.87
C ARG D 276 -10.10 -40.94 27.98
N ASN D 277 -11.28 -40.39 27.72
CA ASN D 277 -12.35 -40.45 28.70
C ASN D 277 -12.91 -41.87 28.82
N ASN D 278 -12.97 -42.60 27.70
CA ASN D 278 -13.43 -43.98 27.74
C ASN D 278 -12.39 -44.90 28.38
N ARG D 279 -11.11 -44.56 28.25
CA ARG D 279 -10.08 -45.36 28.93
C ARG D 279 -10.16 -45.18 30.45
N LEU D 280 -10.64 -44.02 30.90
CA LEU D 280 -10.86 -43.80 32.32
C LEU D 280 -12.22 -44.30 32.78
N LYS D 281 -13.21 -44.34 31.88
CA LYS D 281 -14.52 -44.85 32.22
C LYS D 281 -14.56 -46.37 32.32
N ARG D 282 -13.55 -47.06 31.80
CA ARG D 282 -13.47 -48.52 31.86
C ARG D 282 -12.48 -49.01 32.91
N LEU D 283 -11.80 -48.10 33.60
CA LEU D 283 -10.85 -48.46 34.65
C LEU D 283 -11.33 -48.00 36.03
N LEU D 284 -12.63 -48.16 36.28
CA LEU D 284 -13.21 -47.82 37.57
C LEU D 284 -13.48 -49.03 38.44
N ASP D 285 -13.42 -50.24 37.88
CA ASP D 285 -13.69 -51.46 38.64
C ASP D 285 -12.59 -52.50 38.47
N LEU D 286 -11.42 -52.12 37.97
CA LEU D 286 -10.30 -53.05 37.78
C LEU D 286 -9.30 -53.00 38.92
N ALA D 287 -9.63 -52.30 40.01
CA ALA D 287 -8.76 -52.17 41.18
C ALA D 287 -7.39 -51.61 40.79
N ALA D 288 -7.42 -50.39 40.25
CA ALA D 288 -6.18 -49.74 39.83
C ALA D 288 -5.43 -49.22 41.05
N PRO D 289 -4.11 -49.45 41.14
CA PRO D 289 -3.34 -48.95 42.29
C PRO D 289 -3.13 -47.45 42.25
N ASP D 290 -2.37 -46.93 43.23
CA ASP D 290 -2.16 -45.49 43.34
C ASP D 290 -1.14 -44.99 42.32
N ILE D 291 -0.31 -45.89 41.77
CA ILE D 291 0.74 -45.46 40.85
C ILE D 291 0.14 -44.99 39.53
N ILE D 292 -0.95 -45.60 39.10
CA ILE D 292 -1.55 -45.27 37.81
C ILE D 292 -2.82 -44.43 37.93
N VAL D 293 -3.50 -44.45 39.06
CA VAL D 293 -4.71 -43.66 39.21
C VAL D 293 -4.39 -42.17 39.27
N ARG D 294 -3.15 -41.81 39.58
CA ARG D 294 -2.74 -40.41 39.60
C ARG D 294 -2.23 -39.92 38.25
N ASN D 295 -1.77 -40.82 37.38
CA ASN D 295 -1.27 -40.43 36.07
C ASN D 295 -2.35 -40.46 35.00
N GLU D 296 -3.32 -41.37 35.10
CA GLU D 296 -4.39 -41.42 34.12
C GLU D 296 -5.31 -40.21 34.22
N LYS D 297 -5.38 -39.58 35.40
CA LYS D 297 -6.16 -38.35 35.54
C LYS D 297 -5.45 -37.18 34.89
N ARG D 298 -4.11 -37.18 34.89
CA ARG D 298 -3.35 -36.13 34.23
C ARG D 298 -3.41 -36.23 32.71
N MET D 299 -3.68 -37.41 32.17
CA MET D 299 -3.85 -37.55 30.73
C MET D 299 -5.12 -36.84 30.26
N LEU D 300 -6.15 -36.80 31.11
CA LEU D 300 -7.37 -36.08 30.76
C LEU D 300 -7.24 -34.58 31.05
N GLN D 301 -6.47 -34.21 32.08
CA GLN D 301 -6.31 -32.80 32.40
C GLN D 301 -5.48 -32.08 31.33
N GLU D 302 -4.53 -32.76 30.71
CA GLU D 302 -3.75 -32.15 29.64
C GLU D 302 -4.53 -32.11 28.33
N ALA D 303 -5.53 -32.97 28.16
CA ALA D 303 -6.35 -32.93 26.95
C ALA D 303 -7.25 -31.70 26.94
N VAL D 304 -7.82 -31.35 28.10
CA VAL D 304 -8.61 -30.14 28.20
C VAL D 304 -7.74 -28.90 28.05
N ASP D 305 -6.48 -29.00 28.47
CA ASP D 305 -5.55 -27.87 28.30
C ASP D 305 -5.30 -27.60 26.83
N ALA D 306 -5.03 -28.65 26.05
CA ALA D 306 -4.78 -28.48 24.62
C ALA D 306 -6.04 -28.07 23.87
N LEU D 307 -7.23 -28.30 24.44
CA LEU D 307 -8.47 -27.93 23.76
C LEU D 307 -8.80 -26.46 23.97
N LEU D 308 -8.48 -25.91 25.15
CA LEU D 308 -8.83 -24.53 25.45
C LEU D 308 -7.87 -23.55 24.77
N ASP D 309 -6.58 -23.65 25.08
CA ASP D 309 -5.59 -22.76 24.50
C ASP D 309 -4.25 -23.48 24.39
N ASN D 310 -3.48 -23.11 23.37
CA ASN D 310 -2.17 -23.70 23.13
C ASN D 310 -1.13 -22.60 23.00
N GLY D 311 0.13 -22.99 23.11
CA GLY D 311 1.24 -22.08 22.99
C GLY D 311 1.73 -21.49 24.28
N ARG D 312 0.91 -21.49 25.33
CA ARG D 312 1.29 -20.92 26.63
C ARG D 312 2.00 -21.94 27.51
N ARG D 313 1.31 -23.04 27.83
CA ARG D 313 1.85 -24.07 28.70
C ARG D 313 2.02 -25.41 28.00
N GLY D 314 0.97 -25.92 27.34
CA GLY D 314 1.04 -27.21 26.70
C GLY D 314 1.76 -27.19 25.36
N ARG D 315 1.27 -26.39 24.42
CA ARG D 315 1.82 -26.29 23.08
C ARG D 315 1.85 -27.66 22.39
N ALA D 316 0.65 -28.22 22.23
CA ALA D 316 0.53 -29.52 21.60
C ALA D 316 0.79 -29.43 20.10
N ILE D 317 1.36 -30.51 19.55
CA ILE D 317 1.70 -30.58 18.14
C ILE D 317 1.05 -31.81 17.53
N THR D 318 0.91 -31.80 16.21
CA THR D 318 0.34 -32.91 15.46
C THR D 318 1.33 -33.33 14.38
N GLY D 319 0.94 -34.35 13.60
CA GLY D 319 1.82 -34.86 12.56
C GLY D 319 1.77 -34.02 11.30
N SER D 320 2.93 -33.93 10.64
CA SER D 320 3.10 -33.18 9.39
C SER D 320 2.58 -31.75 9.52
N ASN D 321 2.88 -31.12 10.65
CA ASN D 321 2.46 -29.74 10.89
C ASN D 321 3.37 -29.14 11.95
N LYS D 322 4.15 -28.13 11.58
CA LYS D 322 5.02 -27.46 12.54
C LYS D 322 4.26 -26.48 13.43
N ARG D 323 3.17 -25.91 12.92
CA ARG D 323 2.39 -24.97 13.70
C ARG D 323 1.55 -25.71 14.75
N PRO D 324 1.31 -25.09 15.90
CA PRO D 324 0.50 -25.75 16.94
C PRO D 324 -0.95 -25.84 16.53
N LEU D 325 -1.71 -26.61 17.31
CA LEU D 325 -3.11 -26.82 17.02
C LEU D 325 -3.92 -25.56 17.33
N LYS D 326 -4.86 -25.24 16.44
CA LYS D 326 -5.73 -24.07 16.62
C LYS D 326 -6.81 -24.45 17.63
N SER D 327 -6.65 -23.97 18.86
CA SER D 327 -7.60 -24.27 19.93
C SER D 327 -8.79 -23.31 19.84
N LEU D 328 -9.70 -23.39 20.80
CA LEU D 328 -10.86 -22.52 20.80
C LEU D 328 -10.52 -21.08 21.16
N ALA D 329 -9.40 -20.85 21.84
CA ALA D 329 -9.00 -19.49 22.18
C ALA D 329 -8.36 -18.77 21.00
N ASP D 330 -7.69 -19.51 20.11
CA ASP D 330 -7.02 -18.90 18.97
C ASP D 330 -7.95 -18.69 17.78
N MET D 331 -9.11 -19.34 17.76
CA MET D 331 -10.02 -19.18 16.63
C MET D 331 -10.89 -17.94 16.76
N ILE D 332 -11.12 -17.47 17.99
CA ILE D 332 -11.93 -16.27 18.17
C ILE D 332 -11.07 -15.01 18.00
N LYS D 333 -9.78 -15.08 18.30
CA LYS D 333 -8.90 -13.93 18.15
C LYS D 333 -8.46 -13.76 16.70
N GLY D 334 -7.79 -14.77 16.14
CA GLY D 334 -7.35 -14.70 14.77
C GLY D 334 -6.13 -13.80 14.61
N LYS D 335 -6.05 -13.15 13.46
CA LYS D 335 -4.94 -12.28 13.13
C LYS D 335 -5.30 -10.84 13.49
N GLN D 336 -4.45 -9.90 13.08
CA GLN D 336 -4.66 -8.47 13.33
C GLN D 336 -4.74 -8.17 14.82
N GLY D 337 -3.92 -8.85 15.61
CA GLY D 337 -3.93 -8.64 17.05
C GLY D 337 -5.13 -9.31 17.69
N ARG D 338 -5.72 -8.60 18.66
CA ARG D 338 -6.88 -9.13 19.37
C ARG D 338 -8.18 -8.92 18.60
N PHE D 339 -8.18 -8.07 17.58
CA PHE D 339 -9.39 -7.84 16.80
C PHE D 339 -9.70 -9.05 15.92
N ARG D 340 -10.98 -9.37 15.81
CA ARG D 340 -11.40 -10.51 15.01
C ARG D 340 -11.30 -10.18 13.53
N GLN D 341 -11.22 -11.24 12.72
CA GLN D 341 -11.12 -11.05 11.27
C GLN D 341 -12.46 -10.62 10.68
N ASN D 342 -13.57 -10.96 11.32
CA ASN D 342 -14.88 -10.57 10.81
C ASN D 342 -15.15 -9.09 11.08
N LEU D 343 -14.63 -8.55 12.19
CA LEU D 343 -14.84 -7.14 12.49
C LEU D 343 -13.97 -6.23 11.64
N LEU D 344 -12.77 -6.67 11.27
CA LEU D 344 -11.89 -5.85 10.44
C LEU D 344 -12.34 -5.83 8.98
N GLY D 345 -13.04 -6.86 8.53
CA GLY D 345 -13.50 -6.91 7.15
C GLY D 345 -14.68 -7.84 6.95
N LYS D 346 -15.67 -7.40 6.18
CA LYS D 346 -16.85 -8.20 5.90
C LYS D 346 -17.26 -7.97 4.45
N ARG D 347 -17.32 -9.06 3.68
CA ARG D 347 -17.71 -8.95 2.28
C ARG D 347 -19.20 -8.62 2.17
N VAL D 348 -19.53 -7.73 1.23
CA VAL D 348 -20.90 -7.30 1.02
C VAL D 348 -21.29 -7.57 -0.43
N ASP D 349 -22.59 -7.60 -0.68
CA ASP D 349 -23.12 -7.80 -2.01
C ASP D 349 -23.40 -6.45 -2.67
N TYR D 350 -23.71 -6.51 -3.97
CA TYR D 350 -24.02 -5.32 -4.77
C TYR D 350 -22.88 -4.30 -4.71
N SER D 351 -21.67 -4.78 -4.99
CA SER D 351 -20.48 -3.95 -4.96
C SER D 351 -19.65 -4.19 -6.21
N GLY D 352 -18.61 -3.39 -6.36
CA GLY D 352 -17.72 -3.50 -7.51
C GLY D 352 -16.68 -2.42 -7.47
N ARG D 353 -15.77 -2.49 -8.43
CA ARG D 353 -14.68 -1.52 -8.52
C ARG D 353 -14.18 -1.45 -9.95
N SER D 354 -13.64 -0.29 -10.32
CA SER D 354 -13.08 -0.08 -11.65
C SER D 354 -12.11 1.10 -11.58
N VAL D 355 -11.57 1.47 -12.73
CA VAL D 355 -10.62 2.57 -12.83
C VAL D 355 -11.39 3.87 -13.02
N ILE D 356 -10.93 4.92 -12.35
CA ILE D 356 -11.61 6.21 -12.42
C ILE D 356 -11.29 6.90 -13.74
N THR D 357 -12.10 7.91 -14.08
CA THR D 357 -11.94 8.66 -15.31
C THR D 357 -12.64 10.01 -15.14
N VAL D 358 -11.94 11.09 -15.48
CA VAL D 358 -12.47 12.43 -15.31
C VAL D 358 -13.45 12.73 -16.44
N GLY D 359 -14.59 13.33 -16.09
CA GLY D 359 -15.56 13.75 -17.06
C GLY D 359 -16.00 15.18 -16.84
N PRO D 360 -15.72 16.05 -17.81
CA PRO D 360 -16.09 17.47 -17.65
C PRO D 360 -17.54 17.77 -17.97
N THR D 361 -18.26 16.86 -18.63
CA THR D 361 -19.65 17.08 -19.00
C THR D 361 -20.63 16.41 -18.05
N LEU D 362 -20.29 16.33 -16.77
CA LEU D 362 -21.14 15.72 -15.75
C LEU D 362 -21.55 16.76 -14.73
N ARG D 363 -22.77 16.65 -14.23
CA ARG D 363 -23.25 17.55 -13.20
C ARG D 363 -22.66 17.18 -11.84
N LEU D 364 -22.78 18.11 -10.90
CA LEU D 364 -22.19 17.89 -9.58
C LEU D 364 -22.94 16.83 -8.79
N HIS D 365 -24.26 16.74 -8.95
CA HIS D 365 -25.08 15.79 -8.20
C HIS D 365 -25.23 14.44 -8.90
N GLN D 366 -24.35 14.13 -9.85
CA GLN D 366 -24.42 12.86 -10.56
C GLN D 366 -23.01 12.42 -10.91
N CYS D 367 -22.91 11.18 -11.40
CA CYS D 367 -21.63 10.60 -11.77
C CYS D 367 -21.87 9.65 -12.96
N GLY D 368 -20.84 8.88 -13.30
CA GLY D 368 -20.93 7.95 -14.41
C GLY D 368 -20.98 6.51 -13.95
N LEU D 369 -21.48 5.62 -14.81
CA LEU D 369 -21.57 4.20 -14.49
C LEU D 369 -21.67 3.40 -15.78
N PRO D 370 -20.79 2.41 -15.98
CA PRO D 370 -20.84 1.61 -17.20
C PRO D 370 -22.12 0.79 -17.29
N LYS D 371 -22.50 0.45 -18.52
CA LYS D 371 -23.70 -0.36 -18.73
C LYS D 371 -23.50 -1.78 -18.26
N LYS D 372 -22.26 -2.29 -18.32
CA LYS D 372 -22.00 -3.65 -17.88
C LYS D 372 -22.03 -3.81 -16.37
N MET D 373 -21.78 -2.72 -15.62
CA MET D 373 -21.86 -2.76 -14.18
C MET D 373 -23.28 -2.48 -13.67
N ALA D 374 -24.00 -1.58 -14.33
CA ALA D 374 -25.37 -1.28 -13.92
C ALA D 374 -26.32 -2.45 -14.18
N LEU D 375 -25.97 -3.35 -15.10
CA LEU D 375 -26.80 -4.52 -15.36
C LEU D 375 -26.56 -5.62 -14.33
N GLU D 376 -25.39 -5.67 -13.70
CA GLU D 376 -25.09 -6.68 -12.70
C GLU D 376 -25.40 -6.21 -11.29
N LEU D 377 -25.20 -4.93 -11.00
CA LEU D 377 -25.49 -4.42 -9.67
C LEU D 377 -26.98 -4.32 -9.42
N PHE D 378 -27.74 -3.91 -10.44
CA PHE D 378 -29.19 -3.77 -10.34
C PHE D 378 -29.94 -4.96 -10.94
N LYS D 379 -29.36 -6.16 -10.82
CA LYS D 379 -30.01 -7.35 -11.37
C LYS D 379 -31.36 -7.65 -10.74
N PRO D 380 -31.53 -7.62 -9.40
CA PRO D 380 -32.87 -7.87 -8.83
C PRO D 380 -33.88 -6.80 -9.16
N PHE D 381 -33.44 -5.57 -9.43
CA PHE D 381 -34.40 -4.50 -9.74
C PHE D 381 -34.98 -4.66 -11.15
N ILE D 382 -34.22 -5.24 -12.07
CA ILE D 382 -34.72 -5.44 -13.43
C ILE D 382 -35.81 -6.51 -13.44
N PHE D 383 -35.65 -7.56 -12.63
CA PHE D 383 -36.65 -8.60 -12.56
C PHE D 383 -37.97 -8.12 -11.98
N GLY D 384 -37.94 -7.03 -11.20
CA GLY D 384 -39.18 -6.49 -10.64
C GLY D 384 -39.99 -5.66 -11.61
N LYS D 385 -39.35 -5.10 -12.64
CA LYS D 385 -40.05 -4.30 -13.64
C LYS D 385 -40.58 -5.14 -14.79
N LEU D 386 -39.94 -6.27 -15.09
CA LEU D 386 -40.42 -7.13 -16.17
C LEU D 386 -41.66 -7.91 -15.76
N GLU D 387 -41.77 -8.28 -14.48
CA GLU D 387 -42.94 -9.00 -14.01
C GLU D 387 -44.12 -8.06 -13.76
N GLY D 388 -43.85 -6.83 -13.31
CA GLY D 388 -44.92 -5.88 -13.08
C GLY D 388 -45.52 -5.34 -14.36
N ARG D 389 -44.73 -5.28 -15.43
CA ARG D 389 -45.24 -4.77 -16.70
C ARG D 389 -46.08 -5.82 -17.42
N GLY D 390 -45.66 -7.07 -17.40
CA GLY D 390 -46.41 -8.14 -18.03
C GLY D 390 -45.66 -8.81 -19.17
N MET D 391 -44.37 -8.57 -19.26
CA MET D 391 -43.57 -9.17 -20.34
C MET D 391 -43.14 -10.59 -20.00
N ALA D 392 -42.70 -10.82 -18.78
CA ALA D 392 -42.25 -12.14 -18.33
C ALA D 392 -42.91 -12.45 -16.99
N THR D 393 -43.83 -13.42 -16.99
CA THR D 393 -44.50 -13.79 -15.76
C THR D 393 -43.61 -14.65 -14.87
N THR D 394 -42.81 -15.53 -15.47
CA THR D 394 -41.91 -16.40 -14.73
C THR D 394 -40.54 -15.74 -14.61
N ILE D 395 -39.95 -15.83 -13.42
CA ILE D 395 -38.65 -15.23 -13.18
C ILE D 395 -37.55 -15.91 -13.99
N LYS D 396 -37.78 -17.14 -14.44
CA LYS D 396 -36.80 -17.81 -15.29
C LYS D 396 -36.77 -17.25 -16.70
N ALA D 397 -37.94 -16.84 -17.22
CA ALA D 397 -37.98 -16.24 -18.54
C ALA D 397 -37.34 -14.86 -18.56
N ALA D 398 -37.43 -14.13 -17.45
CA ALA D 398 -36.80 -12.81 -17.37
C ALA D 398 -35.29 -12.91 -17.23
N LYS D 399 -34.77 -14.03 -16.71
CA LYS D 399 -33.33 -14.17 -16.56
C LYS D 399 -32.66 -14.39 -17.92
N LYS D 400 -33.33 -15.13 -18.81
CA LYS D 400 -32.77 -15.36 -20.14
C LYS D 400 -32.83 -14.11 -21.02
N MET D 401 -33.70 -13.16 -20.68
CA MET D 401 -33.80 -11.94 -21.49
C MET D 401 -32.72 -10.93 -21.12
N VAL D 402 -32.34 -10.85 -19.84
CA VAL D 402 -31.31 -9.90 -19.44
C VAL D 402 -29.92 -10.36 -19.83
N GLU D 403 -29.71 -11.66 -20.05
CA GLU D 403 -28.40 -12.14 -20.45
C GLU D 403 -28.16 -11.95 -21.95
N ARG D 404 -29.21 -12.08 -22.76
CA ARG D 404 -29.08 -11.88 -24.20
C ARG D 404 -28.92 -10.40 -24.55
N GLU D 405 -29.30 -9.50 -23.65
CA GLU D 405 -29.16 -8.05 -23.84
C GLU D 405 -29.89 -7.59 -25.10
N LEU D 406 -31.20 -7.81 -25.11
CA LEU D 406 -32.04 -7.41 -26.23
C LEU D 406 -32.28 -5.90 -26.15
N PRO D 407 -32.96 -5.33 -27.16
CA PRO D 407 -33.24 -3.89 -27.12
C PRO D 407 -34.28 -3.50 -26.08
N GLU D 408 -35.10 -4.43 -25.63
CA GLU D 408 -36.12 -4.10 -24.64
C GLU D 408 -35.53 -4.01 -23.24
N VAL D 409 -34.44 -4.72 -22.96
CA VAL D 409 -33.83 -4.68 -21.63
C VAL D 409 -33.20 -3.32 -21.36
N TRP D 410 -32.64 -2.69 -22.39
CA TRP D 410 -32.04 -1.36 -22.21
C TRP D 410 -33.08 -0.29 -21.98
N ASP D 411 -34.35 -0.55 -22.32
CA ASP D 411 -35.41 0.42 -22.06
C ASP D 411 -35.77 0.45 -20.57
N VAL D 412 -35.91 -0.73 -19.96
CA VAL D 412 -36.27 -0.79 -18.55
C VAL D 412 -35.08 -0.54 -17.64
N LEU D 413 -33.85 -0.68 -18.15
CA LEU D 413 -32.68 -0.43 -17.32
C LEU D 413 -32.49 1.06 -17.07
N ALA D 414 -32.75 1.89 -18.09
CA ALA D 414 -32.72 3.33 -17.91
C ALA D 414 -33.92 3.86 -17.15
N GLU D 415 -35.00 3.08 -17.08
CA GLU D 415 -36.19 3.50 -16.35
C GLU D 415 -36.06 3.24 -14.86
N VAL D 416 -35.47 2.10 -14.48
CA VAL D 416 -35.30 1.81 -13.07
C VAL D 416 -34.22 2.68 -12.46
N ILE D 417 -33.26 3.14 -13.28
CA ILE D 417 -32.21 4.02 -12.79
C ILE D 417 -32.46 5.44 -13.28
N ARG D 418 -33.21 6.21 -12.52
CA ARG D 418 -33.45 7.62 -12.80
C ARG D 418 -33.15 8.51 -11.61
N GLU D 419 -33.49 8.06 -10.40
CA GLU D 419 -33.22 8.84 -9.19
C GLU D 419 -32.74 7.96 -8.04
N HIS D 420 -32.21 6.77 -8.33
CA HIS D 420 -31.72 5.86 -7.31
C HIS D 420 -30.23 6.09 -7.08
N PRO D 421 -29.85 6.75 -5.99
CA PRO D 421 -28.44 7.09 -5.79
C PRO D 421 -27.60 5.89 -5.40
N VAL D 422 -26.35 5.91 -5.83
CA VAL D 422 -25.37 4.88 -5.50
C VAL D 422 -24.25 5.52 -4.70
N LEU D 423 -23.48 4.68 -4.03
CA LEU D 423 -22.38 5.13 -3.18
C LEU D 423 -21.05 4.91 -3.88
N LEU D 424 -20.11 5.83 -3.66
CA LEU D 424 -18.77 5.75 -4.22
C LEU D 424 -17.77 6.10 -3.13
N ASN D 425 -16.73 5.27 -3.01
CA ASN D 425 -15.72 5.50 -1.99
C ASN D 425 -14.41 4.85 -2.41
N ARG D 426 -13.30 5.50 -2.05
CA ARG D 426 -11.99 4.96 -2.32
C ARG D 426 -11.67 3.84 -1.32
N ALA D 427 -10.55 3.14 -1.58
CA ALA D 427 -10.15 2.06 -0.68
C ALA D 427 -9.73 2.59 0.69
N PRO D 428 -8.82 3.58 0.80
CA PRO D 428 -8.54 4.13 2.14
C PRO D 428 -9.44 5.32 2.46
N THR D 429 -10.11 5.26 3.60
CA THR D 429 -11.02 6.32 4.05
C THR D 429 -10.54 6.85 5.39
N LEU D 430 -10.22 8.14 5.44
CA LEU D 430 -9.74 8.78 6.65
C LEU D 430 -10.72 9.78 7.25
N HIS D 431 -11.73 10.21 6.50
CA HIS D 431 -12.70 11.18 6.97
C HIS D 431 -14.08 10.81 6.41
N ARG D 432 -15.08 11.60 6.79
CA ARG D 432 -16.45 11.32 6.36
C ARG D 432 -16.67 11.62 4.89
N LEU D 433 -15.86 12.49 4.29
CA LEU D 433 -16.02 12.83 2.88
C LEU D 433 -15.53 11.74 1.95
N GLY D 434 -15.04 10.61 2.47
CA GLY D 434 -14.62 9.52 1.61
C GLY D 434 -15.77 8.78 0.99
N ILE D 435 -16.94 8.77 1.65
CA ILE D 435 -18.14 8.11 1.16
C ILE D 435 -19.14 9.18 0.80
N GLN D 436 -19.36 9.39 -0.50
CA GLN D 436 -20.31 10.38 -0.99
C GLN D 436 -21.24 9.71 -2.01
N ALA D 437 -22.54 9.90 -1.82
CA ALA D 437 -23.52 9.31 -2.71
C ALA D 437 -23.64 10.13 -3.99
N PHE D 438 -23.83 9.43 -5.11
CA PHE D 438 -23.95 10.06 -6.41
C PHE D 438 -25.12 9.45 -7.17
N GLU D 439 -25.60 10.17 -8.18
CA GLU D 439 -26.66 9.69 -9.04
C GLU D 439 -26.06 9.08 -10.30
N PRO D 440 -26.22 7.78 -10.54
CA PRO D 440 -25.55 7.15 -11.67
C PRO D 440 -26.20 7.51 -12.99
N VAL D 441 -25.36 7.76 -13.99
CA VAL D 441 -25.79 8.02 -15.35
C VAL D 441 -25.14 6.98 -16.26
N LEU D 442 -25.94 6.35 -17.11
CA LEU D 442 -25.44 5.28 -17.97
C LEU D 442 -24.48 5.85 -19.01
N ILE D 443 -23.26 5.30 -19.04
CA ILE D 443 -22.26 5.71 -20.02
C ILE D 443 -21.81 4.48 -20.80
N GLU D 444 -20.89 4.67 -21.74
CA GLU D 444 -20.39 3.59 -22.58
C GLU D 444 -18.88 3.45 -22.34
N GLY D 445 -18.47 2.29 -21.84
CA GLY D 445 -17.07 2.04 -21.58
C GLY D 445 -16.92 1.00 -20.49
N LYS D 446 -15.73 1.01 -19.87
CA LYS D 446 -15.42 0.10 -18.78
C LYS D 446 -14.85 0.84 -17.57
N ALA D 447 -14.99 2.16 -17.52
CA ALA D 447 -14.48 2.97 -16.43
C ALA D 447 -15.62 3.73 -15.77
N ILE D 448 -15.41 4.08 -14.50
CA ILE D 448 -16.40 4.83 -13.72
C ILE D 448 -16.01 6.31 -13.76
N GLN D 449 -16.89 7.12 -14.35
CA GLN D 449 -16.63 8.55 -14.46
C GLN D 449 -16.89 9.25 -13.14
N LEU D 450 -16.12 10.31 -12.88
CA LEU D 450 -16.22 11.07 -11.64
C LEU D 450 -16.18 12.56 -11.96
N HIS D 451 -16.83 13.36 -11.12
CA HIS D 451 -16.82 14.80 -11.30
C HIS D 451 -15.44 15.36 -10.96
N PRO D 452 -14.96 16.32 -11.74
CA PRO D 452 -13.61 16.87 -11.47
C PRO D 452 -13.51 17.68 -10.20
N LEU D 453 -14.61 18.24 -9.70
CA LEU D 453 -14.56 19.10 -8.52
C LEU D 453 -14.54 18.32 -7.21
N VAL D 454 -15.11 17.11 -7.18
CA VAL D 454 -15.16 16.34 -5.95
C VAL D 454 -13.89 15.51 -5.72
N CYS D 455 -12.87 15.67 -6.57
CA CYS D 455 -11.64 14.91 -6.41
C CYS D 455 -10.78 15.43 -5.28
N ALA D 456 -10.99 16.68 -4.84
CA ALA D 456 -10.21 17.21 -3.74
C ALA D 456 -10.59 16.56 -2.41
N ALA D 457 -11.84 16.12 -2.28
CA ALA D 457 -12.28 15.48 -1.05
C ALA D 457 -11.90 14.00 -1.00
N TYR D 458 -11.96 13.33 -2.15
CA TYR D 458 -11.61 11.91 -2.20
C TYR D 458 -10.11 11.69 -2.05
N ASN D 459 -9.29 12.71 -2.26
CA ASN D 459 -7.84 12.62 -2.18
C ASN D 459 -7.32 11.51 -3.12
N ALA D 460 -7.80 11.55 -4.36
CA ALA D 460 -7.43 10.57 -5.36
C ALA D 460 -7.17 11.26 -6.69
N ASP D 461 -6.13 10.82 -7.39
CA ASP D 461 -5.77 11.34 -8.69
C ASP D 461 -6.02 10.30 -9.76
N PHE D 462 -6.13 10.75 -11.00
CA PHE D 462 -6.40 9.88 -12.13
C PHE D 462 -5.09 9.28 -12.64
N ASP D 463 -4.48 8.45 -11.80
CA ASP D 463 -3.23 7.77 -12.14
C ASP D 463 -3.35 6.26 -11.98
N GLY D 464 -4.58 5.73 -11.92
CA GLY D 464 -4.78 4.30 -11.78
C GLY D 464 -5.48 3.93 -10.48
N ASP D 465 -6.09 4.90 -9.83
CA ASP D 465 -6.80 4.65 -8.59
C ASP D 465 -8.14 3.96 -8.86
N GLN D 466 -8.50 3.03 -7.98
CA GLN D 466 -9.74 2.27 -8.09
C GLN D 466 -10.66 2.62 -6.94
N MET D 467 -11.89 2.97 -7.26
CA MET D 467 -12.90 3.32 -6.26
C MET D 467 -13.98 2.25 -6.21
N ALA D 468 -14.57 2.10 -5.04
CA ALA D 468 -15.62 1.11 -4.84
C ALA D 468 -16.98 1.68 -5.23
N VAL D 469 -18.00 0.81 -5.21
CA VAL D 469 -19.36 1.19 -5.50
C VAL D 469 -20.30 0.35 -4.63
N HIS D 470 -21.42 0.93 -4.26
CA HIS D 470 -22.41 0.25 -3.43
C HIS D 470 -23.80 0.65 -3.87
N VAL D 471 -24.75 -0.26 -3.70
CA VAL D 471 -26.13 -0.04 -4.12
C VAL D 471 -27.07 -0.22 -2.94
N PRO D 472 -27.77 0.84 -2.50
CA PRO D 472 -28.77 0.67 -1.45
C PRO D 472 -30.00 -0.04 -1.98
N LEU D 473 -30.69 -0.75 -1.09
CA LEU D 473 -31.84 -1.56 -1.46
C LEU D 473 -33.14 -1.08 -0.84
N THR D 474 -33.18 -0.91 0.47
CA THR D 474 -34.43 -0.56 1.13
C THR D 474 -34.82 0.89 0.83
N LEU D 475 -36.08 1.22 1.16
CA LEU D 475 -36.56 2.57 0.94
C LEU D 475 -35.97 3.55 1.95
N GLU D 476 -35.59 3.07 3.14
CA GLU D 476 -34.99 3.94 4.14
C GLU D 476 -33.59 4.38 3.73
N ALA D 477 -32.88 3.55 2.96
CA ALA D 477 -31.54 3.90 2.53
C ALA D 477 -31.54 4.87 1.36
N GLN D 478 -32.57 4.84 0.53
CA GLN D 478 -32.65 5.77 -0.60
C GLN D 478 -32.88 7.20 -0.11
N LEU D 479 -33.68 7.36 0.95
CA LEU D 479 -33.90 8.68 1.51
C LEU D 479 -32.71 9.17 2.33
N GLU D 480 -31.84 8.25 2.78
CA GLU D 480 -30.65 8.65 3.53
C GLU D 480 -29.57 9.21 2.60
N ALA D 481 -29.42 8.62 1.41
CA ALA D 481 -28.42 9.08 0.46
C ALA D 481 -28.83 10.35 -0.27
N ARG D 482 -30.05 10.82 -0.07
CA ARG D 482 -30.53 12.04 -0.70
C ARG D 482 -30.63 13.21 0.27
N ALA D 483 -30.31 13.01 1.54
CA ALA D 483 -30.43 14.05 2.55
C ALA D 483 -29.11 14.42 3.21
N LEU D 484 -28.25 13.44 3.48
CA LEU D 484 -26.99 13.70 4.17
C LEU D 484 -25.77 13.31 3.36
N MET D 485 -25.79 12.16 2.70
CA MET D 485 -24.63 11.66 1.97
C MET D 485 -24.59 12.15 0.52
N MET D 486 -25.48 13.05 0.13
CA MET D 486 -25.48 13.57 -1.22
C MET D 486 -24.27 14.48 -1.43
N SER D 487 -23.85 14.59 -2.70
CA SER D 487 -22.67 15.38 -3.02
C SER D 487 -22.92 16.89 -2.88
N THR D 488 -24.17 17.33 -2.98
CA THR D 488 -24.50 18.74 -2.89
C THR D 488 -24.66 19.24 -1.45
N ASN D 489 -24.69 18.33 -0.48
CA ASN D 489 -24.87 18.70 0.92
C ASN D 489 -23.57 18.86 1.68
N ASN D 490 -22.56 18.03 1.40
CA ASN D 490 -21.29 18.09 2.10
C ASN D 490 -20.30 18.94 1.29
N ILE D 491 -20.57 20.23 1.26
CA ILE D 491 -19.70 21.19 0.57
C ILE D 491 -18.61 21.70 1.51
N LEU D 492 -18.99 22.10 2.73
CA LEU D 492 -18.02 22.60 3.69
C LEU D 492 -17.25 21.43 4.30
N SER D 493 -15.99 21.71 4.65
CA SER D 493 -15.13 20.69 5.22
C SER D 493 -15.46 20.45 6.69
N PRO D 494 -15.30 19.21 7.16
CA PRO D 494 -15.56 18.92 8.58
C PRO D 494 -14.53 19.50 9.53
N ALA D 495 -13.42 20.04 9.02
CA ALA D 495 -12.39 20.61 9.87
C ALA D 495 -12.57 22.12 10.04
N ASN D 496 -12.73 22.84 8.92
CA ASN D 496 -12.92 24.28 8.95
C ASN D 496 -14.05 24.67 8.00
N GLY D 497 -14.50 25.91 8.12
CA GLY D 497 -15.59 26.41 7.30
C GLY D 497 -15.25 26.62 5.85
N GLU D 498 -14.00 26.46 5.45
CA GLU D 498 -13.62 26.64 4.06
C GLU D 498 -14.20 25.51 3.22
N PRO D 499 -14.80 25.81 2.06
CA PRO D 499 -15.36 24.73 1.24
C PRO D 499 -14.27 23.86 0.65
N ILE D 500 -14.61 22.58 0.43
CA ILE D 500 -13.68 21.63 -0.19
C ILE D 500 -13.96 21.46 -1.68
N ILE D 501 -15.02 22.08 -2.20
CA ILE D 501 -15.34 22.01 -3.61
C ILE D 501 -14.76 23.21 -4.36
N VAL D 502 -13.77 23.87 -3.78
CA VAL D 502 -13.08 25.01 -4.38
C VAL D 502 -12.54 24.60 -5.75
N PRO D 503 -12.56 25.50 -6.74
CA PRO D 503 -12.00 25.16 -8.06
C PRO D 503 -10.57 24.64 -7.96
N SER D 504 -10.29 23.58 -8.70
CA SER D 504 -9.02 22.88 -8.64
C SER D 504 -7.99 23.58 -9.54
N GLN D 505 -6.86 22.90 -9.77
CA GLN D 505 -5.73 23.54 -10.44
C GLN D 505 -6.05 23.94 -11.87
N ASP D 506 -6.72 23.07 -12.63
CA ASP D 506 -6.90 23.34 -14.07
C ASP D 506 -7.92 24.45 -14.29
N VAL D 507 -9.03 24.44 -13.54
CA VAL D 507 -10.08 25.43 -13.77
C VAL D 507 -9.66 26.80 -13.21
N VAL D 508 -8.86 26.82 -12.14
CA VAL D 508 -8.37 28.09 -11.63
C VAL D 508 -7.44 28.75 -12.63
N MET D 509 -6.59 27.95 -13.30
CA MET D 509 -5.69 28.50 -14.31
C MET D 509 -6.46 29.16 -15.44
N GLY D 510 -7.59 28.57 -15.83
CA GLY D 510 -8.43 29.20 -16.86
C GLY D 510 -9.09 30.47 -16.38
N LEU D 511 -9.41 30.55 -15.08
CA LEU D 511 -10.04 31.75 -14.54
C LEU D 511 -9.02 32.85 -14.26
N TYR D 512 -7.78 32.49 -13.94
CA TYR D 512 -6.76 33.50 -13.69
C TYR D 512 -6.39 34.23 -14.98
N TYR D 513 -6.35 33.51 -16.10
CA TYR D 513 -6.03 34.15 -17.37
C TYR D 513 -7.18 35.05 -17.84
N MET D 514 -8.40 34.76 -17.39
CA MET D 514 -9.54 35.57 -17.81
C MET D 514 -9.55 36.93 -17.10
N THR D 515 -9.27 36.93 -15.79
CA THR D 515 -9.28 38.16 -15.00
C THR D 515 -7.88 38.75 -15.01
N ARG D 516 -7.53 39.37 -16.14
CA ARG D 516 -6.24 40.02 -16.32
C ARG D 516 -6.45 41.42 -16.89
N GLU D 517 -5.42 42.25 -16.77
CA GLU D 517 -5.45 43.62 -17.27
C GLU D 517 -4.17 43.89 -18.03
N ALA D 518 -4.29 44.27 -19.30
CA ALA D 518 -3.16 44.58 -20.16
C ALA D 518 -3.10 46.08 -20.40
N ILE D 519 -1.88 46.60 -20.53
CA ILE D 519 -1.69 48.02 -20.76
C ILE D 519 -2.14 48.39 -22.17
N ASN D 520 -1.77 47.59 -23.16
CA ASN D 520 -2.14 47.82 -24.55
C ASN D 520 -2.73 46.55 -25.12
N ALA D 521 -3.98 46.62 -25.55
CA ALA D 521 -4.68 45.47 -26.11
C ALA D 521 -5.67 45.96 -27.16
N LYS D 522 -6.20 45.01 -27.93
CA LYS D 522 -7.16 45.34 -28.98
C LYS D 522 -8.54 45.58 -28.38
N GLY D 523 -9.13 46.73 -28.70
CA GLY D 523 -10.44 47.07 -28.20
C GLY D 523 -10.40 47.75 -26.84
N GLU D 524 -9.47 48.67 -26.66
CA GLU D 524 -9.30 49.39 -25.41
C GLU D 524 -9.98 50.74 -25.48
N GLY D 525 -10.55 51.17 -24.35
CA GLY D 525 -11.24 52.44 -24.28
C GLY D 525 -12.67 52.45 -24.77
N MET D 526 -13.17 51.32 -25.27
CA MET D 526 -14.54 51.27 -25.77
C MET D 526 -15.53 51.21 -24.60
N ALA D 527 -16.76 51.57 -24.90
CA ALA D 527 -17.85 51.57 -23.92
C ALA D 527 -18.92 50.59 -24.35
N PHE D 528 -19.31 49.69 -23.44
CA PHE D 528 -20.33 48.69 -23.71
C PHE D 528 -21.58 49.00 -22.90
N ALA D 529 -22.73 48.58 -23.43
CA ALA D 529 -24.01 48.86 -22.78
C ALA D 529 -24.26 47.93 -21.61
N ASP D 530 -24.29 46.63 -21.87
CA ASP D 530 -24.57 45.63 -20.84
C ASP D 530 -23.63 44.45 -21.03
N LEU D 531 -23.74 43.46 -20.14
CA LEU D 531 -22.89 42.28 -20.23
C LEU D 531 -23.21 41.46 -21.47
N GLN D 532 -24.47 41.46 -21.92
CA GLN D 532 -24.83 40.73 -23.13
C GLN D 532 -24.25 41.39 -24.37
N GLU D 533 -24.17 42.73 -24.38
CA GLU D 533 -23.58 43.43 -25.50
C GLU D 533 -22.06 43.36 -25.50
N VAL D 534 -21.45 43.22 -24.32
CA VAL D 534 -20.00 43.10 -24.25
C VAL D 534 -19.55 41.72 -24.70
N ASP D 535 -20.34 40.68 -24.43
CA ASP D 535 -19.99 39.33 -24.87
C ASP D 535 -20.15 39.18 -26.38
N ARG D 536 -21.05 39.96 -26.99
CA ARG D 536 -21.25 39.86 -28.43
C ARG D 536 -20.05 40.40 -29.19
N ALA D 537 -19.36 41.39 -28.65
CA ALA D 537 -18.18 41.96 -29.32
C ALA D 537 -16.96 41.07 -29.19
N TYR D 538 -16.88 40.23 -28.16
CA TYR D 538 -15.73 39.35 -28.00
C TYR D 538 -15.79 38.17 -28.97
N ARG D 539 -16.98 37.62 -29.20
CA ARG D 539 -17.12 36.50 -30.12
C ARG D 539 -16.95 36.92 -31.58
N SER D 540 -17.11 38.21 -31.88
CA SER D 540 -16.94 38.69 -33.24
C SER D 540 -15.49 38.92 -33.60
N GLY D 541 -14.60 39.03 -32.62
CA GLY D 541 -13.19 39.22 -32.88
C GLY D 541 -12.71 40.66 -32.86
N GLN D 542 -13.56 41.61 -32.45
CA GLN D 542 -13.20 43.01 -32.39
C GLN D 542 -12.84 43.46 -30.97
N ALA D 543 -12.68 42.53 -30.04
CA ALA D 543 -12.34 42.88 -28.66
C ALA D 543 -11.51 41.75 -28.07
N SER D 544 -10.41 42.10 -27.42
CA SER D 544 -9.55 41.10 -26.80
C SER D 544 -10.17 40.59 -25.50
N LEU D 545 -9.53 39.57 -24.93
CA LEU D 545 -10.03 38.97 -23.70
C LEU D 545 -9.74 39.83 -22.47
N HIS D 546 -8.59 40.50 -22.45
CA HIS D 546 -8.20 41.36 -21.32
C HIS D 546 -7.84 42.73 -21.88
N ALA D 547 -8.77 43.68 -21.80
CA ALA D 547 -8.53 45.03 -22.29
C ALA D 547 -9.35 46.00 -21.46
N ARG D 548 -8.77 47.15 -21.15
CA ARG D 548 -9.43 48.16 -20.33
C ARG D 548 -10.63 48.73 -21.08
N VAL D 549 -11.84 48.45 -20.57
CA VAL D 549 -13.07 48.92 -21.16
C VAL D 549 -13.92 49.58 -20.08
N LYS D 550 -15.11 50.01 -20.48
CA LYS D 550 -16.05 50.68 -19.58
C LYS D 550 -17.45 50.11 -19.84
N VAL D 551 -17.94 49.29 -18.90
CA VAL D 551 -19.22 48.62 -19.07
C VAL D 551 -20.15 49.04 -17.95
N ARG D 552 -21.45 48.85 -18.18
CA ARG D 552 -22.49 49.11 -17.19
C ARG D 552 -23.07 47.78 -16.73
N ILE D 553 -23.16 47.62 -15.41
CA ILE D 553 -23.58 46.37 -14.81
C ILE D 553 -24.93 46.56 -14.12
N ASN D 554 -25.56 45.43 -13.78
CA ASN D 554 -26.83 45.41 -13.07
C ASN D 554 -26.71 44.39 -11.95
N GLU D 555 -26.48 44.86 -10.73
CA GLU D 555 -26.27 43.99 -9.58
C GLU D 555 -27.32 44.27 -8.51
N LYS D 556 -27.51 43.30 -7.63
CA LYS D 556 -28.49 43.38 -6.55
C LYS D 556 -27.77 43.19 -5.22
N ILE D 557 -28.08 44.05 -4.25
CA ILE D 557 -27.51 43.99 -2.92
C ILE D 557 -28.50 43.30 -1.99
N LYS D 558 -27.98 42.48 -1.08
CA LYS D 558 -28.80 41.72 -0.13
C LYS D 558 -28.45 42.11 1.31
N GLY D 559 -28.33 43.41 1.56
CA GLY D 559 -28.05 43.87 2.91
C GLY D 559 -29.21 43.64 3.87
N GLU D 560 -30.43 43.71 3.37
CA GLU D 560 -31.64 43.46 4.16
C GLU D 560 -32.27 42.17 3.67
N ASP D 561 -32.48 41.23 4.57
CA ASP D 561 -33.04 39.94 4.19
C ASP D 561 -34.50 40.08 3.82
N GLY D 562 -34.90 39.43 2.73
CA GLY D 562 -36.27 39.46 2.26
C GLY D 562 -36.57 40.50 1.21
N GLN D 563 -35.64 41.41 0.94
CA GLN D 563 -35.83 42.46 -0.06
C GLN D 563 -34.60 42.54 -0.95
N LEU D 564 -34.83 42.67 -2.25
CA LEU D 564 -33.77 42.78 -3.24
C LEU D 564 -34.00 44.01 -4.10
N THR D 565 -32.99 44.88 -4.16
CA THR D 565 -33.05 46.10 -4.95
C THR D 565 -32.03 46.04 -6.08
N ALA D 566 -32.31 46.78 -7.15
CA ALA D 566 -31.44 46.83 -8.31
C ALA D 566 -30.92 48.26 -8.50
N ASN D 567 -29.71 48.36 -9.04
CA ASN D 567 -29.10 49.65 -9.30
C ASN D 567 -28.05 49.49 -10.40
N THR D 568 -27.91 50.53 -11.21
CA THR D 568 -26.95 50.55 -12.30
C THR D 568 -25.72 51.36 -11.90
N ARG D 569 -24.55 50.87 -12.29
CA ARG D 569 -23.29 51.55 -11.96
C ARG D 569 -22.27 51.24 -13.05
N ILE D 570 -21.57 52.28 -13.49
CA ILE D 570 -20.56 52.16 -14.54
C ILE D 570 -19.19 52.09 -13.87
N VAL D 571 -18.48 50.98 -14.09
CA VAL D 571 -17.17 50.77 -13.49
C VAL D 571 -16.15 50.60 -14.61
N ASP D 572 -14.88 50.74 -14.24
CA ASP D 572 -13.76 50.61 -15.19
C ASP D 572 -13.11 49.25 -14.96
N THR D 573 -13.55 48.26 -15.72
CA THR D 573 -12.99 46.92 -15.62
C THR D 573 -12.55 46.41 -17.00
N THR D 574 -12.18 45.14 -17.08
CA THR D 574 -11.74 44.53 -18.32
C THR D 574 -12.86 43.69 -18.93
N VAL D 575 -12.60 43.17 -20.12
CA VAL D 575 -13.58 42.33 -20.80
C VAL D 575 -13.68 40.97 -20.11
N GLY D 576 -12.54 40.44 -19.64
CA GLY D 576 -12.56 39.17 -18.96
C GLY D 576 -13.22 39.23 -17.59
N ARG D 577 -13.04 40.34 -16.88
CA ARG D 577 -13.67 40.49 -15.57
C ARG D 577 -15.18 40.68 -15.68
N ALA D 578 -15.65 41.24 -16.80
CA ALA D 578 -17.08 41.43 -16.99
C ALA D 578 -17.79 40.14 -17.38
N LEU D 579 -17.08 39.22 -18.04
CA LEU D 579 -17.69 37.95 -18.39
C LEU D 579 -17.83 37.02 -17.20
N LEU D 580 -16.97 37.19 -16.19
CA LEU D 580 -17.06 36.34 -15.00
C LEU D 580 -18.25 36.73 -14.13
N PHE D 581 -18.69 37.99 -14.20
CA PHE D 581 -19.86 38.41 -13.43
C PHE D 581 -21.14 37.79 -13.95
N GLN D 582 -21.16 37.32 -15.20
CA GLN D 582 -22.33 36.64 -15.73
C GLN D 582 -22.52 35.26 -15.12
N VAL D 583 -21.49 34.72 -14.47
CA VAL D 583 -21.59 33.41 -13.83
C VAL D 583 -22.11 33.52 -12.40
N VAL D 584 -21.59 34.48 -11.63
CA VAL D 584 -22.04 34.66 -10.24
C VAL D 584 -23.46 35.19 -10.24
N PRO D 585 -24.34 34.68 -9.37
CA PRO D 585 -25.71 35.20 -9.32
C PRO D 585 -25.74 36.67 -8.89
N ALA D 586 -26.90 37.30 -9.12
CA ALA D 586 -27.05 38.72 -8.84
C ALA D 586 -27.08 39.04 -7.35
N GLY D 587 -27.11 38.03 -6.48
CA GLY D 587 -27.15 38.29 -5.05
C GLY D 587 -25.86 38.84 -4.49
N LEU D 588 -24.74 38.66 -5.20
CA LEU D 588 -23.44 39.12 -4.71
C LEU D 588 -23.06 40.44 -5.38
N PRO D 589 -22.30 41.28 -4.67
CA PRO D 589 -21.85 42.55 -5.26
C PRO D 589 -20.82 42.34 -6.36
N PHE D 590 -20.32 43.44 -6.93
CA PHE D 590 -19.34 43.38 -8.00
C PHE D 590 -17.91 43.45 -7.51
N ASP D 591 -17.69 43.90 -6.26
CA ASP D 591 -16.33 44.02 -5.74
C ASP D 591 -15.64 42.70 -5.50
N VAL D 592 -16.37 41.58 -5.58
CA VAL D 592 -15.79 40.26 -5.33
C VAL D 592 -15.30 39.67 -6.64
N VAL D 593 -15.38 40.45 -7.73
CA VAL D 593 -14.94 39.99 -9.04
C VAL D 593 -13.81 40.83 -9.62
N ASN D 594 -13.69 42.10 -9.25
CA ASN D 594 -12.69 42.99 -9.81
C ASN D 594 -11.26 42.65 -9.40
N GLN D 595 -11.06 41.62 -8.56
CA GLN D 595 -9.73 41.25 -8.14
C GLN D 595 -9.06 40.38 -9.19
N SER D 596 -7.84 39.92 -8.89
CA SER D 596 -7.08 39.08 -9.81
C SER D 596 -7.61 37.65 -9.87
N MET D 597 -8.46 37.25 -8.94
CA MET D 597 -9.08 35.92 -8.93
C MET D 597 -8.03 34.81 -8.90
N LYS D 598 -7.26 34.79 -7.81
CA LYS D 598 -6.29 33.72 -7.56
C LYS D 598 -7.01 32.52 -6.97
N LYS D 599 -6.25 31.54 -6.48
CA LYS D 599 -6.88 30.36 -5.87
C LYS D 599 -7.51 30.72 -4.53
N LYS D 600 -6.84 31.56 -3.74
CA LYS D 600 -7.40 31.97 -2.45
C LYS D 600 -8.55 32.96 -2.62
N ALA D 601 -8.66 33.60 -3.78
CA ALA D 601 -9.76 34.54 -4.01
C ALA D 601 -11.08 33.80 -4.26
N ILE D 602 -11.03 32.64 -4.91
CA ILE D 602 -12.25 31.89 -5.15
C ILE D 602 -12.66 31.10 -3.91
N SER D 603 -11.70 30.71 -3.07
CA SER D 603 -12.04 30.02 -1.83
C SER D 603 -12.83 30.92 -0.91
N LYS D 604 -12.51 32.22 -0.88
CA LYS D 604 -13.29 33.18 -0.12
C LYS D 604 -14.58 33.58 -0.83
N LEU D 605 -14.69 33.31 -2.12
CA LEU D 605 -15.89 33.64 -2.87
C LEU D 605 -17.00 32.63 -2.63
N ILE D 606 -16.66 31.34 -2.60
CA ILE D 606 -17.66 30.32 -2.33
C ILE D 606 -18.09 30.37 -0.87
N ASN D 607 -17.15 30.61 0.04
CA ASN D 607 -17.50 30.74 1.45
C ASN D 607 -18.40 31.94 1.70
N HIS D 608 -18.25 33.00 0.89
CA HIS D 608 -19.13 34.15 1.01
C HIS D 608 -20.47 33.91 0.31
N CYS D 609 -20.47 33.12 -0.76
CA CYS D 609 -21.72 32.80 -1.44
C CYS D 609 -22.57 31.82 -0.64
N TYR D 610 -21.93 30.99 0.19
CA TYR D 610 -22.67 30.00 0.97
C TYR D 610 -23.43 30.63 2.12
N ARG D 611 -22.97 31.77 2.62
CA ARG D 611 -23.56 32.40 3.80
C ARG D 611 -24.36 33.66 3.45
N VAL D 612 -24.67 33.88 2.18
CA VAL D 612 -25.41 35.06 1.77
C VAL D 612 -26.68 34.65 1.02
N VAL D 613 -26.52 33.84 -0.03
CA VAL D 613 -27.65 33.41 -0.84
C VAL D 613 -28.26 32.16 -0.24
N GLY D 614 -27.48 31.10 -0.14
CA GLY D 614 -27.95 29.85 0.41
C GLY D 614 -27.18 28.68 -0.18
N LEU D 615 -27.87 27.57 -0.37
CA LEU D 615 -27.28 26.36 -0.91
C LEU D 615 -27.82 25.97 -2.27
N LYS D 616 -29.09 26.28 -2.57
CA LYS D 616 -29.66 25.92 -3.86
C LYS D 616 -28.97 26.65 -5.01
N ASP D 617 -28.55 27.90 -4.76
CA ASP D 617 -27.85 28.68 -5.78
C ASP D 617 -26.35 28.50 -5.75
N THR D 618 -25.79 27.91 -4.68
CA THR D 618 -24.36 27.68 -4.61
C THR D 618 -23.94 26.50 -5.47
N VAL D 619 -24.77 25.45 -5.54
CA VAL D 619 -24.45 24.30 -6.36
C VAL D 619 -24.46 24.67 -7.84
N ILE D 620 -25.40 25.53 -8.24
CA ILE D 620 -25.45 25.98 -9.62
C ILE D 620 -24.28 26.91 -9.93
N PHE D 621 -23.87 27.71 -8.94
CA PHE D 621 -22.74 28.62 -9.14
C PHE D 621 -21.43 27.86 -9.17
N ALA D 622 -21.31 26.80 -8.36
CA ALA D 622 -20.09 26.01 -8.36
C ALA D 622 -19.97 25.14 -9.60
N ASP D 623 -21.09 24.79 -10.22
CA ASP D 623 -21.06 23.99 -11.44
C ASP D 623 -20.77 24.85 -12.66
N GLN D 624 -21.31 26.07 -12.70
CA GLN D 624 -21.09 26.96 -13.82
C GLN D 624 -19.66 27.47 -13.89
N LEU D 625 -18.94 27.48 -12.76
CA LEU D 625 -17.54 27.90 -12.79
C LEU D 625 -16.67 26.88 -13.50
N MET D 626 -17.00 25.60 -13.40
CA MET D 626 -16.22 24.57 -14.08
C MET D 626 -16.42 24.62 -15.58
N TYR D 627 -17.61 25.01 -16.04
CA TYR D 627 -17.88 25.09 -17.47
C TYR D 627 -17.19 26.31 -18.10
N THR D 628 -17.27 27.47 -17.45
CA THR D 628 -16.62 28.66 -17.97
C THR D 628 -15.11 28.65 -17.74
N GLY D 629 -14.63 27.84 -16.81
CA GLY D 629 -13.20 27.74 -16.58
C GLY D 629 -12.51 26.86 -17.62
N PHE D 630 -13.17 25.78 -18.02
CA PHE D 630 -12.59 24.89 -19.02
C PHE D 630 -12.78 25.42 -20.44
N ALA D 631 -13.86 26.15 -20.70
CA ALA D 631 -14.09 26.66 -22.05
C ALA D 631 -13.09 27.74 -22.41
N TYR D 632 -12.74 28.60 -21.46
CA TYR D 632 -11.78 29.67 -21.70
C TYR D 632 -10.33 29.23 -21.48
N SER D 633 -10.11 28.01 -21.02
CA SER D 633 -8.76 27.47 -20.90
C SER D 633 -8.32 26.71 -22.13
N THR D 634 -9.26 26.07 -22.84
CA THR D 634 -8.91 25.37 -24.07
C THR D 634 -8.59 26.35 -25.19
N ILE D 635 -9.12 27.57 -25.12
CA ILE D 635 -8.79 28.59 -26.11
C ILE D 635 -7.43 29.22 -25.85
N SER D 636 -6.85 28.99 -24.69
CA SER D 636 -5.53 29.52 -24.36
C SER D 636 -4.45 28.50 -24.70
N GLY D 637 -3.31 29.01 -25.16
CA GLY D 637 -2.19 28.16 -25.55
C GLY D 637 -1.15 28.04 -24.46
N VAL D 638 -1.60 27.88 -23.21
CA VAL D 638 -0.69 27.80 -22.07
C VAL D 638 0.13 26.52 -22.20
N SER D 639 1.42 26.67 -22.48
CA SER D 639 2.32 25.54 -22.62
C SER D 639 3.67 25.89 -22.01
N ILE D 640 4.34 24.89 -21.46
CA ILE D 640 5.61 25.07 -20.78
C ILE D 640 6.72 24.72 -21.78
N GLY D 641 7.47 25.73 -22.21
CA GLY D 641 8.58 25.55 -23.12
C GLY D 641 9.92 25.77 -22.43
N VAL D 642 10.98 25.48 -23.18
CA VAL D 642 12.33 25.65 -22.64
C VAL D 642 12.66 27.13 -22.48
N ASN D 643 12.10 27.99 -23.34
CA ASN D 643 12.34 29.42 -23.24
C ASN D 643 11.59 30.07 -22.09
N ASP D 644 10.67 29.33 -21.43
CA ASP D 644 9.93 29.90 -20.30
C ASP D 644 10.80 30.00 -19.06
N PHE D 645 11.71 29.04 -18.86
CA PHE D 645 12.61 29.06 -17.71
C PHE D 645 13.73 30.05 -18.00
N VAL D 646 13.44 31.34 -17.77
CA VAL D 646 14.43 32.38 -18.00
C VAL D 646 15.48 32.34 -16.90
N ILE D 647 16.70 32.72 -17.25
CA ILE D 647 17.83 32.77 -16.34
C ILE D 647 18.27 34.22 -16.21
N PRO D 648 18.30 34.78 -15.00
CA PRO D 648 18.72 36.18 -14.85
C PRO D 648 20.21 36.34 -15.11
N ASP D 649 20.57 37.50 -15.67
CA ASP D 649 21.96 37.78 -15.98
C ASP D 649 22.80 38.02 -14.73
N GLU D 650 22.17 38.20 -13.57
CA GLU D 650 22.87 38.43 -12.31
C GLU D 650 23.30 37.14 -11.64
N LYS D 651 23.01 35.98 -12.23
CA LYS D 651 23.40 34.71 -11.61
C LYS D 651 24.89 34.49 -11.71
N ALA D 652 25.50 34.85 -12.85
CA ALA D 652 26.93 34.67 -13.02
C ALA D 652 27.75 35.65 -12.19
N ARG D 653 27.16 36.78 -11.80
CA ARG D 653 27.89 37.76 -11.00
C ARG D 653 27.94 37.35 -9.54
N ILE D 654 26.87 36.73 -9.03
CA ILE D 654 26.84 36.31 -7.63
C ILE D 654 27.68 35.07 -7.42
N ILE D 655 27.66 34.14 -8.38
CA ILE D 655 28.42 32.91 -8.23
C ILE D 655 29.91 33.18 -8.32
N ASN D 656 30.32 34.03 -9.28
CA ASN D 656 31.73 34.36 -9.41
C ASN D 656 32.24 35.18 -8.24
N ALA D 657 31.36 35.97 -7.60
CA ALA D 657 31.77 36.74 -6.44
C ALA D 657 31.81 35.88 -5.18
N ALA D 658 30.94 34.86 -5.10
CA ALA D 658 30.97 33.97 -3.95
C ALA D 658 32.09 32.95 -4.03
N THR D 659 32.49 32.56 -5.25
CA THR D 659 33.58 31.61 -5.39
C THR D 659 34.92 32.24 -5.02
N ASP D 660 35.06 33.55 -5.18
CA ASP D 660 36.30 34.22 -4.82
C ASP D 660 36.41 34.46 -3.32
N GLU D 661 35.29 34.49 -2.60
CA GLU D 661 35.34 34.69 -1.16
C GLU D 661 35.66 33.40 -0.41
N VAL D 662 35.22 32.26 -0.94
CA VAL D 662 35.55 30.98 -0.32
C VAL D 662 37.04 30.67 -0.45
N LYS D 663 37.65 31.12 -1.55
CA LYS D 663 39.09 30.89 -1.73
C LYS D 663 39.91 31.64 -0.69
N GLU D 664 39.37 32.74 -0.14
CA GLU D 664 40.06 33.46 0.91
C GLU D 664 39.92 32.77 2.27
N ILE D 665 38.85 32.01 2.46
CA ILE D 665 38.63 31.36 3.75
C ILE D 665 39.42 30.07 3.86
N GLU D 666 39.46 29.26 2.79
CA GLU D 666 40.16 27.99 2.85
C GLU D 666 41.67 28.16 2.87
N SER D 667 42.19 29.28 2.36
CA SER D 667 43.63 29.50 2.41
C SER D 667 44.09 29.80 3.84
N GLN D 668 43.24 30.43 4.65
CA GLN D 668 43.58 30.73 6.04
C GLN D 668 43.49 29.51 6.94
N TYR D 669 42.86 28.43 6.48
CA TYR D 669 42.76 27.23 7.31
C TYR D 669 44.08 26.48 7.39
N ALA D 670 44.86 26.50 6.31
CA ALA D 670 46.16 25.81 6.32
C ALA D 670 47.20 26.56 7.14
N SER D 671 47.04 27.87 7.32
CA SER D 671 48.00 28.64 8.10
C SER D 671 47.77 28.47 9.60
N GLY D 672 46.52 28.30 10.02
CA GLY D 672 46.20 28.14 11.42
C GLY D 672 45.44 29.30 12.05
N LEU D 673 44.97 30.26 11.26
CA LEU D 673 44.25 31.39 11.82
C LEU D 673 42.82 31.02 12.18
N VAL D 674 42.13 30.33 11.27
CA VAL D 674 40.75 29.91 11.48
C VAL D 674 40.73 28.41 11.72
N THR D 675 39.87 27.97 12.63
CA THR D 675 39.75 26.56 12.97
C THR D 675 38.69 25.89 12.10
N GLN D 676 38.66 24.55 12.16
CA GLN D 676 37.68 23.80 11.39
C GLN D 676 36.28 23.88 11.99
N GLY D 677 36.18 24.09 13.30
CA GLY D 677 34.87 24.19 13.93
C GLY D 677 34.13 25.46 13.56
N GLU D 678 34.86 26.50 13.17
CA GLU D 678 34.26 27.76 12.75
C GLU D 678 34.20 27.92 11.24
N LYS D 679 35.07 27.21 10.50
CA LYS D 679 35.03 27.29 9.05
C LYS D 679 33.75 26.68 8.49
N TYR D 680 33.22 25.65 9.15
CA TYR D 680 31.98 25.03 8.70
C TYR D 680 30.79 25.98 8.84
N ASN D 681 30.80 26.83 9.86
CA ASN D 681 29.71 27.77 10.05
C ASN D 681 29.79 28.96 9.10
N LYS D 682 31.00 29.33 8.68
CA LYS D 682 31.15 30.48 7.78
C LYS D 682 30.82 30.13 6.34
N VAL D 683 31.06 28.87 5.94
CA VAL D 683 30.76 28.48 4.56
C VAL D 683 29.25 28.30 4.36
N ILE D 684 28.58 27.68 5.33
CA ILE D 684 27.14 27.49 5.23
C ILE D 684 26.38 28.81 5.38
N ASP D 685 27.02 29.82 5.95
CA ASP D 685 26.41 31.14 6.06
C ASP D 685 26.72 32.04 4.87
N LEU D 686 27.77 31.73 4.12
CA LEU D 686 28.08 32.52 2.93
C LEU D 686 27.26 32.08 1.73
N TRP D 687 27.14 30.77 1.51
CA TRP D 687 26.32 30.27 0.41
C TRP D 687 24.84 30.49 0.68
N SER D 688 24.43 30.51 1.94
CA SER D 688 23.03 30.81 2.26
C SER D 688 22.69 32.26 1.96
N LYS D 689 23.60 33.18 2.28
CA LYS D 689 23.40 34.58 1.93
C LYS D 689 23.39 34.78 0.43
N ALA D 690 24.14 33.97 -0.31
CA ALA D 690 24.13 34.03 -1.76
C ALA D 690 22.92 33.33 -2.36
N ASN D 691 22.26 32.46 -1.60
CA ASN D 691 21.08 31.76 -2.12
C ASN D 691 19.87 32.69 -2.18
N ASP D 692 19.71 33.57 -1.19
CA ASP D 692 18.61 34.52 -1.21
C ASP D 692 18.87 35.67 -2.18
N GLU D 693 20.14 35.97 -2.45
CA GLU D 693 20.45 37.05 -3.39
C GLU D 693 20.09 36.67 -4.82
N VAL D 694 20.18 35.38 -5.15
CA VAL D 694 19.79 34.93 -6.49
C VAL D 694 18.28 34.85 -6.63
N SER D 695 17.59 34.43 -5.55
CA SER D 695 16.14 34.31 -5.61
C SER D 695 15.46 35.67 -5.70
N LYS D 696 16.04 36.70 -5.09
CA LYS D 696 15.46 38.03 -5.18
C LYS D 696 15.67 38.64 -6.56
N ALA D 697 16.80 38.36 -7.19
CA ALA D 697 17.05 38.86 -8.54
C ALA D 697 16.33 38.06 -9.62
N MET D 698 15.98 36.80 -9.33
CA MET D 698 15.27 35.98 -10.30
C MET D 698 13.79 36.33 -10.35
N MET D 699 13.16 36.49 -9.19
CA MET D 699 11.73 36.82 -9.17
C MET D 699 11.48 38.25 -9.64
N ALA D 700 12.46 39.15 -9.44
CA ALA D 700 12.29 40.52 -9.90
C ALA D 700 12.35 40.60 -11.43
N ASN D 701 13.05 39.67 -12.07
CA ASN D 701 13.11 39.66 -13.53
C ASN D 701 11.94 38.91 -14.13
N LEU D 702 11.43 37.88 -13.47
CA LEU D 702 10.32 37.10 -13.99
C LEU D 702 8.99 37.85 -13.86
N SER D 703 8.86 38.71 -12.85
CA SER D 703 7.62 39.44 -12.65
C SER D 703 7.46 40.60 -13.62
N LYS D 704 8.56 41.21 -14.05
CA LYS D 704 8.54 42.35 -14.95
C LYS D 704 9.32 42.04 -16.23
N GLU D 705 9.13 40.85 -16.78
CA GLU D 705 9.84 40.47 -18.00
C GLU D 705 9.16 41.03 -19.24
N LYS D 706 7.84 40.99 -19.29
CA LYS D 706 7.11 41.48 -20.46
C LYS D 706 7.15 43.01 -20.51
N VAL D 707 7.53 43.55 -21.65
CA VAL D 707 7.60 44.99 -21.88
C VAL D 707 6.74 45.32 -23.09
N VAL D 708 5.69 46.09 -22.86
CA VAL D 708 4.77 46.47 -23.92
C VAL D 708 5.01 47.94 -24.27
N ASP D 709 4.61 48.30 -25.50
CA ASP D 709 4.79 49.64 -26.03
C ASP D 709 3.45 50.20 -26.48
N ARG D 710 3.15 51.42 -26.04
CA ARG D 710 1.89 52.07 -26.42
C ARG D 710 2.12 53.57 -26.47
N GLU D 711 1.59 54.20 -27.52
CA GLU D 711 1.62 55.66 -27.67
C GLU D 711 3.05 56.21 -27.56
N GLY D 712 4.00 55.49 -28.15
CA GLY D 712 5.38 55.93 -28.13
C GLY D 712 6.25 55.15 -27.17
N LYS D 713 6.57 55.75 -26.03
CA LYS D 713 7.47 55.12 -25.07
C LYS D 713 6.85 53.85 -24.49
N GLU D 714 7.72 52.89 -24.16
CA GLU D 714 7.27 51.62 -23.62
C GLU D 714 7.01 51.73 -22.11
N VAL D 715 6.26 50.77 -21.58
CA VAL D 715 5.92 50.71 -20.17
C VAL D 715 6.19 49.30 -19.67
N ASP D 716 6.05 49.11 -18.36
CA ASP D 716 6.26 47.83 -17.71
C ASP D 716 4.96 47.36 -17.06
N GLN D 717 4.67 46.06 -17.19
CA GLN D 717 3.50 45.45 -16.60
C GLN D 717 3.88 44.08 -16.06
N GLU D 718 2.88 43.34 -15.58
CA GLU D 718 3.12 41.99 -15.10
C GLU D 718 3.36 41.06 -16.28
N SER D 719 4.36 40.20 -16.14
CA SER D 719 4.73 39.30 -17.23
C SER D 719 3.67 38.22 -17.41
N PHE D 720 3.38 37.89 -18.68
CA PHE D 720 2.42 36.86 -19.02
C PHE D 720 3.09 35.53 -19.33
N ASN D 721 4.21 35.24 -18.67
CA ASN D 721 4.93 33.99 -18.91
C ASN D 721 4.10 32.81 -18.42
N SER D 722 4.31 31.66 -19.07
CA SER D 722 3.54 30.46 -18.72
C SER D 722 3.92 29.94 -17.34
N MET D 723 5.19 30.07 -16.95
CA MET D 723 5.61 29.59 -15.64
C MET D 723 5.16 30.52 -14.51
N TYR D 724 5.10 31.83 -14.78
CA TYR D 724 4.68 32.77 -13.75
C TYR D 724 3.18 32.71 -13.49
N MET D 725 2.40 32.31 -14.51
CA MET D 725 0.95 32.23 -14.32
C MET D 725 0.58 31.10 -13.37
N MET D 726 1.33 30.00 -13.41
CA MET D 726 1.04 28.87 -12.54
C MET D 726 1.48 29.12 -11.10
N ALA D 727 2.29 30.13 -10.86
CA ALA D 727 2.76 30.47 -9.51
C ALA D 727 1.97 31.62 -8.89
N ASP D 728 1.63 32.65 -9.67
CA ASP D 728 0.85 33.75 -9.14
C ASP D 728 -0.57 33.33 -8.84
N SER D 729 -1.15 32.47 -9.67
CA SER D 729 -2.51 32.00 -9.43
C SER D 729 -2.58 30.98 -8.30
N GLY D 730 -1.47 30.34 -7.96
CA GLY D 730 -1.48 29.35 -6.90
C GLY D 730 -2.19 28.06 -7.24
N ALA D 731 -2.50 27.82 -8.51
CA ALA D 731 -3.22 26.62 -8.90
C ALA D 731 -2.35 25.37 -8.70
N ARG D 732 -1.14 25.39 -9.24
CA ARG D 732 -0.22 24.27 -9.10
C ARG D 732 1.20 24.80 -9.02
N GLY D 733 1.94 24.32 -8.02
CA GLY D 733 3.30 24.77 -7.77
C GLY D 733 3.39 25.69 -6.56
N SER D 734 4.63 25.95 -6.16
CA SER D 734 4.91 26.79 -5.01
C SER D 734 6.02 27.78 -5.38
N ALA D 735 6.34 28.66 -4.43
CA ALA D 735 7.41 29.63 -4.66
C ALA D 735 8.79 29.03 -4.46
N ALA D 736 8.91 27.97 -3.64
CA ALA D 736 10.19 27.34 -3.42
C ALA D 736 10.62 26.45 -4.58
N GLN D 737 9.65 25.94 -5.35
CA GLN D 737 9.97 25.09 -6.48
C GLN D 737 10.51 25.87 -7.67
N ILE D 738 10.27 27.19 -7.73
CA ILE D 738 10.84 27.99 -8.80
C ILE D 738 12.33 28.16 -8.61
N ARG D 739 12.81 28.16 -7.36
CA ARG D 739 14.23 28.28 -7.08
C ARG D 739 15.03 27.06 -7.52
N GLN D 740 14.36 25.96 -7.87
CA GLN D 740 15.05 24.75 -8.31
C GLN D 740 15.14 24.63 -9.83
N LEU D 741 14.30 25.35 -10.57
CA LEU D 741 14.30 25.28 -12.02
C LEU D 741 15.18 26.37 -12.65
N ALA D 742 14.89 27.63 -12.34
CA ALA D 742 15.61 28.75 -12.91
C ALA D 742 16.64 29.36 -11.96
N GLY D 743 16.79 28.80 -10.75
CA GLY D 743 17.75 29.30 -9.79
C GLY D 743 18.57 28.17 -9.20
N MET D 744 19.53 28.54 -8.35
CA MET D 744 20.37 27.57 -7.69
C MET D 744 19.60 26.82 -6.62
N ARG D 745 19.95 25.55 -6.43
CA ARG D 745 19.27 24.72 -5.44
C ARG D 745 19.72 25.06 -4.03
N GLY D 746 21.01 25.35 -3.84
CA GLY D 746 21.53 25.69 -2.54
C GLY D 746 22.12 24.50 -1.81
N LEU D 747 22.25 24.66 -0.50
CA LEU D 747 22.83 23.61 0.33
C LEU D 747 21.84 22.47 0.50
N MET D 748 22.37 21.24 0.54
CA MET D 748 21.57 20.05 0.74
C MET D 748 21.90 19.42 2.09
N ALA D 749 21.01 18.56 2.55
CA ALA D 749 21.14 17.91 3.85
C ALA D 749 21.60 16.47 3.69
N LYS D 750 22.55 16.06 4.54
CA LYS D 750 23.04 14.69 4.53
C LYS D 750 22.11 13.80 5.36
N PRO D 751 22.08 12.50 5.06
CA PRO D 751 21.24 11.58 5.85
C PRO D 751 21.62 11.53 7.33
N ASP D 752 22.88 11.81 7.66
CA ASP D 752 23.30 11.79 9.06
C ASP D 752 22.76 12.99 9.84
N GLY D 753 22.37 14.06 9.16
CA GLY D 753 21.85 15.25 9.80
C GLY D 753 22.63 16.51 9.55
N SER D 754 23.83 16.42 8.98
CA SER D 754 24.63 17.60 8.71
C SER D 754 24.32 18.14 7.31
N ILE D 755 24.90 19.30 7.00
CA ILE D 755 24.73 19.97 5.72
C ILE D 755 26.07 20.04 5.02
N ILE D 756 26.07 19.76 3.72
CA ILE D 756 27.30 19.82 2.94
C ILE D 756 27.73 21.27 2.78
N GLU D 757 29.04 21.52 2.92
CA GLU D 757 29.54 22.89 2.85
C GLU D 757 29.39 23.46 1.44
N THR D 758 29.63 22.64 0.41
CA THR D 758 29.53 23.16 -0.95
C THR D 758 28.13 22.91 -1.49
N PRO D 759 27.48 23.91 -2.08
CA PRO D 759 26.13 23.71 -2.62
C PRO D 759 26.14 23.23 -4.07
N ILE D 760 24.96 23.05 -4.65
CA ILE D 760 24.81 22.71 -6.05
C ILE D 760 24.63 24.00 -6.84
N THR D 761 25.60 24.30 -7.71
CA THR D 761 25.57 25.57 -8.43
C THR D 761 24.58 25.54 -9.59
N ALA D 762 24.58 24.47 -10.36
CA ALA D 762 23.73 24.39 -11.54
C ALA D 762 22.27 24.14 -11.14
N ASN D 763 21.39 24.21 -12.13
CA ASN D 763 19.97 23.97 -11.93
C ASN D 763 19.45 22.90 -12.87
N PHE D 764 18.13 22.72 -12.92
CA PHE D 764 17.57 21.65 -13.74
C PHE D 764 17.61 21.99 -15.23
N ARG D 765 17.59 23.27 -15.58
CA ARG D 765 17.61 23.64 -17.00
C ARG D 765 19.00 23.48 -17.60
N GLU D 766 20.03 23.97 -16.91
CA GLU D 766 21.39 23.85 -17.43
C GLU D 766 21.92 22.43 -17.34
N GLY D 767 21.34 21.59 -16.48
CA GLY D 767 21.77 20.21 -16.36
C GLY D 767 22.67 19.97 -15.17
N LEU D 768 22.44 18.88 -14.46
CA LEU D 768 23.24 18.53 -13.30
C LEU D 768 24.39 17.60 -13.70
N ASN D 769 25.40 17.54 -12.84
CA ASN D 769 26.56 16.71 -13.08
C ASN D 769 26.33 15.31 -12.50
N VAL D 770 27.35 14.45 -12.63
CA VAL D 770 27.24 13.11 -12.09
C VAL D 770 27.37 13.11 -10.58
N LEU D 771 28.17 14.03 -10.02
CA LEU D 771 28.32 14.13 -8.58
C LEU D 771 27.26 15.02 -7.94
N GLN D 772 26.78 16.03 -8.66
CA GLN D 772 25.75 16.89 -8.09
C GLN D 772 24.40 16.18 -8.05
N TYR D 773 24.14 15.26 -8.99
CA TYR D 773 22.90 14.52 -8.97
C TYR D 773 22.88 13.47 -7.86
N PHE D 774 24.06 12.97 -7.47
CA PHE D 774 24.14 12.00 -6.39
C PHE D 774 23.82 12.61 -5.04
N ILE D 775 23.98 13.92 -4.89
CA ILE D 775 23.66 14.56 -3.62
C ILE D 775 22.16 14.70 -3.44
N SER D 776 21.43 15.01 -4.51
CA SER D 776 19.98 15.16 -4.43
C SER D 776 19.26 13.84 -4.18
N THR D 777 19.95 12.70 -4.27
CA THR D 777 19.33 11.42 -4.01
C THR D 777 19.17 11.16 -2.51
N HIS D 778 20.04 11.76 -1.69
CA HIS D 778 19.94 11.56 -0.24
C HIS D 778 18.63 12.11 0.31
N GLY D 779 18.23 13.30 -0.15
CA GLY D 779 16.97 13.88 0.31
C GLY D 779 15.74 13.31 -0.38
N ALA D 780 15.90 12.74 -1.57
CA ALA D 780 14.75 12.19 -2.29
C ALA D 780 14.37 10.82 -1.76
N ARG D 781 15.36 9.95 -1.53
CA ARG D 781 15.06 8.62 -1.01
C ARG D 781 14.51 8.69 0.41
N LYS D 782 15.01 9.65 1.21
CA LYS D 782 14.46 9.83 2.55
C LYS D 782 13.03 10.33 2.52
N GLY D 783 12.67 11.11 1.49
CA GLY D 783 11.30 11.55 1.35
C GLY D 783 10.37 10.44 0.88
N LEU D 784 10.86 9.58 -0.01
CA LEU D 784 10.06 8.45 -0.47
C LEU D 784 9.96 7.35 0.59
N ALA D 785 10.90 7.31 1.54
CA ALA D 785 10.83 6.33 2.62
C ALA D 785 9.89 6.77 3.74
N ASP D 786 9.64 8.08 3.86
CA ASP D 786 8.74 8.55 4.90
C ASP D 786 7.27 8.40 4.51
N THR D 787 6.94 8.57 3.23
CA THR D 787 5.56 8.42 2.79
C THR D 787 5.08 6.98 2.89
N ALA D 788 5.98 6.02 3.05
CA ALA D 788 5.60 4.63 3.27
C ALA D 788 5.39 4.30 4.74
N LEU D 789 5.90 5.14 5.64
CA LEU D 789 5.72 4.92 7.07
C LEU D 789 4.59 5.76 7.67
N LYS D 790 4.33 6.94 7.11
CA LYS D 790 3.24 7.77 7.61
C LYS D 790 1.88 7.12 7.37
N THR D 791 1.78 6.25 6.37
CA THR D 791 0.51 5.56 6.12
C THR D 791 0.18 4.57 7.23
N ALA D 792 1.19 4.09 7.94
CA ALA D 792 0.98 3.15 9.04
C ALA D 792 0.81 3.84 10.38
N ASN D 793 1.48 4.98 10.59
CA ASN D 793 1.37 5.69 11.86
C ASN D 793 0.09 6.54 11.92
N SER D 794 -0.25 7.21 10.83
CA SER D 794 -1.48 8.00 10.80
C SER D 794 -2.71 7.10 10.88
N GLY D 795 -2.64 5.93 10.23
CA GLY D 795 -3.74 4.98 10.34
C GLY D 795 -3.84 4.38 11.73
N TYR D 796 -2.73 4.30 12.46
CA TYR D 796 -2.77 3.81 13.83
C TYR D 796 -3.17 4.90 14.81
N LEU D 797 -2.93 6.16 14.47
CA LEU D 797 -3.30 7.26 15.35
C LEU D 797 -4.81 7.51 15.34
N THR D 798 -5.43 7.40 14.16
CA THR D 798 -6.87 7.63 14.06
C THR D 798 -7.68 6.50 14.67
N ARG D 799 -7.06 5.33 14.90
CA ARG D 799 -7.79 4.22 15.51
C ARG D 799 -7.85 4.36 17.03
N ARG D 800 -6.83 4.95 17.64
CA ARG D 800 -6.84 5.14 19.09
C ARG D 800 -7.70 6.33 19.51
N LEU D 801 -7.84 7.33 18.63
CA LEU D 801 -8.65 8.49 18.97
C LEU D 801 -10.14 8.24 18.77
N VAL D 802 -10.50 7.37 17.82
CA VAL D 802 -11.90 7.08 17.57
C VAL D 802 -12.46 6.05 18.56
N ASP D 803 -11.59 5.23 19.16
CA ASP D 803 -12.05 4.24 20.14
C ASP D 803 -12.36 4.84 21.50
N VAL D 804 -12.01 6.10 21.73
CA VAL D 804 -12.27 6.78 22.99
C VAL D 804 -13.31 7.88 22.86
N ALA D 805 -13.87 8.08 21.67
CA ALA D 805 -14.85 9.13 21.43
C ALA D 805 -16.06 8.56 20.70
N GLN D 806 -16.43 7.32 21.00
CA GLN D 806 -17.60 6.69 20.38
C GLN D 806 -18.86 6.86 21.20
N ASP D 807 -18.74 6.78 22.53
CA ASP D 807 -19.90 6.91 23.41
C ASP D 807 -20.33 8.36 23.63
N LEU D 808 -19.73 9.30 22.91
CA LEU D 808 -20.06 10.72 23.05
C LEU D 808 -20.98 11.12 21.90
N VAL D 809 -22.29 11.13 22.16
CA VAL D 809 -23.29 11.49 21.18
C VAL D 809 -24.15 12.61 21.76
N VAL D 810 -24.41 13.64 20.95
CA VAL D 810 -25.22 14.76 21.41
C VAL D 810 -26.67 14.31 21.55
N THR D 811 -27.17 14.32 22.78
CA THR D 811 -28.54 13.90 23.06
C THR D 811 -29.38 14.97 23.76
N GLU D 812 -28.77 15.94 24.42
CA GLU D 812 -29.50 16.97 25.15
C GLU D 812 -29.56 18.26 24.34
N ILE D 813 -30.57 19.07 24.64
CA ILE D 813 -30.75 20.35 23.98
C ILE D 813 -30.59 21.54 24.92
N ASP D 814 -30.65 21.34 26.24
CA ASP D 814 -30.49 22.43 27.19
C ASP D 814 -29.91 21.84 28.47
N CYS D 815 -28.66 22.21 28.79
CA CYS D 815 -28.00 21.70 29.99
C CYS D 815 -28.24 22.62 31.19
N GLY D 816 -27.86 23.89 31.06
CA GLY D 816 -28.05 24.85 32.13
C GLY D 816 -26.81 25.21 32.93
N THR D 817 -25.62 24.93 32.41
CA THR D 817 -24.40 25.24 33.13
C THR D 817 -23.98 26.69 32.88
N GLU D 818 -23.13 27.20 33.76
CA GLU D 818 -22.64 28.58 33.69
C GLU D 818 -21.13 28.62 33.74
N HIS D 819 -20.46 27.61 33.20
CA HIS D 819 -19.01 27.52 33.19
C HIS D 819 -18.50 27.55 31.75
N GLY D 820 -17.22 27.88 31.61
CA GLY D 820 -16.62 27.93 30.29
C GLY D 820 -15.14 28.25 30.38
N LEU D 821 -14.55 28.53 29.22
CA LEU D 821 -13.15 28.85 29.11
C LEU D 821 -12.97 30.23 28.51
N LEU D 822 -11.91 30.93 28.94
CA LEU D 822 -11.61 32.25 28.43
C LEU D 822 -10.91 32.14 27.08
N MET D 823 -11.40 32.88 26.09
CA MET D 823 -10.83 32.88 24.74
C MET D 823 -10.10 34.19 24.51
N SER D 824 -8.86 34.09 24.02
CA SER D 824 -8.02 35.24 23.73
C SER D 824 -7.28 34.98 22.43
N PRO D 825 -7.05 36.03 21.62
CA PRO D 825 -6.32 35.85 20.36
C PRO D 825 -4.87 35.47 20.61
N HIS D 826 -4.22 35.02 19.54
CA HIS D 826 -2.82 34.59 19.60
C HIS D 826 -1.93 35.82 19.71
N ILE D 827 -1.80 36.33 20.94
CA ILE D 827 -0.99 37.52 21.19
C ILE D 827 0.47 37.20 21.43
N GLU D 828 0.84 35.92 21.52
CA GLU D 828 2.23 35.55 21.75
C GLU D 828 3.06 35.77 20.49
N GLY D 829 4.28 36.26 20.68
CA GLY D 829 5.17 36.53 19.58
C GLY D 829 5.20 38.00 19.20
N GLY D 830 5.81 38.27 18.05
CA GLY D 830 5.93 39.63 17.57
C GLY D 830 4.64 40.17 16.98
N ASP D 831 3.89 39.31 16.29
CA ASP D 831 2.63 39.71 15.68
C ASP D 831 1.57 38.66 15.97
N VAL D 832 0.32 38.99 15.65
CA VAL D 832 -0.80 38.09 15.88
C VAL D 832 -0.80 37.01 14.81
N VAL D 833 -1.08 35.77 15.21
CA VAL D 833 -1.12 34.63 14.30
C VAL D 833 -2.55 34.24 13.97
N GLU D 834 -3.39 34.11 14.99
CA GLU D 834 -4.80 33.74 14.80
C GLU D 834 -5.68 34.80 15.46
N PRO D 835 -6.53 35.49 14.69
CA PRO D 835 -7.37 36.53 15.29
C PRO D 835 -8.45 35.93 16.20
N LEU D 836 -9.18 36.83 16.86
CA LEU D 836 -10.25 36.41 17.76
C LEU D 836 -11.48 35.95 16.98
N GLY D 837 -11.78 36.60 15.85
CA GLY D 837 -12.94 36.23 15.07
C GLY D 837 -12.88 34.85 14.46
N GLU D 838 -11.67 34.33 14.25
CA GLU D 838 -11.50 32.99 13.70
C GLU D 838 -11.47 31.90 14.76
N ARG D 839 -11.51 32.27 16.04
CA ARG D 839 -11.49 31.31 17.14
C ARG D 839 -12.86 31.11 17.78
N VAL D 840 -13.65 32.17 17.90
CA VAL D 840 -14.97 32.09 18.49
C VAL D 840 -16.08 32.02 17.43
N LEU D 841 -15.72 31.75 16.18
CA LEU D 841 -16.70 31.67 15.11
C LEU D 841 -17.50 30.38 15.26
N GLY D 842 -18.77 30.50 15.65
CA GLY D 842 -19.64 29.37 15.84
C GLY D 842 -19.78 28.92 17.28
N ARG D 843 -18.94 29.41 18.18
CA ARG D 843 -19.03 29.05 19.59
C ARG D 843 -19.94 30.04 20.32
N VAL D 844 -20.89 29.51 21.09
CA VAL D 844 -21.80 30.38 21.82
C VAL D 844 -21.07 31.03 22.99
N ILE D 845 -21.68 32.10 23.51
CA ILE D 845 -21.10 32.86 24.61
C ILE D 845 -21.51 32.21 25.92
N ALA D 846 -20.62 32.28 26.91
CA ALA D 846 -20.88 31.71 28.22
C ALA D 846 -21.57 32.69 29.16
N ARG D 847 -20.96 33.86 29.36
CA ARG D 847 -21.51 34.90 30.22
C ARG D 847 -21.76 36.17 29.39
N ASP D 848 -22.15 37.23 30.09
CA ASP D 848 -22.47 38.49 29.42
C ASP D 848 -21.19 39.21 29.00
N VAL D 849 -21.21 39.74 27.80
CA VAL D 849 -20.07 40.52 27.29
C VAL D 849 -20.21 41.96 27.77
N PHE D 850 -19.15 42.48 28.37
CA PHE D 850 -19.15 43.81 28.97
C PHE D 850 -18.32 44.77 28.13
N LYS D 851 -18.81 46.00 28.01
CA LYS D 851 -18.10 47.06 27.32
C LYS D 851 -16.96 47.56 28.21
N PRO D 852 -16.03 48.34 27.65
CA PRO D 852 -15.01 48.98 28.50
C PRO D 852 -15.60 49.81 29.62
N GLY D 853 -16.79 50.39 29.42
CA GLY D 853 -17.48 51.08 30.48
C GLY D 853 -18.42 50.16 31.24
N SER D 854 -18.63 50.48 32.52
CA SER D 854 -19.47 49.66 33.36
C SER D 854 -20.95 49.87 33.02
N ASP D 855 -21.79 48.96 33.54
CA ASP D 855 -23.23 49.01 33.34
C ASP D 855 -23.60 48.96 31.86
N GLU D 856 -22.90 48.13 31.09
CA GLU D 856 -23.15 47.98 29.68
C GLU D 856 -23.05 46.50 29.30
N VAL D 857 -23.92 46.07 28.40
CA VAL D 857 -23.95 44.69 27.92
C VAL D 857 -24.00 44.69 26.40
N ILE D 858 -23.25 43.78 25.77
CA ILE D 858 -23.20 43.67 24.32
C ILE D 858 -24.05 42.49 23.88
N VAL D 859 -23.74 41.31 24.40
CA VAL D 859 -24.47 40.08 24.11
C VAL D 859 -25.27 39.72 25.35
N PRO D 860 -26.60 39.58 25.26
CA PRO D 860 -27.39 39.38 26.48
C PRO D 860 -27.22 38.00 27.09
N ALA D 861 -27.23 36.95 26.28
CA ALA D 861 -27.16 35.58 26.78
C ALA D 861 -26.30 34.75 25.84
N GLY D 862 -26.36 33.44 25.98
CA GLY D 862 -25.57 32.54 25.16
C GLY D 862 -26.13 32.35 23.76
N THR D 863 -26.01 33.37 22.93
CA THR D 863 -26.46 33.30 21.55
C THR D 863 -25.36 32.80 20.65
N LEU D 864 -25.75 32.14 19.56
CA LEU D 864 -24.79 31.58 18.62
C LEU D 864 -24.11 32.70 17.83
N ILE D 865 -22.79 32.69 17.80
CA ILE D 865 -22.03 33.70 17.08
C ILE D 865 -21.94 33.31 15.62
N ASP D 866 -22.40 34.18 14.74
CA ASP D 866 -22.38 33.96 13.30
C ASP D 866 -21.50 35.02 12.63
N GLU D 867 -21.52 35.03 11.30
CA GLU D 867 -20.71 36.00 10.56
C GLU D 867 -21.19 37.42 10.79
N LYS D 868 -22.45 37.60 11.17
CA LYS D 868 -22.95 38.94 11.47
C LYS D 868 -22.40 39.47 12.78
N TRP D 869 -22.21 38.57 13.76
CA TRP D 869 -21.69 38.99 15.06
C TRP D 869 -20.17 39.13 15.07
N VAL D 870 -19.48 38.53 14.10
CA VAL D 870 -18.02 38.67 14.05
C VAL D 870 -17.63 40.11 13.74
N ASP D 871 -18.27 40.70 12.73
CA ASP D 871 -18.00 42.10 12.41
C ASP D 871 -18.51 43.05 13.49
N PHE D 872 -19.54 42.62 14.24
CA PHE D 872 -20.05 43.46 15.33
C PHE D 872 -19.07 43.49 16.50
N LEU D 873 -18.36 42.40 16.74
CA LEU D 873 -17.38 42.37 17.82
C LEU D 873 -16.02 42.92 17.39
N GLU D 874 -15.73 42.92 16.09
CA GLU D 874 -14.46 43.47 15.61
C GLU D 874 -14.47 44.99 15.61
N VAL D 875 -15.65 45.62 15.52
CA VAL D 875 -15.70 47.08 15.56
C VAL D 875 -15.46 47.58 16.98
N MET D 876 -15.86 46.81 17.99
CA MET D 876 -15.62 47.19 19.37
C MET D 876 -14.20 46.79 19.80
N SER D 877 -13.82 47.24 20.99
CA SER D 877 -12.51 46.95 21.55
C SER D 877 -12.51 45.71 22.45
N VAL D 878 -13.54 44.87 22.34
CA VAL D 878 -13.62 43.67 23.16
C VAL D 878 -12.68 42.61 22.60
N ASP D 879 -11.90 41.99 23.49
CA ASP D 879 -10.95 40.97 23.09
C ASP D 879 -10.99 39.71 23.95
N GLU D 880 -11.48 39.77 25.18
CA GLU D 880 -11.53 38.62 26.08
C GLU D 880 -12.99 38.27 26.34
N VAL D 881 -13.51 37.30 25.61
CA VAL D 881 -14.89 36.84 25.75
C VAL D 881 -14.85 35.37 26.13
N VAL D 882 -15.69 34.98 27.10
CA VAL D 882 -15.76 33.61 27.57
C VAL D 882 -16.81 32.86 26.76
N VAL D 883 -16.48 31.62 26.36
CA VAL D 883 -17.37 30.78 25.58
C VAL D 883 -17.60 29.48 26.35
N ARG D 884 -18.51 28.67 25.82
CA ARG D 884 -18.84 27.37 26.39
C ARG D 884 -18.09 26.29 25.63
N SER D 885 -17.27 25.52 26.34
CA SER D 885 -16.40 24.51 25.76
C SER D 885 -16.91 23.11 26.10
N PRO D 886 -16.60 22.11 25.26
CA PRO D 886 -17.00 20.74 25.59
C PRO D 886 -16.37 20.20 26.86
N ILE D 887 -15.25 20.80 27.32
CA ILE D 887 -14.69 20.40 28.60
C ILE D 887 -15.61 20.77 29.75
N THR D 888 -16.50 21.74 29.54
CA THR D 888 -17.55 22.08 30.49
C THR D 888 -18.76 21.19 30.23
N CYS D 889 -19.93 21.54 30.78
CA CYS D 889 -21.17 20.80 30.58
C CYS D 889 -21.02 19.35 31.06
N GLU D 890 -20.89 19.24 32.38
CA GLU D 890 -20.61 17.99 33.09
C GLU D 890 -21.79 17.01 33.06
N THR D 891 -22.86 17.25 32.30
CA THR D 891 -23.96 16.30 32.22
C THR D 891 -23.46 14.94 31.73
N ARG D 892 -24.17 13.89 32.13
CA ARG D 892 -23.78 12.52 31.84
C ARG D 892 -24.46 12.02 30.58
N HIS D 893 -23.84 11.00 29.97
CA HIS D 893 -24.37 10.31 28.80
C HIS D 893 -24.56 11.27 27.62
N GLY D 894 -23.44 11.84 27.19
CA GLY D 894 -23.41 12.71 26.02
C GLY D 894 -23.02 14.12 26.38
N ILE D 895 -23.07 15.00 25.38
CA ILE D 895 -22.76 16.41 25.53
C ILE D 895 -23.91 17.22 24.96
N CYS D 896 -24.33 18.26 25.68
CA CYS D 896 -25.44 19.09 25.23
C CYS D 896 -25.06 19.83 23.96
N ALA D 897 -26.08 20.15 23.16
CA ALA D 897 -25.87 20.86 21.91
C ALA D 897 -25.64 22.36 22.11
N MET D 898 -26.01 22.90 23.27
CA MET D 898 -25.82 24.33 23.53
C MET D 898 -24.34 24.65 23.72
N CYS D 899 -23.67 23.91 24.59
CA CYS D 899 -22.24 24.15 24.81
C CYS D 899 -21.41 23.80 23.59
N TYR D 900 -21.89 22.87 22.77
CA TYR D 900 -21.20 22.54 21.53
C TYR D 900 -21.42 23.64 20.50
N GLY D 901 -20.39 23.88 19.69
CA GLY D 901 -20.45 24.93 18.70
C GLY D 901 -21.36 24.57 17.54
N ARG D 902 -21.27 25.39 16.49
CA ARG D 902 -22.06 25.16 15.29
C ARG D 902 -21.50 23.96 14.52
N ASP D 903 -22.30 23.47 13.57
CA ASP D 903 -21.87 22.37 12.73
C ASP D 903 -20.81 22.84 11.74
N LEU D 904 -19.87 21.94 11.43
CA LEU D 904 -18.80 22.29 10.50
C LEU D 904 -19.24 22.14 9.05
N ALA D 905 -20.13 21.20 8.76
CA ALA D 905 -20.63 21.01 7.40
C ALA D 905 -21.88 21.82 7.13
N ARG D 906 -22.75 21.96 8.12
CA ARG D 906 -23.99 22.73 7.98
C ARG D 906 -23.83 24.09 8.65
N GLY D 907 -24.44 25.11 8.06
CA GLY D 907 -24.33 26.46 8.59
C GLY D 907 -25.16 26.71 9.84
N HIS D 908 -26.16 25.88 10.09
CA HIS D 908 -27.02 26.05 11.25
C HIS D 908 -26.39 25.37 12.47
N ARG D 909 -27.16 25.28 13.56
CA ARG D 909 -26.68 24.68 14.78
C ARG D 909 -26.67 23.15 14.67
N VAL D 910 -25.92 22.51 15.57
CA VAL D 910 -25.84 21.06 15.58
C VAL D 910 -27.17 20.49 16.07
N ASN D 911 -27.75 19.58 15.28
CA ASN D 911 -29.02 18.97 15.64
C ASN D 911 -28.82 17.87 16.67
N ILE D 912 -29.94 17.35 17.18
CA ILE D 912 -29.91 16.31 18.19
C ILE D 912 -29.76 14.96 17.49
N GLY D 913 -28.66 14.25 17.79
CA GLY D 913 -28.40 12.95 17.22
C GLY D 913 -27.12 12.84 16.41
N GLU D 914 -26.48 13.95 16.07
CA GLU D 914 -25.24 13.90 15.30
C GLU D 914 -24.09 13.44 16.19
N ALA D 915 -23.39 12.40 15.76
CA ALA D 915 -22.26 11.84 16.52
C ALA D 915 -21.06 12.76 16.32
N VAL D 916 -20.90 13.72 17.24
CA VAL D 916 -19.77 14.64 17.17
C VAL D 916 -18.47 14.02 17.64
N GLY D 917 -18.52 12.83 18.25
CA GLY D 917 -17.30 12.19 18.71
C GLY D 917 -16.53 11.52 17.60
N VAL D 918 -17.22 11.04 16.57
CA VAL D 918 -16.53 10.40 15.45
C VAL D 918 -15.96 11.43 14.49
N ILE D 919 -16.71 12.51 14.23
CA ILE D 919 -16.22 13.55 13.34
C ILE D 919 -15.10 14.36 13.98
N ALA D 920 -14.93 14.25 15.30
CA ALA D 920 -13.83 14.94 15.97
C ALA D 920 -12.54 14.15 15.91
N ALA D 921 -12.63 12.82 15.95
CA ALA D 921 -11.43 11.98 15.85
C ALA D 921 -10.93 11.88 14.42
N GLN D 922 -11.82 11.99 13.44
CA GLN D 922 -11.41 11.91 12.04
C GLN D 922 -10.77 13.21 11.56
N SER D 923 -11.15 14.34 12.14
CA SER D 923 -10.57 15.62 11.75
C SER D 923 -9.12 15.75 12.20
N ILE D 924 -8.69 14.95 13.16
CA ILE D 924 -7.30 14.98 13.60
C ILE D 924 -6.42 14.04 12.79
N GLY D 925 -6.94 12.83 12.48
CA GLY D 925 -6.19 11.88 11.68
C GLY D 925 -6.25 12.12 10.19
N GLU D 926 -7.07 13.07 9.73
CA GLU D 926 -7.12 13.35 8.29
C GLU D 926 -5.86 14.03 7.77
N PRO D 927 -5.37 15.13 8.38
CA PRO D 927 -4.14 15.75 7.88
C PRO D 927 -2.86 15.07 8.33
N GLY D 928 -2.93 13.87 8.90
CA GLY D 928 -1.73 13.17 9.33
C GLY D 928 -0.84 12.71 8.20
N THR D 929 -1.42 12.48 7.02
CA THR D 929 -0.61 12.06 5.87
C THR D 929 0.25 13.18 5.32
N GLN D 930 -0.10 14.43 5.60
CA GLN D 930 0.68 15.57 5.12
C GLN D 930 1.75 16.00 6.12
N LEU D 931 1.52 15.79 7.42
CA LEU D 931 2.48 16.17 8.42
C LEU D 931 3.57 15.10 8.55
N THR D 932 4.82 15.55 8.62
CA THR D 932 5.95 14.65 8.74
C THR D 932 6.04 14.04 10.13
N ALA D 947 19.32 33.13 21.75
CA ALA D 947 19.44 34.57 22.01
C ALA D 947 18.66 34.97 23.26
N ALA D 948 17.53 35.66 23.05
CA ALA D 948 16.67 36.12 24.13
C ALA D 948 17.45 37.00 25.12
N ASP D 949 18.16 37.99 24.59
CA ASP D 949 18.95 38.89 25.41
C ASP D 949 18.17 40.14 25.79
N ASN D 950 17.66 40.86 24.80
CA ASN D 950 16.91 42.09 25.01
C ASN D 950 15.51 41.94 24.43
N VAL D 951 14.63 42.88 24.78
CA VAL D 951 13.26 42.89 24.33
C VAL D 951 13.08 44.11 23.44
N GLN D 952 12.90 43.87 22.14
CA GLN D 952 12.68 44.93 21.16
C GLN D 952 11.26 44.80 20.61
N VAL D 953 10.44 45.80 20.89
CA VAL D 953 9.06 45.79 20.42
C VAL D 953 9.01 46.24 18.97
N LYS D 954 8.04 45.71 18.23
CA LYS D 954 7.84 46.07 16.82
C LYS D 954 6.67 47.02 16.61
N ASN D 955 5.85 47.25 17.63
CA ASN D 955 4.72 48.17 17.55
C ASN D 955 4.90 49.28 18.58
N GLY D 956 3.95 50.19 18.61
CA GLY D 956 3.98 51.30 19.55
C GLY D 956 2.69 51.42 20.33
N GLY D 957 2.82 51.67 21.62
CA GLY D 957 1.66 51.80 22.47
C GLY D 957 2.06 51.95 23.92
N THR D 958 1.04 52.00 24.78
CA THR D 958 1.27 52.14 26.21
C THR D 958 1.66 50.80 26.81
N ILE D 959 2.72 50.79 27.61
CA ILE D 959 3.21 49.57 28.24
C ILE D 959 2.36 49.27 29.47
N ARG D 960 1.81 48.07 29.52
CA ARG D 960 0.98 47.62 30.64
C ARG D 960 1.55 46.32 31.18
N LEU D 961 1.91 46.32 32.47
CA LEU D 961 2.49 45.15 33.11
C LEU D 961 1.43 44.39 33.89
N HIS D 962 1.48 43.07 33.79
CA HIS D 962 0.53 42.19 34.47
C HIS D 962 1.30 41.09 35.18
N ASN D 963 0.89 40.80 36.42
CA ASN D 963 1.51 39.75 37.25
C ASN D 963 3.00 40.00 37.42
N LEU D 964 3.37 41.26 37.65
CA LEU D 964 4.77 41.65 37.84
C LEU D 964 4.85 42.56 39.06
N LYS D 965 5.69 42.19 40.02
CA LYS D 965 5.90 42.96 41.24
C LYS D 965 7.31 43.52 41.23
N HIS D 966 7.43 44.82 40.99
CA HIS D 966 8.73 45.50 40.97
C HIS D 966 8.68 46.69 41.89
N VAL D 967 9.68 46.79 42.78
CA VAL D 967 9.78 47.90 43.72
C VAL D 967 10.51 49.05 43.05
N VAL D 968 10.43 50.25 43.64
CA VAL D 968 11.10 51.40 43.05
C VAL D 968 12.61 51.28 43.27
N ARG D 969 13.35 51.98 42.41
CA ARG D 969 14.81 51.98 42.46
C ARG D 969 15.31 53.39 42.75
N ALA D 970 16.36 53.48 43.58
CA ALA D 970 16.93 54.78 43.91
C ALA D 970 17.60 55.42 42.71
N ASP D 971 18.15 54.63 41.79
CA ASP D 971 18.80 55.17 40.62
C ASP D 971 17.80 55.53 39.52
N GLY D 972 16.75 54.74 39.39
CA GLY D 972 15.72 54.98 38.39
C GLY D 972 15.67 53.96 37.26
N ALA D 973 16.39 52.86 37.35
CA ALA D 973 16.36 51.85 36.30
C ALA D 973 15.16 50.91 36.41
N LEU D 974 14.58 50.79 37.61
CA LEU D 974 13.41 49.92 37.85
C LEU D 974 13.72 48.47 37.44
N VAL D 975 14.69 47.90 38.13
CA VAL D 975 15.07 46.51 37.89
C VAL D 975 14.14 45.59 38.67
N ALA D 976 13.65 44.54 38.02
CA ALA D 976 12.75 43.58 38.62
C ALA D 976 13.42 42.22 38.64
N VAL D 977 13.58 41.66 39.84
CA VAL D 977 14.22 40.36 40.01
C VAL D 977 13.21 39.22 40.12
N SER D 978 11.94 39.51 39.86
CA SER D 978 10.90 38.49 39.94
C SER D 978 10.92 37.63 38.68
N ARG D 979 10.74 36.32 38.87
CA ARG D 979 10.71 35.38 37.76
C ARG D 979 9.34 35.28 37.10
N SER D 980 8.31 35.89 37.68
CA SER D 980 6.97 35.88 37.12
C SER D 980 6.63 37.29 36.63
N GLY D 981 6.42 37.42 35.32
CA GLY D 981 6.10 38.71 34.74
C GLY D 981 6.04 38.69 33.23
N GLU D 982 5.37 39.67 32.64
CA GLU D 982 5.23 39.75 31.19
C GLU D 982 5.06 41.21 30.80
N LEU D 983 5.70 41.59 29.69
CA LEU D 983 5.63 42.94 29.15
C LEU D 983 4.62 42.96 28.01
N ALA D 984 3.55 43.73 28.18
CA ALA D 984 2.48 43.83 27.20
C ALA D 984 2.28 45.29 26.82
N VAL D 985 2.25 45.57 25.52
CA VAL D 985 2.01 46.90 25.00
C VAL D 985 0.58 46.97 24.49
N ALA D 986 -0.17 47.98 24.94
CA ALA D 986 -1.56 48.16 24.56
C ALA D 986 -1.66 49.17 23.41
N ASP D 987 -2.55 48.88 22.48
CA ASP D 987 -2.77 49.76 21.33
C ASP D 987 -3.71 50.90 21.72
N ASP D 988 -4.15 51.67 20.73
CA ASP D 988 -5.06 52.78 21.01
C ASP D 988 -6.46 52.31 21.38
N PHE D 989 -6.84 51.09 20.99
CA PHE D 989 -8.17 50.58 21.34
C PHE D 989 -8.24 50.06 22.76
N GLY D 990 -7.11 49.68 23.35
CA GLY D 990 -7.08 49.17 24.72
C GLY D 990 -6.68 47.72 24.84
N ARG D 991 -6.61 46.98 23.73
CA ARG D 991 -6.24 45.58 23.77
C ARG D 991 -4.74 45.41 23.64
N GLU D 992 -4.22 44.34 24.23
CA GLU D 992 -2.78 44.04 24.19
C GLU D 992 -2.43 43.48 22.82
N ARG D 993 -1.68 44.25 22.03
CA ARG D 993 -1.32 43.81 20.69
C ARG D 993 -0.19 42.78 20.74
N GLU D 994 0.86 43.05 21.52
CA GLU D 994 2.00 42.17 21.65
C GLU D 994 2.32 41.94 23.12
N ARG D 995 2.52 40.68 23.50
CA ARG D 995 2.85 40.31 24.87
C ARG D 995 4.12 39.49 24.87
N TYR D 996 5.18 40.02 25.47
CA TYR D 996 6.47 39.36 25.53
C TYR D 996 6.68 38.75 26.91
N LYS D 997 7.76 37.97 27.03
CA LYS D 997 8.13 37.30 28.27
C LYS D 997 9.30 38.03 28.90
N LEU D 998 9.15 38.41 30.17
CA LEU D 998 10.19 39.13 30.89
C LEU D 998 10.93 38.18 31.81
N PRO D 999 12.23 38.01 31.66
CA PRO D 999 12.97 37.10 32.54
C PRO D 999 13.24 37.74 33.90
N TYR D 1000 13.78 36.93 34.80
CA TYR D 1000 14.11 37.40 36.14
C TYR D 1000 15.38 38.23 36.12
N GLY D 1001 15.41 39.29 36.93
CA GLY D 1001 16.58 40.15 36.99
C GLY D 1001 16.77 41.03 35.77
N ALA D 1002 15.69 41.45 35.14
CA ALA D 1002 15.76 42.30 33.95
C ALA D 1002 15.56 43.76 34.34
N VAL D 1003 16.36 44.64 33.74
CA VAL D 1003 16.29 46.07 33.98
C VAL D 1003 15.45 46.68 32.86
N ILE D 1004 14.28 47.20 33.21
CA ILE D 1004 13.37 47.80 32.24
C ILE D 1004 12.82 49.10 32.81
N SER D 1005 12.74 50.12 31.95
CA SER D 1005 12.22 51.43 32.33
C SER D 1005 10.76 51.52 31.92
N VAL D 1006 9.90 51.85 32.88
CA VAL D 1006 8.47 51.93 32.61
C VAL D 1006 8.17 53.20 31.82
N LYS D 1007 7.22 53.09 30.88
CA LYS D 1007 6.79 54.22 30.06
C LYS D 1007 5.27 54.23 29.96
N GLU D 1008 4.59 54.00 31.07
CA GLU D 1008 3.14 53.95 31.07
C GLU D 1008 2.56 55.35 30.80
N GLY D 1009 1.69 55.44 29.81
CA GLY D 1009 1.09 56.70 29.43
C GLY D 1009 1.83 57.48 28.36
N ASP D 1010 2.87 56.89 27.76
CA ASP D 1010 3.66 57.57 26.74
C ASP D 1010 3.76 56.68 25.51
N LYS D 1011 3.77 57.31 24.34
CA LYS D 1011 3.88 56.58 23.08
C LYS D 1011 5.31 56.11 22.87
N VAL D 1012 5.47 54.85 22.48
CA VAL D 1012 6.77 54.24 22.25
C VAL D 1012 7.00 54.13 20.75
N ASP D 1013 8.23 54.39 20.32
CA ASP D 1013 8.58 54.31 18.92
C ASP D 1013 8.82 52.87 18.50
N PRO D 1014 8.81 52.59 17.19
CA PRO D 1014 9.04 51.22 16.73
C PRO D 1014 10.52 50.87 16.81
N GLY D 1015 10.83 49.77 17.48
CA GLY D 1015 12.20 49.32 17.63
C GLY D 1015 12.93 49.86 18.83
N ALA D 1016 12.23 50.54 19.74
CA ALA D 1016 12.87 51.09 20.93
C ALA D 1016 13.18 49.98 21.93
N ILE D 1017 14.36 50.06 22.53
CA ILE D 1017 14.79 49.06 23.50
C ILE D 1017 14.10 49.33 24.83
N VAL D 1018 13.49 48.30 25.40
CA VAL D 1018 12.81 48.40 26.68
C VAL D 1018 13.52 47.65 27.79
N ALA D 1019 14.34 46.64 27.47
CA ALA D 1019 15.07 45.87 28.46
C ALA D 1019 16.47 45.60 27.95
N LYS D 1020 17.44 45.60 28.87
CA LYS D 1020 18.84 45.37 28.54
C LYS D 1020 19.44 44.32 29.47
N TRP D 1021 18.70 43.22 29.65
CA TRP D 1021 19.16 42.14 30.50
C TRP D 1021 20.23 41.31 29.79
N ASP D 1022 20.94 40.50 30.59
CA ASP D 1022 22.00 39.65 30.08
C ASP D 1022 21.71 38.21 30.49
N PRO D 1023 21.46 37.29 29.56
CA PRO D 1023 21.16 35.91 29.93
C PRO D 1023 22.38 35.08 30.28
N HIS D 1024 23.59 35.62 30.09
CA HIS D 1024 24.79 34.85 30.40
C HIS D 1024 25.03 34.73 31.89
N THR D 1025 24.66 35.76 32.66
CA THR D 1025 24.84 35.77 34.11
C THR D 1025 23.47 35.91 34.78
N HIS D 1026 23.28 35.14 35.85
CA HIS D 1026 22.02 35.19 36.58
C HIS D 1026 22.02 36.36 37.55
N PRO D 1027 21.15 37.35 37.36
CA PRO D 1027 21.14 38.51 38.27
C PRO D 1027 20.52 38.16 39.62
N ILE D 1028 21.14 38.67 40.67
CA ILE D 1028 20.66 38.49 42.04
C ILE D 1028 20.49 39.86 42.67
N VAL D 1029 19.27 40.15 43.13
CA VAL D 1029 18.95 41.44 43.72
C VAL D 1029 18.24 41.23 45.05
N THR D 1030 18.25 42.27 45.88
CA THR D 1030 17.62 42.24 47.19
C THR D 1030 16.81 43.53 47.37
N GLU D 1031 15.58 43.38 47.85
CA GLU D 1031 14.70 44.53 48.04
C GLU D 1031 15.16 45.42 49.19
N VAL D 1032 15.96 44.89 50.11
CA VAL D 1032 16.42 45.68 51.25
C VAL D 1032 17.49 46.67 50.78
N ASP D 1033 17.40 47.90 51.28
CA ASP D 1033 18.33 48.98 50.93
C ASP D 1033 19.10 49.37 52.18
N GLY D 1034 20.40 49.04 52.21
CA GLY D 1034 21.22 49.37 53.34
C GLY D 1034 22.54 48.62 53.28
N THR D 1035 23.26 48.68 54.40
CA THR D 1035 24.53 47.98 54.50
C THR D 1035 24.31 46.47 54.63
N VAL D 1036 25.07 45.70 53.87
CA VAL D 1036 24.95 44.25 53.84
C VAL D 1036 26.19 43.64 54.48
N ALA D 1037 25.99 42.60 55.29
CA ALA D 1037 27.07 41.91 55.97
C ALA D 1037 26.85 40.41 55.87
N PHE D 1038 27.90 39.67 55.52
CA PHE D 1038 27.80 38.22 55.39
C PHE D 1038 27.73 37.58 56.76
N VAL D 1039 26.77 36.68 56.94
CA VAL D 1039 26.58 35.95 58.20
C VAL D 1039 26.60 34.46 57.89
N GLY D 1040 27.32 33.70 58.71
CA GLY D 1040 27.42 32.27 58.50
C GLY D 1040 28.33 31.86 57.37
N MET D 1041 29.41 32.61 57.12
CA MET D 1041 30.36 32.31 56.06
C MET D 1041 31.71 31.96 56.68
N GLU D 1042 32.23 30.80 56.32
CA GLU D 1042 33.50 30.30 56.85
C GLU D 1042 34.54 30.28 55.75
N GLU D 1043 35.73 30.81 56.06
CA GLU D 1043 36.82 30.83 55.09
C GLU D 1043 37.44 29.45 54.96
N GLY D 1044 37.73 29.06 53.72
CA GLY D 1044 38.31 27.77 53.44
C GLY D 1044 37.32 26.62 53.31
N ILE D 1045 36.03 26.87 53.58
CA ILE D 1045 35.00 25.86 53.49
C ILE D 1045 33.89 26.28 52.53
N THR D 1046 33.34 27.48 52.75
CA THR D 1046 32.26 28.00 51.90
C THR D 1046 32.73 29.08 50.94
N VAL D 1047 33.72 29.88 51.31
CA VAL D 1047 34.24 30.95 50.48
C VAL D 1047 35.73 30.71 50.26
N LYS D 1048 36.20 30.98 49.05
CA LYS D 1048 37.60 30.79 48.68
C LYS D 1048 38.12 32.09 48.05
N ARG D 1049 39.21 32.61 48.61
CA ARG D 1049 39.82 33.84 48.11
C ARG D 1049 40.64 33.51 46.86
N GLN D 1050 39.95 33.48 45.72
CA GLN D 1050 40.56 33.19 44.44
C GLN D 1050 40.36 34.38 43.51
N THR D 1051 41.44 34.86 42.92
CA THR D 1051 41.42 36.00 42.01
C THR D 1051 41.92 35.57 40.63
N ASP D 1052 41.72 36.46 39.65
CA ASP D 1052 42.14 36.19 38.29
C ASP D 1052 43.59 36.63 38.09
N GLU D 1053 44.10 36.44 36.88
CA GLU D 1053 45.46 36.81 36.57
C GLU D 1053 45.56 38.28 36.18
N LEU D 1054 46.67 38.90 36.55
CA LEU D 1054 46.94 40.31 36.27
C LEU D 1054 45.84 41.22 36.82
N THR D 1055 45.34 40.87 38.02
CA THR D 1055 44.30 41.62 38.70
C THR D 1055 43.06 41.78 37.82
N GLY D 1056 42.68 40.70 37.15
CA GLY D 1056 41.51 40.76 36.27
C GLY D 1056 40.21 40.83 37.06
N LEU D 1057 40.08 39.99 38.09
CA LEU D 1057 38.88 39.98 38.93
C LEU D 1057 39.31 39.76 40.37
N THR D 1058 39.06 40.75 41.23
CA THR D 1058 39.40 40.69 42.64
C THR D 1058 38.10 40.69 43.43
N ASN D 1059 37.55 39.50 43.67
CA ASN D 1059 36.29 39.36 44.39
C ASN D 1059 36.41 38.16 45.32
N ILE D 1060 35.29 37.73 45.89
CA ILE D 1060 35.23 36.59 46.79
C ILE D 1060 34.39 35.52 46.11
N GLU D 1061 35.03 34.40 45.76
CA GLU D 1061 34.37 33.29 45.09
C GLU D 1061 33.94 32.26 46.14
N VAL D 1062 32.66 31.87 46.09
CA VAL D 1062 32.13 30.87 47.01
C VAL D 1062 32.57 29.49 46.58
N MET D 1063 32.43 28.52 47.47
CA MET D 1063 32.81 27.14 47.19
C MET D 1063 31.58 26.32 46.83
N ASP D 1064 31.83 25.21 46.14
CA ASP D 1064 30.76 24.32 45.71
C ASP D 1064 30.25 23.49 46.90
N PRO D 1065 29.08 22.87 46.75
CA PRO D 1065 28.54 22.06 47.86
C PRO D 1065 29.22 20.70 47.96
N LYS D 1066 29.68 20.18 46.83
CA LYS D 1066 30.32 18.87 46.81
C LYS D 1066 31.84 18.96 46.96
N ASP D 1067 32.45 20.07 46.54
CA ASP D 1067 33.88 20.27 46.64
C ASP D 1067 34.31 20.85 47.99
N ARG D 1068 33.36 21.19 48.86
CA ARG D 1068 33.68 21.76 50.15
C ARG D 1068 34.07 20.66 51.14
N PRO D 1069 34.55 21.04 52.32
CA PRO D 1069 34.95 20.06 53.32
C PRO D 1069 33.73 19.53 54.07
N ALA D 1070 34.00 18.62 55.01
CA ALA D 1070 32.91 18.03 55.79
C ALA D 1070 32.38 19.00 56.83
N ALA D 1071 33.21 19.93 57.30
CA ALA D 1071 32.76 20.89 58.31
C ALA D 1071 31.90 21.98 57.72
N GLY D 1072 32.18 22.39 56.48
CA GLY D 1072 31.41 23.44 55.83
C GLY D 1072 30.35 22.91 54.90
N LYS D 1073 29.91 21.67 55.12
CA LYS D 1073 28.89 21.08 54.27
C LYS D 1073 27.49 21.52 54.67
N ASP D 1074 27.22 21.62 55.98
CA ASP D 1074 25.91 22.02 56.48
C ASP D 1074 25.79 23.51 56.73
N ILE D 1075 26.85 24.28 56.48
CA ILE D 1075 26.83 25.72 56.67
C ILE D 1075 26.41 26.39 55.36
N ARG D 1076 25.48 27.33 55.46
CA ARG D 1076 24.96 28.04 54.30
C ARG D 1076 25.17 29.54 54.50
N PRO D 1077 25.89 30.23 53.61
CA PRO D 1077 26.08 31.67 53.77
C PRO D 1077 24.78 32.43 53.60
N ALA D 1078 24.63 33.50 54.39
CA ALA D 1078 23.44 34.34 54.35
C ALA D 1078 23.87 35.78 54.60
N VAL D 1079 23.90 36.58 53.55
CA VAL D 1079 24.30 37.98 53.64
C VAL D 1079 23.05 38.79 53.99
N LYS D 1080 22.88 39.09 55.27
CA LYS D 1080 21.73 39.86 55.73
C LYS D 1080 21.96 41.34 55.51
N LEU D 1081 20.90 42.06 55.15
CA LEU D 1081 20.95 43.49 54.89
C LEU D 1081 20.22 44.23 55.99
N ILE D 1082 20.91 45.20 56.61
CA ILE D 1082 20.36 46.01 57.68
C ILE D 1082 20.68 47.47 57.38
N ASP D 1083 20.27 48.34 58.31
CA ASP D 1083 20.52 49.77 58.15
C ASP D 1083 21.98 50.10 58.44
N ALA D 1084 22.41 51.26 57.95
CA ALA D 1084 23.79 51.69 58.14
C ALA D 1084 24.05 52.17 59.56
N ALA D 1085 23.00 52.59 60.29
CA ALA D 1085 23.18 53.06 61.65
C ALA D 1085 23.29 51.92 62.66
N GLY D 1086 22.89 50.71 62.28
CA GLY D 1086 22.95 49.55 63.16
C GLY D 1086 21.61 48.92 63.48
N LYS D 1087 20.51 49.38 62.89
CA LYS D 1087 19.20 48.81 63.15
C LYS D 1087 18.87 47.73 62.12
N ASP D 1088 18.14 46.71 62.57
CA ASP D 1088 17.75 45.61 61.71
C ASP D 1088 16.59 46.05 60.82
N LEU D 1089 16.80 46.00 59.51
CA LEU D 1089 15.79 46.39 58.53
C LEU D 1089 15.14 45.14 57.94
N LEU D 1090 13.81 45.14 57.91
CA LEU D 1090 13.04 44.03 57.38
C LEU D 1090 12.07 44.54 56.32
N LEU D 1091 11.73 43.65 55.39
CA LEU D 1091 10.81 44.02 54.31
C LEU D 1091 9.37 43.86 54.78
N PRO D 1092 8.47 44.73 54.33
CA PRO D 1092 7.06 44.61 54.73
C PRO D 1092 6.41 43.37 54.12
N GLY D 1093 5.52 42.75 54.89
CA GLY D 1093 4.84 41.56 54.42
C GLY D 1093 5.23 40.31 55.17
N THR D 1094 6.52 40.18 55.48
CA THR D 1094 7.04 39.02 56.19
C THR D 1094 7.97 39.49 57.31
N ASP D 1095 7.87 38.84 58.47
CA ASP D 1095 8.70 39.21 59.60
C ASP D 1095 10.17 38.86 59.39
N VAL D 1096 10.47 37.96 58.46
CA VAL D 1096 11.86 37.56 58.19
C VAL D 1096 12.55 38.68 57.43
N PRO D 1097 13.68 39.19 57.92
CA PRO D 1097 14.38 40.27 57.22
C PRO D 1097 14.94 39.79 55.89
N ALA D 1098 15.00 40.71 54.93
CA ALA D 1098 15.51 40.39 53.61
C ALA D 1098 17.02 40.23 53.65
N GLN D 1099 17.51 39.18 52.97
CA GLN D 1099 18.93 38.88 52.94
C GLN D 1099 19.34 38.57 51.51
N TYR D 1100 20.63 38.78 51.23
CA TYR D 1100 21.17 38.51 49.91
C TYR D 1100 21.56 37.04 49.77
N PHE D 1101 21.27 36.47 48.61
CA PHE D 1101 21.58 35.08 48.34
C PHE D 1101 23.05 34.92 47.94
N LEU D 1102 23.66 33.82 48.36
CA LEU D 1102 25.04 33.50 48.04
C LEU D 1102 25.13 32.06 47.57
N PRO D 1103 24.82 31.81 46.29
CA PRO D 1103 24.88 30.43 45.77
C PRO D 1103 26.31 29.95 45.59
N ALA D 1104 26.46 28.73 45.10
CA ALA D 1104 27.78 28.17 44.86
C ALA D 1104 28.39 28.74 43.58
N ASN D 1105 29.72 28.90 43.59
CA ASN D 1105 30.46 29.45 42.47
C ASN D 1105 29.94 30.84 42.09
N ALA D 1106 29.74 31.67 43.10
CA ALA D 1106 29.24 33.03 42.93
C ALA D 1106 30.38 34.02 43.13
N LEU D 1107 30.30 35.13 42.37
CA LEU D 1107 31.31 36.18 42.42
C LEU D 1107 30.63 37.48 42.83
N VAL D 1108 30.89 37.92 44.06
CA VAL D 1108 30.34 39.16 44.60
C VAL D 1108 31.39 40.25 44.42
N ASN D 1109 31.08 41.25 43.59
CA ASN D 1109 32.02 42.33 43.36
C ASN D 1109 32.03 43.32 44.52
N LEU D 1110 30.86 43.61 45.09
CA LEU D 1110 30.77 44.52 46.23
C LEU D 1110 31.16 43.78 47.50
N THR D 1111 32.18 44.30 48.20
CA THR D 1111 32.65 43.68 49.42
C THR D 1111 31.67 43.96 50.56
N ASP D 1112 31.83 43.20 51.65
CA ASP D 1112 30.98 43.37 52.81
C ASP D 1112 31.33 44.65 53.55
N GLY D 1113 30.32 45.23 54.20
CA GLY D 1113 30.49 46.47 54.92
C GLY D 1113 30.30 47.73 54.10
N ALA D 1114 29.94 47.60 52.83
CA ALA D 1114 29.72 48.75 51.95
C ALA D 1114 28.24 48.88 51.63
N LYS D 1115 27.83 50.12 51.35
CA LYS D 1115 26.43 50.39 51.04
C LYS D 1115 26.11 49.92 49.63
N VAL D 1116 24.97 49.23 49.49
CA VAL D 1116 24.52 48.71 48.21
C VAL D 1116 23.12 49.25 47.93
N SER D 1117 22.88 49.59 46.67
CA SER D 1117 21.58 50.11 46.27
C SER D 1117 20.55 48.98 46.17
N ILE D 1118 19.28 49.36 46.20
CA ILE D 1118 18.19 48.40 46.12
C ILE D 1118 18.04 47.93 44.67
N GLY D 1119 18.00 46.62 44.47
CA GLY D 1119 17.86 46.05 43.16
C GLY D 1119 19.13 45.88 42.38
N ASP D 1120 20.29 46.11 43.01
CA ASP D 1120 21.57 45.97 42.31
C ASP D 1120 21.99 44.50 42.29
N VAL D 1121 22.97 44.21 41.42
CA VAL D 1121 23.48 42.85 41.28
C VAL D 1121 24.34 42.51 42.49
N VAL D 1122 23.96 41.46 43.21
CA VAL D 1122 24.68 41.05 44.41
C VAL D 1122 25.82 40.09 44.07
N ALA D 1123 25.51 39.03 43.32
CA ALA D 1123 26.51 38.05 42.92
C ALA D 1123 26.40 37.79 41.42
N ARG D 1124 27.40 37.09 40.88
CA ARG D 1124 27.46 36.76 39.47
C ARG D 1124 27.53 35.24 39.34
N ILE D 1125 26.48 34.65 38.78
CA ILE D 1125 26.40 33.21 38.59
C ILE D 1125 26.08 32.94 37.12
N PRO D 1126 26.95 32.26 36.38
CA PRO D 1126 26.66 31.97 34.97
C PRO D 1126 25.65 30.86 34.81
N GLN D 1127 24.90 30.92 33.71
CA GLN D 1127 23.88 29.93 33.40
C GLN D 1127 24.51 28.61 32.97
N THR D 1136 10.31 16.29 20.11
CA THR D 1136 10.89 16.70 18.85
C THR D 1136 9.86 17.41 17.98
N GLY D 1137 9.33 16.70 16.99
CA GLY D 1137 8.33 17.26 16.10
C GLY D 1137 7.82 16.27 15.08
N GLY D 1138 6.50 16.27 14.87
CA GLY D 1138 5.88 15.37 13.91
C GLY D 1138 4.80 14.53 14.57
N LEU D 1139 4.57 13.34 13.99
CA LEU D 1139 3.58 12.40 14.51
C LEU D 1139 3.94 11.91 15.91
N PRO D 1140 5.19 11.57 16.21
CA PRO D 1140 5.52 11.22 17.61
C PRO D 1140 5.30 12.35 18.59
N ARG D 1141 5.23 13.60 18.13
CA ARG D 1141 5.00 14.72 19.04
C ARG D 1141 3.51 14.92 19.31
N VAL D 1142 2.67 14.79 18.29
CA VAL D 1142 1.23 14.98 18.49
C VAL D 1142 0.63 13.79 19.21
N ALA D 1143 1.19 12.59 19.01
CA ALA D 1143 0.69 11.40 19.68
C ALA D 1143 1.15 11.31 21.14
N ASP D 1144 2.20 12.05 21.51
CA ASP D 1144 2.67 12.02 22.88
C ASP D 1144 1.76 12.80 23.82
N LEU D 1145 1.06 13.81 23.31
CA LEU D 1145 0.21 14.63 24.16
C LEU D 1145 -1.09 13.91 24.52
N PHE D 1146 -1.56 12.99 23.68
CA PHE D 1146 -2.80 12.29 23.96
C PHE D 1146 -2.59 11.06 24.83
N GLU D 1147 -1.37 10.54 24.92
CA GLU D 1147 -1.07 9.40 25.77
C GLU D 1147 -0.60 9.80 27.16
N ALA D 1148 -0.41 11.10 27.40
CA ALA D 1148 0.08 11.61 28.69
C ALA D 1148 1.40 10.95 29.07
N ARG D 1149 2.27 10.73 28.09
CA ARG D 1149 3.55 10.09 28.32
C ARG D 1149 4.51 11.08 28.98
N ARG D 1150 5.11 10.66 30.09
CA ARG D 1150 6.04 11.51 30.80
C ARG D 1150 7.37 11.56 30.03
N PRO D 1151 7.93 12.75 29.79
CA PRO D 1151 9.18 12.83 29.04
C PRO D 1151 10.35 12.31 29.85
N LYS D 1152 11.51 12.26 29.19
CA LYS D 1152 12.71 11.76 29.86
C LYS D 1152 13.18 12.72 30.95
N GLU D 1153 13.15 14.02 30.68
CA GLU D 1153 13.54 15.02 31.66
C GLU D 1153 12.33 15.85 32.07
N PRO D 1154 11.74 15.61 33.23
CA PRO D 1154 10.58 16.39 33.66
C PRO D 1154 10.97 17.64 34.42
N SER D 1155 10.15 18.68 34.25
CA SER D 1155 10.39 19.95 34.91
C SER D 1155 10.03 19.85 36.39
N ILE D 1156 10.81 20.53 37.21
CA ILE D 1156 10.61 20.55 38.67
C ILE D 1156 9.88 21.83 39.03
N LEU D 1157 8.77 21.69 39.76
CA LEU D 1157 7.96 22.82 40.19
C LEU D 1157 7.81 22.80 41.70
N ALA D 1158 6.99 23.71 42.22
CA ALA D 1158 6.73 23.81 43.65
C ALA D 1158 5.35 23.25 43.97
N GLU D 1159 5.22 22.66 45.15
CA GLU D 1159 3.96 22.04 45.56
C GLU D 1159 2.99 23.07 46.12
N ILE D 1160 3.37 23.73 47.22
CA ILE D 1160 2.54 24.73 47.88
C ILE D 1160 3.31 26.05 47.92
N SER D 1161 2.62 27.14 47.57
CA SER D 1161 3.25 28.45 47.60
C SER D 1161 3.60 28.84 49.04
N GLY D 1162 4.64 29.67 49.16
CA GLY D 1162 5.10 30.11 50.47
C GLY D 1162 6.53 30.60 50.44
N THR D 1163 7.34 30.13 51.39
CA THR D 1163 8.74 30.50 51.46
C THR D 1163 9.61 29.46 50.75
N ILE D 1164 10.57 29.93 49.98
CA ILE D 1164 11.49 29.07 49.23
C ILE D 1164 12.85 29.12 49.89
N SER D 1165 13.45 27.94 50.07
CA SER D 1165 14.77 27.82 50.69
C SER D 1165 15.54 26.71 49.98
N PHE D 1166 16.71 26.38 50.51
CA PHE D 1166 17.57 25.35 49.95
C PHE D 1166 17.77 24.24 50.97
N GLY D 1167 17.77 23.00 50.49
CA GLY D 1167 17.96 21.86 51.36
C GLY D 1167 19.39 21.70 51.82
N LYS D 1168 19.59 20.72 52.70
CA LYS D 1168 20.91 20.43 53.24
C LYS D 1168 21.74 19.68 52.20
N GLU D 1169 22.96 20.16 51.97
CA GLU D 1169 23.85 19.51 51.01
C GLU D 1169 24.48 18.24 51.57
N THR D 1170 24.61 18.16 52.89
CA THR D 1170 25.20 16.97 53.52
C THR D 1170 24.24 15.79 53.54
N LYS D 1171 22.94 16.03 53.49
CA LYS D 1171 21.96 14.94 53.51
C LYS D 1171 21.88 14.22 52.17
N GLY D 1172 22.28 14.87 51.08
CA GLY D 1172 22.22 14.26 49.77
C GLY D 1172 20.92 14.47 49.02
N LYS D 1173 19.93 15.12 49.63
CA LYS D 1173 18.65 15.38 48.99
C LYS D 1173 18.24 16.81 49.30
N ARG D 1174 18.22 17.66 48.28
CA ARG D 1174 17.83 19.06 48.47
C ARG D 1174 16.32 19.15 48.68
N ARG D 1175 15.91 19.51 49.89
CA ARG D 1175 14.51 19.64 50.25
C ARG D 1175 14.21 21.10 50.57
N LEU D 1176 13.43 21.74 49.70
CA LEU D 1176 13.06 23.15 49.88
C LEU D 1176 11.85 23.20 50.81
N VAL D 1177 12.08 23.62 52.06
CA VAL D 1177 11.00 23.68 53.03
C VAL D 1177 10.09 24.85 52.73
N ILE D 1178 8.82 24.74 53.14
CA ILE D 1178 7.82 25.77 52.92
C ILE D 1178 7.17 26.11 54.25
N THR D 1179 6.78 27.38 54.39
CA THR D 1179 6.14 27.87 55.61
C THR D 1179 5.28 29.07 55.26
N PRO D 1180 4.05 28.84 54.79
CA PRO D 1180 3.16 29.96 54.45
C PRO D 1180 2.75 30.74 55.68
N ASN D 1181 2.33 31.99 55.44
CA ASN D 1181 1.91 32.85 56.53
C ASN D 1181 0.53 32.51 57.06
N ASP D 1182 -0.35 32.00 56.19
CA ASP D 1182 -1.70 31.63 56.62
C ASP D 1182 -1.69 30.31 57.38
N GLY D 1183 -1.18 29.25 56.76
CA GLY D 1183 -1.11 27.96 57.41
C GLY D 1183 0.20 27.25 57.14
N SER D 1184 0.90 26.86 58.20
CA SER D 1184 2.18 26.20 58.08
C SER D 1184 1.98 24.73 57.73
N ASP D 1185 2.72 24.26 56.74
CA ASP D 1185 2.65 22.86 56.30
C ASP D 1185 3.99 22.18 56.56
N PRO D 1186 4.09 21.27 57.53
CA PRO D 1186 5.37 20.62 57.79
C PRO D 1186 5.81 19.67 56.70
N TYR D 1187 4.88 19.22 55.84
CA TYR D 1187 5.24 18.30 54.77
C TYR D 1187 6.00 19.02 53.66
N GLU D 1188 6.97 18.35 53.08
CA GLU D 1188 7.77 18.89 51.99
C GLU D 1188 8.19 17.76 51.08
N GLU D 1189 8.93 18.11 50.03
CA GLU D 1189 9.43 17.14 49.06
C GLU D 1189 10.95 17.18 49.00
N LEU D 1190 11.53 16.12 48.45
CA LEU D 1190 12.97 16.01 48.29
C LEU D 1190 13.30 15.83 46.81
N ILE D 1191 14.43 16.40 46.40
CA ILE D 1191 14.87 16.33 45.01
C ILE D 1191 16.31 15.82 44.97
N PRO D 1192 16.67 15.01 43.98
CA PRO D 1192 18.05 14.52 43.90
C PRO D 1192 19.00 15.62 43.45
N LYS D 1193 20.29 15.36 43.67
CA LYS D 1193 21.34 16.30 43.29
C LYS D 1193 21.84 16.09 41.86
N TRP D 1194 21.10 15.35 41.04
CA TRP D 1194 21.52 15.11 39.66
C TRP D 1194 21.24 16.32 38.79
N ARG D 1195 20.12 17.00 39.02
CA ARG D 1195 19.73 18.19 38.25
C ARG D 1195 19.88 19.42 39.13
N HIS D 1196 20.59 20.43 38.61
CA HIS D 1196 20.83 21.66 39.34
C HIS D 1196 20.03 22.79 38.70
N LEU D 1197 19.12 23.38 39.48
CA LEU D 1197 18.29 24.47 38.99
C LEU D 1197 17.72 25.22 40.18
N ASN D 1198 17.81 26.55 40.13
CA ASN D 1198 17.29 27.43 41.19
C ASN D 1198 17.92 27.10 42.54
N VAL D 1199 19.23 27.28 42.61
CA VAL D 1199 19.99 26.99 43.83
C VAL D 1199 20.08 28.23 44.69
N PHE D 1200 19.34 29.27 44.30
CA PHE D 1200 19.36 30.52 45.07
C PHE D 1200 18.70 30.32 46.42
N GLU D 1201 19.38 30.73 47.49
CA GLU D 1201 18.89 30.56 48.85
C GLU D 1201 18.14 31.83 49.26
N GLY D 1202 16.81 31.74 49.32
CA GLY D 1202 15.99 32.85 49.72
C GLY D 1202 15.31 33.55 48.56
N GLU D 1203 14.04 33.24 48.34
CA GLU D 1203 13.25 33.83 47.26
C GLU D 1203 11.80 33.42 47.49
N GLN D 1204 10.93 33.87 46.58
CA GLN D 1204 9.52 33.50 46.63
C GLN D 1204 9.32 32.13 45.99
N VAL D 1205 8.23 31.46 46.40
CA VAL D 1205 7.98 30.11 45.92
C VAL D 1205 7.50 30.14 44.48
N ASN D 1206 6.38 30.80 44.21
CA ASN D 1206 5.76 30.87 42.89
C ASN D 1206 5.46 29.47 42.37
N ARG D 1207 4.54 28.79 43.08
CA ARG D 1207 4.17 27.43 42.72
C ARG D 1207 3.69 27.32 41.28
N GLY D 1208 3.04 28.37 40.76
CA GLY D 1208 2.64 28.34 39.37
C GLY D 1208 3.79 28.48 38.41
N GLU D 1209 4.85 29.18 38.81
CA GLU D 1209 6.00 29.37 37.95
C GLU D 1209 6.94 28.17 38.05
N VAL D 1210 7.49 27.76 36.91
CA VAL D 1210 8.39 26.62 36.86
C VAL D 1210 9.74 27.03 37.44
N ILE D 1211 10.47 26.04 37.95
CA ILE D 1211 11.79 26.25 38.55
C ILE D 1211 12.89 25.68 37.66
N SER D 1212 12.73 24.45 37.20
CA SER D 1212 13.70 23.78 36.34
C SER D 1212 13.23 23.90 34.89
N ASP D 1213 14.05 24.54 34.06
CA ASP D 1213 13.68 24.73 32.66
C ASP D 1213 13.78 23.42 31.90
N GLY D 1214 12.75 23.11 31.12
CA GLY D 1214 12.71 21.90 30.34
C GLY D 1214 11.30 21.51 29.96
N PRO D 1215 11.13 20.26 29.50
CA PRO D 1215 9.77 19.80 29.15
C PRO D 1215 8.90 19.69 30.37
N SER D 1216 7.63 20.09 30.21
CA SER D 1216 6.65 20.07 31.28
C SER D 1216 5.69 18.89 31.08
N ASN D 1217 5.39 18.19 32.17
CA ASN D 1217 4.49 17.04 32.09
C ASN D 1217 3.05 17.48 32.38
N PRO D 1218 2.09 17.00 31.60
CA PRO D 1218 0.68 17.38 31.85
C PRO D 1218 0.10 16.79 33.12
N HIS D 1219 0.79 15.85 33.76
CA HIS D 1219 0.25 15.25 34.98
C HIS D 1219 0.31 16.22 36.16
N ASP D 1220 1.39 17.00 36.26
CA ASP D 1220 1.55 17.92 37.37
C ASP D 1220 0.76 19.20 37.20
N ILE D 1221 0.31 19.51 35.99
CA ILE D 1221 -0.41 20.78 35.78
C ILE D 1221 -1.87 20.65 36.20
N LEU D 1222 -2.47 19.47 36.06
CA LEU D 1222 -3.88 19.32 36.39
C LEU D 1222 -4.11 19.35 37.89
N ARG D 1223 -3.27 18.66 38.65
CA ARG D 1223 -3.43 18.58 40.11
C ARG D 1223 -2.90 19.80 40.84
N LEU D 1224 -2.39 20.80 40.13
CA LEU D 1224 -1.81 21.98 40.76
C LEU D 1224 -2.64 23.23 40.51
N LEU D 1225 -2.93 23.55 39.25
CA LEU D 1225 -3.66 24.77 38.92
C LEU D 1225 -5.16 24.53 38.76
N GLY D 1226 -5.53 23.55 37.95
CA GLY D 1226 -6.92 23.25 37.71
C GLY D 1226 -7.11 22.60 36.36
N VAL D 1227 -8.34 22.65 35.87
CA VAL D 1227 -8.69 22.03 34.60
C VAL D 1227 -8.69 23.02 33.43
N SER D 1228 -8.81 24.32 33.71
CA SER D 1228 -8.88 25.30 32.63
C SER D 1228 -7.54 25.49 31.94
N SER D 1229 -6.43 25.37 32.67
CA SER D 1229 -5.11 25.55 32.07
C SER D 1229 -4.65 24.32 31.31
N LEU D 1230 -5.06 23.13 31.73
CA LEU D 1230 -4.66 21.91 31.03
C LEU D 1230 -5.30 21.85 29.65
N ALA D 1231 -6.57 22.25 29.55
CA ALA D 1231 -7.22 22.29 28.25
C ALA D 1231 -6.64 23.40 27.37
N LYS D 1232 -6.20 24.51 27.98
CA LYS D 1232 -5.60 25.58 27.21
C LYS D 1232 -4.19 25.24 26.76
N TYR D 1233 -3.49 24.38 27.52
CA TYR D 1233 -2.13 24.00 27.15
C TYR D 1233 -2.11 22.96 26.06
N ILE D 1234 -3.08 22.04 26.05
CA ILE D 1234 -3.11 20.99 25.04
C ILE D 1234 -3.44 21.58 23.67
N VAL D 1235 -4.46 22.44 23.61
CA VAL D 1235 -4.83 23.05 22.34
C VAL D 1235 -3.72 23.95 21.80
N ASN D 1236 -2.96 24.59 22.69
CA ASN D 1236 -1.89 25.47 22.25
C ASN D 1236 -0.72 24.70 21.67
N GLU D 1237 -0.35 23.59 22.31
CA GLU D 1237 0.80 22.81 21.82
C GLU D 1237 0.43 21.99 20.59
N ILE D 1238 -0.81 21.51 20.51
CA ILE D 1238 -1.21 20.73 19.34
C ILE D 1238 -1.30 21.62 18.10
N GLN D 1239 -1.83 22.83 18.26
CA GLN D 1239 -1.95 23.73 17.11
C GLN D 1239 -0.59 24.17 16.59
N ASP D 1240 0.41 24.28 17.46
CA ASP D 1240 1.75 24.66 17.01
C ASP D 1240 2.41 23.59 16.16
N VAL D 1241 1.92 22.35 16.21
CA VAL D 1241 2.45 21.30 15.35
C VAL D 1241 1.73 21.24 14.01
N TYR D 1242 0.43 21.54 13.99
CA TYR D 1242 -0.32 21.51 12.73
C TYR D 1242 -0.14 22.78 11.92
N ARG D 1243 0.01 23.93 12.60
CA ARG D 1243 0.22 25.19 11.88
C ARG D 1243 1.59 25.28 11.23
N LEU D 1244 2.52 24.39 11.59
CA LEU D 1244 3.84 24.42 10.96
C LEU D 1244 3.76 23.94 9.52
N GLN D 1245 2.92 22.96 9.24
CA GLN D 1245 2.79 22.45 7.87
C GLN D 1245 1.90 23.36 7.03
N GLY D 1246 0.86 23.93 7.63
CA GLY D 1246 -0.02 24.83 6.92
C GLY D 1246 -1.49 24.49 7.02
N VAL D 1247 -1.81 23.37 7.69
CA VAL D 1247 -3.21 22.97 7.84
C VAL D 1247 -3.86 23.77 8.95
N LYS D 1248 -5.19 23.86 8.87
CA LYS D 1248 -5.98 24.62 9.84
C LYS D 1248 -7.07 23.72 10.39
N ILE D 1249 -7.02 23.43 11.69
CA ILE D 1249 -7.99 22.60 12.37
C ILE D 1249 -8.68 23.42 13.45
N ASN D 1250 -10.00 23.29 13.54
CA ASN D 1250 -10.75 24.03 14.53
C ASN D 1250 -10.47 23.50 15.93
N ASP D 1251 -10.71 24.35 16.93
CA ASP D 1251 -10.43 24.00 18.32
C ASP D 1251 -11.52 23.13 18.94
N LYS D 1252 -12.64 22.91 18.25
CA LYS D 1252 -13.70 22.09 18.82
C LYS D 1252 -13.34 20.61 18.82
N HIS D 1253 -12.51 20.18 17.86
CA HIS D 1253 -12.14 18.77 17.78
C HIS D 1253 -11.00 18.42 18.74
N ILE D 1254 -10.15 19.38 19.07
CA ILE D 1254 -9.07 19.12 20.01
C ILE D 1254 -9.60 19.03 21.44
N GLU D 1255 -10.56 19.90 21.78
CA GLU D 1255 -11.14 19.89 23.12
C GLU D 1255 -12.15 18.77 23.32
N THR D 1256 -12.63 18.16 22.23
CA THR D 1256 -13.58 17.07 22.37
C THR D 1256 -12.91 15.82 22.94
N ILE D 1257 -11.67 15.55 22.54
CA ILE D 1257 -10.96 14.39 23.06
C ILE D 1257 -10.54 14.62 24.50
N LEU D 1258 -10.32 15.88 24.89
CA LEU D 1258 -9.93 16.19 26.27
C LEU D 1258 -11.06 15.89 27.26
N ARG D 1259 -12.31 15.89 26.81
CA ARG D 1259 -13.41 15.61 27.73
C ARG D 1259 -13.45 14.13 28.09
N GLN D 1260 -13.11 13.24 27.15
CA GLN D 1260 -13.16 11.82 27.41
C GLN D 1260 -11.98 11.34 28.25
N MET D 1261 -10.83 12.02 28.16
CA MET D 1261 -9.66 11.62 28.94
C MET D 1261 -9.75 12.09 30.39
N LEU D 1262 -10.60 13.07 30.69
CA LEU D 1262 -10.76 13.60 32.04
C LEU D 1262 -12.02 13.05 32.72
N ARG D 1263 -12.46 11.86 32.34
CA ARG D 1263 -13.66 11.26 32.92
C ARG D 1263 -13.36 10.45 34.18
N LYS D 1264 -12.12 10.00 34.35
CA LYS D 1264 -11.75 9.21 35.53
C LYS D 1264 -11.17 10.12 36.61
N VAL D 1265 -11.55 9.83 37.86
CA VAL D 1265 -11.08 10.60 39.01
C VAL D 1265 -10.71 9.63 40.12
N GLU D 1266 -9.92 10.13 41.07
CA GLU D 1266 -9.47 9.35 42.22
C GLU D 1266 -10.08 9.92 43.49
N VAL D 1267 -10.25 9.05 44.48
CA VAL D 1267 -10.85 9.41 45.76
C VAL D 1267 -9.81 9.21 46.86
N SER D 1268 -9.74 10.16 47.79
CA SER D 1268 -8.80 10.09 48.91
C SER D 1268 -9.48 9.59 50.18
N GLU D 1269 -10.54 10.26 50.61
CA GLU D 1269 -11.31 9.89 51.80
C GLU D 1269 -12.76 9.68 51.38
N SER D 1270 -13.11 8.44 51.05
CA SER D 1270 -14.45 8.14 50.59
C SER D 1270 -15.42 7.99 51.75
N GLY D 1271 -15.19 7.01 52.62
CA GLY D 1271 -16.07 6.75 53.73
C GLY D 1271 -17.24 5.86 53.37
N ASP D 1272 -17.71 5.96 52.12
CA ASP D 1272 -18.81 5.16 51.63
C ASP D 1272 -18.38 4.09 50.64
N SER D 1273 -17.10 4.06 50.27
CA SER D 1273 -16.59 3.08 49.32
C SER D 1273 -15.15 2.77 49.70
N SER D 1274 -14.41 2.13 48.78
CA SER D 1274 -13.03 1.78 49.04
C SER D 1274 -12.16 3.03 49.11
N PHE D 1275 -10.92 2.85 49.59
CA PHE D 1275 -10.01 3.98 49.74
C PHE D 1275 -9.45 4.42 48.40
N ILE D 1276 -8.84 3.50 47.67
CA ILE D 1276 -8.22 3.79 46.37
C ILE D 1276 -8.96 2.99 45.32
N LYS D 1277 -9.77 3.68 44.51
CA LYS D 1277 -10.52 3.04 43.44
C LYS D 1277 -10.69 4.03 42.29
N GLY D 1278 -11.07 3.50 41.13
CA GLY D 1278 -11.28 4.32 39.96
C GLY D 1278 -12.75 4.47 39.61
N ASP D 1279 -13.30 5.66 39.84
CA ASP D 1279 -14.69 5.96 39.54
C ASP D 1279 -14.78 7.17 38.63
N GLN D 1280 -15.85 7.22 37.85
CA GLN D 1280 -16.05 8.32 36.92
C GLN D 1280 -16.41 9.60 37.68
N VAL D 1281 -16.19 10.73 37.01
CA VAL D 1281 -16.51 12.02 37.61
C VAL D 1281 -18.03 12.19 37.70
N GLU D 1282 -18.74 11.81 36.64
CA GLU D 1282 -20.20 11.91 36.67
C GLU D 1282 -20.82 10.93 37.65
N LEU D 1283 -20.18 9.76 37.86
CA LEU D 1283 -20.70 8.80 38.82
C LEU D 1283 -20.46 9.27 40.25
N THR D 1284 -19.40 10.03 40.49
CA THR D 1284 -19.12 10.55 41.83
C THR D 1284 -19.95 11.78 42.14
N GLN D 1285 -20.35 12.54 41.11
CA GLN D 1285 -21.15 13.74 41.35
C GLN D 1285 -22.59 13.39 41.68
N VAL D 1286 -23.15 12.37 41.04
CA VAL D 1286 -24.53 11.98 41.35
C VAL D 1286 -24.60 11.32 42.72
N LEU D 1287 -23.56 10.56 43.10
CA LEU D 1287 -23.55 9.95 44.43
C LEU D 1287 -23.30 10.99 45.51
N GLU D 1288 -22.60 12.08 45.18
CA GLU D 1288 -22.36 13.12 46.17
C GLU D 1288 -23.61 13.96 46.41
N GLU D 1289 -24.35 14.29 45.35
CA GLU D 1289 -25.53 15.13 45.50
C GLU D 1289 -26.67 14.39 46.18
N ASN D 1290 -26.78 13.08 45.97
CA ASN D 1290 -27.86 12.33 46.58
C ASN D 1290 -27.61 12.11 48.07
N GLU D 1291 -26.36 11.93 48.46
CA GLU D 1291 -26.05 11.70 49.87
C GLU D 1291 -26.04 12.98 50.69
N GLN D 1292 -25.94 14.15 50.04
CA GLN D 1292 -25.99 15.40 50.78
C GLN D 1292 -27.38 15.69 51.32
N LEU D 1293 -28.41 15.15 50.68
CA LEU D 1293 -29.79 15.36 51.11
C LEU D 1293 -30.13 14.38 52.23
N GLY D 1294 -29.60 14.69 53.41
CA GLY D 1294 -29.81 13.86 54.58
C GLY D 1294 -29.71 14.69 55.85
N THR D 1295 -29.83 14.01 56.99
CA THR D 1295 -29.75 14.70 58.27
C THR D 1295 -28.30 15.01 58.65
N GLU D 1296 -27.37 14.12 58.33
CA GLU D 1296 -25.97 14.35 58.66
C GLU D 1296 -25.32 15.38 57.75
N ASP D 1297 -25.74 15.44 56.48
CA ASP D 1297 -25.22 16.38 55.50
C ASP D 1297 -23.71 16.24 55.29
N LYS D 1298 -23.15 15.08 55.62
CA LYS D 1298 -21.72 14.85 55.44
C LYS D 1298 -21.43 13.46 54.89
N PHE D 1299 -22.42 12.74 54.37
CA PHE D 1299 -22.23 11.41 53.82
C PHE D 1299 -21.37 11.47 52.56
N PRO D 1300 -21.37 12.59 51.84
CA PRO D 1300 -20.57 12.69 50.62
C PRO D 1300 -19.08 12.70 50.92
N ALA D 1301 -18.29 12.68 49.84
CA ALA D 1301 -16.84 12.64 49.96
C ALA D 1301 -16.19 13.64 49.02
N LYS D 1302 -14.86 13.59 48.93
CA LYS D 1302 -14.09 14.47 48.06
C LYS D 1302 -13.35 13.64 47.02
N TYR D 1303 -13.08 14.26 45.87
CA TYR D 1303 -12.43 13.61 44.75
C TYR D 1303 -11.31 14.50 44.22
N GLU D 1304 -10.57 13.97 43.25
CA GLU D 1304 -9.48 14.72 42.62
C GLU D 1304 -9.40 14.31 41.17
N ARG D 1305 -9.26 15.30 40.28
CA ARG D 1305 -9.20 15.05 38.86
C ARG D 1305 -7.82 14.52 38.47
N VAL D 1306 -7.81 13.51 37.60
CA VAL D 1306 -6.58 12.89 37.12
C VAL D 1306 -6.68 12.69 35.62
N LEU D 1307 -5.58 12.96 34.91
CA LEU D 1307 -5.55 12.85 33.46
C LEU D 1307 -5.01 11.48 33.07
N LEU D 1308 -5.71 10.81 32.15
CA LEU D 1308 -5.33 9.50 31.66
C LEU D 1308 -5.12 9.56 30.14
N GLY D 1309 -4.28 8.66 29.66
CA GLY D 1309 -3.99 8.60 28.24
C GLY D 1309 -5.14 7.99 27.45
N ILE D 1310 -4.97 8.01 26.13
CA ILE D 1310 -6.01 7.47 25.24
C ILE D 1310 -6.02 5.95 25.30
N THR D 1311 -4.88 5.32 25.60
CA THR D 1311 -4.84 3.87 25.68
C THR D 1311 -5.43 3.34 26.98
N LYS D 1312 -5.32 4.10 28.07
CA LYS D 1312 -5.86 3.65 29.35
C LYS D 1312 -7.34 4.02 29.49
N ALA D 1313 -7.78 5.08 28.83
CA ALA D 1313 -9.18 5.49 28.92
C ALA D 1313 -10.10 4.63 28.07
N SER D 1314 -9.56 3.92 27.08
CA SER D 1314 -10.41 3.07 26.24
C SER D 1314 -10.87 1.83 26.98
N LEU D 1315 -9.98 1.24 27.79
CA LEU D 1315 -10.34 0.03 28.53
C LEU D 1315 -11.23 0.32 29.73
N SER D 1316 -11.32 1.57 30.17
CA SER D 1316 -12.16 1.93 31.31
C SER D 1316 -13.59 2.19 30.84
N THR D 1317 -14.25 1.10 30.47
CA THR D 1317 -15.63 1.14 30.00
C THR D 1317 -16.44 0.07 30.71
N GLU D 1318 -17.75 0.30 30.80
CA GLU D 1318 -18.63 -0.63 31.49
C GLU D 1318 -18.96 -1.85 30.64
N SER D 1319 -19.06 -1.68 29.32
CA SER D 1319 -19.39 -2.79 28.43
C SER D 1319 -18.14 -3.60 28.11
N PHE D 1320 -18.28 -4.93 28.17
CA PHE D 1320 -17.16 -5.81 27.87
C PHE D 1320 -16.93 -5.97 26.37
N ILE D 1321 -17.92 -5.61 25.54
CA ILE D 1321 -17.76 -5.73 24.10
C ILE D 1321 -16.78 -4.69 23.58
N SER D 1322 -16.86 -3.46 24.09
CA SER D 1322 -15.94 -2.42 23.65
C SER D 1322 -14.52 -2.68 24.14
N ALA D 1323 -14.37 -3.34 25.29
CA ALA D 1323 -13.05 -3.66 25.80
C ALA D 1323 -12.47 -4.92 25.19
N ALA D 1324 -13.29 -5.80 24.62
CA ALA D 1324 -12.80 -7.01 23.99
C ALA D 1324 -12.35 -6.77 22.56
N SER D 1325 -12.99 -5.84 21.85
CA SER D 1325 -12.65 -5.55 20.47
C SER D 1325 -11.42 -4.66 20.34
N PHE D 1326 -11.03 -3.98 21.42
CA PHE D 1326 -9.88 -3.07 21.35
C PHE D 1326 -8.57 -3.85 21.41
N GLN D 1327 -8.33 -4.55 22.51
CA GLN D 1327 -7.11 -5.33 22.69
C GLN D 1327 -7.25 -6.17 23.95
N GLU D 1328 -6.56 -7.32 23.97
CA GLU D 1328 -6.51 -8.21 25.12
C GLU D 1328 -7.91 -8.67 25.52
N THR D 1329 -8.54 -9.41 24.60
CA THR D 1329 -9.86 -9.96 24.84
C THR D 1329 -9.85 -11.16 25.78
N THR D 1330 -8.67 -11.62 26.20
CA THR D 1330 -8.59 -12.75 27.12
C THR D 1330 -8.81 -12.31 28.57
N ARG D 1331 -8.19 -11.19 28.97
CA ARG D 1331 -8.33 -10.74 30.34
C ARG D 1331 -9.72 -10.18 30.61
N VAL D 1332 -10.32 -9.52 29.62
CA VAL D 1332 -11.65 -8.95 29.82
C VAL D 1332 -12.75 -10.01 29.78
N LEU D 1333 -12.51 -11.14 29.11
CA LEU D 1333 -13.51 -12.19 29.07
C LEU D 1333 -13.55 -13.00 30.37
N THR D 1334 -12.41 -13.10 31.06
CA THR D 1334 -12.38 -13.80 32.34
C THR D 1334 -12.91 -12.93 33.48
N GLU D 1335 -12.66 -11.62 33.42
CA GLU D 1335 -13.15 -10.73 34.47
C GLU D 1335 -14.67 -10.64 34.48
N ALA D 1336 -15.31 -10.70 33.31
CA ALA D 1336 -16.76 -10.63 33.25
C ALA D 1336 -17.41 -11.92 33.72
N ALA D 1337 -16.66 -13.03 33.79
CA ALA D 1337 -17.22 -14.29 34.22
C ALA D 1337 -17.37 -14.37 35.73
N VAL D 1338 -16.32 -14.00 36.46
CA VAL D 1338 -16.37 -14.06 37.92
C VAL D 1338 -17.17 -12.90 38.51
N THR D 1339 -17.41 -11.85 37.74
CA THR D 1339 -18.17 -10.70 38.23
C THR D 1339 -19.65 -10.80 37.91
N GLY D 1340 -19.99 -11.34 36.74
CA GLY D 1340 -21.37 -11.47 36.33
C GLY D 1340 -22.00 -10.14 35.94
N LYS D 1341 -21.34 -9.42 35.04
CA LYS D 1341 -21.82 -8.11 34.62
C LYS D 1341 -22.95 -8.26 33.61
N ARG D 1342 -23.95 -7.39 33.74
CA ARG D 1342 -25.06 -7.33 32.81
C ARG D 1342 -24.81 -6.19 31.82
N ASP D 1343 -24.75 -6.52 30.53
CA ASP D 1343 -24.42 -5.55 29.50
C ASP D 1343 -25.68 -4.85 29.01
N PHE D 1344 -25.62 -3.53 28.89
CA PHE D 1344 -26.71 -2.72 28.37
C PHE D 1344 -26.27 -2.15 27.02
N LEU D 1345 -26.93 -2.59 25.94
CA LEU D 1345 -26.56 -2.15 24.60
C LEU D 1345 -27.01 -0.72 24.35
N ARG D 1346 -26.12 0.25 24.60
CA ARG D 1346 -26.45 1.65 24.37
C ARG D 1346 -25.30 2.41 23.73
N GLY D 1347 -24.36 1.74 23.09
CA GLY D 1347 -23.24 2.40 22.46
C GLY D 1347 -23.18 2.19 20.96
N LEU D 1348 -22.10 2.66 20.33
CA LEU D 1348 -21.94 2.53 18.89
C LEU D 1348 -21.27 1.21 18.51
N LYS D 1349 -20.13 0.89 19.14
CA LYS D 1349 -19.42 -0.34 18.82
C LYS D 1349 -20.13 -1.57 19.35
N GLU D 1350 -21.03 -1.40 20.33
CA GLU D 1350 -21.76 -2.55 20.87
C GLU D 1350 -22.92 -2.98 19.99
N ASN D 1351 -23.46 -2.08 19.17
CA ASN D 1351 -24.61 -2.40 18.34
C ASN D 1351 -24.22 -2.87 16.94
N VAL D 1352 -22.99 -2.58 16.49
CA VAL D 1352 -22.56 -3.04 15.17
C VAL D 1352 -22.24 -4.53 15.17
N VAL D 1353 -21.99 -5.13 16.34
CA VAL D 1353 -21.72 -6.56 16.41
C VAL D 1353 -22.96 -7.37 16.72
N VAL D 1354 -24.00 -6.76 17.28
CA VAL D 1354 -25.24 -7.48 17.58
C VAL D 1354 -26.18 -7.48 16.39
N GLY D 1355 -26.26 -6.36 15.67
CA GLY D 1355 -27.11 -6.25 14.50
C GLY D 1355 -28.23 -5.22 14.61
N ARG D 1356 -28.33 -4.50 15.72
CA ARG D 1356 -29.37 -3.50 15.87
C ARG D 1356 -28.92 -2.15 15.32
N LEU D 1357 -29.86 -1.20 15.30
CA LEU D 1357 -29.54 0.14 14.82
C LEU D 1357 -28.67 0.88 15.83
N ILE D 1358 -27.84 1.77 15.32
CA ILE D 1358 -26.94 2.58 16.15
C ILE D 1358 -27.77 3.66 16.85
N PRO D 1359 -27.45 4.02 18.09
CA PRO D 1359 -28.20 5.08 18.78
C PRO D 1359 -27.87 6.48 18.33
N ALA D 1360 -26.96 6.65 17.37
CA ALA D 1360 -26.58 7.95 16.86
C ALA D 1360 -27.10 8.13 15.45
N GLY D 1361 -27.43 9.37 15.10
CA GLY D 1361 -27.94 9.68 13.77
C GLY D 1361 -29.44 9.50 13.70
N THR D 1362 -29.91 8.86 12.63
CA THR D 1362 -31.34 8.61 12.46
C THR D 1362 -31.84 7.44 13.29
N GLY D 1363 -30.94 6.70 13.94
CA GLY D 1363 -31.34 5.60 14.80
C GLY D 1363 -31.74 6.00 16.20
N LEU D 1364 -31.70 7.30 16.52
CA LEU D 1364 -32.11 7.74 17.84
C LEU D 1364 -33.62 7.66 18.02
N ALA D 1365 -34.38 7.88 16.95
CA ALA D 1365 -35.83 7.81 17.05
C ALA D 1365 -36.31 6.38 17.29
N TYR D 1366 -35.53 5.39 16.86
CA TYR D 1366 -35.89 4.00 17.12
C TYR D 1366 -35.63 3.61 18.57
N HIS D 1367 -34.52 4.09 19.14
CA HIS D 1367 -34.23 3.82 20.55
C HIS D 1367 -35.09 4.63 21.49
N SER D 1368 -35.69 5.73 21.02
CA SER D 1368 -36.57 6.52 21.87
C SER D 1368 -37.89 5.80 22.09
N GLU D 1369 -38.38 5.07 21.09
CA GLU D 1369 -39.61 4.30 21.22
C GLU D 1369 -39.40 2.99 21.95
N ARG D 1370 -38.16 2.47 21.98
CA ARG D 1370 -37.89 1.23 22.69
C ARG D 1370 -37.87 1.46 24.20
N LYS D 1371 -37.19 2.53 24.64
CA LYS D 1371 -37.14 2.83 26.06
C LYS D 1371 -38.50 3.31 26.58
N ARG D 1372 -39.29 3.98 25.74
CA ARG D 1372 -40.60 4.42 26.15
C ARG D 1372 -41.53 3.23 26.41
N GLN D 1373 -41.47 2.21 25.55
CA GLN D 1373 -42.28 1.01 25.76
C GLN D 1373 -41.78 0.21 26.96
N ARG D 1374 -40.46 0.18 27.17
CA ARG D 1374 -39.92 -0.57 28.29
C ARG D 1374 -40.19 0.12 29.62
N ASP D 1375 -40.18 1.45 29.64
CA ASP D 1375 -40.43 2.18 30.88
C ASP D 1375 -41.89 2.09 31.33
N LEU D 1376 -42.81 1.85 30.40
CA LEU D 1376 -44.22 1.74 30.76
C LEU D 1376 -44.54 0.42 31.45
N GLY D 1377 -43.74 -0.61 31.22
CA GLY D 1377 -43.97 -1.91 31.84
C GLY D 1377 -44.60 -2.91 30.91
N ALA E 2 -38.37 22.15 -10.55
CA ALA E 2 -38.49 20.92 -11.34
C ALA E 2 -38.08 19.71 -10.51
N ARG E 3 -36.78 19.54 -10.31
CA ARG E 3 -36.28 18.42 -9.54
C ARG E 3 -36.53 18.63 -8.05
N VAL E 4 -36.34 17.57 -7.27
CA VAL E 4 -36.53 17.64 -5.83
C VAL E 4 -35.42 18.48 -5.20
N THR E 5 -35.80 19.34 -4.26
CA THR E 5 -34.86 20.20 -3.56
C THR E 5 -34.86 19.79 -2.09
N VAL E 6 -34.00 18.82 -1.75
CA VAL E 6 -33.87 18.37 -0.37
C VAL E 6 -32.93 19.25 0.45
N GLU E 7 -32.28 20.24 -0.18
CA GLU E 7 -31.39 21.13 0.56
C GLU E 7 -32.15 22.26 1.23
N ASP E 8 -33.05 22.92 0.48
CA ASP E 8 -33.86 23.98 1.06
C ASP E 8 -34.96 23.43 1.95
N CYS E 9 -35.46 22.23 1.64
CA CYS E 9 -36.50 21.62 2.48
C CYS E 9 -35.95 21.26 3.85
N LEU E 10 -34.66 20.95 3.95
CA LEU E 10 -34.06 20.66 5.24
C LEU E 10 -33.84 21.92 6.08
N ASP E 11 -33.87 23.10 5.46
CA ASP E 11 -33.70 24.35 6.19
C ASP E 11 -35.00 24.86 6.77
N ASN E 12 -36.15 24.37 6.31
CA ASN E 12 -37.43 24.79 6.87
C ASN E 12 -37.65 24.15 8.23
N VAL E 13 -37.52 22.82 8.31
CA VAL E 13 -37.64 22.14 9.59
C VAL E 13 -36.37 22.34 10.41
N ASP E 14 -35.22 22.48 9.76
CA ASP E 14 -33.93 22.72 10.42
C ASP E 14 -33.58 21.58 11.38
N ASN E 15 -33.90 20.35 10.97
CA ASN E 15 -33.58 19.16 11.75
C ASN E 15 -32.66 18.20 11.00
N ARG E 16 -32.96 17.89 9.75
CA ARG E 16 -32.15 17.02 8.90
C ARG E 16 -32.06 15.59 9.46
N PHE E 17 -32.78 15.31 10.53
CA PHE E 17 -32.82 13.99 11.13
C PHE E 17 -34.25 13.46 11.27
N GLU E 18 -35.20 14.33 11.59
CA GLU E 18 -36.61 13.95 11.64
C GLU E 18 -37.30 14.11 10.28
N LEU E 19 -36.66 14.79 9.32
CA LEU E 19 -37.25 14.93 8.00
C LEU E 19 -37.30 13.60 7.26
N VAL E 20 -36.26 12.78 7.42
CA VAL E 20 -36.25 11.47 6.79
C VAL E 20 -37.20 10.51 7.49
N MET E 21 -37.59 10.81 8.74
CA MET E 21 -38.56 9.97 9.42
C MET E 21 -39.98 10.22 8.92
N LEU E 22 -40.33 11.47 8.67
CA LEU E 22 -41.63 11.78 8.08
C LEU E 22 -41.68 11.40 6.61
N ALA E 23 -40.53 11.40 5.93
CA ALA E 23 -40.48 11.03 4.52
C ALA E 23 -40.52 9.52 4.33
N THR E 24 -40.07 8.75 5.32
CA THR E 24 -40.10 7.30 5.19
C THR E 24 -41.53 6.77 5.25
N LYS E 25 -42.30 7.20 6.26
CA LYS E 25 -43.68 6.78 6.36
C LYS E 25 -44.55 7.36 5.26
N ARG E 26 -44.14 8.49 4.66
CA ARG E 26 -44.91 9.06 3.57
C ARG E 26 -44.63 8.34 2.25
N ALA E 27 -43.37 8.01 1.98
CA ALA E 27 -43.04 7.29 0.75
C ALA E 27 -43.52 5.85 0.76
N ARG E 28 -43.72 5.26 1.94
CA ARG E 28 -44.21 3.89 2.01
C ARG E 28 -45.69 3.81 1.66
N GLN E 29 -46.45 4.86 1.98
CA GLN E 29 -47.88 4.86 1.64
C GLN E 29 -48.10 5.00 0.13
N LEU E 30 -47.16 5.63 -0.56
CA LEU E 30 -47.30 5.80 -2.01
C LEU E 30 -46.95 4.53 -2.77
N ALA E 31 -45.99 3.76 -2.28
CA ALA E 31 -45.61 2.52 -2.95
C ALA E 31 -46.65 1.43 -2.73
N THR E 32 -47.23 1.37 -1.53
CA THR E 32 -48.26 0.38 -1.23
C THR E 32 -49.61 0.77 -1.80
N GLY E 33 -49.83 2.03 -2.13
CA GLY E 33 -51.10 2.47 -2.68
C GLY E 33 -52.12 2.88 -1.65
N GLY E 34 -51.69 3.31 -0.47
CA GLY E 34 -52.62 3.70 0.58
C GLY E 34 -53.24 5.07 0.37
N LYS E 35 -52.45 6.01 -0.16
CA LYS E 35 -52.92 7.36 -0.39
C LYS E 35 -52.35 7.89 -1.70
N GLU E 36 -53.10 8.79 -2.33
CA GLU E 36 -52.68 9.43 -3.57
C GLU E 36 -51.95 10.73 -3.28
N PRO E 37 -50.79 10.97 -3.90
CA PRO E 37 -50.07 12.22 -3.65
C PRO E 37 -50.86 13.43 -4.13
N LYS E 38 -50.81 14.51 -3.35
CA LYS E 38 -51.53 15.72 -3.71
C LYS E 38 -50.89 16.39 -4.93
N VAL E 39 -49.57 16.46 -4.97
CA VAL E 39 -48.86 17.04 -6.11
C VAL E 39 -48.89 16.03 -7.25
N ALA E 40 -48.93 16.55 -8.48
CA ALA E 40 -48.96 15.68 -9.65
C ALA E 40 -47.69 14.85 -9.75
N TRP E 41 -47.81 13.69 -10.39
CA TRP E 41 -46.68 12.78 -10.53
C TRP E 41 -45.68 13.36 -11.52
N GLU E 42 -44.40 13.35 -11.13
CA GLU E 42 -43.32 13.87 -11.96
C GLU E 42 -42.57 12.77 -12.69
N ASN E 43 -43.20 11.61 -12.88
CA ASN E 43 -42.58 10.47 -13.56
C ASN E 43 -41.29 10.04 -12.86
N ASP E 44 -41.29 10.10 -11.53
CA ASP E 44 -40.14 9.75 -10.71
C ASP E 44 -40.53 8.65 -9.73
N LYS E 45 -39.56 8.24 -8.92
CA LYS E 45 -39.78 7.21 -7.92
C LYS E 45 -40.57 7.76 -6.75
N PRO E 46 -41.01 6.89 -5.83
CA PRO E 46 -41.75 7.38 -4.67
C PRO E 46 -40.89 8.13 -3.67
N THR E 47 -39.57 7.92 -3.68
CA THR E 47 -38.68 8.59 -2.75
C THR E 47 -38.42 10.05 -3.12
N VAL E 48 -38.80 10.46 -4.33
CA VAL E 48 -38.58 11.84 -4.76
C VAL E 48 -39.79 12.72 -4.50
N VAL E 49 -40.99 12.19 -4.76
CA VAL E 49 -42.21 12.97 -4.54
C VAL E 49 -42.46 13.18 -3.05
N ALA E 50 -42.00 12.25 -2.20
CA ALA E 50 -42.22 12.38 -0.77
C ALA E 50 -41.39 13.52 -0.17
N LEU E 51 -40.28 13.88 -0.80
CA LEU E 51 -39.46 14.96 -0.29
C LEU E 51 -39.98 16.34 -0.72
N ARG E 52 -40.64 16.42 -1.87
CA ARG E 52 -41.16 17.71 -2.32
C ARG E 52 -42.39 18.12 -1.53
N GLU E 53 -43.14 17.17 -0.98
CA GLU E 53 -44.33 17.50 -0.21
C GLU E 53 -43.98 18.08 1.16
N ILE E 54 -42.75 17.89 1.63
CA ILE E 54 -42.35 18.44 2.91
C ILE E 54 -42.11 19.94 2.80
N ALA E 55 -41.47 20.39 1.72
CA ALA E 55 -41.23 21.82 1.54
C ALA E 55 -42.49 22.57 1.15
N SER E 56 -43.41 21.91 0.43
CA SER E 56 -44.64 22.57 0.03
C SER E 56 -45.59 22.79 1.19
N GLY E 57 -45.48 21.95 2.22
CA GLY E 57 -46.32 22.09 3.40
C GLY E 57 -47.66 21.38 3.33
N LEU E 58 -47.85 20.50 2.35
CA LEU E 58 -49.12 19.79 2.25
C LEU E 58 -49.23 18.65 3.26
N VAL E 59 -48.09 18.07 3.66
CA VAL E 59 -48.07 16.99 4.63
C VAL E 59 -47.26 17.43 5.84
N ASP E 60 -47.48 16.74 6.95
CA ASP E 60 -46.80 17.03 8.21
C ASP E 60 -46.80 15.76 9.05
N GLU E 61 -46.34 15.87 10.30
CA GLU E 61 -46.33 14.72 11.19
C GLU E 61 -47.75 14.33 11.61
N ASN E 62 -48.61 15.31 11.88
CA ASN E 62 -49.98 15.01 12.24
C ASN E 62 -50.83 14.67 11.02
N VAL E 63 -50.44 15.14 9.84
CA VAL E 63 -51.19 14.84 8.62
C VAL E 63 -50.92 13.42 8.17
N VAL E 64 -49.66 12.98 8.23
CA VAL E 64 -49.33 11.62 7.81
C VAL E 64 -49.87 10.61 8.81
N GLN E 65 -49.98 10.98 10.08
CA GLN E 65 -50.51 10.06 11.08
C GLN E 65 -52.01 9.87 10.94
N GLN E 66 -52.73 10.92 10.52
CA GLN E 66 -54.18 10.82 10.34
C GLN E 66 -54.57 10.08 9.06
N GLU E 67 -53.67 10.02 8.08
CA GLU E 67 -53.98 9.32 6.83
C GLU E 67 -53.94 7.81 6.99
N ASP E 68 -53.09 7.30 7.88
CA ASP E 68 -52.97 5.87 8.10
C ASP E 68 -54.19 5.33 8.86
N THR F 61 12.72 -22.27 36.20
CA THR F 61 11.49 -22.90 36.70
C THR F 61 11.48 -24.39 36.39
N ARG F 62 10.41 -25.07 36.83
CA ARG F 62 10.25 -26.49 36.62
C ARG F 62 8.88 -26.77 36.01
N ALA F 63 8.86 -27.52 34.91
CA ALA F 63 7.63 -27.87 34.21
C ALA F 63 7.19 -29.26 34.64
N LEU F 64 5.91 -29.38 35.04
CA LEU F 64 5.36 -30.65 35.49
C LEU F 64 4.92 -31.45 34.27
N ASP F 65 5.91 -32.04 33.59
CA ASP F 65 5.64 -32.85 32.42
C ASP F 65 5.07 -34.20 32.83
N ALA F 66 4.21 -34.75 31.97
CA ALA F 66 3.60 -36.04 32.26
C ALA F 66 4.60 -37.19 32.11
N THR F 67 5.61 -37.02 31.28
CA THR F 67 6.61 -38.08 31.09
C THR F 67 7.68 -38.04 32.17
N GLN F 68 8.09 -36.84 32.60
CA GLN F 68 9.12 -36.73 33.61
C GLN F 68 8.59 -37.11 34.99
N LEU F 69 7.36 -36.68 35.31
CA LEU F 69 6.78 -36.99 36.61
C LEU F 69 6.38 -38.45 36.73
N TYR F 70 6.21 -39.16 35.61
CA TYR F 70 5.86 -40.57 35.67
C TYR F 70 7.11 -41.44 35.82
N LEU F 71 8.18 -41.11 35.09
CA LEU F 71 9.41 -41.88 35.19
C LEU F 71 10.10 -41.73 36.53
N ASN F 72 9.86 -40.62 37.23
CA ASN F 72 10.46 -40.44 38.54
C ASN F 72 9.84 -41.37 39.59
N GLU F 73 8.57 -41.75 39.39
CA GLU F 73 7.92 -42.66 40.32
C GLU F 73 8.28 -44.12 40.07
N ILE F 74 8.85 -44.43 38.89
CA ILE F 74 9.24 -45.80 38.61
C ILE F 74 10.46 -46.20 39.43
N GLY F 75 11.33 -45.25 39.74
CA GLY F 75 12.51 -45.53 40.54
C GLY F 75 12.22 -45.96 41.96
N PHE F 76 11.01 -45.69 42.45
CA PHE F 76 10.61 -46.08 43.80
C PHE F 76 9.90 -47.43 43.83
N SER F 77 10.18 -48.30 42.86
CA SER F 77 9.58 -49.62 42.80
C SER F 77 10.66 -50.68 42.86
N PRO F 78 10.57 -51.64 43.78
CA PRO F 78 11.58 -52.69 43.86
C PRO F 78 11.53 -53.62 42.67
N LEU F 79 12.62 -54.33 42.45
CA LEU F 79 12.73 -55.28 41.35
C LEU F 79 11.92 -56.54 41.65
N LEU F 80 11.59 -57.25 40.58
CA LEU F 80 10.82 -58.50 40.67
C LEU F 80 11.78 -59.67 40.68
N THR F 81 11.67 -60.52 41.70
CA THR F 81 12.53 -61.69 41.81
C THR F 81 11.82 -62.93 41.27
N PRO F 82 12.54 -63.81 40.58
CA PRO F 82 11.88 -65.00 40.00
C PRO F 82 11.37 -65.98 41.05
N GLU F 83 11.95 -65.99 42.25
CA GLU F 83 11.50 -66.92 43.28
C GLU F 83 10.19 -66.47 43.92
N GLU F 84 10.04 -65.17 44.16
CA GLU F 84 8.83 -64.65 44.79
C GLU F 84 7.69 -64.43 43.82
N GLU F 85 7.98 -64.21 42.53
CA GLU F 85 6.92 -64.00 41.56
C GLU F 85 6.10 -65.26 41.35
N VAL F 86 6.72 -66.43 41.49
CA VAL F 86 5.97 -67.68 41.38
C VAL F 86 5.06 -67.86 42.60
N HIS F 87 5.54 -67.48 43.79
CA HIS F 87 4.70 -67.59 44.98
C HIS F 87 3.59 -66.54 44.98
N PHE F 88 3.83 -65.37 44.38
CA PHE F 88 2.80 -64.35 44.32
C PHE F 88 1.70 -64.73 43.34
N ALA F 89 2.04 -65.47 42.28
CA ALA F 89 1.02 -65.91 41.33
C ALA F 89 0.12 -66.99 41.94
N ARG F 90 0.64 -67.74 42.92
CA ARG F 90 -0.18 -68.74 43.59
C ARG F 90 -1.24 -68.10 44.46
N LEU F 91 -0.91 -66.98 45.11
CA LEU F 91 -1.89 -66.28 45.93
C LEU F 91 -2.92 -65.55 45.07
N ALA F 92 -2.53 -65.12 43.87
CA ALA F 92 -3.45 -64.43 42.97
C ALA F 92 -4.45 -65.38 42.32
N GLN F 93 -4.10 -66.67 42.21
CA GLN F 93 -5.03 -67.63 41.62
C GLN F 93 -6.19 -67.94 42.57
N LYS F 94 -5.91 -67.98 43.87
CA LYS F 94 -6.96 -68.26 44.85
C LYS F 94 -7.91 -67.08 45.01
N GLY F 95 -7.42 -65.86 44.81
CA GLY F 95 -8.25 -64.68 44.93
C GLY F 95 -7.86 -63.80 46.10
N ASP F 96 -7.24 -62.65 45.79
CA ASP F 96 -6.83 -61.71 46.82
C ASP F 96 -6.75 -60.32 46.21
N PRO F 97 -7.32 -59.30 46.84
CA PRO F 97 -7.25 -57.95 46.27
C PRO F 97 -5.86 -57.34 46.33
N ALA F 98 -5.10 -57.62 47.39
CA ALA F 98 -3.75 -57.07 47.50
C ALA F 98 -2.75 -57.84 46.64
N GLY F 99 -3.01 -59.11 46.37
CA GLY F 99 -2.08 -59.89 45.55
C GLY F 99 -2.05 -59.43 44.11
N ARG F 100 -3.22 -59.17 43.53
CA ARG F 100 -3.27 -58.68 42.15
C ARG F 100 -2.77 -57.25 42.04
N LYS F 101 -2.96 -56.44 43.09
CA LYS F 101 -2.49 -55.06 43.05
C LYS F 101 -0.97 -54.99 43.19
N ARG F 102 -0.39 -55.83 44.05
CA ARG F 102 1.06 -55.83 44.22
C ARG F 102 1.76 -56.39 43.00
N MET F 103 1.21 -57.47 42.41
CA MET F 103 1.82 -58.06 41.22
C MET F 103 1.69 -57.17 40.00
N ILE F 104 0.71 -56.25 40.00
CA ILE F 104 0.57 -55.34 38.86
C ILE F 104 1.71 -54.34 38.81
N GLU F 105 2.25 -53.96 39.98
CA GLU F 105 3.38 -53.04 40.02
C GLU F 105 4.69 -53.70 39.66
N SER F 106 4.77 -55.03 39.75
CA SER F 106 6.00 -55.73 39.39
C SER F 106 6.26 -55.67 37.89
N ASN F 107 5.25 -56.01 37.09
CA ASN F 107 5.35 -55.93 35.64
C ASN F 107 5.17 -54.53 35.10
N LEU F 108 4.93 -53.54 35.97
CA LEU F 108 4.74 -52.16 35.52
C LEU F 108 6.05 -51.49 35.15
N ARG F 109 7.17 -51.94 35.72
CA ARG F 109 8.47 -51.36 35.41
C ARG F 109 8.96 -51.70 34.01
N LEU F 110 8.23 -52.53 33.27
CA LEU F 110 8.59 -52.89 31.90
C LEU F 110 7.82 -52.12 30.85
N VAL F 111 6.67 -51.53 31.22
CA VAL F 111 5.86 -50.79 30.25
C VAL F 111 6.55 -49.50 29.82
N VAL F 112 7.46 -48.96 30.63
CA VAL F 112 8.14 -47.73 30.27
C VAL F 112 9.23 -47.95 29.23
N LYS F 113 9.74 -49.17 29.11
CA LYS F 113 10.76 -49.48 28.12
C LYS F 113 10.18 -50.03 26.82
N ILE F 114 9.05 -50.73 26.90
CA ILE F 114 8.42 -51.28 25.69
C ILE F 114 7.78 -50.16 24.87
N ALA F 115 7.06 -49.27 25.53
CA ALA F 115 6.40 -48.17 24.83
C ALA F 115 7.39 -47.13 24.32
N ARG F 116 8.60 -47.07 24.90
CA ARG F 116 9.59 -46.11 24.46
C ARG F 116 10.18 -46.47 23.10
N ARG F 117 10.09 -47.72 22.69
CA ARG F 117 10.63 -48.14 21.40
C ARG F 117 9.76 -47.66 20.24
N TYR F 118 8.43 -47.79 20.39
CA TYR F 118 7.51 -47.37 19.34
C TYR F 118 7.32 -45.86 19.40
N VAL F 119 7.61 -45.18 18.29
CA VAL F 119 7.50 -43.73 18.20
C VAL F 119 7.10 -43.37 16.77
N ASN F 120 6.82 -42.09 16.55
CA ASN F 120 6.43 -41.57 15.24
C ASN F 120 5.17 -42.26 14.72
N ARG F 121 4.14 -42.31 15.57
CA ARG F 121 2.87 -42.91 15.24
C ARG F 121 1.76 -41.90 15.51
N GLY F 122 0.51 -42.34 15.34
CA GLY F 122 -0.62 -41.47 15.56
C GLY F 122 -0.90 -41.21 17.04
N LEU F 123 -0.56 -42.16 17.90
CA LEU F 123 -0.80 -42.01 19.32
C LEU F 123 0.33 -41.23 19.98
N SER F 124 -0.01 -40.50 21.04
CA SER F 124 0.97 -39.72 21.78
C SER F 124 1.80 -40.64 22.68
N LEU F 125 2.75 -40.04 23.40
CA LEU F 125 3.60 -40.83 24.29
C LEU F 125 2.83 -41.36 25.49
N LEU F 126 1.91 -40.55 26.03
CA LEU F 126 1.14 -40.97 27.20
C LEU F 126 0.13 -42.05 26.86
N ASP F 127 -0.32 -42.14 25.61
CA ASP F 127 -1.29 -43.15 25.24
C ASP F 127 -0.66 -44.54 25.17
N LEU F 128 0.63 -44.62 24.85
CA LEU F 128 1.30 -45.92 24.78
C LEU F 128 1.54 -46.49 26.18
N ILE F 129 1.67 -45.62 27.19
CA ILE F 129 1.90 -46.10 28.55
C ILE F 129 0.59 -46.59 29.16
N GLU F 130 -0.51 -45.87 28.96
CA GLU F 130 -1.79 -46.29 29.52
C GLU F 130 -2.30 -47.53 28.83
N GLU F 131 -2.06 -47.66 27.52
CA GLU F 131 -2.51 -48.85 26.79
C GLU F 131 -1.72 -50.08 27.21
N GLY F 132 -0.41 -49.92 27.45
CA GLY F 132 0.40 -51.04 27.88
C GLY F 132 0.00 -51.59 29.23
N ASN F 133 -0.60 -50.75 30.08
CA ASN F 133 -1.04 -51.21 31.39
C ASN F 133 -2.24 -52.14 31.26
N LEU F 134 -3.13 -51.87 30.31
CA LEU F 134 -4.30 -52.73 30.13
C LEU F 134 -3.89 -54.12 29.62
N GLY F 135 -2.69 -54.26 29.06
CA GLY F 135 -2.24 -55.56 28.62
C GLY F 135 -1.84 -56.48 29.76
N LEU F 136 -1.23 -55.92 30.81
CA LEU F 136 -0.80 -56.75 31.95
C LEU F 136 -1.96 -57.13 32.86
N ILE F 137 -3.03 -56.33 32.90
CA ILE F 137 -4.19 -56.68 33.71
C ILE F 137 -4.87 -57.91 33.14
N ARG F 138 -5.03 -57.96 31.82
CA ARG F 138 -5.60 -59.14 31.17
C ARG F 138 -4.62 -60.32 31.15
N ALA F 139 -3.35 -60.07 31.41
CA ALA F 139 -2.35 -61.14 31.43
C ALA F 139 -2.10 -61.68 32.83
N VAL F 140 -2.27 -60.85 33.87
CA VAL F 140 -2.07 -61.32 35.23
C VAL F 140 -3.26 -62.13 35.74
N GLU F 141 -4.43 -61.97 35.12
CA GLU F 141 -5.59 -62.75 35.55
C GLU F 141 -5.51 -64.19 35.05
N LYS F 142 -4.85 -64.42 33.93
CA LYS F 142 -4.69 -65.75 33.36
C LYS F 142 -3.21 -66.13 33.43
N PHE F 143 -2.87 -66.98 34.39
CA PHE F 143 -1.49 -67.43 34.58
C PHE F 143 -1.51 -68.89 35.00
N ASP F 144 -0.50 -69.63 34.54
CA ASP F 144 -0.37 -71.05 34.84
C ASP F 144 0.74 -71.26 35.85
N PRO F 145 0.42 -71.49 37.13
CA PRO F 145 1.49 -71.72 38.12
C PRO F 145 2.11 -73.10 38.00
N GLU F 146 1.37 -74.10 37.52
CA GLU F 146 1.90 -75.44 37.39
C GLU F 146 2.80 -75.61 36.18
N ARG F 147 2.69 -74.71 35.18
CA ARG F 147 3.54 -74.81 34.00
C ARG F 147 4.97 -74.39 34.28
N GLY F 148 5.16 -73.52 35.28
CA GLY F 148 6.49 -73.05 35.63
C GLY F 148 7.02 -71.91 34.80
N PHE F 149 6.23 -71.38 33.87
CA PHE F 149 6.69 -70.28 33.04
C PHE F 149 6.73 -68.99 33.85
N ARG F 150 7.53 -68.04 33.38
CA ARG F 150 7.68 -66.75 34.05
C ARG F 150 6.46 -65.88 33.80
N PHE F 151 6.05 -65.14 34.83
CA PHE F 151 4.90 -64.26 34.69
C PHE F 151 5.20 -63.08 33.77
N SER F 152 6.41 -62.54 33.86
CA SER F 152 6.79 -61.44 32.97
C SER F 152 7.00 -61.92 31.55
N THR F 153 7.41 -63.19 31.36
CA THR F 153 7.56 -63.73 30.01
C THR F 153 6.23 -63.84 29.30
N TYR F 154 5.15 -64.07 30.04
CA TYR F 154 3.81 -64.11 29.45
C TYR F 154 3.18 -62.72 29.34
N ALA F 155 3.65 -61.76 30.12
CA ALA F 155 3.10 -60.41 30.05
C ALA F 155 3.60 -59.64 28.84
N THR F 156 4.83 -59.89 28.40
CA THR F 156 5.37 -59.19 27.24
C THR F 156 4.70 -59.60 25.95
N TRP F 157 3.96 -60.72 25.95
CA TRP F 157 3.24 -61.16 24.76
C TRP F 157 1.87 -60.52 24.62
N TRP F 158 1.28 -60.04 25.71
CA TRP F 158 -0.02 -59.40 25.67
C TRP F 158 0.08 -57.90 25.47
N ILE F 159 1.10 -57.25 26.06
CA ILE F 159 1.26 -55.82 25.89
C ILE F 159 1.62 -55.49 24.44
N ARG F 160 2.39 -56.36 23.79
CA ARG F 160 2.73 -56.14 22.39
C ARG F 160 1.50 -56.28 21.50
N GLN F 161 0.59 -57.20 21.84
CA GLN F 161 -0.63 -57.35 21.07
C GLN F 161 -1.62 -56.24 21.39
N THR F 162 -1.62 -55.74 22.63
CA THR F 162 -2.54 -54.66 22.99
C THR F 162 -2.09 -53.32 22.40
N ILE F 163 -0.78 -53.12 22.25
CA ILE F 163 -0.29 -51.90 21.64
C ILE F 163 -0.68 -51.84 20.17
N GLU F 164 -0.45 -52.93 19.44
CA GLU F 164 -0.83 -52.99 18.03
C GLU F 164 -2.33 -53.03 17.84
N ARG F 165 -3.10 -53.39 18.88
CA ARG F 165 -4.55 -53.38 18.76
C ARG F 165 -5.10 -51.97 18.81
N ALA F 166 -4.47 -51.09 19.58
CA ALA F 166 -4.89 -49.70 19.69
C ALA F 166 -4.17 -48.78 18.70
N ILE F 167 -3.07 -49.23 18.11
CA ILE F 167 -2.34 -48.40 17.16
C ILE F 167 -3.02 -48.30 15.81
N MET F 168 -4.03 -49.13 15.54
CA MET F 168 -4.75 -49.11 14.28
C MET F 168 -6.18 -48.62 14.41
N ASN F 169 -6.69 -48.44 15.62
CA ASN F 169 -8.06 -47.98 15.83
C ASN F 169 -8.16 -46.50 16.11
N GLN F 170 -7.16 -45.91 16.76
CA GLN F 170 -7.16 -44.49 17.09
C GLN F 170 -6.20 -43.68 16.24
N THR F 171 -5.61 -44.28 15.20
CA THR F 171 -4.68 -43.56 14.34
C THR F 171 -5.38 -42.76 13.26
N ARG F 172 -6.61 -43.12 12.90
CA ARG F 172 -7.36 -42.43 11.86
C ARG F 172 -8.71 -41.99 12.43
N THR F 173 -9.26 -40.92 11.83
CA THR F 173 -10.55 -40.42 12.26
C THR F 173 -11.67 -41.41 11.93
N ILE F 174 -11.57 -42.06 10.78
CA ILE F 174 -12.58 -43.02 10.35
C ILE F 174 -12.31 -44.36 11.01
N ARG F 175 -13.33 -44.90 11.69
CA ARG F 175 -13.19 -46.22 12.30
C ARG F 175 -13.17 -47.30 11.23
N LEU F 176 -12.13 -48.14 11.25
CA LEU F 176 -11.98 -49.18 10.26
C LEU F 176 -11.92 -50.54 10.93
N PRO F 177 -12.64 -51.53 10.41
CA PRO F 177 -12.62 -52.87 11.01
C PRO F 177 -11.28 -53.57 10.76
N ILE F 178 -11.11 -54.71 11.44
CA ILE F 178 -9.87 -55.46 11.34
C ILE F 178 -9.67 -56.06 9.95
N HIS F 179 -10.73 -56.16 9.15
CA HIS F 179 -10.62 -56.78 7.84
C HIS F 179 -9.92 -55.87 6.84
N VAL F 180 -10.04 -54.55 7.00
CA VAL F 180 -9.46 -53.63 6.04
C VAL F 180 -8.13 -53.04 6.48
N VAL F 181 -7.81 -53.07 7.77
CA VAL F 181 -6.53 -52.55 8.23
C VAL F 181 -5.43 -53.59 8.03
N LYS F 182 -5.77 -54.88 8.06
CA LYS F 182 -4.77 -55.92 7.83
C LYS F 182 -4.26 -55.93 6.39
N GLU F 183 -4.89 -55.17 5.50
CA GLU F 183 -4.44 -55.07 4.12
C GLU F 183 -3.63 -53.80 3.86
N LEU F 184 -3.87 -52.75 4.65
CA LEU F 184 -3.13 -51.50 4.46
C LEU F 184 -1.71 -51.60 5.00
N ASN F 185 -1.53 -52.28 6.15
CA ASN F 185 -0.19 -52.45 6.70
C ASN F 185 0.66 -53.37 5.84
N VAL F 186 0.03 -54.38 5.22
CA VAL F 186 0.78 -55.25 4.31
C VAL F 186 1.20 -54.49 3.07
N TYR F 187 0.30 -53.67 2.52
CA TYR F 187 0.66 -52.84 1.37
C TYR F 187 1.66 -51.77 1.77
N LEU F 188 1.65 -51.32 3.02
CA LEU F 188 2.67 -50.38 3.48
C LEU F 188 4.04 -51.03 3.50
N ARG F 189 4.11 -52.30 3.90
CA ARG F 189 5.37 -53.02 3.85
C ARG F 189 5.78 -53.31 2.41
N ALA F 190 4.81 -53.64 1.55
CA ALA F 190 5.10 -53.90 0.15
C ALA F 190 5.54 -52.63 -0.58
N ALA F 191 4.96 -51.49 -0.24
CA ALA F 191 5.36 -50.23 -0.86
C ALA F 191 6.75 -49.81 -0.42
N ARG F 192 7.16 -50.19 0.81
CA ARG F 192 8.49 -49.85 1.29
C ARG F 192 9.54 -50.84 0.80
N GLU F 193 9.17 -52.11 0.65
CA GLU F 193 10.13 -53.11 0.19
C GLU F 193 10.38 -53.01 -1.31
N LEU F 194 9.32 -52.81 -2.10
CA LEU F 194 9.49 -52.72 -3.55
C LEU F 194 10.22 -51.44 -3.94
N THR F 195 10.13 -50.40 -3.12
CA THR F 195 10.83 -49.15 -3.41
C THR F 195 12.32 -49.23 -3.10
N HIS F 196 12.75 -50.23 -2.34
CA HIS F 196 14.17 -50.38 -2.00
C HIS F 196 14.93 -51.17 -3.06
N LYS F 197 14.35 -52.27 -3.56
CA LYS F 197 15.02 -53.06 -4.58
C LYS F 197 15.01 -52.36 -5.93
N LEU F 198 13.97 -51.57 -6.21
CA LEU F 198 13.89 -50.85 -7.48
C LEU F 198 14.55 -49.47 -7.42
N ASP F 199 14.54 -48.84 -6.26
CA ASP F 199 15.13 -47.51 -6.06
C ASP F 199 14.52 -46.47 -7.01
N HIS F 200 13.24 -46.62 -7.31
CA HIS F 200 12.54 -45.69 -8.19
C HIS F 200 11.10 -45.55 -7.70
N GLU F 201 10.33 -44.75 -8.42
CA GLU F 201 8.93 -44.53 -8.06
C GLU F 201 8.10 -45.77 -8.38
N PRO F 202 7.44 -46.39 -7.40
CA PRO F 202 6.64 -47.58 -7.69
C PRO F 202 5.37 -47.22 -8.43
N SER F 203 5.02 -48.06 -9.40
CA SER F 203 3.83 -47.88 -10.23
C SER F 203 2.71 -48.79 -9.76
N PRO F 204 1.52 -48.64 -10.32
CA PRO F 204 0.41 -49.53 -9.90
C PRO F 204 0.53 -50.94 -10.42
N GLU F 205 1.16 -51.13 -11.58
CA GLU F 205 1.34 -52.48 -12.12
C GLU F 205 2.43 -53.25 -11.38
N GLU F 206 3.38 -52.55 -10.76
CA GLU F 206 4.44 -53.23 -10.03
C GLU F 206 3.94 -53.81 -8.71
N ILE F 207 3.02 -53.13 -8.05
CA ILE F 207 2.49 -53.62 -6.78
C ILE F 207 1.61 -54.84 -7.02
N ALA F 208 0.82 -54.82 -8.10
CA ALA F 208 -0.05 -55.95 -8.43
C ALA F 208 0.71 -57.13 -9.00
N ASN F 209 1.97 -56.95 -9.40
CA ASN F 209 2.75 -58.06 -9.94
C ASN F 209 3.43 -58.86 -8.85
N LEU F 210 3.99 -58.19 -7.85
CA LEU F 210 4.69 -58.88 -6.77
C LEU F 210 3.71 -59.51 -5.79
N LEU F 211 2.62 -58.81 -5.47
CA LEU F 211 1.64 -59.31 -4.51
C LEU F 211 0.67 -60.31 -5.13
N GLU F 212 0.69 -60.49 -6.46
CA GLU F 212 -0.21 -61.40 -7.16
C GLU F 212 -1.67 -61.06 -6.88
N LYS F 213 -2.00 -59.78 -7.02
CA LYS F 213 -3.33 -59.26 -6.78
C LYS F 213 -3.87 -58.57 -8.02
N PRO F 214 -5.19 -58.49 -8.18
CA PRO F 214 -5.75 -57.80 -9.34
C PRO F 214 -5.38 -56.33 -9.35
N VAL F 215 -5.33 -55.75 -10.57
CA VAL F 215 -4.94 -54.37 -10.71
C VAL F 215 -6.01 -53.43 -10.17
N ALA F 216 -7.28 -53.85 -10.22
CA ALA F 216 -8.36 -53.03 -9.72
C ALA F 216 -8.50 -53.08 -8.20
N GLU F 217 -8.00 -54.15 -7.57
CA GLU F 217 -8.11 -54.25 -6.12
C GLU F 217 -7.03 -53.44 -5.40
N VAL F 218 -5.82 -53.40 -5.95
CA VAL F 218 -4.75 -52.66 -5.32
C VAL F 218 -4.96 -51.15 -5.42
N LYS F 219 -5.84 -50.69 -6.32
CA LYS F 219 -6.11 -49.27 -6.43
C LYS F 219 -7.08 -48.78 -5.37
N ARG F 220 -8.07 -49.60 -5.01
CA ARG F 220 -9.05 -49.21 -3.99
C ARG F 220 -8.46 -49.27 -2.59
N MET F 221 -7.55 -50.22 -2.33
CA MET F 221 -6.98 -50.34 -1.00
C MET F 221 -6.04 -49.18 -0.69
N LEU F 222 -5.22 -48.79 -1.66
CA LEU F 222 -4.30 -47.68 -1.46
C LEU F 222 -5.04 -46.34 -1.34
N GLY F 223 -6.28 -46.27 -1.82
CA GLY F 223 -7.05 -45.04 -1.71
C GLY F 223 -7.74 -44.85 -0.38
N LEU F 224 -7.73 -45.86 0.49
CA LEU F 224 -8.37 -45.73 1.80
C LEU F 224 -7.50 -44.93 2.77
N ASN F 225 -6.18 -44.94 2.57
CA ASN F 225 -5.27 -44.17 3.42
C ASN F 225 -5.39 -42.70 3.03
N GLU F 226 -6.34 -42.01 3.65
CA GLU F 226 -6.61 -40.62 3.31
C GLU F 226 -5.47 -39.71 3.76
N ARG F 227 -5.13 -39.76 5.06
CA ARG F 227 -4.10 -38.90 5.65
C ARG F 227 -4.39 -37.42 5.36
N VAL F 228 -5.55 -36.98 5.86
CA VAL F 228 -6.00 -35.61 5.61
C VAL F 228 -5.15 -34.64 6.39
N THR F 229 -4.71 -33.57 5.73
CA THR F 229 -3.91 -32.54 6.37
C THR F 229 -4.82 -31.55 7.11
N SER F 230 -4.24 -30.47 7.61
CA SER F 230 -5.00 -29.48 8.35
C SER F 230 -5.78 -28.58 7.39
N VAL F 231 -6.66 -27.78 7.96
CA VAL F 231 -7.51 -26.85 7.21
C VAL F 231 -7.14 -25.40 7.52
N ASP F 232 -7.07 -25.05 8.81
CA ASP F 232 -6.75 -23.69 9.20
C ASP F 232 -5.29 -23.34 8.93
N VAL F 233 -4.45 -24.33 8.68
CA VAL F 233 -3.04 -24.08 8.39
C VAL F 233 -2.94 -23.50 6.98
N SER F 234 -2.64 -22.21 6.89
CA SER F 234 -2.51 -21.55 5.59
C SER F 234 -1.05 -21.45 5.17
N THR F 242 -7.36 -18.27 3.70
CA THR F 242 -7.18 -19.61 4.22
C THR F 242 -8.00 -20.62 3.41
N LEU F 243 -7.88 -21.90 3.76
CA LEU F 243 -8.64 -22.93 3.06
C LEU F 243 -10.11 -22.91 3.45
N LEU F 244 -10.43 -22.48 4.67
CA LEU F 244 -11.81 -22.46 5.11
C LEU F 244 -12.63 -21.41 4.37
N ASP F 245 -11.99 -20.33 3.92
CA ASP F 245 -12.71 -19.28 3.20
C ASP F 245 -12.88 -19.61 1.72
N THR F 246 -11.96 -20.38 1.14
CA THR F 246 -12.04 -20.70 -0.28
C THR F 246 -13.09 -21.78 -0.56
N LEU F 247 -13.29 -22.70 0.37
CA LEU F 247 -14.25 -23.79 0.15
C LEU F 247 -15.68 -23.26 0.19
N THR F 248 -16.53 -23.89 -0.61
CA THR F 248 -17.94 -23.53 -0.72
C THR F 248 -18.80 -24.72 -0.31
N ASP F 249 -20.11 -24.56 -0.47
CA ASP F 249 -21.08 -25.60 -0.12
C ASP F 249 -21.65 -26.24 -1.39
N ASP F 250 -21.91 -27.55 -1.30
CA ASP F 250 -22.46 -28.26 -2.45
C ASP F 250 -23.94 -27.97 -2.65
N ARG F 251 -24.68 -27.71 -1.57
CA ARG F 251 -26.09 -27.42 -1.68
C ARG F 251 -26.31 -26.01 -2.24
N PRO F 252 -27.48 -25.75 -2.81
CA PRO F 252 -27.74 -24.42 -3.37
C PRO F 252 -27.99 -23.40 -2.27
N THR F 253 -27.27 -22.28 -2.32
CA THR F 253 -27.40 -21.22 -1.34
C THR F 253 -27.51 -19.83 -1.97
N ASP F 254 -27.61 -19.76 -3.29
CA ASP F 254 -27.72 -18.46 -3.96
C ASP F 254 -29.14 -17.92 -3.80
N PRO F 255 -29.31 -16.65 -3.44
CA PRO F 255 -30.66 -16.10 -3.29
C PRO F 255 -31.46 -16.09 -4.59
N CYS F 256 -30.78 -15.94 -5.74
CA CYS F 256 -31.49 -15.96 -7.01
C CYS F 256 -31.93 -17.37 -7.38
N GLU F 257 -31.16 -18.38 -6.98
CA GLU F 257 -31.54 -19.76 -7.27
C GLU F 257 -32.69 -20.22 -6.38
N LEU F 258 -32.75 -19.73 -5.13
CA LEU F 258 -33.85 -20.10 -4.25
C LEU F 258 -35.14 -19.42 -4.66
N LEU F 259 -35.05 -18.20 -5.21
CA LEU F 259 -36.26 -17.53 -5.70
C LEU F 259 -36.77 -18.16 -6.99
N GLN F 260 -35.86 -18.71 -7.81
CA GLN F 260 -36.29 -19.38 -9.03
C GLN F 260 -37.08 -20.64 -8.72
N ASP F 261 -36.64 -21.41 -7.72
CA ASP F 261 -37.36 -22.61 -7.34
C ASP F 261 -38.72 -22.29 -6.74
N ASP F 262 -38.88 -21.08 -6.18
CA ASP F 262 -40.16 -20.68 -5.62
C ASP F 262 -41.15 -20.33 -6.74
N ASP F 263 -40.71 -19.51 -7.69
CA ASP F 263 -41.59 -19.13 -8.80
C ASP F 263 -41.91 -20.31 -9.70
N LEU F 264 -40.96 -21.24 -9.87
CA LEU F 264 -41.22 -22.41 -10.71
C LEU F 264 -42.21 -23.35 -10.04
N SER F 265 -42.08 -23.56 -8.73
CA SER F 265 -43.01 -24.44 -8.02
C SER F 265 -44.40 -23.84 -7.94
N GLU F 266 -44.50 -22.52 -7.78
CA GLU F 266 -45.81 -21.89 -7.72
C GLU F 266 -46.51 -21.90 -9.08
N SER F 267 -45.73 -21.91 -10.17
CA SER F 267 -46.33 -21.99 -11.49
C SER F 267 -46.82 -23.39 -11.83
N ILE F 268 -46.22 -24.41 -11.23
CA ILE F 268 -46.66 -25.78 -11.47
C ILE F 268 -48.03 -26.03 -10.85
N ASP F 269 -48.21 -25.59 -9.60
CA ASP F 269 -49.51 -25.72 -8.95
C ASP F 269 -50.57 -24.85 -9.63
N GLN F 270 -50.15 -23.75 -10.25
CA GLN F 270 -51.09 -22.90 -10.96
C GLN F 270 -51.47 -23.48 -12.32
N TRP F 271 -50.52 -24.14 -12.98
CA TRP F 271 -50.80 -24.75 -14.28
C TRP F 271 -51.69 -25.98 -14.16
N LEU F 272 -51.51 -26.75 -13.07
CA LEU F 272 -52.34 -27.93 -12.87
C LEU F 272 -53.78 -27.58 -12.51
N THR F 273 -54.02 -26.37 -11.99
CA THR F 273 -55.35 -25.94 -11.64
C THR F 273 -56.07 -25.23 -12.79
N GLU F 274 -55.31 -24.60 -13.69
CA GLU F 274 -55.92 -23.92 -14.83
C GLU F 274 -56.33 -24.88 -15.93
N LEU F 275 -55.82 -26.11 -15.92
CA LEU F 275 -56.18 -27.10 -16.92
C LEU F 275 -57.47 -27.80 -16.49
N THR F 276 -57.81 -28.88 -17.17
CA THR F 276 -59.03 -29.62 -16.85
C THR F 276 -58.91 -30.30 -15.49
N ASP F 277 -60.05 -30.46 -14.82
CA ASP F 277 -60.05 -31.09 -13.51
C ASP F 277 -59.84 -32.59 -13.61
N LYS F 278 -60.25 -33.21 -14.72
CA LYS F 278 -60.06 -34.65 -14.89
C LYS F 278 -58.62 -35.00 -15.23
N GLN F 279 -57.96 -34.16 -16.03
CA GLN F 279 -56.58 -34.43 -16.43
C GLN F 279 -55.58 -34.09 -15.34
N ARG F 280 -56.00 -33.39 -14.28
CA ARG F 280 -55.09 -32.97 -13.22
C ARG F 280 -55.00 -33.99 -12.09
N GLU F 281 -56.11 -34.64 -11.75
CA GLU F 281 -56.12 -35.58 -10.63
C GLU F 281 -55.53 -36.95 -10.99
N VAL F 282 -55.32 -37.22 -12.27
CA VAL F 282 -54.71 -38.50 -12.65
C VAL F 282 -53.19 -38.43 -12.56
N VAL F 283 -52.62 -37.23 -12.68
CA VAL F 283 -51.17 -37.07 -12.56
C VAL F 283 -50.76 -36.67 -11.15
N ILE F 284 -51.67 -36.09 -10.35
CA ILE F 284 -51.33 -35.70 -9.00
C ILE F 284 -51.20 -36.93 -8.10
N ARG F 285 -51.92 -38.00 -8.42
CA ARG F 285 -51.81 -39.24 -7.66
C ARG F 285 -50.70 -40.16 -8.16
N ARG F 286 -50.25 -39.98 -9.39
CA ARG F 286 -49.19 -40.83 -9.93
C ARG F 286 -47.82 -40.37 -9.48
N PHE F 287 -47.52 -39.08 -9.65
CA PHE F 287 -46.22 -38.53 -9.30
C PHE F 287 -46.20 -37.82 -7.95
N GLY F 288 -47.34 -37.29 -7.51
CA GLY F 288 -47.38 -36.59 -6.24
C GLY F 288 -46.93 -35.15 -6.31
N LEU F 289 -47.32 -34.42 -7.35
CA LEU F 289 -46.90 -33.03 -7.48
C LEU F 289 -47.70 -32.10 -6.57
N ARG F 290 -48.96 -32.44 -6.29
CA ARG F 290 -49.79 -31.62 -5.42
C ARG F 290 -49.45 -31.81 -3.94
N GLY F 291 -48.72 -32.85 -3.58
CA GLY F 291 -48.35 -33.11 -2.21
C GLY F 291 -48.89 -34.39 -1.63
N HIS F 292 -49.73 -35.11 -2.37
CA HIS F 292 -50.30 -36.36 -1.89
C HIS F 292 -49.29 -37.49 -2.04
N GLU F 293 -49.65 -38.67 -1.55
CA GLU F 293 -48.76 -39.83 -1.64
C GLU F 293 -48.70 -40.33 -3.08
N SER F 294 -47.50 -40.72 -3.50
CA SER F 294 -47.31 -41.22 -4.85
C SER F 294 -47.86 -42.64 -4.98
N SER F 295 -48.45 -42.93 -6.14
CA SER F 295 -49.02 -44.24 -6.43
C SER F 295 -48.51 -44.74 -7.76
N THR F 296 -48.44 -46.06 -7.90
CA THR F 296 -47.98 -46.70 -9.12
C THR F 296 -49.16 -46.92 -10.06
N LEU F 297 -48.94 -47.66 -11.14
CA LEU F 297 -50.03 -47.94 -12.08
C LEU F 297 -51.06 -48.88 -11.50
N GLU F 298 -50.63 -49.85 -10.69
CA GLU F 298 -51.56 -50.79 -10.07
C GLU F 298 -52.19 -50.22 -8.81
N GLU F 299 -51.47 -49.37 -8.08
CA GLU F 299 -52.03 -48.78 -6.87
C GLU F 299 -53.10 -47.74 -7.18
N VAL F 300 -52.90 -46.97 -8.26
CA VAL F 300 -53.89 -45.97 -8.66
C VAL F 300 -55.02 -46.54 -9.48
N GLY F 301 -54.97 -47.84 -9.81
CA GLY F 301 -56.03 -48.44 -10.60
C GLY F 301 -57.31 -48.62 -9.80
N GLN F 302 -57.19 -49.04 -8.54
CA GLN F 302 -58.36 -49.24 -7.69
C GLN F 302 -58.94 -47.93 -7.17
N GLU F 303 -58.36 -46.78 -7.52
CA GLU F 303 -58.84 -45.49 -7.05
C GLU F 303 -59.82 -44.85 -8.05
N ILE F 304 -59.38 -44.65 -9.28
CA ILE F 304 -60.18 -43.98 -10.32
C ILE F 304 -60.68 -44.97 -11.36
N GLY F 305 -59.77 -45.65 -12.06
CA GLY F 305 -60.17 -46.56 -13.11
C GLY F 305 -59.36 -47.84 -13.12
N LEU F 306 -60.06 -48.99 -13.12
CA LEU F 306 -59.36 -50.27 -13.10
C LEU F 306 -58.68 -50.56 -14.43
N THR F 307 -59.16 -49.96 -15.52
CA THR F 307 -58.57 -50.16 -16.84
C THR F 307 -57.23 -49.43 -16.89
N ARG F 308 -56.14 -50.19 -16.80
CA ARG F 308 -54.81 -49.58 -16.80
C ARG F 308 -54.44 -48.98 -18.15
N GLU F 309 -55.07 -49.44 -19.23
CA GLU F 309 -54.78 -48.88 -20.55
C GLU F 309 -55.49 -47.55 -20.79
N ARG F 310 -56.68 -47.38 -20.21
CA ARG F 310 -57.42 -46.14 -20.42
C ARG F 310 -56.82 -44.98 -19.63
N VAL F 311 -56.33 -45.25 -18.42
CA VAL F 311 -55.74 -44.19 -17.60
C VAL F 311 -54.37 -43.79 -18.12
N ARG F 312 -53.76 -44.62 -18.97
CA ARG F 312 -52.46 -44.27 -19.54
C ARG F 312 -52.59 -43.38 -20.77
N GLN F 313 -53.70 -43.49 -21.51
CA GLN F 313 -53.91 -42.63 -22.67
C GLN F 313 -54.14 -41.19 -22.26
N ILE F 314 -54.88 -40.96 -21.17
CA ILE F 314 -55.13 -39.61 -20.69
C ILE F 314 -53.88 -38.99 -20.08
N GLN F 315 -52.92 -39.82 -19.65
CA GLN F 315 -51.66 -39.28 -19.13
C GLN F 315 -50.85 -38.62 -20.23
N VAL F 316 -50.85 -39.20 -21.42
CA VAL F 316 -50.14 -38.59 -22.54
C VAL F 316 -50.86 -37.33 -23.01
N GLU F 317 -52.19 -37.32 -22.96
CA GLU F 317 -52.93 -36.12 -23.35
C GLU F 317 -52.68 -34.97 -22.39
N ALA F 318 -52.60 -35.26 -21.09
CA ALA F 318 -52.29 -34.22 -20.12
C ALA F 318 -50.81 -33.83 -20.20
N LEU F 319 -49.95 -34.73 -20.66
CA LEU F 319 -48.54 -34.41 -20.80
C LEU F 319 -48.31 -33.45 -21.97
N LYS F 320 -49.06 -33.60 -23.05
CA LYS F 320 -48.95 -32.68 -24.18
C LYS F 320 -49.58 -31.32 -23.88
N ARG F 321 -50.67 -31.31 -23.10
CA ARG F 321 -51.30 -30.04 -22.76
C ARG F 321 -50.42 -29.21 -21.84
N LEU F 322 -49.70 -29.87 -20.91
CA LEU F 322 -48.76 -29.15 -20.06
C LEU F 322 -47.55 -28.67 -20.84
N ARG F 323 -47.21 -29.36 -21.93
CA ARG F 323 -46.09 -28.94 -22.75
C ARG F 323 -46.45 -27.75 -23.62
N GLU F 324 -47.66 -27.74 -24.19
CA GLU F 324 -48.07 -26.62 -25.03
C GLU F 324 -48.36 -25.37 -24.21
N ILE F 325 -48.87 -25.55 -22.98
CA ILE F 325 -49.13 -24.39 -22.13
C ILE F 325 -47.84 -23.78 -21.61
N LEU F 326 -46.73 -24.51 -21.68
CA LEU F 326 -45.45 -23.99 -21.22
C LEU F 326 -44.72 -23.23 -22.31
N GLU F 327 -44.91 -23.60 -23.57
CA GLU F 327 -44.25 -22.90 -24.67
C GLU F 327 -44.87 -21.51 -24.89
N LYS F 328 -46.19 -21.41 -24.78
CA LYS F 328 -46.87 -20.12 -24.96
C LYS F 328 -46.81 -19.25 -23.71
N ASN F 329 -46.25 -19.75 -22.61
CA ASN F 329 -46.15 -18.97 -21.38
C ASN F 329 -44.88 -18.13 -21.33
N GLY F 330 -44.05 -18.18 -22.36
CA GLY F 330 -42.82 -17.43 -22.40
C GLY F 330 -41.60 -18.15 -21.87
N LEU F 331 -41.73 -19.41 -21.47
CA LEU F 331 -40.64 -20.20 -20.95
C LEU F 331 -40.29 -21.30 -21.94
N SER F 332 -39.00 -21.48 -22.20
CA SER F 332 -38.52 -22.50 -23.12
C SER F 332 -37.99 -23.70 -22.34
N SER F 333 -38.25 -24.90 -22.87
CA SER F 333 -37.77 -26.11 -22.22
C SER F 333 -36.25 -26.24 -22.34
N ASP F 334 -35.69 -25.84 -23.49
CA ASP F 334 -34.25 -25.90 -23.66
C ASP F 334 -33.53 -24.89 -22.79
N ALA F 335 -34.21 -23.78 -22.44
CA ALA F 335 -33.61 -22.78 -21.57
C ALA F 335 -33.70 -23.16 -20.10
N LEU F 336 -34.57 -24.11 -19.74
CA LEU F 336 -34.70 -24.52 -18.35
C LEU F 336 -33.49 -25.34 -17.90
N PHE F 337 -33.03 -26.26 -18.75
CA PHE F 337 -31.86 -27.05 -18.40
C PHE F 337 -30.56 -26.28 -18.63
N GLN F 338 -30.51 -25.50 -19.72
CA GLN F 338 -29.34 -24.70 -20.06
C GLN F 338 -28.07 -25.56 -20.18
#